data_1IMT
#
_entry.id   1IMT
#
_cell.length_a   1.000
_cell.length_b   1.000
_cell.length_c   1.000
_cell.angle_alpha   90.00
_cell.angle_beta   90.00
_cell.angle_gamma   90.00
#
_symmetry.space_group_name_H-M   'P 1'
#
_entity_poly.entity_id   1
_entity_poly.type   'polypeptide(L)'
_entity_poly.pdbx_seq_one_letter_code
;AVITGACERDLQCGKGTCCAVSLWIKSVRVCTPVGTSGEDCHPASHKIPFSGQRMHHTCPCAPNLACVQTSPKKFKCLSK
;
_entity_poly.pdbx_strand_id   A
#
# COMPACT_ATOMS: atom_id res chain seq x y z
N ALA A 1 1.37 -23.43 1.41
CA ALA A 1 0.15 -23.22 0.64
C ALA A 1 -0.16 -21.72 0.54
N VAL A 2 -0.09 -21.02 1.67
CA VAL A 2 -0.35 -19.58 1.75
C VAL A 2 0.85 -18.84 1.16
N ILE A 3 0.99 -18.89 -0.17
CA ILE A 3 2.05 -18.20 -0.89
C ILE A 3 2.01 -16.71 -0.52
N THR A 4 3.14 -16.19 -0.03
CA THR A 4 3.27 -14.81 0.40
C THR A 4 4.53 -14.20 -0.20
N GLY A 5 4.89 -13.00 0.24
CA GLY A 5 5.99 -12.21 -0.31
C GLY A 5 5.48 -11.64 -1.63
N ALA A 6 5.32 -12.54 -2.61
CA ALA A 6 4.63 -12.26 -3.86
C ALA A 6 3.14 -12.26 -3.48
N CYS A 7 2.35 -11.36 -4.06
CA CYS A 7 0.97 -11.18 -3.63
C CYS A 7 -0.02 -10.94 -4.78
N GLU A 8 -1.31 -11.16 -4.51
CA GLU A 8 -2.47 -10.85 -5.33
C GLU A 8 -3.59 -10.23 -4.47
N ARG A 9 -3.73 -10.63 -3.21
CA ARG A 9 -4.70 -10.07 -2.26
C ARG A 9 -3.98 -9.82 -0.94
N ASP A 10 -4.28 -8.69 -0.28
CA ASP A 10 -3.65 -8.33 1.00
C ASP A 10 -3.68 -9.50 1.98
N LEU A 11 -4.81 -10.22 1.95
CA LEU A 11 -5.11 -11.39 2.76
C LEU A 11 -3.92 -12.33 2.92
N GLN A 12 -3.14 -12.56 1.86
CA GLN A 12 -2.02 -13.50 1.93
C GLN A 12 -0.75 -12.90 2.56
N CYS A 13 -0.85 -11.73 3.21
CA CYS A 13 0.24 -11.09 3.91
C CYS A 13 -0.28 -10.52 5.22
N GLY A 14 -1.34 -9.73 5.14
CA GLY A 14 -2.13 -9.30 6.29
C GLY A 14 -1.77 -7.96 6.93
N LYS A 15 -2.61 -7.62 7.93
CA LYS A 15 -2.59 -6.44 8.77
C LYS A 15 -1.15 -6.11 9.18
N GLY A 16 -0.66 -5.00 8.63
CA GLY A 16 0.70 -4.52 8.80
C GLY A 16 1.32 -4.29 7.43
N THR A 17 0.76 -4.93 6.39
CA THR A 17 1.23 -4.80 5.03
C THR A 17 0.04 -4.75 4.07
N CYS A 18 0.30 -4.42 2.80
CA CYS A 18 -0.67 -4.45 1.73
C CYS A 18 0.01 -5.00 0.46
N CYS A 19 -0.82 -5.44 -0.48
CA CYS A 19 -0.48 -6.07 -1.74
C CYS A 19 -0.10 -5.05 -2.82
N ALA A 20 1.03 -4.36 -2.65
CA ALA A 20 1.45 -3.30 -3.55
C ALA A 20 1.92 -3.85 -4.90
N VAL A 21 1.80 -3.03 -5.95
CA VAL A 21 2.27 -3.39 -7.28
C VAL A 21 3.80 -3.33 -7.33
N SER A 22 4.44 -3.95 -8.33
CA SER A 22 5.88 -3.87 -8.54
C SER A 22 6.23 -2.69 -9.46
N LEU A 23 7.39 -2.09 -9.25
CA LEU A 23 7.91 -1.00 -10.06
C LEU A 23 8.60 -1.53 -11.32
N TRP A 24 8.76 -2.85 -11.44
CA TRP A 24 9.53 -3.46 -12.51
C TRP A 24 8.60 -3.96 -13.61
N ILE A 25 7.54 -4.68 -13.25
CA ILE A 25 6.51 -5.12 -14.17
C ILE A 25 5.21 -5.14 -13.37
N LYS A 26 4.17 -4.46 -13.88
CA LYS A 26 2.84 -4.42 -13.28
C LYS A 26 2.36 -5.85 -12.99
N SER A 27 2.77 -6.79 -13.84
CA SER A 27 2.52 -8.21 -13.73
C SER A 27 2.78 -8.75 -12.32
N VAL A 28 3.81 -8.24 -11.64
CA VAL A 28 4.19 -8.68 -10.31
C VAL A 28 3.66 -7.69 -9.27
N ARG A 29 3.19 -8.22 -8.16
CA ARG A 29 2.71 -7.47 -7.01
C ARG A 29 3.30 -8.17 -5.78
N VAL A 30 3.67 -7.42 -4.75
CA VAL A 30 4.37 -7.93 -3.58
C VAL A 30 3.83 -7.28 -2.30
N CYS A 31 4.14 -7.89 -1.16
CA CYS A 31 3.79 -7.29 0.13
C CYS A 31 4.62 -6.02 0.30
N THR A 32 4.03 -4.96 0.86
CA THR A 32 4.73 -3.75 1.22
C THR A 32 4.11 -3.31 2.55
N PRO A 33 4.88 -2.74 3.49
CA PRO A 33 4.36 -2.38 4.80
C PRO A 33 3.40 -1.20 4.69
N VAL A 34 2.49 -1.06 5.67
CA VAL A 34 1.66 0.15 5.74
C VAL A 34 2.59 1.36 5.76
N GLY A 35 2.16 2.46 5.14
CA GLY A 35 2.96 3.66 5.03
C GLY A 35 3.26 4.24 6.42
N THR A 36 4.54 4.42 6.74
CA THR A 36 4.98 4.99 8.01
C THR A 36 5.32 6.48 7.82
N SER A 37 5.47 7.21 8.93
CA SER A 37 5.75 8.63 8.99
C SER A 37 6.74 9.11 7.92
N GLY A 38 6.25 9.86 6.93
CA GLY A 38 7.07 10.44 5.87
C GLY A 38 7.05 9.65 4.57
N GLU A 39 6.71 8.35 4.59
CA GLU A 39 6.68 7.57 3.37
C GLU A 39 5.60 8.08 2.42
N ASP A 40 5.86 7.97 1.11
CA ASP A 40 4.93 8.38 0.07
C ASP A 40 3.67 7.50 0.12
N CYS A 41 2.55 8.05 -0.34
CA CYS A 41 1.26 7.39 -0.38
C CYS A 41 0.45 7.95 -1.53
N HIS A 42 -0.71 7.33 -1.77
CA HIS A 42 -1.66 7.72 -2.81
C HIS A 42 -3.01 7.73 -2.10
N PRO A 43 -3.84 8.78 -2.26
CA PRO A 43 -5.12 8.87 -1.56
C PRO A 43 -6.07 7.71 -1.87
N ALA A 44 -5.82 6.94 -2.95
CA ALA A 44 -6.65 5.80 -3.30
C ALA A 44 -6.04 4.48 -2.81
N SER A 45 -5.08 4.52 -1.87
CA SER A 45 -4.53 3.33 -1.25
C SER A 45 -5.59 2.72 -0.32
N HIS A 46 -6.60 2.07 -0.92
CA HIS A 46 -7.73 1.47 -0.23
C HIS A 46 -7.32 0.65 0.99
N LYS A 47 -8.19 0.62 2.00
CA LYS A 47 -8.01 -0.13 3.23
C LYS A 47 -7.60 -1.59 3.05
N ILE A 48 -7.09 -2.13 4.15
CA ILE A 48 -6.66 -3.51 4.27
C ILE A 48 -7.79 -4.26 4.99
N PRO A 49 -8.17 -5.48 4.60
CA PRO A 49 -7.61 -6.30 3.53
C PRO A 49 -8.34 -6.07 2.20
N PHE A 50 -7.59 -5.69 1.16
CA PHE A 50 -8.11 -5.50 -0.19
C PHE A 50 -7.80 -6.74 -1.02
N SER A 51 -8.82 -7.26 -1.71
CA SER A 51 -8.73 -8.41 -2.58
C SER A 51 -8.49 -8.04 -4.05
N GLY A 52 -8.58 -6.76 -4.41
CA GLY A 52 -8.43 -6.32 -5.78
C GLY A 52 -6.99 -5.94 -6.14
N GLN A 53 -6.83 -5.48 -7.38
CA GLN A 53 -5.57 -5.01 -7.91
C GLN A 53 -5.38 -3.59 -7.39
N ARG A 54 -4.42 -3.40 -6.48
CA ARG A 54 -4.19 -2.09 -5.86
C ARG A 54 -3.75 -1.02 -6.87
N MET A 55 -3.17 -1.41 -8.01
CA MET A 55 -2.72 -0.57 -9.11
C MET A 55 -1.43 0.19 -8.77
N HIS A 56 -1.34 0.70 -7.56
CA HIS A 56 -0.23 1.52 -7.07
C HIS A 56 0.76 0.68 -6.27
N HIS A 57 1.96 1.25 -6.10
CA HIS A 57 3.05 0.68 -5.32
C HIS A 57 2.91 1.04 -3.84
N THR A 58 1.85 1.76 -3.49
CA THR A 58 1.65 2.31 -2.17
C THR A 58 0.70 1.44 -1.34
N CYS A 59 0.75 1.66 -0.03
CA CYS A 59 -0.09 0.99 0.96
C CYS A 59 -0.67 2.08 1.83
N PRO A 60 -1.83 1.85 2.46
CA PRO A 60 -2.42 2.87 3.31
C PRO A 60 -1.48 3.19 4.45
N CYS A 61 -1.61 4.40 4.99
CA CYS A 61 -0.79 4.85 6.09
C CYS A 61 -1.15 4.05 7.33
N ALA A 62 -0.19 3.82 8.22
CA ALA A 62 -0.44 3.10 9.46
C ALA A 62 -1.58 3.79 10.23
N PRO A 63 -2.39 3.06 11.01
CA PRO A 63 -3.53 3.58 11.75
C PRO A 63 -3.37 5.01 12.31
N ASN A 64 -2.27 5.30 13.01
CA ASN A 64 -2.06 6.62 13.61
C ASN A 64 -1.40 7.61 12.65
N LEU A 65 -1.73 7.55 11.35
CA LEU A 65 -1.19 8.42 10.31
C LEU A 65 -2.27 8.61 9.24
N ALA A 66 -2.11 9.62 8.38
CA ALA A 66 -3.01 9.91 7.28
C ALA A 66 -2.22 10.33 6.04
N CYS A 67 -2.76 9.99 4.86
CA CYS A 67 -2.16 10.30 3.57
C CYS A 67 -2.49 11.73 3.18
N VAL A 68 -1.56 12.67 3.41
CA VAL A 68 -1.77 14.10 3.12
C VAL A 68 -0.99 14.48 1.87
N GLN A 69 -1.51 15.42 1.08
CA GLN A 69 -0.86 15.88 -0.14
C GLN A 69 0.35 16.74 0.20
N THR A 70 1.40 16.63 -0.62
CA THR A 70 2.62 17.42 -0.50
C THR A 70 2.82 18.22 -1.78
N SER A 71 2.59 17.62 -2.95
CA SER A 71 2.63 18.32 -4.24
C SER A 71 1.66 17.62 -5.19
N PRO A 72 1.42 18.15 -6.41
CA PRO A 72 0.50 17.55 -7.36
C PRO A 72 0.77 16.05 -7.56
N LYS A 73 -0.21 15.22 -7.18
CA LYS A 73 -0.16 13.76 -7.27
C LYS A 73 0.96 13.15 -6.42
N LYS A 74 1.43 13.85 -5.38
CA LYS A 74 2.46 13.38 -4.48
C LYS A 74 1.97 13.60 -3.05
N PHE A 75 1.58 12.52 -2.37
CA PHE A 75 1.09 12.56 -1.01
C PHE A 75 2.05 11.75 -0.14
N LYS A 76 2.10 12.07 1.16
CA LYS A 76 2.93 11.39 2.14
C LYS A 76 2.12 11.09 3.40
N CYS A 77 2.55 10.07 4.14
CA CYS A 77 1.89 9.63 5.36
C CYS A 77 2.36 10.49 6.52
N LEU A 78 1.55 11.45 6.95
CA LEU A 78 1.84 12.34 8.04
C LEU A 78 1.02 11.97 9.27
N SER A 79 1.39 12.53 10.41
CA SER A 79 0.74 12.28 11.68
C SER A 79 -0.56 13.07 11.79
N LYS A 80 -1.68 12.37 11.93
CA LYS A 80 -3.03 12.86 12.12
C LYS A 80 -3.72 11.76 12.91
N ALA A 1 -1.31 -16.05 5.85
CA ALA A 1 -0.54 -15.03 5.14
C ALA A 1 0.46 -15.71 4.20
N VAL A 2 0.00 -16.10 3.00
CA VAL A 2 0.84 -16.74 1.99
C VAL A 2 1.71 -15.65 1.33
N ILE A 3 2.63 -15.07 2.11
CA ILE A 3 3.50 -13.98 1.72
C ILE A 3 4.63 -14.47 0.80
N THR A 4 4.29 -14.99 -0.37
CA THR A 4 5.24 -15.50 -1.36
C THR A 4 5.96 -14.38 -2.11
N GLY A 5 6.23 -13.24 -1.46
CA GLY A 5 6.81 -12.03 -2.03
C GLY A 5 5.74 -11.42 -2.94
N ALA A 6 5.53 -12.08 -4.07
CA ALA A 6 4.48 -11.79 -5.04
C ALA A 6 3.17 -12.26 -4.41
N CYS A 7 2.10 -11.49 -4.64
CA CYS A 7 0.76 -11.74 -4.12
C CYS A 7 -0.27 -11.41 -5.20
N GLU A 8 -1.53 -11.73 -4.90
CA GLU A 8 -2.68 -11.41 -5.72
C GLU A 8 -3.62 -10.48 -4.93
N ARG A 9 -3.71 -10.67 -3.60
CA ARG A 9 -4.54 -9.83 -2.74
C ARG A 9 -3.95 -9.72 -1.33
N ASP A 10 -4.38 -8.69 -0.59
CA ASP A 10 -3.90 -8.34 0.75
C ASP A 10 -3.86 -9.54 1.70
N LEU A 11 -4.80 -10.49 1.58
CA LEU A 11 -4.89 -11.66 2.43
C LEU A 11 -3.54 -12.39 2.53
N GLN A 12 -2.79 -12.44 1.43
CA GLN A 12 -1.48 -13.09 1.42
C GLN A 12 -0.46 -12.38 2.31
N CYS A 13 -0.68 -11.09 2.53
CA CYS A 13 0.25 -10.19 3.22
C CYS A 13 -0.20 -10.04 4.66
N GLY A 14 -1.41 -9.51 4.87
CA GLY A 14 -2.03 -9.37 6.18
C GLY A 14 -1.69 -8.04 6.87
N LYS A 15 -2.56 -7.64 7.82
CA LYS A 15 -2.48 -6.43 8.61
C LYS A 15 -1.05 -6.14 9.04
N GLY A 16 -0.50 -5.07 8.46
CA GLY A 16 0.89 -4.64 8.60
C GLY A 16 1.50 -4.49 7.21
N THR A 17 0.92 -5.17 6.23
CA THR A 17 1.32 -5.12 4.84
C THR A 17 0.05 -5.12 3.98
N CYS A 18 0.20 -4.82 2.69
CA CYS A 18 -0.84 -4.81 1.69
C CYS A 18 -0.26 -5.39 0.40
N CYS A 19 -1.11 -5.80 -0.54
CA CYS A 19 -0.69 -6.35 -1.83
C CYS A 19 -0.71 -5.26 -2.91
N ALA A 20 0.38 -4.49 -3.02
CA ALA A 20 0.50 -3.36 -3.97
C ALA A 20 1.32 -3.73 -5.20
N VAL A 21 1.13 -3.04 -6.32
CA VAL A 21 1.81 -3.34 -7.58
C VAL A 21 3.34 -3.38 -7.41
N SER A 22 4.03 -4.18 -8.23
CA SER A 22 5.50 -4.20 -8.24
C SER A 22 6.01 -2.97 -9.01
N LEU A 23 7.09 -2.34 -8.53
CA LEU A 23 7.71 -1.21 -9.21
C LEU A 23 8.65 -1.68 -10.31
N TRP A 24 8.91 -3.00 -10.40
CA TRP A 24 9.88 -3.57 -11.34
C TRP A 24 9.17 -4.30 -12.48
N ILE A 25 8.01 -4.89 -12.19
CA ILE A 25 7.22 -5.59 -13.19
C ILE A 25 5.74 -5.47 -12.80
N LYS A 26 5.05 -4.54 -13.46
CA LYS A 26 3.63 -4.24 -13.23
C LYS A 26 2.74 -5.48 -13.38
N SER A 27 3.26 -6.55 -14.01
CA SER A 27 2.53 -7.79 -14.19
C SER A 27 2.19 -8.44 -12.84
N VAL A 28 2.94 -8.13 -11.78
CA VAL A 28 2.72 -8.66 -10.44
C VAL A 28 2.56 -7.54 -9.42
N ARG A 29 1.99 -7.89 -8.26
CA ARG A 29 1.89 -7.05 -7.08
C ARG A 29 2.58 -7.84 -5.96
N VAL A 30 3.20 -7.15 -5.02
CA VAL A 30 4.02 -7.71 -3.95
C VAL A 30 3.54 -7.21 -2.59
N CYS A 31 3.82 -7.99 -1.55
CA CYS A 31 3.45 -7.62 -0.19
C CYS A 31 4.31 -6.45 0.27
N THR A 32 3.72 -5.26 0.20
CA THR A 32 4.33 -3.98 0.51
C THR A 32 3.88 -3.57 1.91
N PRO A 33 4.72 -2.96 2.74
CA PRO A 33 4.32 -2.54 4.08
C PRO A 33 3.27 -1.43 4.01
N VAL A 34 2.47 -1.27 5.06
CA VAL A 34 1.54 -0.14 5.14
C VAL A 34 2.36 1.16 5.01
N GLY A 35 1.75 2.20 4.45
CA GLY A 35 2.40 3.49 4.28
C GLY A 35 2.91 3.99 5.63
N THR A 36 4.22 3.99 5.81
CA THR A 36 4.86 4.37 7.06
C THR A 36 5.35 5.82 6.93
N SER A 37 5.54 6.50 8.05
CA SER A 37 5.95 7.89 8.16
C SER A 37 6.95 8.32 7.07
N GLY A 38 6.51 9.19 6.16
CA GLY A 38 7.34 9.72 5.08
C GLY A 38 7.08 9.03 3.73
N GLU A 39 6.66 7.77 3.73
CA GLU A 39 6.39 7.05 2.49
C GLU A 39 5.17 7.64 1.78
N ASP A 40 5.13 7.48 0.46
CA ASP A 40 4.03 7.96 -0.36
C ASP A 40 2.78 7.10 -0.11
N CYS A 41 1.60 7.68 -0.36
CA CYS A 41 0.31 7.00 -0.25
C CYS A 41 -0.58 7.45 -1.39
N HIS A 42 -1.57 6.61 -1.73
CA HIS A 42 -2.55 6.94 -2.74
C HIS A 42 -3.80 7.43 -1.99
N PRO A 43 -4.35 8.61 -2.28
CA PRO A 43 -5.52 9.09 -1.56
C PRO A 43 -6.69 8.09 -1.69
N ALA A 44 -6.72 7.27 -2.75
CA ALA A 44 -7.74 6.24 -2.95
C ALA A 44 -7.23 4.85 -2.51
N SER A 45 -6.26 4.80 -1.60
CA SER A 45 -5.74 3.56 -1.07
C SER A 45 -6.89 2.71 -0.50
N HIS A 46 -7.09 1.52 -1.07
CA HIS A 46 -8.17 0.63 -0.66
C HIS A 46 -8.03 0.19 0.79
N LYS A 47 -9.17 -0.07 1.41
CA LYS A 47 -9.25 -0.55 2.78
C LYS A 47 -8.50 -1.89 2.89
N ILE A 48 -7.87 -2.15 4.03
CA ILE A 48 -7.22 -3.43 4.31
C ILE A 48 -8.23 -4.26 5.11
N PRO A 49 -8.44 -5.55 4.81
CA PRO A 49 -7.84 -6.30 3.71
C PRO A 49 -8.62 -6.09 2.41
N PHE A 50 -7.92 -5.85 1.30
CA PHE A 50 -8.50 -5.69 -0.02
C PHE A 50 -8.35 -7.02 -0.76
N SER A 51 -9.48 -7.73 -0.92
CA SER A 51 -9.55 -9.04 -1.52
C SER A 51 -9.43 -9.01 -3.04
N GLY A 52 -8.43 -8.33 -3.59
CA GLY A 52 -8.20 -8.26 -5.02
C GLY A 52 -6.88 -7.55 -5.31
N GLN A 53 -6.59 -7.32 -6.59
CA GLN A 53 -5.37 -6.62 -6.99
C GLN A 53 -5.62 -5.14 -6.78
N ARG A 54 -4.75 -4.47 -6.02
CA ARG A 54 -4.92 -3.06 -5.71
C ARG A 54 -4.76 -2.15 -6.94
N MET A 55 -3.86 -2.52 -7.85
CA MET A 55 -3.54 -1.74 -9.04
C MET A 55 -2.92 -0.37 -8.72
N HIS A 56 -2.47 -0.18 -7.47
CA HIS A 56 -1.75 1.02 -7.00
C HIS A 56 -0.44 0.51 -6.38
N HIS A 57 0.60 1.36 -6.40
CA HIS A 57 1.90 1.06 -5.81
C HIS A 57 1.94 1.46 -4.35
N THR A 58 1.37 2.63 -4.06
CA THR A 58 1.45 3.24 -2.76
C THR A 58 0.16 2.91 -2.01
N CYS A 59 0.30 2.42 -0.79
CA CYS A 59 -0.78 1.84 0.00
C CYS A 59 -1.26 2.74 1.13
N PRO A 60 -2.32 2.36 1.87
CA PRO A 60 -2.85 3.23 2.90
C PRO A 60 -1.84 3.39 4.02
N CYS A 61 -1.89 4.55 4.65
CA CYS A 61 -1.04 4.92 5.76
C CYS A 61 -1.35 4.06 6.97
N ALA A 62 -0.32 3.73 7.75
CA ALA A 62 -0.49 2.96 8.97
C ALA A 62 -1.52 3.68 9.85
N PRO A 63 -2.33 2.96 10.65
CA PRO A 63 -3.39 3.53 11.48
C PRO A 63 -3.08 4.86 12.17
N ASN A 64 -1.89 5.02 12.74
CA ASN A 64 -1.47 6.22 13.45
C ASN A 64 -1.31 7.47 12.56
N LEU A 65 -1.24 7.27 11.24
CA LEU A 65 -0.90 8.28 10.26
C LEU A 65 -2.08 8.65 9.34
N ALA A 66 -1.90 9.71 8.55
CA ALA A 66 -2.85 10.20 7.56
C ALA A 66 -2.13 10.51 6.25
N CYS A 67 -2.85 10.37 5.13
CA CYS A 67 -2.37 10.57 3.77
C CYS A 67 -2.46 12.05 3.40
N VAL A 68 -1.43 12.85 3.68
CA VAL A 68 -1.41 14.27 3.46
C VAL A 68 -0.68 14.64 2.18
N GLN A 69 -1.24 15.57 1.39
CA GLN A 69 -0.59 16.06 0.20
C GLN A 69 0.50 17.06 0.60
N THR A 70 1.71 16.88 0.08
CA THR A 70 2.86 17.72 0.32
C THR A 70 3.04 18.69 -0.86
N SER A 71 2.61 18.27 -2.05
CA SER A 71 2.56 19.04 -3.27
C SER A 71 1.48 18.36 -4.13
N PRO A 72 1.13 18.88 -5.32
CA PRO A 72 0.18 18.22 -6.19
C PRO A 72 0.65 16.78 -6.46
N LYS A 73 -0.24 15.80 -6.32
CA LYS A 73 0.01 14.37 -6.50
C LYS A 73 0.88 13.76 -5.38
N LYS A 74 1.89 14.47 -4.89
CA LYS A 74 2.79 14.01 -3.85
C LYS A 74 2.06 13.85 -2.51
N PHE A 75 1.37 12.72 -2.34
CA PHE A 75 0.64 12.38 -1.13
C PHE A 75 1.53 11.46 -0.31
N LYS A 76 1.83 11.86 0.93
CA LYS A 76 2.68 11.11 1.84
C LYS A 76 2.00 10.87 3.19
N CYS A 77 2.45 9.82 3.87
CA CYS A 77 1.91 9.40 5.14
C CYS A 77 2.62 10.15 6.27
N LEU A 78 1.88 10.92 7.06
CA LEU A 78 2.45 11.65 8.19
C LEU A 78 1.55 11.51 9.40
N SER A 79 2.08 11.86 10.58
CA SER A 79 1.35 11.78 11.84
C SER A 79 0.40 12.96 12.03
N LYS A 80 -0.25 13.40 10.95
CA LYS A 80 -1.19 14.51 10.85
C LYS A 80 -1.60 14.51 9.38
N ALA A 1 11.79 -8.02 -0.90
CA ALA A 1 11.08 -6.86 -1.39
C ALA A 1 10.36 -7.19 -2.70
N VAL A 2 11.09 -7.77 -3.65
CA VAL A 2 10.60 -8.10 -4.97
C VAL A 2 9.30 -8.92 -4.92
N ILE A 3 9.35 -10.06 -4.23
CA ILE A 3 8.23 -11.00 -4.10
C ILE A 3 7.84 -11.14 -2.63
N THR A 4 7.28 -10.11 -1.99
CA THR A 4 6.80 -10.22 -0.62
C THR A 4 5.45 -10.92 -0.62
N GLY A 5 5.42 -12.20 -1.03
CA GLY A 5 4.21 -12.99 -1.09
C GLY A 5 3.29 -12.51 -2.22
N ALA A 6 3.34 -13.14 -3.40
CA ALA A 6 2.44 -12.83 -4.52
C ALA A 6 1.01 -12.84 -3.99
N CYS A 7 0.26 -11.78 -4.25
CA CYS A 7 -1.03 -11.57 -3.59
C CYS A 7 -2.26 -11.62 -4.49
N GLU A 8 -3.32 -12.24 -3.95
CA GLU A 8 -4.63 -12.39 -4.55
C GLU A 8 -5.58 -11.33 -3.98
N ARG A 9 -5.55 -11.12 -2.65
CA ARG A 9 -6.32 -10.11 -1.94
C ARG A 9 -5.65 -9.80 -0.60
N ASP A 10 -5.96 -8.67 0.04
CA ASP A 10 -5.32 -8.25 1.30
C ASP A 10 -5.29 -9.38 2.33
N LEU A 11 -6.42 -10.08 2.45
CA LEU A 11 -6.63 -11.16 3.41
C LEU A 11 -5.56 -12.25 3.36
N GLN A 12 -4.80 -12.38 2.25
CA GLN A 12 -3.73 -13.37 2.18
C GLN A 12 -2.72 -13.16 3.31
N CYS A 13 -2.48 -11.89 3.68
CA CYS A 13 -1.49 -11.52 4.68
C CYS A 13 -2.11 -10.73 5.84
N GLY A 14 -3.13 -9.91 5.57
CA GLY A 14 -3.84 -9.17 6.59
C GLY A 14 -3.31 -7.75 6.82
N LYS A 15 -3.97 -7.06 7.76
CA LYS A 15 -3.84 -5.65 8.14
C LYS A 15 -2.42 -5.07 8.14
N GLY A 16 -1.40 -5.85 8.51
CA GLY A 16 -0.02 -5.37 8.51
C GLY A 16 0.47 -5.04 7.09
N THR A 17 -0.24 -5.51 6.06
CA THR A 17 0.10 -5.32 4.67
C THR A 17 -1.17 -5.05 3.85
N CYS A 18 -1.00 -4.77 2.56
CA CYS A 18 -2.08 -4.71 1.58
C CYS A 18 -1.57 -5.31 0.26
N CYS A 19 -2.50 -5.73 -0.60
CA CYS A 19 -2.26 -6.40 -1.87
C CYS A 19 -1.88 -5.44 -3.00
N ALA A 20 -0.69 -4.83 -2.95
CA ALA A 20 -0.29 -3.78 -3.90
C ALA A 20 0.76 -4.25 -4.91
N VAL A 21 0.83 -3.56 -6.06
CA VAL A 21 1.77 -3.88 -7.13
C VAL A 21 3.20 -3.92 -6.58
N SER A 22 4.01 -4.90 -6.98
CA SER A 22 5.41 -4.95 -6.56
C SER A 22 6.10 -3.72 -7.16
N LEU A 23 6.92 -3.04 -6.36
CA LEU A 23 7.66 -1.89 -6.87
C LEU A 23 8.84 -2.33 -7.72
N TRP A 24 9.06 -3.65 -7.85
CA TRP A 24 10.17 -4.22 -8.60
C TRP A 24 9.59 -5.00 -9.77
N ILE A 25 8.85 -6.09 -9.54
CA ILE A 25 8.20 -6.79 -10.64
C ILE A 25 6.83 -6.15 -10.83
N LYS A 26 6.82 -4.97 -11.48
CA LYS A 26 5.62 -4.19 -11.71
C LYS A 26 4.50 -4.91 -12.49
N SER A 27 4.70 -6.17 -12.88
CA SER A 27 3.72 -7.01 -13.57
C SER A 27 3.01 -7.93 -12.58
N VAL A 28 3.34 -7.89 -11.28
CA VAL A 28 2.78 -8.73 -10.24
C VAL A 28 2.52 -7.84 -9.02
N ARG A 29 1.56 -8.24 -8.17
CA ARG A 29 1.27 -7.55 -6.91
C ARG A 29 1.54 -8.51 -5.76
N VAL A 30 2.02 -7.95 -4.65
CA VAL A 30 2.49 -8.68 -3.49
C VAL A 30 1.94 -8.07 -2.21
N CYS A 31 2.06 -8.82 -1.11
CA CYS A 31 1.69 -8.31 0.21
C CYS A 31 2.73 -7.24 0.53
N THR A 32 2.35 -5.98 0.34
CA THR A 32 3.20 -4.82 0.54
C THR A 32 2.84 -4.25 1.91
N PRO A 33 3.82 -3.87 2.74
CA PRO A 33 3.57 -3.29 4.05
C PRO A 33 2.60 -2.10 4.00
N VAL A 34 1.85 -1.87 5.08
CA VAL A 34 1.08 -0.62 5.19
C VAL A 34 2.07 0.54 5.00
N GLY A 35 1.61 1.67 4.45
CA GLY A 35 2.46 2.81 4.21
C GLY A 35 3.04 3.34 5.52
N THR A 36 4.36 3.23 5.72
CA THR A 36 5.03 3.70 6.92
C THR A 36 5.62 5.08 6.64
N SER A 37 6.09 5.77 7.68
CA SER A 37 6.67 7.10 7.64
C SER A 37 7.61 7.30 6.43
N GLY A 38 7.17 8.09 5.44
CA GLY A 38 7.95 8.41 4.26
C GLY A 38 7.55 7.64 3.01
N GLU A 39 6.83 6.51 3.13
CA GLU A 39 6.42 5.76 1.94
C GLU A 39 5.41 6.57 1.14
N ASP A 40 5.43 6.39 -0.19
CA ASP A 40 4.52 7.05 -1.11
C ASP A 40 3.09 6.53 -0.89
N CYS A 41 2.10 7.39 -1.12
CA CYS A 41 0.70 7.00 -1.04
C CYS A 41 -0.11 7.65 -2.13
N HIS A 42 -1.20 6.97 -2.40
CA HIS A 42 -2.25 7.38 -3.32
C HIS A 42 -3.40 7.82 -2.43
N PRO A 43 -3.97 9.01 -2.61
CA PRO A 43 -5.07 9.46 -1.75
C PRO A 43 -6.24 8.47 -1.75
N ALA A 44 -6.42 7.70 -2.83
CA ALA A 44 -7.48 6.72 -2.95
C ALA A 44 -6.99 5.29 -2.65
N SER A 45 -5.86 5.10 -1.96
CA SER A 45 -5.42 3.76 -1.57
C SER A 45 -6.58 3.10 -0.82
N HIS A 46 -7.13 2.01 -1.38
CA HIS A 46 -8.37 1.41 -0.90
C HIS A 46 -8.31 0.99 0.57
N LYS A 47 -9.47 1.02 1.21
CA LYS A 47 -9.69 0.59 2.58
C LYS A 47 -9.08 -0.81 2.80
N ILE A 48 -8.74 -1.14 4.04
CA ILE A 48 -8.21 -2.45 4.42
C ILE A 48 -9.31 -3.12 5.27
N PRO A 49 -9.67 -4.39 5.04
CA PRO A 49 -9.12 -5.30 4.04
C PRO A 49 -9.81 -5.13 2.68
N PHE A 50 -9.02 -5.11 1.60
CA PHE A 50 -9.50 -5.03 0.24
C PHE A 50 -9.49 -6.44 -0.37
N SER A 51 -10.67 -7.02 -0.50
CA SER A 51 -10.90 -8.35 -1.04
C SER A 51 -10.67 -8.42 -2.56
N GLY A 52 -9.51 -7.99 -3.06
CA GLY A 52 -9.23 -8.04 -4.49
C GLY A 52 -7.84 -7.53 -4.84
N GLN A 53 -7.58 -7.44 -6.14
CA GLN A 53 -6.33 -6.98 -6.73
C GLN A 53 -6.30 -5.45 -6.69
N ARG A 54 -5.44 -4.82 -5.88
CA ARG A 54 -5.38 -3.36 -5.84
C ARG A 54 -4.70 -2.82 -7.10
N MET A 55 -5.40 -1.96 -7.82
CA MET A 55 -4.88 -1.32 -9.01
C MET A 55 -3.74 -0.37 -8.63
N HIS A 56 -3.93 0.38 -7.54
CA HIS A 56 -2.95 1.33 -7.05
C HIS A 56 -1.67 0.63 -6.59
N HIS A 57 -0.56 1.36 -6.70
CA HIS A 57 0.77 0.86 -6.38
C HIS A 57 1.17 1.17 -4.94
N THR A 58 0.23 1.55 -4.08
CA THR A 58 0.53 1.93 -2.72
C THR A 58 -0.54 1.40 -1.78
N CYS A 59 -0.15 1.16 -0.53
CA CYS A 59 -1.05 0.74 0.52
C CYS A 59 -1.41 1.97 1.34
N PRO A 60 -2.58 1.99 1.99
CA PRO A 60 -2.90 3.10 2.85
C PRO A 60 -1.84 3.27 3.92
N CYS A 61 -1.79 4.48 4.47
CA CYS A 61 -0.85 4.82 5.52
C CYS A 61 -1.24 4.02 6.75
N ALA A 62 -0.25 3.48 7.47
CA ALA A 62 -0.53 2.68 8.66
C ALA A 62 -1.42 3.51 9.59
N PRO A 63 -2.42 2.90 10.24
CA PRO A 63 -3.45 3.53 11.06
C PRO A 63 -3.19 4.90 11.72
N ASN A 64 -2.03 5.16 12.33
CA ASN A 64 -1.76 6.48 12.91
C ASN A 64 -1.44 7.53 11.83
N LEU A 65 -0.68 7.11 10.83
CA LEU A 65 -0.14 7.96 9.78
C LEU A 65 -1.24 8.46 8.83
N ALA A 66 -0.96 9.55 8.11
CA ALA A 66 -1.86 10.19 7.17
C ALA A 66 -1.13 10.46 5.84
N CYS A 67 -1.87 10.37 4.73
CA CYS A 67 -1.33 10.60 3.39
C CYS A 67 -1.28 12.11 3.12
N VAL A 68 -0.10 12.72 3.28
CA VAL A 68 0.07 14.17 3.12
C VAL A 68 0.66 14.48 1.76
N GLN A 69 0.28 15.64 1.26
CA GLN A 69 0.56 16.14 -0.07
C GLN A 69 1.93 16.78 -0.14
N THR A 70 2.90 16.10 -0.73
CA THR A 70 4.25 16.62 -0.90
C THR A 70 4.43 17.19 -2.30
N SER A 71 3.77 16.61 -3.31
CA SER A 71 3.73 17.18 -4.67
C SER A 71 2.44 16.64 -5.32
N PRO A 72 1.97 17.21 -6.44
CA PRO A 72 0.77 16.73 -7.10
C PRO A 72 0.83 15.22 -7.32
N LYS A 73 -0.14 14.47 -6.77
CA LYS A 73 -0.24 13.02 -6.81
C LYS A 73 0.81 12.34 -5.92
N LYS A 74 2.06 12.80 -5.96
CA LYS A 74 3.15 12.23 -5.17
C LYS A 74 2.97 12.68 -3.72
N PHE A 75 2.10 11.97 -3.01
CA PHE A 75 1.80 12.18 -1.61
C PHE A 75 2.60 11.14 -0.81
N LYS A 76 2.93 11.45 0.45
CA LYS A 76 3.69 10.55 1.30
C LYS A 76 2.99 10.37 2.65
N CYS A 77 3.21 9.21 3.26
CA CYS A 77 2.62 8.87 4.55
C CYS A 77 3.43 9.55 5.65
N LEU A 78 2.87 10.56 6.30
CA LEU A 78 3.50 11.31 7.38
C LEU A 78 2.71 11.09 8.66
N SER A 79 3.25 11.63 9.76
CA SER A 79 2.69 11.52 11.10
C SER A 79 1.41 12.35 11.26
N LYS A 80 0.66 12.05 12.32
CA LYS A 80 -0.56 12.69 12.75
C LYS A 80 -0.75 12.20 14.19
N ALA A 1 12.75 -6.99 -1.60
CA ALA A 1 12.13 -7.17 -2.89
C ALA A 1 12.03 -8.66 -3.23
N VAL A 2 13.07 -9.42 -2.91
CA VAL A 2 13.14 -10.86 -3.17
C VAL A 2 11.97 -11.60 -2.51
N ILE A 3 11.49 -11.12 -1.35
CA ILE A 3 10.37 -11.70 -0.64
C ILE A 3 9.06 -11.35 -1.35
N THR A 4 8.87 -11.91 -2.55
CA THR A 4 7.68 -11.69 -3.36
C THR A 4 6.52 -12.46 -2.74
N GLY A 5 5.94 -11.92 -1.67
CA GLY A 5 4.80 -12.47 -0.94
C GLY A 5 3.53 -12.26 -1.77
N ALA A 6 3.47 -12.99 -2.90
CA ALA A 6 2.42 -12.96 -3.88
C ALA A 6 1.03 -13.04 -3.24
N CYS A 7 0.15 -12.11 -3.64
CA CYS A 7 -1.21 -12.00 -3.14
C CYS A 7 -2.14 -11.61 -4.28
N GLU A 8 -3.45 -11.64 -3.99
CA GLU A 8 -4.51 -11.21 -4.88
C GLU A 8 -5.48 -10.26 -4.15
N ARG A 9 -5.74 -10.50 -2.86
CA ARG A 9 -6.60 -9.67 -2.02
C ARG A 9 -5.96 -9.45 -0.65
N ASP A 10 -6.34 -8.35 0.02
CA ASP A 10 -5.83 -7.99 1.34
C ASP A 10 -6.02 -9.13 2.35
N LEU A 11 -7.04 -9.96 2.15
CA LEU A 11 -7.31 -11.13 2.99
C LEU A 11 -6.05 -11.97 3.21
N GLN A 12 -5.18 -12.05 2.21
CA GLN A 12 -3.93 -12.80 2.29
C GLN A 12 -2.85 -12.02 3.07
N CYS A 13 -2.99 -10.70 3.09
CA CYS A 13 -2.08 -9.73 3.70
C CYS A 13 -2.71 -9.25 5.00
N GLY A 14 -2.99 -7.96 5.17
CA GLY A 14 -3.63 -7.46 6.37
C GLY A 14 -2.61 -7.19 7.46
N LYS A 15 -1.88 -8.24 7.83
CA LYS A 15 -0.82 -8.23 8.85
C LYS A 15 0.20 -7.13 8.54
N GLY A 16 -0.09 -5.90 8.95
CA GLY A 16 0.71 -4.72 8.68
C GLY A 16 0.97 -4.55 7.18
N THR A 17 0.14 -5.15 6.33
CA THR A 17 0.34 -5.14 4.89
C THR A 17 -0.99 -5.02 4.14
N CYS A 18 -0.91 -4.60 2.87
CA CYS A 18 -2.03 -4.54 1.93
C CYS A 18 -1.57 -5.22 0.63
N CYS A 19 -2.50 -5.80 -0.14
CA CYS A 19 -2.18 -6.52 -1.36
C CYS A 19 -2.07 -5.58 -2.56
N ALA A 20 -0.89 -5.01 -2.81
CA ALA A 20 -0.69 -4.03 -3.87
C ALA A 20 0.15 -4.59 -5.01
N VAL A 21 0.16 -3.91 -6.16
CA VAL A 21 0.97 -4.29 -7.31
C VAL A 21 2.43 -4.34 -6.85
N SER A 22 3.21 -5.32 -7.30
CA SER A 22 4.61 -5.37 -6.92
C SER A 22 5.34 -4.17 -7.52
N LEU A 23 6.25 -3.59 -6.74
CA LEU A 23 7.11 -2.51 -7.19
C LEU A 23 8.17 -3.06 -8.14
N TRP A 24 8.39 -4.39 -8.10
CA TRP A 24 9.46 -5.07 -8.81
C TRP A 24 8.93 -5.73 -10.08
N ILE A 25 7.90 -6.58 -9.96
CA ILE A 25 7.29 -7.28 -11.06
C ILE A 25 5.84 -6.81 -11.16
N LYS A 26 5.62 -5.71 -11.89
CA LYS A 26 4.31 -5.08 -12.04
C LYS A 26 3.21 -5.97 -12.63
N SER A 27 3.51 -7.24 -12.98
CA SER A 27 2.53 -8.19 -13.48
C SER A 27 2.01 -9.07 -12.33
N VAL A 28 2.47 -8.86 -11.10
CA VAL A 28 2.09 -9.63 -9.92
C VAL A 28 1.81 -8.65 -8.79
N ARG A 29 0.93 -9.04 -7.85
CA ARG A 29 0.60 -8.26 -6.66
C ARG A 29 1.24 -8.97 -5.47
N VAL A 30 1.77 -8.23 -4.49
CA VAL A 30 2.42 -8.78 -3.32
C VAL A 30 1.98 -8.04 -2.06
N CYS A 31 2.06 -8.72 -0.92
CA CYS A 31 1.77 -8.14 0.38
C CYS A 31 2.82 -7.06 0.64
N THR A 32 2.42 -5.82 0.41
CA THR A 32 3.25 -4.63 0.53
C THR A 32 2.92 -4.01 1.89
N PRO A 33 3.90 -3.48 2.64
CA PRO A 33 3.66 -2.97 3.97
C PRO A 33 2.75 -1.74 3.95
N VAL A 34 1.95 -1.55 5.00
CA VAL A 34 1.19 -0.31 5.13
C VAL A 34 2.21 0.83 5.20
N GLY A 35 1.90 1.97 4.58
CA GLY A 35 2.80 3.10 4.53
C GLY A 35 3.11 3.64 5.93
N THR A 36 4.37 3.64 6.32
CA THR A 36 4.83 4.15 7.61
C THR A 36 5.37 5.57 7.37
N SER A 37 5.58 6.34 8.44
CA SER A 37 6.06 7.70 8.40
C SER A 37 7.18 7.89 7.36
N GLY A 38 6.94 8.71 6.33
CA GLY A 38 7.91 8.99 5.27
C GLY A 38 7.66 8.17 3.99
N GLU A 39 7.03 7.01 4.08
CA GLU A 39 6.77 6.19 2.89
C GLU A 39 5.73 6.86 1.99
N ASP A 40 5.83 6.63 0.68
CA ASP A 40 4.90 7.18 -0.30
C ASP A 40 3.52 6.55 -0.14
N CYS A 41 2.49 7.26 -0.58
CA CYS A 41 1.10 6.85 -0.52
C CYS A 41 0.32 7.58 -1.59
N HIS A 42 -0.97 7.24 -1.72
CA HIS A 42 -1.90 7.91 -2.60
C HIS A 42 -3.23 8.00 -1.86
N PRO A 43 -3.96 9.13 -1.92
CA PRO A 43 -5.23 9.28 -1.20
C PRO A 43 -6.27 8.24 -1.63
N ALA A 44 -6.12 7.62 -2.81
CA ALA A 44 -7.03 6.62 -3.33
C ALA A 44 -6.49 5.20 -3.07
N SER A 45 -5.48 5.04 -2.19
CA SER A 45 -5.02 3.72 -1.79
C SER A 45 -6.15 3.08 -0.98
N HIS A 46 -7.02 2.35 -1.70
CA HIS A 46 -8.25 1.68 -1.26
C HIS A 46 -8.31 1.34 0.23
N LYS A 47 -9.44 1.64 0.88
CA LYS A 47 -9.60 1.36 2.30
C LYS A 47 -9.34 -0.12 2.62
N ILE A 48 -9.11 -0.41 3.90
CA ILE A 48 -8.83 -1.75 4.39
C ILE A 48 -10.15 -2.33 4.92
N PRO A 49 -10.48 -3.60 4.66
CA PRO A 49 -9.76 -4.56 3.84
C PRO A 49 -10.28 -4.55 2.39
N PHE A 50 -9.38 -4.80 1.44
CA PHE A 50 -9.70 -4.99 0.03
C PHE A 50 -9.79 -6.47 -0.31
N SER A 51 -11.02 -6.99 -0.26
CA SER A 51 -11.34 -8.31 -0.77
C SER A 51 -11.47 -8.18 -2.29
N GLY A 52 -10.43 -7.64 -2.93
CA GLY A 52 -10.39 -7.32 -4.35
C GLY A 52 -8.97 -6.86 -4.68
N GLN A 53 -8.66 -6.71 -5.96
CA GLN A 53 -7.35 -6.29 -6.40
C GLN A 53 -7.22 -4.77 -6.24
N ARG A 54 -6.19 -4.32 -5.51
CA ARG A 54 -5.93 -2.90 -5.33
C ARG A 54 -5.42 -2.32 -6.64
N MET A 55 -6.22 -1.47 -7.29
CA MET A 55 -5.82 -0.79 -8.51
C MET A 55 -4.55 0.01 -8.24
N HIS A 56 -4.52 0.73 -7.11
CA HIS A 56 -3.36 1.50 -6.71
C HIS A 56 -2.18 0.62 -6.29
N HIS A 57 -1.00 1.08 -6.72
CA HIS A 57 0.29 0.47 -6.47
C HIS A 57 0.71 0.64 -5.02
N THR A 58 0.18 1.66 -4.37
CA THR A 58 0.55 2.09 -3.05
C THR A 58 -0.44 1.55 -2.02
N CYS A 59 0.05 1.34 -0.79
CA CYS A 59 -0.77 0.85 0.31
C CYS A 59 -1.20 2.03 1.15
N PRO A 60 -2.32 1.90 1.89
CA PRO A 60 -2.76 2.95 2.78
C PRO A 60 -1.68 3.21 3.84
N CYS A 61 -1.78 4.37 4.47
CA CYS A 61 -0.89 4.73 5.56
C CYS A 61 -1.32 3.92 6.77
N ALA A 62 -0.38 3.50 7.61
CA ALA A 62 -0.70 2.66 8.76
C ALA A 62 -1.84 3.28 9.56
N PRO A 63 -2.93 2.54 9.83
CA PRO A 63 -4.14 2.97 10.49
C PRO A 63 -4.00 3.96 11.65
N ASN A 64 -3.80 5.23 11.27
CA ASN A 64 -3.65 6.44 12.06
C ASN A 64 -2.99 7.51 11.19
N LEU A 65 -1.85 7.15 10.59
CA LEU A 65 -1.04 8.05 9.77
C LEU A 65 -1.85 8.69 8.63
N ALA A 66 -1.53 9.94 8.28
CA ALA A 66 -2.23 10.71 7.26
C ALA A 66 -1.44 10.69 5.94
N CYS A 67 -2.12 10.45 4.82
CA CYS A 67 -1.50 10.49 3.50
C CYS A 67 -1.50 11.94 3.02
N VAL A 68 -0.41 12.69 3.26
CA VAL A 68 -0.32 14.12 2.96
C VAL A 68 0.48 14.34 1.67
N GLN A 69 0.17 15.42 0.95
CA GLN A 69 0.88 15.80 -0.26
C GLN A 69 2.36 16.04 -0.02
N THR A 70 3.18 15.74 -1.03
CA THR A 70 4.60 16.08 -1.06
C THR A 70 4.95 16.73 -2.41
N SER A 71 4.28 16.35 -3.50
CA SER A 71 4.45 16.96 -4.82
C SER A 71 3.18 16.66 -5.61
N PRO A 72 2.89 17.36 -6.71
CA PRO A 72 1.73 17.11 -7.54
C PRO A 72 1.51 15.60 -7.76
N LYS A 73 0.38 15.07 -7.28
CA LYS A 73 0.00 13.65 -7.36
C LYS A 73 0.79 12.72 -6.43
N LYS A 74 1.93 13.16 -5.89
CA LYS A 74 2.80 12.40 -5.00
C LYS A 74 2.49 12.76 -3.55
N PHE A 75 2.16 11.76 -2.74
CA PHE A 75 1.82 11.92 -1.33
C PHE A 75 2.72 11.00 -0.49
N LYS A 76 2.95 11.36 0.77
CA LYS A 76 3.71 10.60 1.74
C LYS A 76 2.91 10.49 3.03
N CYS A 77 3.13 9.40 3.77
CA CYS A 77 2.48 9.13 5.04
C CYS A 77 3.16 9.97 6.11
N LEU A 78 2.38 10.74 6.87
CA LEU A 78 2.91 11.60 7.93
C LEU A 78 2.11 11.43 9.21
N SER A 79 2.76 11.87 10.28
CA SER A 79 2.40 11.83 11.68
C SER A 79 0.93 12.17 11.95
N LYS A 80 0.18 11.20 12.45
CA LYS A 80 -1.20 11.25 12.89
C LYS A 80 -1.40 9.88 13.55
N ALA A 1 10.42 -11.40 -8.89
CA ALA A 1 10.73 -10.47 -7.83
C ALA A 1 9.49 -10.24 -6.95
N VAL A 2 8.82 -11.32 -6.58
CA VAL A 2 7.59 -11.35 -5.80
C VAL A 2 7.86 -11.26 -4.29
N ILE A 3 8.87 -10.46 -3.91
CA ILE A 3 9.41 -10.25 -2.56
C ILE A 3 8.69 -11.06 -1.47
N THR A 4 7.62 -10.51 -0.88
CA THR A 4 6.88 -11.17 0.18
C THR A 4 5.93 -12.23 -0.37
N GLY A 5 6.51 -13.30 -0.93
CA GLY A 5 5.85 -14.50 -1.42
C GLY A 5 5.06 -14.29 -2.72
N ALA A 6 4.04 -13.43 -2.64
CA ALA A 6 3.04 -13.04 -3.63
C ALA A 6 1.66 -13.09 -2.98
N CYS A 7 0.77 -12.18 -3.37
CA CYS A 7 -0.60 -12.11 -2.89
C CYS A 7 -1.57 -11.73 -4.02
N GLU A 8 -2.82 -12.21 -3.94
CA GLU A 8 -3.89 -11.89 -4.86
C GLU A 8 -4.77 -10.80 -4.23
N ARG A 9 -5.14 -10.93 -2.95
CA ARG A 9 -5.92 -9.91 -2.24
C ARG A 9 -5.62 -9.88 -0.74
N ASP A 10 -5.74 -8.68 -0.17
CA ASP A 10 -5.45 -8.31 1.22
C ASP A 10 -5.70 -9.42 2.23
N LEU A 11 -6.88 -10.04 2.16
CA LEU A 11 -7.35 -11.11 3.04
C LEU A 11 -6.24 -12.12 3.38
N GLN A 12 -5.39 -12.45 2.42
CA GLN A 12 -4.33 -13.43 2.59
C GLN A 12 -3.20 -12.98 3.52
N CYS A 13 -2.91 -11.69 3.59
CA CYS A 13 -1.76 -11.17 4.34
C CYS A 13 -2.19 -10.61 5.70
N GLY A 14 -1.20 -10.38 6.57
CA GLY A 14 -1.45 -9.79 7.88
C GLY A 14 -1.93 -8.36 7.70
N LYS A 15 -2.82 -7.91 8.58
CA LYS A 15 -3.47 -6.61 8.45
C LYS A 15 -2.52 -5.42 8.67
N GLY A 16 -1.28 -5.68 9.07
CA GLY A 16 -0.23 -4.67 9.12
C GLY A 16 0.36 -4.45 7.72
N THR A 17 -0.17 -5.12 6.69
CA THR A 17 0.28 -5.00 5.32
C THR A 17 -0.96 -5.01 4.43
N CYS A 18 -0.82 -4.64 3.15
CA CYS A 18 -1.89 -4.73 2.15
C CYS A 18 -1.29 -5.39 0.91
N CYS A 19 -2.12 -5.96 0.03
CA CYS A 19 -1.61 -6.64 -1.16
C CYS A 19 -1.51 -5.64 -2.30
N ALA A 20 -0.33 -5.02 -2.46
CA ALA A 20 -0.05 -4.05 -3.51
C ALA A 20 0.91 -4.67 -4.51
N VAL A 21 0.98 -4.06 -5.69
CA VAL A 21 1.82 -4.51 -6.79
C VAL A 21 3.29 -4.64 -6.34
N SER A 22 4.14 -5.40 -7.05
CA SER A 22 5.59 -5.45 -6.78
C SER A 22 6.25 -4.31 -7.57
N LEU A 23 7.14 -3.53 -6.93
CA LEU A 23 7.87 -2.47 -7.62
C LEU A 23 8.69 -3.04 -8.78
N TRP A 24 9.05 -4.33 -8.72
CA TRP A 24 9.92 -4.95 -9.70
C TRP A 24 9.08 -5.75 -10.70
N ILE A 25 8.42 -6.83 -10.26
CA ILE A 25 7.56 -7.59 -11.16
C ILE A 25 6.17 -6.97 -11.09
N LYS A 26 6.03 -5.84 -11.78
CA LYS A 26 4.79 -5.06 -11.84
C LYS A 26 3.55 -5.85 -12.29
N SER A 27 3.71 -7.11 -12.74
CA SER A 27 2.61 -7.95 -13.15
C SER A 27 2.08 -8.80 -11.97
N VAL A 28 2.67 -8.69 -10.79
CA VAL A 28 2.29 -9.46 -9.60
C VAL A 28 2.24 -8.53 -8.39
N ARG A 29 1.48 -8.91 -7.37
CA ARG A 29 1.30 -8.17 -6.13
C ARG A 29 1.82 -9.00 -4.95
N VAL A 30 2.24 -8.33 -3.87
CA VAL A 30 2.85 -8.92 -2.69
C VAL A 30 2.35 -8.25 -1.40
N CYS A 31 2.54 -8.92 -0.25
CA CYS A 31 2.19 -8.36 1.06
C CYS A 31 3.11 -7.17 1.30
N THR A 32 2.66 -5.96 0.99
CA THR A 32 3.44 -4.74 1.10
C THR A 32 3.04 -4.06 2.42
N PRO A 33 4.00 -3.63 3.27
CA PRO A 33 3.68 -3.05 4.56
C PRO A 33 2.89 -1.74 4.42
N VAL A 34 2.07 -1.44 5.43
CA VAL A 34 1.35 -0.18 5.47
C VAL A 34 2.34 0.99 5.53
N GLY A 35 1.93 2.15 5.02
CA GLY A 35 2.80 3.33 4.98
C GLY A 35 3.20 3.81 6.38
N THR A 36 4.33 4.50 6.49
CA THR A 36 4.87 5.07 7.71
C THR A 36 5.45 6.43 7.35
N SER A 37 5.84 7.25 8.33
CA SER A 37 6.40 8.58 8.14
C SER A 37 7.40 8.63 6.98
N GLY A 38 7.02 9.29 5.87
CA GLY A 38 7.86 9.49 4.70
C GLY A 38 7.49 8.60 3.51
N GLU A 39 6.85 7.45 3.73
CA GLU A 39 6.50 6.54 2.64
C GLU A 39 5.47 7.18 1.70
N ASP A 40 5.64 7.00 0.39
CA ASP A 40 4.70 7.51 -0.59
C ASP A 40 3.35 6.81 -0.44
N CYS A 41 2.26 7.50 -0.78
CA CYS A 41 0.91 6.92 -0.74
C CYS A 41 0.01 7.56 -1.76
N HIS A 42 -0.99 6.79 -2.19
CA HIS A 42 -2.03 7.26 -3.10
C HIS A 42 -3.21 7.58 -2.20
N PRO A 43 -3.79 8.79 -2.26
CA PRO A 43 -4.90 9.17 -1.38
C PRO A 43 -6.07 8.18 -1.47
N ALA A 44 -6.20 7.43 -2.57
CA ALA A 44 -7.25 6.42 -2.73
C ALA A 44 -6.74 5.00 -2.46
N SER A 45 -5.65 4.85 -1.70
CA SER A 45 -5.15 3.55 -1.29
C SER A 45 -6.26 2.86 -0.49
N HIS A 46 -6.90 1.86 -1.10
CA HIS A 46 -8.05 1.16 -0.53
C HIS A 46 -7.75 0.69 0.89
N LYS A 47 -8.78 0.69 1.74
CA LYS A 47 -8.68 0.30 3.14
C LYS A 47 -8.19 -1.15 3.28
N ILE A 48 -8.04 -1.65 4.50
CA ILE A 48 -7.64 -3.03 4.76
C ILE A 48 -8.77 -3.68 5.58
N PRO A 49 -9.22 -4.90 5.26
CA PRO A 49 -8.84 -5.71 4.12
C PRO A 49 -9.65 -5.33 2.88
N PHE A 50 -8.98 -5.12 1.75
CA PHE A 50 -9.63 -4.83 0.47
C PHE A 50 -9.67 -6.12 -0.34
N SER A 51 -10.82 -6.79 -0.33
CA SER A 51 -11.05 -8.00 -1.10
C SER A 51 -11.26 -7.64 -2.58
N GLY A 52 -10.28 -6.98 -3.18
CA GLY A 52 -10.26 -6.53 -4.56
C GLY A 52 -8.82 -6.55 -5.03
N GLN A 53 -8.44 -5.69 -5.98
CA GLN A 53 -7.09 -5.61 -6.53
C GLN A 53 -6.56 -4.20 -6.31
N ARG A 54 -5.35 -4.06 -5.74
CA ARG A 54 -4.73 -2.76 -5.54
C ARG A 54 -4.29 -2.22 -6.91
N MET A 55 -5.19 -1.51 -7.59
CA MET A 55 -4.90 -0.86 -8.86
C MET A 55 -4.12 0.45 -8.63
N HIS A 56 -3.27 0.47 -7.61
CA HIS A 56 -2.42 1.57 -7.18
C HIS A 56 -1.18 0.93 -6.57
N HIS A 57 0.01 1.42 -6.92
CA HIS A 57 1.26 0.84 -6.44
C HIS A 57 1.61 1.28 -5.01
N THR A 58 0.60 1.40 -4.14
CA THR A 58 0.81 1.77 -2.75
C THR A 58 -0.14 1.00 -1.84
N CYS A 59 0.15 1.03 -0.55
CA CYS A 59 -0.68 0.53 0.53
C CYS A 59 -1.06 1.74 1.37
N PRO A 60 -2.17 1.69 2.10
CA PRO A 60 -2.57 2.84 2.91
C PRO A 60 -1.57 3.01 4.05
N CYS A 61 -1.49 4.23 4.59
CA CYS A 61 -0.59 4.53 5.68
C CYS A 61 -1.06 3.81 6.95
N ALA A 62 -0.17 3.64 7.92
CA ALA A 62 -0.48 3.03 9.20
C ALA A 62 -1.61 3.87 9.86
N PRO A 63 -2.74 3.25 10.26
CA PRO A 63 -3.91 3.91 10.84
C PRO A 63 -3.64 4.94 11.93
N ASN A 64 -3.25 6.13 11.48
CA ASN A 64 -2.90 7.34 12.23
C ASN A 64 -2.20 8.32 11.30
N LEU A 65 -1.21 7.83 10.54
CA LEU A 65 -0.45 8.60 9.57
C LEU A 65 -1.39 9.29 8.57
N ALA A 66 -1.03 10.48 8.11
CA ALA A 66 -1.84 11.26 7.18
C ALA A 66 -1.23 11.23 5.78
N CYS A 67 -1.96 10.74 4.78
CA CYS A 67 -1.50 10.71 3.38
C CYS A 67 -1.70 12.10 2.78
N VAL A 68 -0.70 12.98 2.91
CA VAL A 68 -0.77 14.36 2.52
C VAL A 68 0.04 14.66 1.26
N GLN A 69 -0.45 15.59 0.45
CA GLN A 69 0.24 16.08 -0.73
C GLN A 69 1.49 16.88 -0.36
N THR A 70 2.65 16.48 -0.91
CA THR A 70 3.91 17.18 -0.71
C THR A 70 4.17 18.06 -1.95
N SER A 71 3.73 17.60 -3.12
CA SER A 71 3.72 18.32 -4.37
C SER A 71 2.62 17.68 -5.21
N PRO A 72 2.18 18.27 -6.34
CA PRO A 72 1.12 17.70 -7.16
C PRO A 72 1.35 16.21 -7.42
N LYS A 73 0.38 15.37 -7.06
CA LYS A 73 0.43 13.90 -7.20
C LYS A 73 1.37 13.24 -6.18
N LYS A 74 2.48 13.87 -5.79
CA LYS A 74 3.39 13.34 -4.80
C LYS A 74 2.73 13.39 -3.43
N PHE A 75 1.95 12.36 -3.09
CA PHE A 75 1.30 12.23 -1.80
C PHE A 75 2.15 11.28 -0.95
N LYS A 76 2.38 11.64 0.32
CA LYS A 76 3.17 10.85 1.25
C LYS A 76 2.51 10.77 2.62
N CYS A 77 2.79 9.67 3.32
CA CYS A 77 2.33 9.36 4.65
C CYS A 77 3.16 10.17 5.64
N LEU A 78 2.63 11.29 6.14
CA LEU A 78 3.33 12.12 7.11
C LEU A 78 2.80 11.84 8.50
N SER A 79 3.67 12.11 9.47
CA SER A 79 3.41 11.95 10.89
C SER A 79 2.23 12.81 11.32
N LYS A 80 1.49 12.34 12.32
CA LYS A 80 0.31 12.95 12.89
C LYS A 80 0.26 12.36 14.30
N ALA A 1 8.11 -7.70 -1.34
CA ALA A 1 8.26 -9.08 -0.93
C ALA A 1 8.03 -10.01 -2.14
N VAL A 2 8.82 -9.82 -3.20
CA VAL A 2 8.74 -10.63 -4.41
C VAL A 2 8.84 -12.11 -4.05
N ILE A 3 7.93 -12.93 -4.63
CA ILE A 3 7.77 -14.37 -4.38
C ILE A 3 7.39 -14.60 -2.92
N THR A 4 8.36 -14.41 -2.01
CA THR A 4 8.27 -14.53 -0.57
C THR A 4 6.89 -14.15 -0.01
N GLY A 5 6.39 -12.96 -0.36
CA GLY A 5 5.09 -12.48 0.06
C GLY A 5 4.27 -12.05 -1.17
N ALA A 6 4.33 -12.82 -2.26
CA ALA A 6 3.56 -12.56 -3.47
C ALA A 6 2.08 -12.74 -3.15
N CYS A 7 1.26 -11.80 -3.62
CA CYS A 7 -0.17 -11.72 -3.33
C CYS A 7 -0.98 -11.25 -4.56
N GLU A 8 -2.29 -11.53 -4.55
CA GLU A 8 -3.29 -11.12 -5.52
C GLU A 8 -4.25 -10.10 -4.87
N ARG A 9 -4.64 -10.31 -3.60
CA ARG A 9 -5.49 -9.40 -2.83
C ARG A 9 -5.22 -9.48 -1.32
N ASP A 10 -5.46 -8.35 -0.61
CA ASP A 10 -5.23 -8.13 0.82
C ASP A 10 -5.52 -9.35 1.70
N LEU A 11 -6.64 -10.03 1.45
CA LEU A 11 -7.08 -11.20 2.20
C LEU A 11 -5.93 -12.19 2.47
N GLN A 12 -5.03 -12.35 1.50
CA GLN A 12 -3.92 -13.29 1.56
C GLN A 12 -2.75 -12.80 2.41
N CYS A 13 -2.68 -11.50 2.74
CA CYS A 13 -1.58 -10.89 3.47
C CYS A 13 -1.95 -10.69 4.94
N GLY A 14 -0.93 -10.52 5.79
CA GLY A 14 -1.14 -10.21 7.20
C GLY A 14 -1.73 -8.81 7.28
N LYS A 15 -2.76 -8.59 8.10
CA LYS A 15 -3.49 -7.32 8.15
C LYS A 15 -2.74 -6.17 8.87
N GLY A 16 -1.42 -6.15 8.74
CA GLY A 16 -0.52 -5.06 9.12
C GLY A 16 0.24 -4.62 7.84
N THR A 17 -0.15 -5.15 6.69
CA THR A 17 0.41 -4.87 5.40
C THR A 17 -0.78 -4.81 4.43
N CYS A 18 -0.57 -4.49 3.16
CA CYS A 18 -1.59 -4.53 2.13
C CYS A 18 -0.98 -5.09 0.85
N CYS A 19 -1.82 -5.63 -0.03
CA CYS A 19 -1.41 -6.32 -1.24
C CYS A 19 -1.18 -5.35 -2.40
N ALA A 20 -0.06 -4.61 -2.38
CA ALA A 20 0.25 -3.60 -3.39
C ALA A 20 1.13 -4.19 -4.49
N VAL A 21 1.07 -3.63 -5.69
CA VAL A 21 1.78 -4.07 -6.89
C VAL A 21 3.22 -4.57 -6.64
N SER A 22 3.70 -5.60 -7.35
CA SER A 22 5.11 -5.98 -7.24
C SER A 22 5.94 -4.88 -7.88
N LEU A 23 6.91 -4.34 -7.13
CA LEU A 23 7.78 -3.28 -7.61
C LEU A 23 8.63 -3.77 -8.79
N TRP A 24 8.75 -5.09 -8.98
CA TRP A 24 9.64 -5.70 -9.96
C TRP A 24 8.89 -6.26 -11.16
N ILE A 25 7.81 -7.00 -10.93
CA ILE A 25 7.00 -7.61 -11.96
C ILE A 25 5.53 -7.38 -11.60
N LYS A 26 5.01 -6.23 -12.05
CA LYS A 26 3.67 -5.74 -11.76
C LYS A 26 2.53 -6.72 -12.08
N SER A 27 2.83 -7.86 -12.71
CA SER A 27 1.85 -8.90 -12.97
C SER A 27 1.30 -9.45 -11.64
N VAL A 28 2.14 -9.47 -10.61
CA VAL A 28 1.79 -9.92 -9.27
C VAL A 28 1.82 -8.71 -8.33
N ARG A 29 1.25 -8.87 -7.12
CA ARG A 29 1.31 -7.89 -6.06
C ARG A 29 2.10 -8.53 -4.92
N VAL A 30 2.47 -7.78 -3.88
CA VAL A 30 3.23 -8.25 -2.74
C VAL A 30 2.70 -7.62 -1.45
N CYS A 31 2.83 -8.35 -0.34
CA CYS A 31 2.46 -7.86 0.99
C CYS A 31 3.40 -6.71 1.38
N THR A 32 2.95 -5.48 1.16
CA THR A 32 3.69 -4.25 1.40
C THR A 32 3.23 -3.69 2.74
N PRO A 33 4.12 -3.42 3.71
CA PRO A 33 3.74 -2.89 5.01
C PRO A 33 2.85 -1.65 4.93
N VAL A 34 2.01 -1.43 5.96
CA VAL A 34 1.24 -0.18 6.04
C VAL A 34 2.23 1.00 5.93
N GLY A 35 1.78 2.10 5.31
CA GLY A 35 2.58 3.30 5.15
C GLY A 35 3.06 3.88 6.49
N THR A 36 4.17 4.62 6.49
CA THR A 36 4.78 5.21 7.68
C THR A 36 5.24 6.64 7.39
N SER A 37 5.75 7.33 8.41
CA SER A 37 6.26 8.70 8.35
C SER A 37 7.19 8.95 7.16
N GLY A 38 6.79 9.85 6.26
CA GLY A 38 7.54 10.25 5.08
C GLY A 38 7.37 9.29 3.90
N GLU A 39 6.68 8.17 4.08
CA GLU A 39 6.46 7.21 3.02
C GLU A 39 5.39 7.76 2.06
N ASP A 40 5.51 7.43 0.77
CA ASP A 40 4.56 7.84 -0.24
C ASP A 40 3.20 7.21 0.01
N CYS A 41 2.14 7.89 -0.39
CA CYS A 41 0.77 7.46 -0.21
C CYS A 41 -0.10 8.05 -1.30
N HIS A 42 -1.34 7.58 -1.37
CA HIS A 42 -2.38 8.08 -2.26
C HIS A 42 -3.60 8.22 -1.35
N PRO A 43 -4.35 9.32 -1.37
CA PRO A 43 -5.51 9.47 -0.51
C PRO A 43 -6.48 8.30 -0.64
N ALA A 44 -6.57 7.70 -1.83
CA ALA A 44 -7.44 6.56 -2.11
C ALA A 44 -6.65 5.24 -2.14
N SER A 45 -5.74 4.99 -1.17
CA SER A 45 -5.00 3.74 -1.10
C SER A 45 -5.86 2.58 -0.56
N HIS A 46 -7.03 2.36 -1.18
CA HIS A 46 -8.04 1.31 -0.96
C HIS A 46 -8.18 0.78 0.46
N LYS A 47 -9.35 1.00 1.04
CA LYS A 47 -9.68 0.54 2.39
C LYS A 47 -9.36 -0.96 2.57
N ILE A 48 -8.64 -1.30 3.65
CA ILE A 48 -8.35 -2.69 3.99
C ILE A 48 -9.64 -3.28 4.60
N PRO A 49 -9.98 -4.56 4.36
CA PRO A 49 -9.33 -5.48 3.45
C PRO A 49 -9.84 -5.26 2.03
N PHE A 50 -8.93 -5.05 1.07
CA PHE A 50 -9.28 -4.82 -0.32
C PHE A 50 -9.13 -6.14 -1.07
N SER A 51 -10.23 -6.88 -1.19
CA SER A 51 -10.32 -8.17 -1.86
C SER A 51 -10.18 -8.06 -3.38
N GLY A 52 -9.20 -7.31 -3.88
CA GLY A 52 -9.00 -7.11 -5.31
C GLY A 52 -7.59 -6.63 -5.60
N GLN A 53 -7.34 -6.33 -6.88
CA GLN A 53 -6.05 -5.90 -7.39
C GLN A 53 -5.84 -4.41 -7.09
N ARG A 54 -5.02 -4.10 -6.08
CA ARG A 54 -4.72 -2.72 -5.72
C ARG A 54 -3.97 -2.04 -6.88
N MET A 55 -4.70 -1.31 -7.72
CA MET A 55 -4.14 -0.62 -8.87
C MET A 55 -3.00 0.31 -8.47
N HIS A 56 -3.27 1.26 -7.57
CA HIS A 56 -2.26 2.23 -7.13
C HIS A 56 -1.14 1.54 -6.37
N HIS A 57 0.10 1.91 -6.67
CA HIS A 57 1.30 1.33 -6.04
C HIS A 57 1.51 1.87 -4.61
N THR A 58 0.47 1.87 -3.77
CA THR A 58 0.56 2.31 -2.39
C THR A 58 -0.31 1.44 -1.49
N CYS A 59 -0.07 1.54 -0.19
CA CYS A 59 -0.86 0.93 0.86
C CYS A 59 -1.33 2.05 1.77
N PRO A 60 -2.46 1.89 2.49
CA PRO A 60 -2.85 2.89 3.44
C PRO A 60 -1.78 2.95 4.53
N CYS A 61 -1.70 4.10 5.18
CA CYS A 61 -0.68 4.33 6.19
C CYS A 61 -1.13 3.82 7.54
N ALA A 62 -0.17 3.64 8.45
CA ALA A 62 -0.44 3.23 9.82
C ALA A 62 -1.50 4.20 10.36
N PRO A 63 -2.58 3.72 10.99
CA PRO A 63 -3.72 4.52 11.44
C PRO A 63 -3.48 5.95 11.95
N ASN A 64 -2.36 6.24 12.62
CA ASN A 64 -2.07 7.57 13.16
C ASN A 64 -1.56 8.56 12.09
N LEU A 65 -1.03 8.06 10.97
CA LEU A 65 -0.44 8.87 9.91
C LEU A 65 -1.51 9.60 9.09
N ALA A 66 -1.15 10.75 8.52
CA ALA A 66 -2.02 11.58 7.69
C ALA A 66 -1.39 11.71 6.29
N CYS A 67 -2.10 11.25 5.26
CA CYS A 67 -1.66 11.31 3.86
C CYS A 67 -1.89 12.71 3.29
N VAL A 68 -0.83 13.54 3.17
CA VAL A 68 -0.91 14.91 2.68
C VAL A 68 -0.21 15.02 1.32
N GLN A 69 -0.68 15.93 0.46
CA GLN A 69 -0.15 16.11 -0.87
C GLN A 69 1.18 16.85 -0.85
N THR A 70 2.20 16.30 -1.53
CA THR A 70 3.46 16.98 -1.79
C THR A 70 3.39 17.52 -3.23
N SER A 71 2.62 16.86 -4.10
CA SER A 71 2.27 17.29 -5.44
C SER A 71 1.07 16.45 -5.88
N PRO A 72 0.45 16.76 -7.02
CA PRO A 72 -0.67 16.02 -7.57
C PRO A 72 -0.34 14.52 -7.60
N LYS A 73 -1.18 13.69 -6.95
CA LYS A 73 -1.02 12.26 -6.79
C LYS A 73 0.11 11.91 -5.79
N LYS A 74 1.26 12.58 -5.92
CA LYS A 74 2.40 12.41 -5.04
C LYS A 74 2.08 12.94 -3.64
N PHE A 75 1.42 12.12 -2.83
CA PHE A 75 1.16 12.44 -1.43
C PHE A 75 2.16 11.63 -0.58
N LYS A 76 2.46 12.14 0.62
CA LYS A 76 3.30 11.47 1.59
C LYS A 76 2.55 11.45 2.92
N CYS A 77 2.84 10.45 3.74
CA CYS A 77 2.20 10.28 5.04
C CYS A 77 3.00 10.92 6.14
N LEU A 78 2.47 11.97 6.77
CA LEU A 78 3.14 12.66 7.86
C LEU A 78 2.54 12.17 9.17
N SER A 79 3.38 12.20 10.21
CA SER A 79 3.05 11.77 11.57
C SER A 79 2.07 12.74 12.25
N LYS A 80 1.61 12.35 13.43
CA LYS A 80 0.74 13.10 14.31
C LYS A 80 1.09 12.58 15.70
N ALA A 1 0.87 -18.28 -4.33
CA ALA A 1 1.90 -17.33 -4.74
C ALA A 1 3.29 -17.97 -4.65
N VAL A 2 3.50 -18.81 -3.64
CA VAL A 2 4.74 -19.55 -3.36
C VAL A 2 5.85 -18.59 -2.89
N ILE A 3 6.25 -17.65 -3.74
CA ILE A 3 7.29 -16.67 -3.44
C ILE A 3 6.81 -15.83 -2.25
N THR A 4 7.30 -16.16 -1.06
CA THR A 4 6.96 -15.58 0.23
C THR A 4 7.21 -14.07 0.26
N GLY A 5 6.28 -13.32 -0.34
CA GLY A 5 6.31 -11.88 -0.47
C GLY A 5 5.24 -11.48 -1.49
N ALA A 6 5.19 -12.22 -2.61
CA ALA A 6 4.16 -12.08 -3.63
C ALA A 6 2.84 -12.55 -3.03
N CYS A 7 1.77 -11.82 -3.28
CA CYS A 7 0.44 -12.08 -2.77
C CYS A 7 -0.59 -11.78 -3.86
N GLU A 8 -1.82 -12.19 -3.63
CA GLU A 8 -2.96 -11.92 -4.47
C GLU A 8 -3.72 -10.76 -3.82
N ARG A 9 -3.87 -10.78 -2.48
CA ARG A 9 -4.51 -9.71 -1.73
C ARG A 9 -3.98 -9.61 -0.29
N ASP A 10 -4.23 -8.44 0.29
CA ASP A 10 -3.78 -7.99 1.62
C ASP A 10 -3.85 -9.10 2.67
N LEU A 11 -5.03 -9.73 2.74
CA LEU A 11 -5.40 -10.78 3.68
C LEU A 11 -4.27 -11.79 3.94
N GLN A 12 -3.51 -12.15 2.92
CA GLN A 12 -2.43 -13.12 3.04
C GLN A 12 -1.38 -12.72 4.08
N CYS A 13 -1.12 -11.42 4.24
CA CYS A 13 -0.13 -10.90 5.18
C CYS A 13 -0.80 -10.18 6.35
N GLY A 14 -1.94 -9.52 6.11
CA GLY A 14 -2.71 -8.89 7.17
C GLY A 14 -2.43 -7.40 7.33
N LYS A 15 -3.21 -6.79 8.23
CA LYS A 15 -3.32 -5.36 8.53
C LYS A 15 -2.02 -4.56 8.53
N GLY A 16 -0.92 -5.14 9.01
CA GLY A 16 0.38 -4.45 9.04
C GLY A 16 0.93 -4.17 7.63
N THR A 17 0.33 -4.76 6.60
CA THR A 17 0.75 -4.60 5.23
C THR A 17 -0.47 -4.51 4.30
N CYS A 18 -0.24 -4.25 3.02
CA CYS A 18 -1.24 -4.37 1.97
C CYS A 18 -0.54 -4.95 0.74
N CYS A 19 -1.28 -5.65 -0.12
CA CYS A 19 -0.72 -6.31 -1.29
C CYS A 19 -0.61 -5.32 -2.45
N ALA A 20 0.39 -4.43 -2.41
CA ALA A 20 0.59 -3.40 -3.41
C ALA A 20 1.32 -3.98 -4.63
N VAL A 21 1.13 -3.38 -5.80
CA VAL A 21 1.70 -3.82 -7.06
C VAL A 21 3.22 -4.13 -6.99
N SER A 22 3.74 -5.04 -7.82
CA SER A 22 5.17 -5.26 -7.97
C SER A 22 5.62 -4.35 -9.14
N LEU A 23 6.61 -3.47 -8.92
CA LEU A 23 7.01 -2.47 -9.92
C LEU A 23 7.26 -3.04 -11.32
N TRP A 24 7.85 -4.24 -11.39
CA TRP A 24 8.39 -4.72 -12.65
C TRP A 24 7.37 -5.67 -13.27
N ILE A 25 7.22 -6.86 -12.69
CA ILE A 25 6.24 -7.82 -13.18
C ILE A 25 4.91 -7.47 -12.52
N LYS A 26 4.28 -6.40 -13.01
CA LYS A 26 3.01 -5.86 -12.50
C LYS A 26 1.83 -6.86 -12.51
N SER A 27 2.06 -8.11 -12.90
CA SER A 27 1.06 -9.17 -12.80
C SER A 27 0.93 -9.52 -11.31
N VAL A 28 2.04 -9.50 -10.57
CA VAL A 28 2.04 -9.78 -9.15
C VAL A 28 2.06 -8.49 -8.35
N ARG A 29 1.60 -8.60 -7.11
CA ARG A 29 1.57 -7.55 -6.13
C ARG A 29 2.18 -8.19 -4.88
N VAL A 30 2.96 -7.44 -4.10
CA VAL A 30 3.72 -7.91 -2.95
C VAL A 30 3.25 -7.23 -1.66
N CYS A 31 3.38 -7.96 -0.54
CA CYS A 31 3.00 -7.49 0.77
C CYS A 31 3.90 -6.33 1.17
N THR A 32 3.41 -5.11 0.96
CA THR A 32 4.12 -3.88 1.23
C THR A 32 3.62 -3.32 2.57
N PRO A 33 4.50 -2.82 3.44
CA PRO A 33 4.13 -2.23 4.71
C PRO A 33 3.08 -1.13 4.56
N VAL A 34 2.23 -0.95 5.58
CA VAL A 34 1.30 0.18 5.59
C VAL A 34 2.10 1.49 5.51
N GLY A 35 1.51 2.52 4.90
CA GLY A 35 2.14 3.81 4.72
C GLY A 35 2.60 4.41 6.05
N THR A 36 3.90 4.37 6.30
CA THR A 36 4.53 4.84 7.52
C THR A 36 5.10 6.25 7.27
N SER A 37 5.43 6.96 8.34
CA SER A 37 5.96 8.32 8.37
C SER A 37 6.83 8.69 7.17
N GLY A 38 6.35 9.59 6.32
CA GLY A 38 7.10 10.10 5.17
C GLY A 38 6.99 9.25 3.90
N GLU A 39 6.47 8.01 3.97
CA GLU A 39 6.35 7.19 2.78
C GLU A 39 5.27 7.77 1.86
N ASP A 40 5.49 7.69 0.55
CA ASP A 40 4.56 8.18 -0.45
C ASP A 40 3.25 7.39 -0.38
N CYS A 41 2.14 8.05 -0.73
CA CYS A 41 0.80 7.46 -0.67
C CYS A 41 -0.07 8.05 -1.77
N HIS A 42 -1.03 7.25 -2.24
CA HIS A 42 -2.00 7.67 -3.22
C HIS A 42 -3.26 8.02 -2.41
N PRO A 43 -3.90 9.17 -2.63
CA PRO A 43 -5.09 9.55 -1.88
C PRO A 43 -6.19 8.49 -1.95
N ALA A 44 -6.22 7.67 -3.00
CA ALA A 44 -7.19 6.59 -3.16
C ALA A 44 -6.61 5.22 -2.77
N SER A 45 -5.58 5.18 -1.91
CA SER A 45 -5.04 3.92 -1.42
C SER A 45 -6.17 3.14 -0.73
N HIS A 46 -6.64 2.08 -1.38
CA HIS A 46 -7.78 1.28 -0.95
C HIS A 46 -7.62 0.81 0.49
N LYS A 47 -8.72 0.79 1.25
CA LYS A 47 -8.74 0.35 2.64
C LYS A 47 -8.18 -1.07 2.78
N ILE A 48 -7.89 -1.53 3.99
CA ILE A 48 -7.37 -2.86 4.26
C ILE A 48 -8.43 -3.60 5.11
N PRO A 49 -8.76 -4.86 4.82
CA PRO A 49 -8.25 -5.69 3.74
C PRO A 49 -8.97 -5.40 2.43
N PHE A 50 -8.22 -5.23 1.34
CA PHE A 50 -8.78 -5.01 0.02
C PHE A 50 -8.80 -6.35 -0.71
N SER A 51 -9.91 -7.07 -0.60
CA SER A 51 -10.11 -8.36 -1.25
C SER A 51 -10.29 -8.19 -2.76
N GLY A 52 -9.27 -7.68 -3.45
CA GLY A 52 -9.26 -7.44 -4.87
C GLY A 52 -7.84 -7.08 -5.29
N GLN A 53 -7.61 -6.87 -6.58
CA GLN A 53 -6.28 -6.57 -7.10
C GLN A 53 -6.02 -5.07 -7.01
N ARG A 54 -5.13 -4.66 -6.10
CA ARG A 54 -4.79 -3.26 -5.95
C ARG A 54 -4.21 -2.73 -7.26
N MET A 55 -4.76 -1.61 -7.73
CA MET A 55 -4.40 -0.96 -8.98
C MET A 55 -3.67 0.38 -8.72
N HIS A 56 -2.98 0.48 -7.59
CA HIS A 56 -2.19 1.63 -7.19
C HIS A 56 -0.92 1.10 -6.54
N HIS A 57 0.15 1.90 -6.57
CA HIS A 57 1.47 1.48 -6.10
C HIS A 57 1.76 1.90 -4.65
N THR A 58 0.73 2.10 -3.82
CA THR A 58 0.92 2.44 -2.42
C THR A 58 -0.11 1.73 -1.55
N CYS A 59 0.20 1.62 -0.27
CA CYS A 59 -0.71 1.13 0.76
C CYS A 59 -1.20 2.34 1.52
N PRO A 60 -2.40 2.26 2.14
CA PRO A 60 -2.91 3.37 2.91
C PRO A 60 -2.05 3.57 4.14
N CYS A 61 -2.15 4.75 4.73
CA CYS A 61 -1.33 5.12 5.88
C CYS A 61 -1.67 4.27 7.09
N ALA A 62 -0.66 3.96 7.92
CA ALA A 62 -0.84 3.19 9.13
C ALA A 62 -1.88 3.90 10.01
N PRO A 63 -2.90 3.19 10.54
CA PRO A 63 -3.98 3.72 11.37
C PRO A 63 -3.58 4.72 12.46
N ASN A 64 -3.37 5.95 12.02
CA ASN A 64 -2.98 7.14 12.76
C ASN A 64 -2.54 8.20 11.76
N LEU A 65 -1.59 7.84 10.89
CA LEU A 65 -1.06 8.76 9.90
C LEU A 65 -2.10 9.01 8.82
N ALA A 66 -1.99 10.16 8.14
CA ALA A 66 -2.89 10.60 7.08
C ALA A 66 -2.11 10.88 5.81
N CYS A 67 -2.71 10.59 4.65
CA CYS A 67 -2.10 10.81 3.34
C CYS A 67 -2.27 12.28 2.96
N VAL A 68 -1.25 13.11 3.19
CA VAL A 68 -1.32 14.55 2.97
C VAL A 68 -0.32 15.00 1.91
N GLN A 69 -0.65 16.10 1.23
CA GLN A 69 0.17 16.73 0.22
C GLN A 69 1.39 17.42 0.84
N THR A 70 2.57 17.13 0.28
CA THR A 70 3.81 17.80 0.62
C THR A 70 4.09 18.87 -0.45
N SER A 71 3.79 18.53 -1.71
CA SER A 71 3.93 19.39 -2.87
C SER A 71 3.06 18.75 -3.96
N PRO A 72 2.65 19.51 -5.00
CA PRO A 72 1.79 19.02 -6.09
C PRO A 72 2.09 17.58 -6.49
N LYS A 73 1.11 16.69 -6.32
CA LYS A 73 1.17 15.25 -6.60
C LYS A 73 1.91 14.46 -5.53
N LYS A 74 2.94 15.03 -4.90
CA LYS A 74 3.69 14.36 -3.85
C LYS A 74 2.84 14.27 -2.58
N PHE A 75 2.07 13.18 -2.49
CA PHE A 75 1.22 12.86 -1.36
C PHE A 75 2.01 11.85 -0.51
N LYS A 76 2.17 12.12 0.79
CA LYS A 76 2.92 11.27 1.70
C LYS A 76 2.17 11.09 3.01
N CYS A 77 2.47 9.99 3.71
CA CYS A 77 1.83 9.66 4.98
C CYS A 77 2.47 10.47 6.09
N LEU A 78 1.77 11.47 6.61
CA LEU A 78 2.24 12.32 7.69
C LEU A 78 1.47 12.03 8.97
N SER A 79 2.11 12.35 10.09
CA SER A 79 1.60 12.12 11.44
C SER A 79 0.38 12.98 11.74
N LYS A 80 -0.36 12.59 12.78
CA LYS A 80 -1.54 13.23 13.30
C LYS A 80 -1.70 12.65 14.71
N ALA A 1 7.67 -16.15 7.51
CA ALA A 1 7.09 -14.91 8.00
C ALA A 1 6.66 -14.03 6.84
N VAL A 2 7.59 -13.70 5.94
CA VAL A 2 7.34 -12.85 4.78
C VAL A 2 6.62 -13.63 3.66
N ILE A 3 5.51 -14.29 4.01
CA ILE A 3 4.67 -15.07 3.11
C ILE A 3 3.97 -14.08 2.17
N THR A 4 4.71 -13.63 1.16
CA THR A 4 4.31 -12.64 0.19
C THR A 4 4.39 -13.26 -1.21
N GLY A 5 5.52 -13.09 -1.90
CA GLY A 5 5.79 -13.63 -3.22
C GLY A 5 5.04 -12.90 -4.33
N ALA A 6 3.71 -12.93 -4.27
CA ALA A 6 2.80 -12.32 -5.22
C ALA A 6 1.44 -12.13 -4.56
N CYS A 7 0.61 -11.23 -5.08
CA CYS A 7 -0.72 -10.97 -4.53
C CYS A 7 -1.76 -10.76 -5.62
N GLU A 8 -3.02 -10.86 -5.21
CA GLU A 8 -4.21 -10.59 -6.00
C GLU A 8 -5.09 -9.64 -5.17
N ARG A 9 -5.23 -9.92 -3.87
CA ARG A 9 -6.00 -9.10 -2.94
C ARG A 9 -5.40 -9.16 -1.54
N ASP A 10 -5.63 -8.10 -0.75
CA ASP A 10 -5.08 -7.90 0.59
C ASP A 10 -5.24 -9.11 1.49
N LEU A 11 -6.32 -9.88 1.31
CA LEU A 11 -6.61 -11.08 2.07
C LEU A 11 -5.40 -12.03 2.11
N GLN A 12 -4.63 -12.11 1.02
CA GLN A 12 -3.45 -12.97 0.93
C GLN A 12 -2.27 -12.39 1.70
N CYS A 13 -2.33 -11.09 2.03
CA CYS A 13 -1.28 -10.34 2.68
C CYS A 13 -1.58 -10.25 4.17
N GLY A 14 -2.51 -9.37 4.55
CA GLY A 14 -2.95 -9.20 5.92
C GLY A 14 -1.87 -8.68 6.87
N LYS A 15 -1.01 -9.59 7.30
CA LYS A 15 0.05 -9.36 8.29
C LYS A 15 0.91 -8.13 7.94
N GLY A 16 0.50 -6.97 8.47
CA GLY A 16 1.14 -5.68 8.27
C GLY A 16 1.42 -5.38 6.80
N THR A 17 0.59 -5.91 5.89
CA THR A 17 0.80 -5.76 4.46
C THR A 17 -0.54 -5.56 3.74
N CYS A 18 -0.47 -5.09 2.49
CA CYS A 18 -1.59 -4.97 1.58
C CYS A 18 -1.08 -5.39 0.20
N CYS A 19 -1.98 -5.73 -0.71
CA CYS A 19 -1.61 -6.12 -2.07
C CYS A 19 -1.32 -4.87 -2.90
N ALA A 20 -0.22 -4.82 -3.66
CA ALA A 20 0.06 -3.65 -4.49
C ALA A 20 0.99 -3.98 -5.64
N VAL A 21 0.89 -3.21 -6.73
CA VAL A 21 1.74 -3.33 -7.92
C VAL A 21 3.21 -3.46 -7.52
N SER A 22 3.98 -4.30 -8.22
CA SER A 22 5.39 -4.49 -7.91
C SER A 22 6.20 -3.25 -8.26
N LEU A 23 7.18 -2.97 -7.41
CA LEU A 23 8.16 -1.90 -7.59
C LEU A 23 9.26 -2.38 -8.56
N TRP A 24 9.30 -3.68 -8.84
CA TRP A 24 10.37 -4.34 -9.58
C TRP A 24 9.94 -4.63 -11.02
N ILE A 25 8.70 -5.09 -11.20
CA ILE A 25 8.12 -5.38 -12.51
C ILE A 25 6.61 -5.20 -12.42
N LYS A 26 6.11 -4.04 -12.84
CA LYS A 26 4.69 -3.66 -12.73
C LYS A 26 3.71 -4.72 -13.23
N SER A 27 4.13 -5.62 -14.12
CA SER A 27 3.30 -6.72 -14.60
C SER A 27 2.77 -7.57 -13.44
N VAL A 28 3.53 -7.65 -12.35
CA VAL A 28 3.23 -8.39 -11.15
C VAL A 28 2.81 -7.40 -10.04
N ARG A 29 2.04 -7.89 -9.06
CA ARG A 29 1.66 -7.17 -7.86
C ARG A 29 1.98 -8.10 -6.69
N VAL A 30 2.53 -7.55 -5.60
CA VAL A 30 3.03 -8.29 -4.44
C VAL A 30 2.46 -7.72 -3.14
N CYS A 31 2.46 -8.57 -2.11
CA CYS A 31 2.05 -8.19 -0.77
C CYS A 31 3.11 -7.26 -0.22
N THR A 32 2.81 -5.96 -0.26
CA THR A 32 3.71 -4.88 0.12
C THR A 32 3.37 -4.42 1.54
N PRO A 33 4.36 -4.07 2.39
CA PRO A 33 4.10 -3.59 3.74
C PRO A 33 3.16 -2.38 3.76
N VAL A 34 2.40 -2.22 4.85
CA VAL A 34 1.60 -1.00 5.01
C VAL A 34 2.54 0.21 5.04
N GLY A 35 2.08 1.35 4.54
CA GLY A 35 2.89 2.57 4.49
C GLY A 35 3.30 3.06 5.88
N THR A 36 4.39 3.81 5.97
CA THR A 36 4.82 4.43 7.22
C THR A 36 5.37 5.84 6.97
N SER A 37 5.90 6.44 8.04
CA SER A 37 6.44 7.79 8.12
C SER A 37 7.23 8.23 6.89
N GLY A 38 6.71 9.21 6.16
CA GLY A 38 7.37 9.82 5.01
C GLY A 38 7.22 9.03 3.71
N GLU A 39 6.72 7.80 3.75
CA GLU A 39 6.59 7.02 2.53
C GLU A 39 5.44 7.57 1.67
N ASP A 40 5.55 7.36 0.36
CA ASP A 40 4.52 7.77 -0.59
C ASP A 40 3.24 7.00 -0.28
N CYS A 41 2.07 7.64 -0.46
CA CYS A 41 0.79 7.06 -0.12
C CYS A 41 -0.27 7.44 -1.14
N HIS A 42 -1.34 6.65 -1.19
CA HIS A 42 -2.45 6.87 -2.10
C HIS A 42 -3.60 7.53 -1.35
N PRO A 43 -4.11 8.69 -1.79
CA PRO A 43 -5.21 9.35 -1.10
C PRO A 43 -6.48 8.49 -1.02
N ALA A 44 -6.61 7.46 -1.88
CA ALA A 44 -7.78 6.59 -1.88
C ALA A 44 -7.51 5.29 -1.12
N SER A 45 -6.51 5.28 -0.22
CA SER A 45 -6.13 4.15 0.63
C SER A 45 -7.30 3.24 0.99
N HIS A 46 -7.33 2.03 0.42
CA HIS A 46 -8.41 1.07 0.67
C HIS A 46 -8.49 0.67 2.14
N LYS A 47 -9.71 0.39 2.60
CA LYS A 47 -10.06 0.01 3.96
C LYS A 47 -9.69 -1.44 4.32
N ILE A 48 -8.47 -1.88 3.98
CA ILE A 48 -7.89 -3.22 4.16
C ILE A 48 -8.75 -4.18 4.99
N PRO A 49 -9.21 -5.32 4.45
CA PRO A 49 -8.82 -5.91 3.17
C PRO A 49 -9.73 -5.51 2.01
N PHE A 50 -9.13 -5.31 0.83
CA PHE A 50 -9.82 -5.04 -0.42
C PHE A 50 -9.69 -6.26 -1.34
N SER A 51 -10.83 -6.87 -1.69
CA SER A 51 -10.92 -8.05 -2.53
C SER A 51 -10.58 -7.78 -4.00
N GLY A 52 -10.78 -6.54 -4.47
CA GLY A 52 -10.52 -6.19 -5.84
C GLY A 52 -9.01 -6.16 -6.12
N GLN A 53 -8.63 -6.26 -7.40
CA GLN A 53 -7.23 -6.28 -7.80
C GLN A 53 -6.76 -4.83 -7.87
N ARG A 54 -6.56 -4.27 -6.67
CA ARG A 54 -6.17 -2.89 -6.47
C ARG A 54 -4.83 -2.60 -7.12
N MET A 55 -4.75 -1.46 -7.81
CA MET A 55 -3.53 -0.98 -8.42
C MET A 55 -2.79 -0.25 -7.29
N HIS A 56 -2.88 1.08 -7.27
CA HIS A 56 -2.29 2.01 -6.30
C HIS A 56 -0.77 2.04 -6.27
N HIS A 57 -0.11 0.89 -6.37
CA HIS A 57 1.33 0.69 -6.32
C HIS A 57 1.84 0.75 -4.88
N THR A 58 1.29 1.69 -4.13
CA THR A 58 1.56 1.92 -2.74
C THR A 58 0.43 1.28 -1.91
N CYS A 59 0.62 1.16 -0.61
CA CYS A 59 -0.35 0.57 0.31
C CYS A 59 -0.84 1.60 1.30
N PRO A 60 -2.04 1.39 1.90
CA PRO A 60 -2.52 2.22 2.98
C PRO A 60 -1.45 2.23 4.08
N CYS A 61 -1.35 3.35 4.80
CA CYS A 61 -0.33 3.52 5.81
C CYS A 61 -0.77 2.90 7.12
N ALA A 62 0.19 2.71 8.03
CA ALA A 62 -0.03 2.16 9.35
C ALA A 62 -1.16 2.94 10.03
N PRO A 63 -2.23 2.26 10.48
CA PRO A 63 -3.40 2.84 11.15
C PRO A 63 -3.05 3.81 12.29
N ASN A 64 -2.76 5.03 11.88
CA ASN A 64 -2.32 6.16 12.69
C ASN A 64 -1.92 7.30 11.76
N LEU A 65 -1.06 7.01 10.79
CA LEU A 65 -0.57 8.03 9.87
C LEU A 65 -1.66 8.43 8.86
N ALA A 66 -1.62 9.69 8.42
CA ALA A 66 -2.55 10.27 7.48
C ALA A 66 -1.84 10.55 6.17
N CYS A 67 -2.48 10.17 5.05
CA CYS A 67 -1.95 10.39 3.71
C CYS A 67 -2.21 11.83 3.29
N VAL A 68 -1.17 12.67 3.23
CA VAL A 68 -1.30 14.08 2.91
C VAL A 68 -0.38 14.48 1.76
N GLN A 69 -0.81 15.49 1.00
CA GLN A 69 -0.05 15.99 -0.13
C GLN A 69 1.06 16.91 0.34
N THR A 70 2.23 16.78 -0.28
CA THR A 70 3.38 17.65 -0.08
C THR A 70 3.35 18.65 -1.24
N SER A 71 2.97 18.17 -2.43
CA SER A 71 2.68 18.97 -3.62
C SER A 71 1.70 18.09 -4.42
N PRO A 72 1.05 18.62 -5.48
CA PRO A 72 0.14 17.83 -6.29
C PRO A 72 0.74 16.49 -6.69
N LYS A 73 -0.02 15.40 -6.56
CA LYS A 73 0.39 14.02 -6.84
C LYS A 73 1.31 13.47 -5.74
N LYS A 74 2.29 14.25 -5.30
CA LYS A 74 3.24 13.87 -4.27
C LYS A 74 2.55 13.75 -2.91
N PHE A 75 1.86 12.63 -2.69
CA PHE A 75 1.16 12.30 -1.46
C PHE A 75 2.05 11.38 -0.63
N LYS A 76 2.31 11.78 0.62
CA LYS A 76 3.13 11.04 1.56
C LYS A 76 2.43 10.94 2.91
N CYS A 77 2.79 9.93 3.70
CA CYS A 77 2.14 9.70 4.99
C CYS A 77 2.89 10.33 6.15
N LEU A 78 2.25 11.29 6.82
CA LEU A 78 2.76 11.93 8.00
C LEU A 78 1.89 11.50 9.17
N SER A 79 2.30 11.89 10.38
CA SER A 79 1.61 11.52 11.61
C SER A 79 0.37 12.38 11.88
N LYS A 80 -0.07 13.15 10.88
CA LYS A 80 -1.19 14.06 10.87
C LYS A 80 -1.29 14.49 9.39
N ALA A 1 6.15 -4.33 -1.56
CA ALA A 1 6.76 -3.83 -2.77
C ALA A 1 8.16 -4.41 -2.88
N VAL A 2 9.07 -3.99 -1.98
CA VAL A 2 10.43 -4.53 -1.93
C VAL A 2 10.36 -5.98 -1.47
N ILE A 3 9.44 -6.28 -0.55
CA ILE A 3 9.19 -7.63 -0.08
C ILE A 3 8.44 -8.33 -1.21
N THR A 4 9.11 -9.20 -1.97
CA THR A 4 8.54 -9.93 -3.09
C THR A 4 7.64 -11.08 -2.62
N GLY A 5 6.78 -10.83 -1.63
CA GLY A 5 5.86 -11.80 -1.09
C GLY A 5 4.66 -11.92 -2.02
N ALA A 6 4.90 -12.51 -3.19
CA ALA A 6 3.90 -12.72 -4.24
C ALA A 6 2.56 -13.15 -3.65
N CYS A 7 1.53 -12.32 -3.84
CA CYS A 7 0.21 -12.48 -3.25
C CYS A 7 -0.88 -12.07 -4.24
N GLU A 8 -2.09 -12.56 -4.03
CA GLU A 8 -3.26 -12.26 -4.84
C GLU A 8 -4.08 -11.19 -4.12
N ARG A 9 -4.29 -11.31 -2.81
CA ARG A 9 -5.05 -10.32 -2.02
C ARG A 9 -4.65 -10.30 -0.54
N ASP A 10 -4.73 -9.09 0.04
CA ASP A 10 -4.37 -8.70 1.41
C ASP A 10 -4.43 -9.84 2.43
N LEU A 11 -5.62 -10.44 2.51
CA LEU A 11 -5.98 -11.52 3.43
C LEU A 11 -4.86 -12.56 3.62
N GLN A 12 -4.18 -12.93 2.54
CA GLN A 12 -3.15 -13.94 2.57
C GLN A 12 -1.99 -13.60 3.51
N CYS A 13 -1.66 -12.31 3.69
CA CYS A 13 -0.60 -11.87 4.59
C CYS A 13 -1.19 -11.24 5.85
N GLY A 14 -2.31 -10.53 5.74
CA GLY A 14 -3.01 -9.97 6.89
C GLY A 14 -2.73 -8.48 7.08
N LYS A 15 -3.52 -7.87 7.97
CA LYS A 15 -3.63 -6.44 8.30
C LYS A 15 -2.33 -5.64 8.34
N GLY A 16 -1.23 -6.22 8.83
CA GLY A 16 0.05 -5.52 8.86
C GLY A 16 0.56 -5.18 7.46
N THR A 17 -0.03 -5.79 6.44
CA THR A 17 0.32 -5.62 5.05
C THR A 17 -0.96 -5.54 4.21
N CYS A 18 -0.77 -5.33 2.91
CA CYS A 18 -1.76 -5.35 1.87
C CYS A 18 -1.06 -6.02 0.69
N CYS A 19 -1.78 -6.44 -0.36
CA CYS A 19 -1.14 -7.05 -1.53
C CYS A 19 -1.24 -6.10 -2.72
N ALA A 20 -0.28 -5.18 -2.83
CA ALA A 20 -0.23 -4.17 -3.88
C ALA A 20 0.57 -4.70 -5.05
N VAL A 21 0.52 -4.04 -6.20
CA VAL A 21 1.24 -4.46 -7.40
C VAL A 21 2.74 -4.62 -7.12
N SER A 22 3.48 -5.32 -7.99
CA SER A 22 4.94 -5.44 -7.91
C SER A 22 5.59 -4.28 -8.68
N LEU A 23 6.58 -3.60 -8.09
CA LEU A 23 7.35 -2.55 -8.75
C LEU A 23 8.21 -3.15 -9.87
N TRP A 24 8.42 -4.47 -9.85
CA TRP A 24 9.42 -5.13 -10.68
C TRP A 24 8.77 -5.73 -11.93
N ILE A 25 7.60 -6.34 -11.77
CA ILE A 25 6.82 -6.84 -12.87
C ILE A 25 5.35 -6.79 -12.45
N LYS A 26 4.64 -5.80 -12.97
CA LYS A 26 3.27 -5.45 -12.61
C LYS A 26 2.25 -6.58 -12.83
N SER A 27 2.66 -7.70 -13.42
CA SER A 27 1.80 -8.86 -13.62
C SER A 27 1.38 -9.44 -12.26
N VAL A 28 2.27 -9.37 -11.26
CA VAL A 28 2.03 -9.89 -9.92
C VAL A 28 1.85 -8.75 -8.91
N ARG A 29 1.23 -9.10 -7.78
CA ARG A 29 1.08 -8.25 -6.63
C ARG A 29 1.88 -8.92 -5.50
N VAL A 30 2.39 -8.15 -4.53
CA VAL A 30 3.23 -8.63 -3.44
C VAL A 30 2.78 -8.00 -2.12
N CYS A 31 2.97 -8.73 -1.03
CA CYS A 31 2.64 -8.29 0.32
C CYS A 31 3.48 -7.07 0.69
N THR A 32 2.88 -5.90 0.56
CA THR A 32 3.47 -4.59 0.84
C THR A 32 2.98 -4.18 2.24
N PRO A 33 3.85 -3.63 3.09
CA PRO A 33 3.44 -3.19 4.42
C PRO A 33 2.44 -2.04 4.30
N VAL A 34 1.57 -1.87 5.30
CA VAL A 34 0.68 -0.69 5.31
C VAL A 34 1.55 0.57 5.22
N GLY A 35 1.01 1.64 4.63
CA GLY A 35 1.74 2.88 4.43
C GLY A 35 2.23 3.47 5.75
N THR A 36 3.50 3.21 6.08
CA THR A 36 4.13 3.64 7.32
C THR A 36 4.93 4.91 7.01
N SER A 37 5.34 5.64 8.04
CA SER A 37 6.09 6.89 7.97
C SER A 37 7.08 6.95 6.80
N GLY A 38 6.75 7.69 5.74
CA GLY A 38 7.64 7.85 4.59
C GLY A 38 7.13 7.16 3.32
N GLU A 39 6.30 6.12 3.45
CA GLU A 39 5.77 5.42 2.29
C GLU A 39 4.86 6.34 1.48
N ASP A 40 4.91 6.22 0.14
CA ASP A 40 4.06 6.98 -0.75
C ASP A 40 2.65 6.41 -0.68
N CYS A 41 1.63 7.22 -0.92
CA CYS A 41 0.23 6.79 -0.89
C CYS A 41 -0.57 7.45 -1.99
N HIS A 42 -1.68 6.78 -2.26
CA HIS A 42 -2.70 7.20 -3.19
C HIS A 42 -3.87 7.65 -2.33
N PRO A 43 -4.46 8.84 -2.54
CA PRO A 43 -5.57 9.29 -1.72
C PRO A 43 -6.74 8.30 -1.76
N ALA A 44 -6.88 7.52 -2.84
CA ALA A 44 -7.92 6.52 -2.99
C ALA A 44 -7.41 5.10 -2.69
N SER A 45 -6.30 4.94 -1.96
CA SER A 45 -5.80 3.62 -1.60
C SER A 45 -6.91 2.79 -0.96
N HIS A 46 -7.30 1.67 -1.60
CA HIS A 46 -8.40 0.85 -1.12
C HIS A 46 -8.16 0.39 0.31
N LYS A 47 -9.21 0.42 1.13
CA LYS A 47 -9.12 -0.03 2.51
C LYS A 47 -8.74 -1.51 2.56
N ILE A 48 -8.39 -2.01 3.76
CA ILE A 48 -8.00 -3.40 3.98
C ILE A 48 -9.18 -4.06 4.70
N PRO A 49 -9.59 -5.29 4.34
CA PRO A 49 -9.02 -6.14 3.31
C PRO A 49 -9.67 -5.85 1.96
N PHE A 50 -8.89 -5.70 0.90
CA PHE A 50 -9.44 -5.45 -0.43
C PHE A 50 -9.47 -6.77 -1.20
N SER A 51 -10.56 -7.51 -1.06
CA SER A 51 -10.79 -8.78 -1.75
C SER A 51 -11.07 -8.53 -3.24
N GLY A 52 -10.08 -7.99 -3.94
CA GLY A 52 -10.12 -7.67 -5.35
C GLY A 52 -8.67 -7.58 -5.83
N GLN A 53 -8.38 -6.69 -6.78
CA GLN A 53 -7.03 -6.49 -7.32
C GLN A 53 -6.68 -5.01 -7.15
N ARG A 54 -5.70 -4.73 -6.27
CA ARG A 54 -5.26 -3.39 -5.99
C ARG A 54 -4.60 -2.77 -7.22
N MET A 55 -5.37 -2.02 -8.01
CA MET A 55 -4.87 -1.32 -9.18
C MET A 55 -3.76 -0.32 -8.83
N HIS A 56 -3.88 0.34 -7.68
CA HIS A 56 -2.91 1.34 -7.26
C HIS A 56 -1.59 0.67 -6.82
N HIS A 57 -0.47 1.32 -7.10
CA HIS A 57 0.86 0.79 -6.76
C HIS A 57 1.31 1.25 -5.36
N THR A 58 0.36 1.60 -4.49
CA THR A 58 0.61 2.02 -3.13
C THR A 58 -0.51 1.43 -2.26
N CYS A 59 -0.42 1.59 -0.94
CA CYS A 59 -1.44 1.10 -0.02
C CYS A 59 -1.81 2.12 1.04
N PRO A 60 -2.93 1.91 1.75
CA PRO A 60 -3.43 2.89 2.69
C PRO A 60 -2.46 3.05 3.85
N CYS A 61 -2.44 4.27 4.41
CA CYS A 61 -1.56 4.61 5.51
C CYS A 61 -1.96 3.84 6.77
N ALA A 62 -0.97 3.34 7.52
CA ALA A 62 -1.20 2.57 8.73
C ALA A 62 -2.06 3.36 9.74
N PRO A 63 -2.90 2.69 10.55
CA PRO A 63 -3.80 3.29 11.54
C PRO A 63 -3.22 4.36 12.47
N ASN A 64 -3.08 5.56 11.93
CA ASN A 64 -2.63 6.82 12.53
C ASN A 64 -2.10 7.74 11.44
N LEU A 65 -1.24 7.18 10.57
CA LEU A 65 -0.59 7.92 9.52
C LEU A 65 -1.64 8.50 8.57
N ALA A 66 -1.44 9.74 8.11
CA ALA A 66 -2.30 10.45 7.18
C ALA A 66 -1.59 10.59 5.85
N CYS A 67 -2.32 10.42 4.75
CA CYS A 67 -1.78 10.57 3.40
C CYS A 67 -1.72 12.06 3.06
N VAL A 68 -0.61 12.71 3.43
CA VAL A 68 -0.44 14.15 3.29
C VAL A 68 0.39 14.50 2.05
N GLN A 69 0.07 15.66 1.51
CA GLN A 69 0.61 16.21 0.28
C GLN A 69 1.91 16.92 0.60
N THR A 70 3.03 16.45 0.05
CA THR A 70 4.33 17.09 0.24
C THR A 70 4.63 17.97 -0.98
N SER A 71 4.18 17.54 -2.16
CA SER A 71 4.24 18.26 -3.42
C SER A 71 3.21 17.60 -4.33
N PRO A 72 2.88 18.15 -5.51
CA PRO A 72 1.99 17.51 -6.45
C PRO A 72 2.49 16.08 -6.71
N LYS A 73 1.58 15.09 -6.73
CA LYS A 73 1.88 13.67 -6.89
C LYS A 73 2.55 13.07 -5.64
N LYS A 74 3.48 13.78 -5.01
CA LYS A 74 4.18 13.36 -3.82
C LYS A 74 3.24 13.36 -2.60
N PHE A 75 2.40 12.34 -2.53
CA PHE A 75 1.46 12.08 -1.45
C PHE A 75 2.14 11.02 -0.58
N LYS A 76 2.43 11.37 0.68
CA LYS A 76 3.20 10.54 1.60
C LYS A 76 2.47 10.29 2.91
N CYS A 77 2.68 9.12 3.50
CA CYS A 77 2.11 8.73 4.78
C CYS A 77 3.00 9.27 5.89
N LEU A 78 2.53 10.24 6.67
CA LEU A 78 3.22 10.79 7.81
C LEU A 78 2.29 10.78 9.01
N SER A 79 2.87 10.96 10.20
CA SER A 79 2.18 10.90 11.47
C SER A 79 1.29 12.12 11.75
N LYS A 80 0.45 12.00 12.77
CA LYS A 80 -0.47 13.00 13.26
C LYS A 80 -0.98 12.44 14.61
N ALA A 1 2.40 -16.47 -3.23
CA ALA A 1 3.77 -16.74 -2.82
C ALA A 1 4.23 -15.67 -1.82
N VAL A 2 3.52 -15.57 -0.70
CA VAL A 2 3.78 -14.63 0.39
C VAL A 2 5.26 -14.67 0.78
N ILE A 3 5.82 -15.88 0.90
CA ILE A 3 7.20 -16.14 1.25
C ILE A 3 8.21 -15.57 0.24
N THR A 4 7.73 -14.95 -0.84
CA THR A 4 8.55 -14.27 -1.84
C THR A 4 7.81 -13.00 -2.28
N GLY A 5 7.09 -12.36 -1.34
CA GLY A 5 6.41 -11.10 -1.55
C GLY A 5 5.11 -11.22 -2.36
N ALA A 6 5.21 -11.76 -3.58
CA ALA A 6 4.11 -11.91 -4.54
C ALA A 6 2.86 -12.47 -3.89
N CYS A 7 1.76 -11.71 -3.90
CA CYS A 7 0.49 -12.08 -3.29
C CYS A 7 -0.65 -11.63 -4.19
N GLU A 8 -1.82 -12.22 -3.95
CA GLU A 8 -3.04 -11.97 -4.70
C GLU A 8 -3.97 -11.05 -3.91
N ARG A 9 -4.12 -11.28 -2.59
CA ARG A 9 -5.01 -10.48 -1.75
C ARG A 9 -4.35 -10.15 -0.41
N ASP A 10 -4.60 -8.93 0.11
CA ASP A 10 -4.08 -8.42 1.37
C ASP A 10 -4.15 -9.47 2.48
N LEU A 11 -5.28 -10.19 2.54
CA LEU A 11 -5.58 -11.24 3.49
C LEU A 11 -4.41 -12.21 3.66
N GLN A 12 -3.74 -12.55 2.56
CA GLN A 12 -2.62 -13.48 2.55
C GLN A 12 -1.39 -12.92 3.28
N CYS A 13 -1.32 -11.60 3.44
CA CYS A 13 -0.22 -10.90 4.10
C CYS A 13 -0.62 -10.60 5.53
N GLY A 14 -1.78 -9.94 5.70
CA GLY A 14 -2.36 -9.62 6.99
C GLY A 14 -2.29 -8.13 7.31
N LYS A 15 -3.11 -7.72 8.29
CA LYS A 15 -3.22 -6.36 8.80
C LYS A 15 -1.83 -5.90 9.25
N GLY A 16 -1.26 -5.00 8.47
CA GLY A 16 0.10 -4.50 8.62
C GLY A 16 0.75 -4.41 7.23
N THR A 17 0.20 -5.14 6.26
CA THR A 17 0.67 -5.17 4.89
C THR A 17 -0.54 -5.21 3.94
N CYS A 18 -0.34 -4.86 2.68
CA CYS A 18 -1.34 -4.95 1.62
C CYS A 18 -0.66 -5.42 0.33
N CYS A 19 -1.42 -6.00 -0.59
CA CYS A 19 -0.89 -6.51 -1.86
C CYS A 19 -0.81 -5.39 -2.89
N ALA A 20 0.20 -4.52 -2.79
CA ALA A 20 0.34 -3.40 -3.72
C ALA A 20 1.21 -3.82 -4.91
N VAL A 21 1.00 -3.20 -6.07
CA VAL A 21 1.76 -3.50 -7.29
C VAL A 21 3.26 -3.48 -7.01
N SER A 22 4.01 -4.42 -7.60
CA SER A 22 5.45 -4.47 -7.42
C SER A 22 6.09 -3.18 -7.95
N LEU A 23 7.11 -2.71 -7.25
CA LEU A 23 7.87 -1.53 -7.62
C LEU A 23 8.82 -1.84 -8.79
N TRP A 24 8.98 -3.13 -9.14
CA TRP A 24 9.94 -3.57 -10.15
C TRP A 24 9.26 -4.19 -11.37
N ILE A 25 8.09 -4.83 -11.21
CA ILE A 25 7.39 -5.46 -12.30
C ILE A 25 5.87 -5.39 -12.07
N LYS A 26 5.21 -4.48 -12.79
CA LYS A 26 3.77 -4.24 -12.75
C LYS A 26 2.95 -5.54 -12.87
N SER A 27 3.52 -6.58 -13.47
CA SER A 27 2.84 -7.85 -13.68
C SER A 27 2.45 -8.56 -12.37
N VAL A 28 3.05 -8.18 -11.24
CA VAL A 28 2.75 -8.77 -9.93
C VAL A 28 2.53 -7.68 -8.88
N ARG A 29 1.87 -8.05 -7.79
CA ARG A 29 1.67 -7.20 -6.62
C ARG A 29 2.18 -8.00 -5.41
N VAL A 30 2.85 -7.33 -4.47
CA VAL A 30 3.54 -7.94 -3.36
C VAL A 30 3.07 -7.39 -2.01
N CYS A 31 3.26 -8.19 -0.96
CA CYS A 31 2.94 -7.83 0.43
C CYS A 31 3.80 -6.64 0.84
N THR A 32 3.29 -5.44 0.62
CA THR A 32 3.96 -4.18 0.91
C THR A 32 3.42 -3.68 2.26
N PRO A 33 4.27 -3.23 3.20
CA PRO A 33 3.79 -2.69 4.46
C PRO A 33 2.80 -1.55 4.27
N VAL A 34 1.92 -1.32 5.25
CA VAL A 34 1.08 -0.13 5.24
C VAL A 34 2.02 1.09 5.15
N GLY A 35 1.56 2.17 4.51
CA GLY A 35 2.39 3.34 4.26
C GLY A 35 2.90 4.00 5.54
N THR A 36 4.23 4.05 5.72
CA THR A 36 4.89 4.64 6.87
C THR A 36 5.37 6.05 6.52
N SER A 37 5.87 6.78 7.52
CA SER A 37 6.34 8.16 7.43
C SER A 37 7.12 8.46 6.14
N GLY A 38 6.52 9.24 5.24
CA GLY A 38 7.17 9.68 4.01
C GLY A 38 6.97 8.75 2.82
N GLU A 39 6.40 7.55 3.01
CA GLU A 39 6.14 6.66 1.89
C GLU A 39 5.08 7.29 0.98
N ASP A 40 5.25 7.15 -0.33
CA ASP A 40 4.31 7.66 -1.32
C ASP A 40 2.98 6.93 -1.16
N CYS A 41 1.87 7.62 -1.42
CA CYS A 41 0.54 7.06 -1.24
C CYS A 41 -0.44 7.58 -2.27
N HIS A 42 -1.44 6.76 -2.59
CA HIS A 42 -2.53 7.10 -3.49
C HIS A 42 -3.69 7.49 -2.57
N PRO A 43 -4.31 8.67 -2.75
CA PRO A 43 -5.39 9.12 -1.88
C PRO A 43 -6.55 8.13 -1.83
N ALA A 44 -6.73 7.31 -2.87
CA ALA A 44 -7.79 6.32 -2.94
C ALA A 44 -7.29 4.89 -2.62
N SER A 45 -6.13 4.74 -1.97
CA SER A 45 -5.63 3.43 -1.57
C SER A 45 -6.74 2.64 -0.87
N HIS A 46 -7.17 1.51 -1.46
CA HIS A 46 -8.29 0.73 -0.92
C HIS A 46 -8.01 0.34 0.52
N LYS A 47 -9.05 0.34 1.35
CA LYS A 47 -8.92 0.01 2.77
C LYS A 47 -8.33 -1.39 3.00
N ILE A 48 -7.90 -1.66 4.23
CA ILE A 48 -7.36 -2.95 4.64
C ILE A 48 -8.49 -3.78 5.24
N PRO A 49 -8.62 -5.09 4.94
CA PRO A 49 -7.94 -5.85 3.92
C PRO A 49 -8.75 -5.80 2.61
N PHE A 50 -8.10 -5.60 1.47
CA PHE A 50 -8.75 -5.55 0.16
C PHE A 50 -8.58 -6.89 -0.55
N SER A 51 -9.71 -7.52 -0.89
CA SER A 51 -9.78 -8.77 -1.63
C SER A 51 -9.50 -8.55 -3.12
N GLY A 52 -9.96 -7.44 -3.67
CA GLY A 52 -9.79 -7.12 -5.07
C GLY A 52 -8.31 -6.89 -5.42
N GLN A 53 -8.02 -6.79 -6.72
CA GLN A 53 -6.68 -6.54 -7.19
C GLN A 53 -6.36 -5.05 -7.06
N ARG A 54 -5.40 -4.72 -6.19
CA ARG A 54 -4.99 -3.34 -5.98
C ARG A 54 -4.29 -2.81 -7.22
N MET A 55 -5.05 -2.16 -8.10
CA MET A 55 -4.48 -1.46 -9.25
C MET A 55 -3.50 -0.41 -8.75
N HIS A 56 -3.81 0.21 -7.61
CA HIS A 56 -2.98 1.23 -6.98
C HIS A 56 -1.66 0.63 -6.48
N HIS A 57 -0.60 1.39 -6.67
CA HIS A 57 0.76 1.03 -6.30
C HIS A 57 1.06 1.13 -4.81
N THR A 58 0.13 1.61 -4.01
CA THR A 58 0.41 1.94 -2.63
C THR A 58 -0.63 1.35 -1.68
N CYS A 59 -0.22 1.15 -0.44
CA CYS A 59 -1.09 0.65 0.61
C CYS A 59 -1.53 1.85 1.43
N PRO A 60 -2.70 1.78 2.08
CA PRO A 60 -3.14 2.83 2.98
C PRO A 60 -2.06 3.12 4.03
N CYS A 61 -2.05 4.35 4.51
CA CYS A 61 -1.08 4.74 5.51
C CYS A 61 -1.34 3.98 6.80
N ALA A 62 -0.28 3.67 7.56
CA ALA A 62 -0.41 2.96 8.82
C ALA A 62 -1.32 3.75 9.76
N PRO A 63 -2.02 3.08 10.70
CA PRO A 63 -2.98 3.69 11.62
C PRO A 63 -2.72 5.14 12.06
N ASN A 64 -1.53 5.46 12.58
CA ASN A 64 -1.23 6.83 13.04
C ASN A 64 -0.65 7.71 11.93
N LEU A 65 -1.00 7.47 10.67
CA LEU A 65 -0.60 8.29 9.54
C LEU A 65 -1.77 8.47 8.57
N ALA A 66 -1.70 9.49 7.71
CA ALA A 66 -2.71 9.81 6.71
C ALA A 66 -2.01 10.24 5.41
N CYS A 67 -2.65 9.98 4.27
CA CYS A 67 -2.12 10.31 2.96
C CYS A 67 -2.38 11.77 2.66
N VAL A 68 -1.34 12.62 2.61
CA VAL A 68 -1.51 14.06 2.41
C VAL A 68 -0.50 14.58 1.39
N GLN A 69 -0.83 15.70 0.74
CA GLN A 69 0.05 16.39 -0.18
C GLN A 69 1.25 16.94 0.59
N THR A 70 2.46 16.62 0.12
CA THR A 70 3.70 17.15 0.67
C THR A 70 4.17 18.32 -0.19
N SER A 71 3.85 18.28 -1.48
CA SER A 71 4.02 19.34 -2.45
C SER A 71 3.02 18.99 -3.56
N PRO A 72 2.82 19.84 -4.58
CA PRO A 72 1.88 19.57 -5.65
C PRO A 72 2.04 18.15 -6.21
N LYS A 73 0.94 17.39 -6.25
CA LYS A 73 0.84 16.01 -6.72
C LYS A 73 1.44 15.02 -5.71
N LYS A 74 2.65 15.26 -5.23
CA LYS A 74 3.36 14.41 -4.28
C LYS A 74 2.54 14.10 -3.02
N PHE A 75 1.85 12.96 -3.02
CA PHE A 75 1.05 12.48 -1.90
C PHE A 75 1.91 11.49 -1.12
N LYS A 76 2.12 11.77 0.17
CA LYS A 76 2.89 10.89 1.05
C LYS A 76 2.17 10.70 2.37
N CYS A 77 2.55 9.64 3.08
CA CYS A 77 1.97 9.30 4.37
C CYS A 77 2.62 10.17 5.45
N LEU A 78 1.85 11.09 6.01
CA LEU A 78 2.27 11.99 7.08
C LEU A 78 1.59 11.61 8.38
N SER A 79 2.16 12.13 9.47
CA SER A 79 1.78 11.87 10.85
C SER A 79 0.38 12.36 11.22
N LYS A 80 -0.04 12.02 12.45
CA LYS A 80 -1.26 12.44 13.11
C LYS A 80 -0.89 12.46 14.60
N ALA A 1 1.45 -17.00 -7.11
CA ALA A 1 0.95 -15.70 -6.68
C ALA A 1 0.24 -15.83 -5.32
N VAL A 2 -0.56 -16.89 -5.16
CA VAL A 2 -1.33 -17.15 -3.96
C VAL A 2 -0.46 -17.15 -2.70
N ILE A 3 0.75 -17.72 -2.80
CA ILE A 3 1.72 -17.85 -1.72
C ILE A 3 1.94 -16.51 -1.00
N THR A 4 1.53 -16.45 0.27
CA THR A 4 1.60 -15.30 1.15
C THR A 4 3.01 -14.70 1.14
N GLY A 5 3.20 -13.68 0.31
CA GLY A 5 4.46 -12.99 0.06
C GLY A 5 4.23 -12.32 -1.28
N ALA A 6 3.90 -13.15 -2.28
CA ALA A 6 3.34 -12.67 -3.52
C ALA A 6 1.86 -12.44 -3.18
N CYS A 7 1.18 -11.52 -3.86
CA CYS A 7 -0.20 -11.25 -3.50
C CYS A 7 -1.14 -10.95 -4.67
N GLU A 8 -2.42 -10.80 -4.33
CA GLU A 8 -3.54 -10.35 -5.14
C GLU A 8 -4.41 -9.43 -4.27
N ARG A 9 -4.70 -9.89 -3.04
CA ARG A 9 -5.45 -9.16 -2.02
C ARG A 9 -4.68 -9.14 -0.70
N ASP A 10 -4.94 -8.11 0.10
CA ASP A 10 -4.27 -7.83 1.38
C ASP A 10 -4.39 -8.98 2.37
N LEU A 11 -5.46 -9.77 2.27
CA LEU A 11 -5.72 -10.92 3.13
C LEU A 11 -4.52 -11.88 3.14
N GLN A 12 -3.77 -11.96 2.04
CA GLN A 12 -2.59 -12.81 1.94
C GLN A 12 -1.38 -12.24 2.69
N CYS A 13 -1.54 -11.06 3.33
CA CYS A 13 -0.48 -10.31 3.97
C CYS A 13 -0.89 -9.95 5.39
N GLY A 14 -1.80 -8.98 5.54
CA GLY A 14 -2.34 -8.54 6.82
C GLY A 14 -1.33 -7.94 7.79
N LYS A 15 -0.55 -8.81 8.40
CA LYS A 15 0.45 -8.53 9.44
C LYS A 15 1.31 -7.31 9.08
N GLY A 16 0.89 -6.13 9.56
CA GLY A 16 1.52 -4.85 9.30
C GLY A 16 1.81 -4.62 7.81
N THR A 17 1.05 -5.27 6.93
CA THR A 17 1.26 -5.22 5.51
C THR A 17 -0.08 -5.18 4.78
N CYS A 18 -0.04 -4.83 3.51
CA CYS A 18 -1.17 -4.89 2.60
C CYS A 18 -0.60 -5.39 1.27
N CYS A 19 -1.44 -5.82 0.33
CA CYS A 19 -0.95 -6.30 -0.95
C CYS A 19 -0.76 -5.11 -1.88
N ALA A 20 0.35 -5.02 -2.62
CA ALA A 20 0.51 -3.92 -3.57
C ALA A 20 1.46 -4.29 -4.69
N VAL A 21 1.32 -3.60 -5.83
CA VAL A 21 2.18 -3.75 -6.98
C VAL A 21 3.64 -3.55 -6.55
N SER A 22 4.57 -4.33 -7.09
CA SER A 22 5.98 -4.18 -6.74
C SER A 22 6.46 -2.80 -7.19
N LEU A 23 7.22 -2.13 -6.33
CA LEU A 23 7.81 -0.84 -6.65
C LEU A 23 8.99 -1.04 -7.62
N TRP A 24 9.49 -2.27 -7.77
CA TRP A 24 10.69 -2.57 -8.54
C TRP A 24 10.33 -3.22 -9.88
N ILE A 25 9.61 -4.35 -9.86
CA ILE A 25 9.19 -5.06 -11.06
C ILE A 25 7.66 -5.04 -11.07
N LYS A 26 7.11 -3.94 -11.59
CA LYS A 26 5.69 -3.63 -11.62
C LYS A 26 4.79 -4.76 -12.15
N SER A 27 5.35 -5.73 -12.87
CA SER A 27 4.61 -6.88 -13.35
C SER A 27 4.10 -7.75 -12.20
N VAL A 28 4.84 -7.77 -11.08
CA VAL A 28 4.56 -8.54 -9.88
C VAL A 28 3.93 -7.63 -8.83
N ARG A 29 3.22 -8.22 -7.86
CA ARG A 29 2.61 -7.51 -6.72
C ARG A 29 2.87 -8.36 -5.47
N VAL A 30 3.30 -7.72 -4.38
CA VAL A 30 3.74 -8.39 -3.17
C VAL A 30 3.19 -7.75 -1.90
N CYS A 31 3.35 -8.47 -0.79
CA CYS A 31 2.98 -8.02 0.54
C CYS A 31 3.89 -6.84 0.90
N THR A 32 3.36 -5.64 0.77
CA THR A 32 4.04 -4.39 0.97
C THR A 32 3.68 -3.85 2.37
N PRO A 33 4.64 -3.39 3.18
CA PRO A 33 4.35 -2.83 4.50
C PRO A 33 3.38 -1.65 4.43
N VAL A 34 2.66 -1.38 5.52
CA VAL A 34 1.86 -0.16 5.59
C VAL A 34 2.84 1.03 5.44
N GLY A 35 2.39 2.09 4.77
CA GLY A 35 3.21 3.27 4.54
C GLY A 35 3.49 4.01 5.85
N THR A 36 4.58 4.77 5.92
CA THR A 36 4.93 5.57 7.10
C THR A 36 5.40 6.97 6.66
N SER A 37 5.84 7.76 7.64
CA SER A 37 6.25 9.15 7.51
C SER A 37 7.06 9.45 6.24
N GLY A 38 6.52 10.30 5.37
CA GLY A 38 7.17 10.78 4.17
C GLY A 38 7.00 9.87 2.96
N GLU A 39 6.51 8.64 3.13
CA GLU A 39 6.37 7.74 1.98
C GLU A 39 5.18 8.16 1.13
N ASP A 40 5.28 7.91 -0.18
CA ASP A 40 4.23 8.22 -1.14
C ASP A 40 2.98 7.39 -0.84
N CYS A 41 1.81 7.93 -1.18
CA CYS A 41 0.53 7.30 -0.89
C CYS A 41 -0.51 7.74 -1.92
N HIS A 42 -1.53 6.90 -2.11
CA HIS A 42 -2.67 7.19 -2.97
C HIS A 42 -3.76 7.67 -2.01
N PRO A 43 -4.42 8.81 -2.26
CA PRO A 43 -5.43 9.34 -1.36
C PRO A 43 -6.53 8.32 -1.07
N ALA A 44 -6.80 7.40 -2.01
CA ALA A 44 -7.80 6.35 -1.86
C ALA A 44 -7.17 4.98 -1.67
N SER A 45 -5.90 4.86 -1.26
CA SER A 45 -5.19 3.59 -1.07
C SER A 45 -6.13 2.52 -0.50
N HIS A 46 -6.52 1.55 -1.35
CA HIS A 46 -7.41 0.45 -1.00
C HIS A 46 -7.18 -0.03 0.45
N LYS A 47 -8.24 -0.01 1.25
CA LYS A 47 -8.16 -0.43 2.65
C LYS A 47 -8.26 -1.94 2.77
N ILE A 48 -7.61 -2.46 3.81
CA ILE A 48 -7.56 -3.88 4.10
C ILE A 48 -8.94 -4.32 4.62
N PRO A 49 -9.45 -5.51 4.25
CA PRO A 49 -8.95 -6.42 3.23
C PRO A 49 -9.63 -6.11 1.90
N PHE A 50 -8.87 -5.85 0.83
CA PHE A 50 -9.51 -5.56 -0.45
C PHE A 50 -9.52 -6.83 -1.29
N SER A 51 -10.52 -7.69 -1.02
CA SER A 51 -10.70 -8.98 -1.67
C SER A 51 -11.11 -8.84 -3.14
N GLY A 52 -10.20 -8.33 -3.96
CA GLY A 52 -10.40 -8.13 -5.38
C GLY A 52 -9.05 -8.17 -6.09
N GLN A 53 -8.60 -6.99 -6.51
CA GLN A 53 -7.33 -6.76 -7.16
C GLN A 53 -6.72 -5.51 -6.55
N ARG A 54 -5.71 -5.66 -5.69
CA ARG A 54 -5.07 -4.51 -5.07
C ARG A 54 -4.24 -3.76 -6.10
N MET A 55 -4.91 -2.93 -6.91
CA MET A 55 -4.32 -2.17 -7.99
C MET A 55 -3.52 -0.97 -7.48
N HIS A 56 -4.01 -0.26 -6.45
CA HIS A 56 -3.27 0.91 -5.96
C HIS A 56 -1.89 0.48 -5.50
N HIS A 57 -0.87 1.05 -6.15
CA HIS A 57 0.55 0.76 -5.95
C HIS A 57 0.98 0.95 -4.50
N THR A 58 0.30 1.85 -3.79
CA THR A 58 0.63 2.17 -2.42
C THR A 58 -0.30 1.39 -1.50
N CYS A 59 0.11 1.22 -0.25
CA CYS A 59 -0.65 0.57 0.78
C CYS A 59 -1.24 1.68 1.63
N PRO A 60 -2.20 1.35 2.50
CA PRO A 60 -2.64 2.28 3.52
C PRO A 60 -1.41 2.63 4.36
N CYS A 61 -1.50 3.73 5.10
CA CYS A 61 -0.41 4.17 5.95
C CYS A 61 -0.69 3.71 7.37
N ALA A 62 0.35 3.68 8.21
CA ALA A 62 0.21 3.29 9.59
C ALA A 62 -0.94 4.09 10.20
N PRO A 63 -1.89 3.42 10.87
CA PRO A 63 -3.16 3.98 11.35
C PRO A 63 -2.95 5.11 12.36
N ASN A 64 -2.64 6.28 11.81
CA ASN A 64 -2.36 7.55 12.47
C ASN A 64 -2.00 8.61 11.42
N LEU A 65 -1.09 8.28 10.48
CA LEU A 65 -0.63 9.22 9.47
C LEU A 65 -1.75 9.66 8.52
N ALA A 66 -1.56 10.82 7.89
CA ALA A 66 -2.50 11.41 6.94
C ALA A 66 -1.88 11.48 5.55
N CYS A 67 -2.53 10.88 4.55
CA CYS A 67 -2.10 10.91 3.15
C CYS A 67 -2.51 12.25 2.55
N VAL A 68 -1.57 13.20 2.42
CA VAL A 68 -1.84 14.54 1.96
C VAL A 68 -0.97 14.90 0.75
N GLN A 69 -1.45 15.79 -0.11
CA GLN A 69 -0.69 16.25 -1.24
C GLN A 69 0.42 17.18 -0.75
N THR A 70 1.59 17.08 -1.37
CA THR A 70 2.73 17.95 -1.09
C THR A 70 2.68 19.01 -2.19
N SER A 71 2.86 18.54 -3.41
CA SER A 71 2.71 19.27 -4.65
C SER A 71 1.59 18.55 -5.42
N PRO A 72 1.07 19.12 -6.52
CA PRO A 72 0.03 18.48 -7.32
C PRO A 72 0.34 17.01 -7.61
N LYS A 73 -0.64 16.12 -7.39
CA LYS A 73 -0.56 14.67 -7.60
C LYS A 73 0.34 13.95 -6.59
N LYS A 74 1.48 14.53 -6.23
CA LYS A 74 2.43 13.95 -5.29
C LYS A 74 1.85 13.93 -3.88
N PHE A 75 1.20 12.81 -3.55
CA PHE A 75 0.57 12.56 -2.26
C PHE A 75 1.53 11.72 -1.42
N LYS A 76 1.79 12.17 -0.19
CA LYS A 76 2.67 11.51 0.77
C LYS A 76 2.00 11.46 2.14
N CYS A 77 2.39 10.48 2.94
CA CYS A 77 1.83 10.27 4.27
C CYS A 77 2.63 11.05 5.29
N LEU A 78 2.03 12.11 5.85
CA LEU A 78 2.67 12.90 6.88
C LEU A 78 2.16 12.48 8.25
N SER A 79 3.04 12.61 9.24
CA SER A 79 2.81 12.22 10.61
C SER A 79 1.70 13.04 11.27
N LYS A 80 1.26 12.58 12.45
CA LYS A 80 0.24 13.14 13.29
C LYS A 80 0.60 12.63 14.69
N ALA A 1 1.65 -12.07 4.70
CA ALA A 1 2.69 -11.76 3.75
C ALA A 1 3.92 -12.67 4.04
N VAL A 2 5.06 -12.06 4.38
CA VAL A 2 6.32 -12.74 4.70
C VAL A 2 6.71 -13.72 3.59
N ILE A 3 6.29 -14.98 3.70
CA ILE A 3 6.55 -15.99 2.68
C ILE A 3 5.77 -15.63 1.41
N THR A 4 4.52 -15.18 1.58
CA THR A 4 3.66 -14.78 0.48
C THR A 4 4.08 -13.37 0.04
N GLY A 5 5.27 -13.26 -0.55
CA GLY A 5 5.78 -11.99 -1.05
C GLY A 5 4.90 -11.53 -2.22
N ALA A 6 4.74 -12.40 -3.22
CA ALA A 6 3.91 -12.14 -4.38
C ALA A 6 2.45 -12.36 -4.00
N CYS A 7 1.57 -11.47 -4.46
CA CYS A 7 0.14 -11.47 -4.18
C CYS A 7 -0.65 -11.08 -5.42
N GLU A 8 -1.98 -11.10 -5.26
CA GLU A 8 -3.00 -10.73 -6.21
C GLU A 8 -3.82 -9.62 -5.55
N ARG A 9 -4.21 -9.83 -4.29
CA ARG A 9 -4.93 -8.86 -3.47
C ARG A 9 -4.55 -8.99 -2.00
N ASP A 10 -4.93 -7.98 -1.21
CA ASP A 10 -4.60 -7.83 0.20
C ASP A 10 -4.86 -9.09 1.02
N LEU A 11 -5.92 -9.84 0.67
CA LEU A 11 -6.33 -11.04 1.39
C LEU A 11 -5.18 -12.01 1.65
N GLN A 12 -4.17 -12.08 0.78
CA GLN A 12 -3.02 -12.97 0.98
C GLN A 12 -1.79 -12.22 1.51
N CYS A 13 -2.01 -11.10 2.21
CA CYS A 13 -0.96 -10.28 2.83
C CYS A 13 -1.30 -10.14 4.32
N GLY A 14 -0.42 -9.51 5.11
CA GLY A 14 -0.61 -9.32 6.53
C GLY A 14 -1.28 -7.98 6.80
N LYS A 15 -1.83 -7.80 8.01
CA LYS A 15 -2.48 -6.56 8.41
C LYS A 15 -1.57 -5.33 8.21
N GLY A 16 -0.26 -5.51 8.42
CA GLY A 16 0.73 -4.44 8.26
C GLY A 16 1.21 -4.30 6.82
N THR A 17 0.51 -4.88 5.84
CA THR A 17 0.87 -4.76 4.43
C THR A 17 -0.40 -4.61 3.59
N CYS A 18 -0.24 -4.30 2.31
CA CYS A 18 -1.29 -4.27 1.29
C CYS A 18 -0.68 -4.84 0.02
N CYS A 19 -1.51 -5.38 -0.88
CA CYS A 19 -1.03 -5.95 -2.13
C CYS A 19 -0.91 -4.86 -3.18
N ALA A 20 0.30 -4.32 -3.39
CA ALA A 20 0.56 -3.26 -4.37
C ALA A 20 1.14 -3.87 -5.65
N VAL A 21 1.20 -3.10 -6.73
CA VAL A 21 1.77 -3.55 -8.00
C VAL A 21 3.29 -3.79 -7.84
N SER A 22 3.97 -4.38 -8.83
CA SER A 22 5.41 -4.55 -8.88
C SER A 22 6.01 -3.60 -9.94
N LEU A 23 7.13 -2.95 -9.65
CA LEU A 23 7.74 -1.94 -10.55
C LEU A 23 8.39 -2.54 -11.80
N TRP A 24 8.64 -3.86 -11.82
CA TRP A 24 9.41 -4.48 -12.89
C TRP A 24 8.46 -5.10 -13.91
N ILE A 25 7.57 -5.99 -13.48
CA ILE A 25 6.51 -6.51 -14.31
C ILE A 25 5.22 -6.20 -13.57
N LYS A 26 4.46 -5.22 -14.09
CA LYS A 26 3.17 -4.83 -13.55
C LYS A 26 2.25 -6.05 -13.46
N SER A 27 2.55 -7.10 -14.24
CA SER A 27 1.90 -8.39 -14.21
C SER A 27 1.79 -8.94 -12.80
N VAL A 28 2.83 -8.75 -11.98
CA VAL A 28 2.91 -9.25 -10.62
C VAL A 28 2.59 -8.13 -9.64
N ARG A 29 2.01 -8.49 -8.50
CA ARG A 29 1.69 -7.59 -7.40
C ARG A 29 2.38 -8.19 -6.16
N VAL A 30 2.83 -7.37 -5.22
CA VAL A 30 3.58 -7.80 -4.04
C VAL A 30 3.06 -7.16 -2.75
N CYS A 31 3.11 -7.94 -1.66
CA CYS A 31 2.70 -7.51 -0.34
C CYS A 31 3.67 -6.43 0.14
N THR A 32 3.27 -5.18 0.00
CA THR A 32 4.04 -3.99 0.31
C THR A 32 3.60 -3.49 1.69
N PRO A 33 4.52 -3.01 2.55
CA PRO A 33 4.17 -2.56 3.89
C PRO A 33 3.23 -1.35 3.86
N VAL A 34 2.37 -1.23 4.88
CA VAL A 34 1.55 -0.04 5.03
C VAL A 34 2.48 1.17 5.19
N GLY A 35 2.04 2.34 4.73
CA GLY A 35 2.87 3.53 4.78
C GLY A 35 3.33 3.87 6.19
N THR A 36 4.56 4.36 6.33
CA THR A 36 5.16 4.76 7.59
C THR A 36 5.53 6.24 7.46
N SER A 37 5.68 6.96 8.59
CA SER A 37 6.01 8.39 8.63
C SER A 37 7.02 8.81 7.55
N GLY A 38 6.64 9.75 6.68
CA GLY A 38 7.49 10.25 5.61
C GLY A 38 7.40 9.45 4.31
N GLU A 39 6.96 8.18 4.35
CA GLU A 39 6.84 7.33 3.19
C GLU A 39 5.65 7.78 2.32
N ASP A 40 5.74 7.52 1.01
CA ASP A 40 4.68 7.82 0.07
C ASP A 40 3.47 6.91 0.35
N CYS A 41 2.26 7.40 0.07
CA CYS A 41 1.02 6.66 0.29
C CYS A 41 0.03 7.03 -0.80
N HIS A 42 -0.90 6.11 -1.10
CA HIS A 42 -1.91 6.34 -2.12
C HIS A 42 -3.24 6.70 -1.44
N PRO A 43 -3.76 7.92 -1.63
CA PRO A 43 -5.01 8.32 -0.99
C PRO A 43 -6.22 7.57 -1.55
N ALA A 44 -6.10 6.90 -2.71
CA ALA A 44 -7.22 6.22 -3.33
C ALA A 44 -7.23 4.72 -3.02
N SER A 45 -6.28 4.22 -2.23
CA SER A 45 -6.22 2.82 -1.84
C SER A 45 -7.28 2.44 -0.78
N HIS A 46 -8.52 2.87 -0.99
CA HIS A 46 -9.73 2.64 -0.20
C HIS A 46 -9.50 2.43 1.31
N LYS A 47 -9.24 1.19 1.75
CA LYS A 47 -9.05 0.79 3.13
C LYS A 47 -8.28 -0.53 3.10
N ILE A 48 -8.12 -1.20 4.24
CA ILE A 48 -7.42 -2.47 4.36
C ILE A 48 -8.39 -3.43 5.08
N PRO A 49 -8.50 -4.71 4.69
CA PRO A 49 -7.92 -5.32 3.50
C PRO A 49 -8.78 -4.99 2.27
N PHE A 50 -8.15 -4.69 1.14
CA PHE A 50 -8.84 -4.41 -0.11
C PHE A 50 -8.82 -5.68 -0.96
N SER A 51 -9.95 -6.40 -0.98
CA SER A 51 -10.11 -7.63 -1.71
C SER A 51 -10.25 -7.37 -3.22
N GLY A 52 -9.18 -6.86 -3.84
CA GLY A 52 -9.14 -6.58 -5.26
C GLY A 52 -7.76 -6.07 -5.64
N GLN A 53 -7.54 -5.88 -6.94
CA GLN A 53 -6.27 -5.36 -7.44
C GLN A 53 -6.29 -3.85 -7.22
N ARG A 54 -5.41 -3.34 -6.36
CA ARG A 54 -5.35 -1.92 -6.07
C ARG A 54 -4.90 -1.12 -7.29
N MET A 55 -4.04 -1.73 -8.12
CA MET A 55 -3.45 -1.09 -9.29
C MET A 55 -2.67 0.18 -8.91
N HIS A 56 -2.15 0.20 -7.67
CA HIS A 56 -1.37 1.28 -7.10
C HIS A 56 -0.02 0.73 -6.66
N HIS A 57 0.99 1.59 -6.61
CA HIS A 57 2.33 1.21 -6.19
C HIS A 57 2.54 1.40 -4.68
N THR A 58 1.67 2.18 -4.03
CA THR A 58 1.75 2.44 -2.61
C THR A 58 0.38 2.23 -1.99
N CYS A 59 0.36 1.89 -0.70
CA CYS A 59 -0.80 1.57 0.10
C CYS A 59 -1.21 2.80 0.91
N PRO A 60 -2.22 2.65 1.78
CA PRO A 60 -2.56 3.65 2.78
C PRO A 60 -1.43 3.64 3.81
N CYS A 61 -1.48 4.56 4.76
CA CYS A 61 -0.50 4.63 5.83
C CYS A 61 -0.92 3.67 6.94
N ALA A 62 -0.01 3.43 7.89
CA ALA A 62 -0.27 2.61 9.05
C ALA A 62 -1.48 3.14 9.81
N PRO A 63 -2.25 2.28 10.51
CA PRO A 63 -3.45 2.65 11.26
C PRO A 63 -3.41 4.01 11.99
N ASN A 64 -2.28 4.42 12.60
CA ASN A 64 -2.19 5.71 13.26
C ASN A 64 -1.29 6.66 12.45
N LEU A 65 -1.60 6.85 11.17
CA LEU A 65 -0.95 7.81 10.29
C LEU A 65 -1.99 8.27 9.28
N ALA A 66 -1.84 9.49 8.76
CA ALA A 66 -2.73 10.10 7.78
C ALA A 66 -1.97 10.31 6.47
N CYS A 67 -2.57 9.94 5.34
CA CYS A 67 -1.99 10.12 4.02
C CYS A 67 -2.31 11.55 3.56
N VAL A 68 -1.32 12.46 3.56
CA VAL A 68 -1.54 13.87 3.24
C VAL A 68 -0.57 14.35 2.16
N GLN A 69 -1.01 15.36 1.40
CA GLN A 69 -0.23 15.99 0.36
C GLN A 69 0.98 16.72 0.93
N THR A 70 2.13 16.53 0.29
CA THR A 70 3.37 17.27 0.58
C THR A 70 3.55 18.27 -0.57
N SER A 71 3.35 17.82 -1.80
CA SER A 71 3.34 18.64 -3.01
C SER A 71 2.48 17.89 -4.03
N PRO A 72 2.07 18.51 -5.16
CA PRO A 72 1.22 17.88 -6.16
C PRO A 72 1.61 16.43 -6.44
N LYS A 73 0.64 15.51 -6.34
CA LYS A 73 0.80 14.06 -6.51
C LYS A 73 1.55 13.40 -5.34
N LYS A 74 2.57 14.06 -4.80
CA LYS A 74 3.35 13.57 -3.68
C LYS A 74 2.51 13.52 -2.40
N PHE A 75 1.85 12.39 -2.18
CA PHE A 75 1.07 12.10 -0.99
C PHE A 75 1.95 11.25 -0.09
N LYS A 76 2.22 11.72 1.14
CA LYS A 76 3.07 11.03 2.09
C LYS A 76 2.37 10.90 3.44
N CYS A 77 2.89 10.00 4.29
CA CYS A 77 2.31 9.69 5.58
C CYS A 77 2.79 10.63 6.67
N LEU A 78 1.85 11.36 7.28
CA LEU A 78 2.10 12.24 8.42
C LEU A 78 1.29 11.72 9.62
N SER A 79 1.43 12.37 10.78
CA SER A 79 0.79 12.01 12.04
C SER A 79 -0.74 11.90 11.94
N LYS A 80 -1.34 11.29 12.96
CA LYS A 80 -2.76 11.08 13.13
C LYS A 80 -2.96 10.86 14.63
N ALA A 1 2.97 -13.21 0.29
CA ALA A 1 2.39 -14.51 0.61
C ALA A 1 3.43 -15.60 0.32
N VAL A 2 3.81 -15.75 -0.95
CA VAL A 2 4.87 -16.67 -1.34
C VAL A 2 6.13 -16.15 -0.63
N ILE A 3 6.64 -16.94 0.32
CA ILE A 3 7.72 -16.58 1.25
C ILE A 3 7.49 -15.19 1.83
N THR A 4 6.22 -14.86 2.13
CA THR A 4 5.78 -13.57 2.65
C THR A 4 6.36 -12.42 1.81
N GLY A 5 6.43 -12.60 0.49
CA GLY A 5 6.97 -11.63 -0.45
C GLY A 5 5.96 -11.36 -1.55
N ALA A 6 5.80 -12.29 -2.50
CA ALA A 6 4.90 -12.11 -3.63
C ALA A 6 3.48 -12.53 -3.25
N CYS A 7 2.49 -11.68 -3.54
CA CYS A 7 1.08 -11.89 -3.24
C CYS A 7 0.21 -11.36 -4.37
N GLU A 8 -1.09 -11.60 -4.24
CA GLU A 8 -2.12 -11.11 -5.15
C GLU A 8 -3.12 -10.27 -4.34
N ARG A 9 -3.47 -10.68 -3.12
CA ARG A 9 -4.39 -9.95 -2.23
C ARG A 9 -3.79 -9.89 -0.83
N ASP A 10 -3.98 -8.75 -0.16
CA ASP A 10 -3.48 -8.40 1.18
C ASP A 10 -3.55 -9.57 2.14
N LEU A 11 -4.75 -10.15 2.24
CA LEU A 11 -5.10 -11.25 3.12
C LEU A 11 -4.12 -12.42 3.00
N GLN A 12 -3.59 -12.68 1.80
CA GLN A 12 -2.65 -13.77 1.60
C GLN A 12 -1.33 -13.52 2.34
N CYS A 13 -0.97 -12.26 2.58
CA CYS A 13 0.27 -11.91 3.24
C CYS A 13 0.04 -11.63 4.72
N GLY A 14 -0.99 -10.84 5.04
CA GLY A 14 -1.34 -10.57 6.43
C GLY A 14 -1.96 -9.19 6.64
N LYS A 15 -3.13 -9.16 7.27
CA LYS A 15 -3.84 -7.93 7.64
C LYS A 15 -2.92 -7.12 8.56
N GLY A 16 -2.30 -6.10 7.99
CA GLY A 16 -1.30 -5.26 8.62
C GLY A 16 -0.38 -4.78 7.51
N THR A 17 -0.11 -5.67 6.56
CA THR A 17 0.58 -5.32 5.33
C THR A 17 -0.53 -5.16 4.28
N CYS A 18 -0.13 -4.80 3.07
CA CYS A 18 -0.95 -4.61 1.90
C CYS A 18 -0.19 -5.25 0.74
N CYS A 19 -0.88 -5.47 -0.37
CA CYS A 19 -0.28 -6.05 -1.57
C CYS A 19 -0.10 -4.95 -2.58
N ALA A 20 1.09 -4.36 -2.59
CA ALA A 20 1.48 -3.29 -3.50
C ALA A 20 1.76 -3.88 -4.85
N VAL A 21 1.46 -3.17 -5.92
CA VAL A 21 1.70 -3.65 -7.28
C VAL A 21 3.20 -3.91 -7.49
N SER A 22 3.57 -4.87 -8.33
CA SER A 22 4.98 -5.05 -8.66
C SER A 22 5.47 -3.83 -9.45
N LEU A 23 6.77 -3.58 -9.39
CA LEU A 23 7.40 -2.49 -10.13
C LEU A 23 7.68 -2.93 -11.56
N TRP A 24 7.42 -4.20 -11.91
CA TRP A 24 7.75 -4.76 -13.21
C TRP A 24 6.51 -5.21 -13.99
N ILE A 25 5.60 -5.97 -13.37
CA ILE A 25 4.41 -6.45 -14.03
C ILE A 25 3.20 -6.33 -13.11
N LYS A 26 2.17 -5.58 -13.52
CA LYS A 26 0.93 -5.43 -12.76
C LYS A 26 0.28 -6.79 -12.47
N SER A 27 0.67 -7.83 -13.21
CA SER A 27 0.25 -9.21 -13.00
C SER A 27 0.57 -9.70 -11.59
N VAL A 28 1.65 -9.19 -10.98
CA VAL A 28 2.12 -9.62 -9.65
C VAL A 28 2.04 -8.45 -8.67
N ARG A 29 1.81 -8.76 -7.39
CA ARG A 29 1.80 -7.80 -6.31
C ARG A 29 2.76 -8.33 -5.24
N VAL A 30 3.20 -7.49 -4.31
CA VAL A 30 4.19 -7.83 -3.30
C VAL A 30 3.78 -7.19 -1.97
N CYS A 31 4.10 -7.86 -0.85
CA CYS A 31 3.75 -7.36 0.47
C CYS A 31 4.47 -6.03 0.71
N THR A 32 3.77 -5.04 1.25
CA THR A 32 4.29 -3.75 1.64
C THR A 32 3.57 -3.42 2.94
N PRO A 33 4.23 -2.85 3.96
CA PRO A 33 3.55 -2.53 5.21
C PRO A 33 2.55 -1.40 4.96
N VAL A 34 1.52 -1.27 5.80
CA VAL A 34 0.68 -0.06 5.78
C VAL A 34 1.59 1.17 5.76
N GLY A 35 1.16 2.23 5.09
CA GLY A 35 1.94 3.44 4.92
C GLY A 35 2.32 4.05 6.26
N THR A 36 3.59 3.93 6.68
CA THR A 36 4.04 4.49 7.94
C THR A 36 4.76 5.82 7.68
N SER A 37 5.22 6.45 8.75
CA SER A 37 5.87 7.75 8.80
C SER A 37 6.74 8.06 7.57
N GLY A 38 6.29 8.98 6.71
CA GLY A 38 7.04 9.44 5.55
C GLY A 38 6.76 8.66 4.27
N GLU A 39 6.22 7.43 4.35
CA GLU A 39 5.94 6.65 3.15
C GLU A 39 4.86 7.34 2.31
N ASP A 40 4.95 7.17 0.99
CA ASP A 40 3.97 7.75 0.07
C ASP A 40 2.67 6.97 0.13
N CYS A 41 1.54 7.65 -0.02
CA CYS A 41 0.20 7.07 -0.03
C CYS A 41 -0.61 7.73 -1.12
N HIS A 42 -1.58 6.99 -1.64
CA HIS A 42 -2.53 7.52 -2.61
C HIS A 42 -3.79 7.84 -1.80
N PRO A 43 -4.40 9.03 -1.92
CA PRO A 43 -5.62 9.31 -1.19
C PRO A 43 -6.70 8.24 -1.47
N ALA A 44 -6.66 7.62 -2.67
CA ALA A 44 -7.57 6.55 -3.05
C ALA A 44 -6.92 5.16 -2.94
N SER A 45 -5.84 5.02 -2.15
CA SER A 45 -5.15 3.76 -1.93
C SER A 45 -6.16 2.70 -1.51
N HIS A 46 -6.30 1.62 -2.30
CA HIS A 46 -7.26 0.55 -2.05
C HIS A 46 -7.10 -0.02 -0.63
N LYS A 47 -8.16 0.15 0.17
CA LYS A 47 -8.19 -0.20 1.58
C LYS A 47 -8.03 -1.70 1.83
N ILE A 48 -7.37 -2.00 2.94
CA ILE A 48 -6.99 -3.34 3.37
C ILE A 48 -8.13 -3.95 4.20
N PRO A 49 -8.46 -5.24 4.05
CA PRO A 49 -7.92 -6.19 3.09
C PRO A 49 -8.61 -6.01 1.74
N PHE A 50 -7.84 -5.84 0.66
CA PHE A 50 -8.41 -5.61 -0.66
C PHE A 50 -8.46 -6.91 -1.45
N SER A 51 -9.65 -7.48 -1.57
CA SER A 51 -9.91 -8.70 -2.32
C SER A 51 -9.69 -8.52 -3.83
N GLY A 52 -9.78 -7.28 -4.32
CA GLY A 52 -9.57 -6.97 -5.73
C GLY A 52 -8.07 -6.90 -6.03
N GLN A 53 -7.71 -6.15 -7.07
CA GLN A 53 -6.32 -5.92 -7.46
C GLN A 53 -6.01 -4.45 -7.30
N ARG A 54 -5.31 -4.10 -6.21
CA ARG A 54 -4.90 -2.74 -5.90
C ARG A 54 -4.10 -2.19 -7.07
N MET A 55 -4.52 -1.07 -7.65
CA MET A 55 -3.85 -0.48 -8.80
C MET A 55 -2.66 0.39 -8.39
N HIS A 56 -2.73 0.99 -7.20
CA HIS A 56 -1.69 1.90 -6.73
C HIS A 56 -0.57 1.15 -6.01
N HIS A 57 0.69 1.45 -6.37
CA HIS A 57 1.87 0.90 -5.68
C HIS A 57 1.87 1.30 -4.22
N THR A 58 1.27 2.45 -3.93
CA THR A 58 1.35 3.09 -2.63
C THR A 58 0.08 2.74 -1.86
N CYS A 59 0.28 2.34 -0.61
CA CYS A 59 -0.75 1.75 0.25
C CYS A 59 -1.33 2.77 1.23
N PRO A 60 -2.51 2.47 1.82
CA PRO A 60 -3.13 3.39 2.74
C PRO A 60 -2.28 3.51 4.00
N CYS A 61 -2.36 4.67 4.64
CA CYS A 61 -1.57 4.97 5.82
C CYS A 61 -1.99 4.14 7.03
N ALA A 62 -1.01 3.84 7.89
CA ALA A 62 -1.24 3.11 9.13
C ALA A 62 -2.23 3.92 10.00
N PRO A 63 -3.09 3.25 10.79
CA PRO A 63 -4.17 3.86 11.56
C PRO A 63 -3.68 4.84 12.64
N ASN A 64 -3.36 6.05 12.18
CA ASN A 64 -2.93 7.24 12.89
C ASN A 64 -2.35 8.23 11.88
N LEU A 65 -1.47 7.74 11.01
CA LEU A 65 -0.82 8.55 10.01
C LEU A 65 -1.88 9.06 9.02
N ALA A 66 -1.83 10.34 8.66
CA ALA A 66 -2.72 10.97 7.71
C ALA A 66 -2.01 11.09 6.36
N CYS A 67 -2.73 10.77 5.28
CA CYS A 67 -2.24 10.84 3.91
C CYS A 67 -2.30 12.29 3.44
N VAL A 68 -1.30 13.10 3.81
CA VAL A 68 -1.28 14.53 3.51
C VAL A 68 -0.43 14.84 2.29
N GLN A 69 -0.89 15.80 1.50
CA GLN A 69 -0.21 16.23 0.29
C GLN A 69 1.02 17.07 0.63
N THR A 70 2.16 16.74 0.01
CA THR A 70 3.38 17.53 0.07
C THR A 70 3.41 18.34 -1.23
N SER A 71 2.91 17.75 -2.32
CA SER A 71 2.67 18.39 -3.61
C SER A 71 1.61 17.52 -4.28
N PRO A 72 0.96 17.99 -5.36
CA PRO A 72 0.02 17.19 -6.13
C PRO A 72 0.61 15.81 -6.42
N LYS A 73 -0.18 14.74 -6.24
CA LYS A 73 0.23 13.34 -6.39
C LYS A 73 1.12 12.89 -5.22
N LYS A 74 2.12 13.69 -4.85
CA LYS A 74 3.02 13.41 -3.75
C LYS A 74 2.30 13.54 -2.40
N PHE A 75 1.46 12.55 -2.08
CA PHE A 75 0.76 12.45 -0.82
C PHE A 75 1.54 11.46 0.05
N LYS A 76 1.80 11.82 1.30
CA LYS A 76 2.61 11.03 2.21
C LYS A 76 1.94 10.88 3.57
N CYS A 77 2.30 9.79 4.25
CA CYS A 77 1.76 9.40 5.54
C CYS A 77 2.50 10.13 6.66
N LEU A 78 1.88 11.17 7.24
CA LEU A 78 2.49 11.95 8.31
C LEU A 78 1.71 11.79 9.62
N SER A 79 2.41 11.95 10.73
CA SER A 79 1.92 11.80 12.08
C SER A 79 0.91 12.89 12.44
N LYS A 80 -0.08 12.54 13.27
CA LYS A 80 -1.13 13.38 13.80
C LYS A 80 -1.41 12.81 15.19
N ALA A 1 8.23 -18.71 -0.55
CA ALA A 1 7.40 -18.45 0.62
C ALA A 1 6.08 -17.80 0.22
N VAL A 2 6.16 -16.82 -0.70
CA VAL A 2 5.04 -16.04 -1.22
C VAL A 2 4.45 -15.13 -0.14
N ILE A 3 3.82 -15.74 0.88
CA ILE A 3 3.19 -15.05 1.99
C ILE A 3 4.12 -13.96 2.54
N THR A 4 3.59 -12.76 2.75
CA THR A 4 4.31 -11.58 3.22
C THR A 4 5.52 -11.23 2.32
N GLY A 5 5.47 -11.59 1.03
CA GLY A 5 6.50 -11.29 0.07
C GLY A 5 5.89 -10.99 -1.29
N ALA A 6 5.56 -12.05 -2.05
CA ALA A 6 4.93 -11.94 -3.36
C ALA A 6 3.42 -11.97 -3.14
N CYS A 7 2.67 -11.26 -3.98
CA CYS A 7 1.23 -11.13 -3.80
C CYS A 7 0.43 -11.19 -5.09
N GLU A 8 -0.76 -11.78 -4.98
CA GLU A 8 -1.85 -11.71 -5.94
C GLU A 8 -2.91 -10.80 -5.30
N ARG A 9 -3.17 -10.90 -3.98
CA ARG A 9 -4.00 -9.96 -3.23
C ARG A 9 -3.63 -9.88 -1.73
N ASP A 10 -4.01 -8.76 -1.09
CA ASP A 10 -3.78 -8.36 0.30
C ASP A 10 -3.78 -9.50 1.32
N LEU A 11 -4.69 -10.46 1.15
CA LEU A 11 -4.85 -11.61 2.04
C LEU A 11 -3.51 -12.29 2.33
N GLN A 12 -2.63 -12.34 1.33
CA GLN A 12 -1.32 -12.98 1.42
C GLN A 12 -0.30 -12.15 2.21
N CYS A 13 -0.65 -10.90 2.52
CA CYS A 13 0.18 -9.94 3.23
C CYS A 13 -0.35 -9.82 4.65
N GLY A 14 -1.57 -9.31 4.80
CA GLY A 14 -2.28 -9.21 6.07
C GLY A 14 -1.92 -7.96 6.88
N LYS A 15 -2.90 -7.47 7.64
CA LYS A 15 -2.86 -6.28 8.48
C LYS A 15 -1.52 -6.17 9.20
N GLY A 16 -0.81 -5.11 8.85
CA GLY A 16 0.58 -4.83 9.21
C GLY A 16 1.30 -4.53 7.89
N THR A 17 0.84 -5.22 6.84
CA THR A 17 1.25 -5.04 5.47
C THR A 17 -0.01 -5.00 4.62
N CYS A 18 0.11 -4.56 3.38
CA CYS A 18 -0.93 -4.65 2.38
C CYS A 18 -0.21 -5.00 1.09
N CYS A 19 -0.95 -5.37 0.05
CA CYS A 19 -0.35 -5.67 -1.22
C CYS A 19 -0.16 -4.39 -2.04
N ALA A 20 0.97 -4.27 -2.74
CA ALA A 20 1.29 -3.14 -3.60
C ALA A 20 1.60 -3.67 -4.99
N VAL A 21 1.29 -2.90 -6.03
CA VAL A 21 1.54 -3.30 -7.41
C VAL A 21 3.05 -3.39 -7.67
N SER A 22 3.46 -3.98 -8.81
CA SER A 22 4.85 -4.04 -9.27
C SER A 22 5.10 -2.93 -10.30
N LEU A 23 6.28 -2.30 -10.23
CA LEU A 23 6.70 -1.27 -11.18
C LEU A 23 7.35 -1.90 -12.42
N TRP A 24 7.40 -3.24 -12.49
CA TRP A 24 8.05 -3.97 -13.57
C TRP A 24 7.03 -4.75 -14.40
N ILE A 25 5.99 -5.27 -13.75
CA ILE A 25 4.92 -6.00 -14.41
C ILE A 25 3.66 -5.89 -13.54
N LYS A 26 2.70 -5.06 -13.96
CA LYS A 26 1.46 -4.81 -13.22
C LYS A 26 0.66 -6.08 -12.93
N SER A 27 0.97 -7.19 -13.61
CA SER A 27 0.33 -8.47 -13.39
C SER A 27 0.74 -9.06 -12.03
N VAL A 28 1.95 -8.74 -11.56
CA VAL A 28 2.49 -9.21 -10.29
C VAL A 28 2.32 -8.09 -9.25
N ARG A 29 2.21 -8.47 -7.98
CA ARG A 29 2.08 -7.55 -6.87
C ARG A 29 2.97 -8.08 -5.74
N VAL A 30 3.34 -7.24 -4.76
CA VAL A 30 4.23 -7.61 -3.67
C VAL A 30 3.75 -6.98 -2.36
N CYS A 31 3.97 -7.65 -1.22
CA CYS A 31 3.55 -7.19 0.08
C CYS A 31 4.46 -6.04 0.52
N THR A 32 3.85 -4.96 1.00
CA THR A 32 4.51 -3.74 1.44
C THR A 32 3.94 -3.37 2.81
N PRO A 33 4.73 -2.81 3.74
CA PRO A 33 4.25 -2.45 5.06
C PRO A 33 3.30 -1.26 4.96
N VAL A 34 2.39 -1.11 5.94
CA VAL A 34 1.53 0.08 5.95
C VAL A 34 2.39 1.33 6.06
N GLY A 35 1.95 2.42 5.43
CA GLY A 35 2.73 3.65 5.34
C GLY A 35 2.89 4.36 6.69
N THR A 36 4.14 4.51 7.14
CA THR A 36 4.49 5.19 8.38
C THR A 36 4.95 6.62 8.06
N SER A 37 5.25 7.40 9.09
CA SER A 37 5.63 8.80 9.03
C SER A 37 6.60 9.15 7.89
N GLY A 38 6.09 9.76 6.82
CA GLY A 38 6.90 10.22 5.69
C GLY A 38 6.99 9.22 4.54
N GLU A 39 6.53 7.98 4.72
CA GLU A 39 6.56 7.00 3.64
C GLU A 39 5.51 7.39 2.61
N ASP A 40 5.79 7.07 1.34
CA ASP A 40 4.92 7.40 0.22
C ASP A 40 3.58 6.65 0.32
N CYS A 41 2.54 7.23 -0.26
CA CYS A 41 1.19 6.70 -0.27
C CYS A 41 0.47 7.23 -1.50
N HIS A 42 -0.76 6.76 -1.72
CA HIS A 42 -1.62 7.24 -2.77
C HIS A 42 -3.03 7.30 -2.18
N PRO A 43 -3.82 8.36 -2.41
CA PRO A 43 -5.15 8.48 -1.85
C PRO A 43 -6.10 7.36 -2.28
N ALA A 44 -5.74 6.54 -3.27
CA ALA A 44 -6.55 5.43 -3.72
C ALA A 44 -6.08 4.11 -3.09
N SER A 45 -5.23 4.18 -2.06
CA SER A 45 -4.82 3.01 -1.31
C SER A 45 -6.04 2.46 -0.56
N HIS A 46 -6.81 1.60 -1.22
CA HIS A 46 -7.99 0.97 -0.67
C HIS A 46 -7.68 0.30 0.68
N LYS A 47 -8.68 0.15 1.54
CA LYS A 47 -8.51 -0.42 2.86
C LYS A 47 -7.99 -1.86 2.82
N ILE A 48 -7.58 -2.36 3.98
CA ILE A 48 -7.06 -3.72 4.16
C ILE A 48 -8.15 -4.57 4.81
N PRO A 49 -8.40 -5.81 4.37
CA PRO A 49 -7.78 -6.49 3.24
C PRO A 49 -8.55 -6.20 1.94
N PHE A 50 -7.84 -5.84 0.87
CA PHE A 50 -8.41 -5.61 -0.44
C PHE A 50 -8.19 -6.89 -1.26
N SER A 51 -9.16 -7.79 -1.24
CA SER A 51 -9.14 -9.06 -1.95
C SER A 51 -9.37 -8.84 -3.44
N GLY A 52 -8.48 -8.06 -4.08
CA GLY A 52 -8.55 -7.76 -5.50
C GLY A 52 -7.21 -7.22 -5.98
N GLN A 53 -7.12 -6.86 -7.25
CA GLN A 53 -5.89 -6.36 -7.85
C GLN A 53 -5.69 -4.89 -7.46
N ARG A 54 -4.82 -4.67 -6.48
CA ARG A 54 -4.42 -3.35 -6.00
C ARG A 54 -4.14 -2.37 -7.14
N MET A 55 -4.44 -1.10 -6.90
CA MET A 55 -4.35 -0.03 -7.89
C MET A 55 -2.92 0.47 -8.10
N HIS A 56 -2.25 0.85 -7.01
CA HIS A 56 -0.93 1.49 -7.05
C HIS A 56 0.12 0.73 -6.25
N HIS A 57 1.38 1.16 -6.40
CA HIS A 57 2.56 0.63 -5.73
C HIS A 57 2.61 1.17 -4.29
N THR A 58 1.47 1.24 -3.61
CA THR A 58 1.36 1.88 -2.31
C THR A 58 0.44 1.08 -1.39
N CYS A 59 0.46 1.43 -0.11
CA CYS A 59 -0.40 0.83 0.90
C CYS A 59 -0.97 1.93 1.79
N PRO A 60 -2.11 1.66 2.44
CA PRO A 60 -2.72 2.60 3.37
C PRO A 60 -1.73 3.00 4.46
N CYS A 61 -1.97 4.17 5.06
CA CYS A 61 -1.14 4.67 6.14
C CYS A 61 -1.44 3.88 7.42
N ALA A 62 -0.48 3.78 8.34
CA ALA A 62 -0.69 3.10 9.60
C ALA A 62 -1.86 3.77 10.33
N PRO A 63 -2.84 2.99 10.84
CA PRO A 63 -4.05 3.46 11.52
C PRO A 63 -3.92 4.63 12.50
N ASN A 64 -3.82 5.82 11.93
CA ASN A 64 -3.79 7.15 12.53
C ASN A 64 -3.22 8.15 11.52
N LEU A 65 -2.12 7.79 10.85
CA LEU A 65 -1.50 8.67 9.87
C LEU A 65 -2.45 8.83 8.67
N ALA A 66 -2.37 9.98 7.98
CA ALA A 66 -3.20 10.33 6.85
C ALA A 66 -2.36 10.51 5.59
N CYS A 67 -2.85 10.00 4.45
CA CYS A 67 -2.19 10.13 3.17
C CYS A 67 -2.46 11.52 2.60
N VAL A 68 -1.45 12.38 2.51
CA VAL A 68 -1.61 13.74 2.01
C VAL A 68 -0.46 14.14 1.10
N GLN A 69 -0.76 15.05 0.17
CA GLN A 69 0.19 15.54 -0.81
C GLN A 69 1.13 16.55 -0.16
N THR A 70 2.43 16.34 -0.36
CA THR A 70 3.51 17.20 0.11
C THR A 70 3.99 18.09 -1.04
N SER A 71 3.80 17.63 -2.28
CA SER A 71 4.07 18.35 -3.52
C SER A 71 3.13 17.71 -4.55
N PRO A 72 3.03 18.21 -5.79
CA PRO A 72 2.20 17.60 -6.81
C PRO A 72 2.56 16.12 -6.95
N LYS A 73 1.57 15.21 -6.87
CA LYS A 73 1.73 13.77 -6.96
C LYS A 73 2.43 13.15 -5.73
N LYS A 74 3.41 13.84 -5.14
CA LYS A 74 4.17 13.39 -3.99
C LYS A 74 3.25 13.26 -2.76
N PHE A 75 2.57 12.12 -2.65
CA PHE A 75 1.65 11.80 -1.58
C PHE A 75 2.39 10.95 -0.55
N LYS A 76 2.37 11.40 0.72
CA LYS A 76 3.04 10.75 1.82
C LYS A 76 2.12 10.62 3.03
N CYS A 77 2.47 9.71 3.93
CA CYS A 77 1.71 9.44 5.16
C CYS A 77 2.20 10.38 6.25
N LEU A 78 1.42 11.42 6.57
CA LEU A 78 1.77 12.36 7.63
C LEU A 78 0.95 12.05 8.88
N SER A 79 1.51 12.40 10.03
CA SER A 79 0.95 12.16 11.35
C SER A 79 0.13 13.33 11.86
N LYS A 80 -0.70 13.06 12.86
CA LYS A 80 -1.55 13.97 13.59
C LYS A 80 -2.00 13.17 14.82
N ALA A 1 2.12 -13.65 5.69
CA ALA A 1 1.58 -12.33 5.41
C ALA A 1 2.56 -11.52 4.56
N VAL A 2 3.85 -11.57 4.91
CA VAL A 2 4.90 -10.86 4.19
C VAL A 2 5.27 -11.64 2.93
N ILE A 3 4.28 -11.93 2.07
CA ILE A 3 4.49 -12.67 0.84
C ILE A 3 5.13 -11.73 -0.19
N THR A 4 6.44 -11.55 -0.05
CA THR A 4 7.27 -10.79 -0.98
C THR A 4 7.31 -11.51 -2.32
N GLY A 5 7.25 -12.85 -2.32
CA GLY A 5 7.26 -13.68 -3.51
C GLY A 5 5.91 -13.67 -4.23
N ALA A 6 5.42 -12.47 -4.54
CA ALA A 6 4.19 -12.16 -5.26
C ALA A 6 2.89 -12.53 -4.53
N CYS A 7 1.85 -11.75 -4.78
CA CYS A 7 0.50 -11.91 -4.27
C CYS A 7 -0.47 -11.56 -5.38
N GLU A 8 -1.70 -12.07 -5.29
CA GLU A 8 -2.77 -11.78 -6.23
C GLU A 8 -3.69 -10.76 -5.58
N ARG A 9 -4.00 -10.92 -4.28
CA ARG A 9 -4.88 -10.00 -3.58
C ARG A 9 -4.59 -9.94 -2.07
N ASP A 10 -4.99 -8.82 -1.46
CA ASP A 10 -4.79 -8.44 -0.05
C ASP A 10 -4.96 -9.58 0.94
N LEU A 11 -5.95 -10.46 0.72
CA LEU A 11 -6.24 -11.58 1.61
C LEU A 11 -4.98 -12.40 1.93
N GLN A 12 -4.08 -12.55 0.95
CA GLN A 12 -2.83 -13.30 1.14
C GLN A 12 -1.87 -12.58 2.10
N CYS A 13 -2.06 -11.27 2.26
CA CYS A 13 -1.23 -10.38 3.05
C CYS A 13 -1.92 -10.15 4.40
N GLY A 14 -2.96 -9.32 4.41
CA GLY A 14 -3.77 -9.00 5.57
C GLY A 14 -3.02 -8.34 6.72
N LYS A 15 -2.32 -9.16 7.49
CA LYS A 15 -1.61 -8.79 8.71
C LYS A 15 -0.65 -7.63 8.45
N GLY A 16 -1.11 -6.40 8.73
CA GLY A 16 -0.38 -5.16 8.55
C GLY A 16 0.25 -5.05 7.16
N THR A 17 -0.35 -5.70 6.15
CA THR A 17 0.16 -5.68 4.81
C THR A 17 -1.00 -5.62 3.81
N CYS A 18 -0.73 -5.23 2.57
CA CYS A 18 -1.69 -5.21 1.46
C CYS A 18 -0.97 -5.66 0.18
N CYS A 19 -1.72 -6.15 -0.80
CA CYS A 19 -1.16 -6.66 -2.06
C CYS A 19 -1.03 -5.52 -3.07
N ALA A 20 0.07 -4.77 -3.01
CA ALA A 20 0.28 -3.60 -3.87
C ALA A 20 1.14 -3.97 -5.08
N VAL A 21 1.04 -3.17 -6.15
CA VAL A 21 1.81 -3.41 -7.38
C VAL A 21 3.32 -3.36 -7.06
N SER A 22 4.13 -4.11 -7.79
CA SER A 22 5.58 -4.13 -7.61
C SER A 22 6.18 -2.88 -8.27
N LEU A 23 7.25 -2.32 -7.68
CA LEU A 23 7.86 -1.11 -8.20
C LEU A 23 8.50 -1.33 -9.58
N TRP A 24 9.10 -2.51 -9.81
CA TRP A 24 9.86 -2.79 -11.02
C TRP A 24 9.00 -3.55 -12.02
N ILE A 25 8.59 -4.79 -11.70
CA ILE A 25 7.72 -5.56 -12.58
C ILE A 25 6.29 -5.12 -12.29
N LYS A 26 5.92 -3.95 -12.80
CA LYS A 26 4.59 -3.35 -12.59
C LYS A 26 3.41 -4.21 -13.06
N SER A 27 3.66 -5.43 -13.57
CA SER A 27 2.63 -6.38 -13.98
C SER A 27 2.38 -7.42 -12.88
N VAL A 28 3.07 -7.34 -11.75
CA VAL A 28 2.97 -8.26 -10.62
C VAL A 28 2.74 -7.42 -9.36
N ARG A 29 2.05 -7.99 -8.37
CA ARG A 29 1.78 -7.36 -7.08
C ARG A 29 2.48 -8.19 -5.99
N VAL A 30 2.92 -7.54 -4.91
CA VAL A 30 3.63 -8.16 -3.79
C VAL A 30 3.05 -7.66 -2.47
N CYS A 31 3.09 -8.52 -1.43
CA CYS A 31 2.56 -8.13 -0.12
C CYS A 31 3.47 -7.07 0.48
N THR A 32 3.01 -5.82 0.40
CA THR A 32 3.72 -4.64 0.85
C THR A 32 3.15 -4.26 2.22
N PRO A 33 3.97 -3.82 3.19
CA PRO A 33 3.47 -3.45 4.50
C PRO A 33 2.63 -2.18 4.44
N VAL A 34 1.79 -1.96 5.46
CA VAL A 34 1.11 -0.67 5.60
C VAL A 34 2.17 0.44 5.58
N GLY A 35 1.83 1.58 5.00
CA GLY A 35 2.74 2.71 4.93
C GLY A 35 3.01 3.29 6.33
N THR A 36 4.11 4.02 6.50
CA THR A 36 4.49 4.64 7.76
C THR A 36 5.07 6.03 7.49
N SER A 37 5.62 6.67 8.53
CA SER A 37 6.21 7.99 8.53
C SER A 37 7.13 8.23 7.31
N GLY A 38 6.75 9.18 6.46
CA GLY A 38 7.53 9.59 5.30
C GLY A 38 7.27 8.73 4.06
N GLU A 39 6.59 7.58 4.18
CA GLU A 39 6.34 6.73 3.04
C GLU A 39 5.36 7.42 2.09
N ASP A 40 5.54 7.22 0.79
CA ASP A 40 4.66 7.75 -0.23
C ASP A 40 3.37 6.94 -0.24
N CYS A 41 2.23 7.61 -0.47
CA CYS A 41 0.94 6.96 -0.52
C CYS A 41 0.06 7.60 -1.58
N HIS A 42 -0.92 6.83 -2.02
CA HIS A 42 -1.96 7.27 -2.93
C HIS A 42 -3.14 7.56 -2.01
N PRO A 43 -3.68 8.78 -2.00
CA PRO A 43 -4.76 9.16 -1.09
C PRO A 43 -5.98 8.23 -1.21
N ALA A 44 -6.15 7.53 -2.33
CA ALA A 44 -7.26 6.61 -2.54
C ALA A 44 -6.84 5.15 -2.29
N SER A 45 -5.76 4.90 -1.54
CA SER A 45 -5.37 3.56 -1.15
C SER A 45 -6.54 2.90 -0.42
N HIS A 46 -7.29 2.03 -1.09
CA HIS A 46 -8.46 1.41 -0.50
C HIS A 46 -8.10 0.61 0.75
N LYS A 47 -9.08 0.39 1.61
CA LYS A 47 -8.89 -0.25 2.90
C LYS A 47 -8.32 -1.67 2.78
N ILE A 48 -7.81 -2.22 3.88
CA ILE A 48 -7.31 -3.60 3.95
C ILE A 48 -8.40 -4.41 4.66
N PRO A 49 -8.75 -5.62 4.21
CA PRO A 49 -8.30 -6.28 2.99
C PRO A 49 -9.16 -5.82 1.81
N PHE A 50 -8.54 -5.51 0.67
CA PHE A 50 -9.20 -5.12 -0.56
C PHE A 50 -9.29 -6.34 -1.46
N SER A 51 -10.43 -7.04 -1.41
CA SER A 51 -10.71 -8.20 -2.24
C SER A 51 -10.95 -7.75 -3.68
N GLY A 52 -9.89 -7.34 -4.37
CA GLY A 52 -9.92 -6.86 -5.73
C GLY A 52 -8.49 -6.77 -6.25
N GLN A 53 -8.22 -5.83 -7.15
CA GLN A 53 -6.89 -5.57 -7.69
C GLN A 53 -6.53 -4.12 -7.38
N ARG A 54 -5.51 -3.91 -6.57
CA ARG A 54 -5.07 -2.56 -6.22
C ARG A 54 -4.42 -1.92 -7.42
N MET A 55 -5.15 -1.07 -8.15
CA MET A 55 -4.62 -0.33 -9.29
C MET A 55 -3.83 0.90 -8.78
N HIS A 56 -3.16 0.75 -7.63
CA HIS A 56 -2.34 1.75 -6.96
C HIS A 56 -1.11 1.01 -6.44
N HIS A 57 -0.01 1.74 -6.32
CA HIS A 57 1.26 1.17 -5.91
C HIS A 57 1.40 1.08 -4.39
N THR A 58 0.48 1.68 -3.66
CA THR A 58 0.67 1.92 -2.25
C THR A 58 -0.42 1.28 -1.41
N CYS A 59 -0.06 0.94 -0.17
CA CYS A 59 -0.99 0.40 0.80
C CYS A 59 -1.39 1.53 1.72
N PRO A 60 -2.56 1.44 2.37
CA PRO A 60 -2.95 2.40 3.39
C PRO A 60 -1.83 2.51 4.42
N CYS A 61 -1.72 3.67 5.05
CA CYS A 61 -0.69 3.88 6.06
C CYS A 61 -1.21 3.42 7.41
N ALA A 62 -0.29 3.19 8.36
CA ALA A 62 -0.64 2.78 9.70
C ALA A 62 -1.71 3.75 10.22
N PRO A 63 -2.85 3.27 10.73
CA PRO A 63 -4.02 4.06 11.12
C PRO A 63 -3.86 5.54 11.52
N ASN A 64 -2.85 5.92 12.31
CA ASN A 64 -2.69 7.34 12.68
C ASN A 64 -2.24 8.20 11.51
N LEU A 65 -1.36 7.66 10.69
CA LEU A 65 -0.65 8.36 9.63
C LEU A 65 -1.57 9.11 8.68
N ALA A 66 -1.30 10.40 8.45
CA ALA A 66 -2.06 11.26 7.56
C ALA A 66 -1.35 11.36 6.22
N CYS A 67 -1.97 10.90 5.13
CA CYS A 67 -1.41 10.98 3.79
C CYS A 67 -1.63 12.40 3.24
N VAL A 68 -0.64 13.27 3.38
CA VAL A 68 -0.73 14.68 2.94
C VAL A 68 -0.03 14.83 1.59
N GLN A 69 -0.50 15.76 0.77
CA GLN A 69 0.07 16.00 -0.56
C GLN A 69 1.43 16.70 -0.43
N THR A 70 2.44 16.21 -1.17
CA THR A 70 3.76 16.85 -1.25
C THR A 70 3.95 17.42 -2.66
N SER A 71 3.32 16.81 -3.66
CA SER A 71 3.24 17.30 -5.03
C SER A 71 1.92 16.72 -5.58
N PRO A 72 1.51 16.94 -6.84
CA PRO A 72 0.27 16.34 -7.32
C PRO A 72 0.48 14.83 -7.41
N LYS A 73 -0.48 14.05 -6.89
CA LYS A 73 -0.46 12.59 -6.80
C LYS A 73 0.52 12.11 -5.72
N LYS A 74 1.73 12.68 -5.70
CA LYS A 74 2.77 12.38 -4.74
C LYS A 74 2.37 12.90 -3.35
N PHE A 75 1.68 12.05 -2.58
CA PHE A 75 1.32 12.33 -1.20
C PHE A 75 2.23 11.47 -0.32
N LYS A 76 2.59 11.96 0.87
CA LYS A 76 3.41 11.24 1.84
C LYS A 76 2.66 11.17 3.16
N CYS A 77 2.91 10.09 3.90
CA CYS A 77 2.25 9.79 5.16
C CYS A 77 3.01 10.38 6.34
N LEU A 78 2.42 11.39 7.00
CA LEU A 78 3.02 12.05 8.15
C LEU A 78 2.44 11.52 9.45
N SER A 79 3.33 11.39 10.44
CA SER A 79 3.11 10.84 11.76
C SER A 79 2.07 11.62 12.58
N LYS A 80 1.31 10.88 13.40
CA LYS A 80 0.33 11.36 14.35
C LYS A 80 0.22 10.22 15.37
N ALA A 1 6.89 -7.75 -0.71
CA ALA A 1 8.00 -8.63 -0.41
C ALA A 1 8.71 -9.04 -1.71
N VAL A 2 9.00 -8.04 -2.56
CA VAL A 2 9.65 -8.11 -3.87
C VAL A 2 8.91 -9.00 -4.88
N ILE A 3 8.88 -10.30 -4.63
CA ILE A 3 8.27 -11.37 -5.42
C ILE A 3 7.78 -12.42 -4.42
N THR A 4 8.64 -12.77 -3.46
CA THR A 4 8.46 -13.73 -2.38
C THR A 4 7.34 -13.33 -1.41
N GLY A 5 6.10 -13.35 -1.91
CA GLY A 5 4.89 -13.04 -1.17
C GLY A 5 3.80 -12.60 -2.14
N ALA A 6 3.66 -13.32 -3.25
CA ALA A 6 2.68 -13.04 -4.30
C ALA A 6 1.28 -13.35 -3.80
N CYS A 7 0.45 -12.30 -3.66
CA CYS A 7 -0.93 -12.41 -3.20
C CYS A 7 -1.77 -11.42 -4.00
N GLU A 8 -3.07 -11.69 -4.08
CA GLU A 8 -4.02 -10.93 -4.86
C GLU A 8 -4.79 -9.96 -3.97
N ARG A 9 -5.19 -10.41 -2.77
CA ARG A 9 -5.95 -9.62 -1.81
C ARG A 9 -5.45 -9.84 -0.38
N ASP A 10 -5.20 -8.74 0.31
CA ASP A 10 -4.66 -8.56 1.66
C ASP A 10 -4.84 -9.77 2.58
N LEU A 11 -6.09 -10.18 2.74
CA LEU A 11 -6.53 -11.28 3.59
C LEU A 11 -5.63 -12.51 3.45
N GLN A 12 -5.24 -12.85 2.22
CA GLN A 12 -4.39 -13.99 1.94
C GLN A 12 -3.05 -13.91 2.69
N CYS A 13 -2.50 -12.71 2.86
CA CYS A 13 -1.20 -12.52 3.49
C CYS A 13 -1.31 -12.10 4.95
N GLY A 14 -2.09 -11.06 5.24
CA GLY A 14 -2.29 -10.59 6.60
C GLY A 14 -2.49 -9.07 6.65
N LYS A 15 -3.37 -8.63 7.55
CA LYS A 15 -3.79 -7.24 7.75
C LYS A 15 -2.63 -6.26 7.92
N GLY A 16 -1.50 -6.71 8.46
CA GLY A 16 -0.31 -5.86 8.63
C GLY A 16 0.29 -5.45 7.28
N THR A 17 -0.18 -6.03 6.18
CA THR A 17 0.27 -5.74 4.84
C THR A 17 -0.97 -5.61 3.96
N CYS A 18 -0.79 -5.29 2.69
CA CYS A 18 -1.85 -5.29 1.69
C CYS A 18 -1.25 -5.84 0.40
N CYS A 19 -2.07 -6.50 -0.42
CA CYS A 19 -1.60 -7.19 -1.63
C CYS A 19 -1.60 -6.24 -2.81
N ALA A 20 -0.58 -5.38 -2.90
CA ALA A 20 -0.49 -4.33 -3.91
C ALA A 20 0.62 -4.61 -4.92
N VAL A 21 0.59 -3.89 -6.05
CA VAL A 21 1.57 -4.05 -7.12
C VAL A 21 2.98 -4.00 -6.52
N SER A 22 3.86 -4.90 -6.97
CA SER A 22 5.21 -4.97 -6.48
C SER A 22 5.94 -3.65 -6.80
N LEU A 23 6.41 -2.99 -5.74
CA LEU A 23 7.18 -1.75 -5.79
C LEU A 23 8.52 -2.01 -6.51
N TRP A 24 8.94 -3.28 -6.60
CA TRP A 24 10.23 -3.69 -7.09
C TRP A 24 10.14 -4.16 -8.55
N ILE A 25 9.15 -5.00 -8.85
CA ILE A 25 8.89 -5.50 -10.20
C ILE A 25 7.39 -5.36 -10.44
N LYS A 26 6.99 -4.33 -11.17
CA LYS A 26 5.59 -3.96 -11.39
C LYS A 26 4.78 -4.99 -12.20
N SER A 27 5.36 -6.16 -12.51
CA SER A 27 4.67 -7.24 -13.22
C SER A 27 4.01 -8.23 -12.25
N VAL A 28 4.05 -7.97 -10.94
CA VAL A 28 3.45 -8.82 -9.92
C VAL A 28 2.81 -7.93 -8.86
N ARG A 29 1.99 -8.49 -7.95
CA ARG A 29 1.49 -7.81 -6.78
C ARG A 29 1.78 -8.72 -5.59
N VAL A 30 2.26 -8.13 -4.48
CA VAL A 30 2.78 -8.84 -3.33
C VAL A 30 2.36 -8.22 -2.01
N CYS A 31 2.65 -8.95 -0.93
CA CYS A 31 2.47 -8.53 0.46
C CYS A 31 3.30 -7.28 0.70
N THR A 32 2.72 -6.11 0.48
CA THR A 32 3.38 -4.83 0.65
C THR A 32 2.95 -4.32 2.03
N PRO A 33 3.87 -4.01 2.95
CA PRO A 33 3.52 -3.53 4.28
C PRO A 33 2.58 -2.33 4.24
N VAL A 34 1.80 -2.12 5.32
CA VAL A 34 1.01 -0.91 5.44
C VAL A 34 1.91 0.30 5.14
N GLY A 35 1.34 1.33 4.50
CA GLY A 35 2.04 2.55 4.15
C GLY A 35 2.74 3.08 5.40
N THR A 36 4.07 3.12 5.39
CA THR A 36 4.89 3.53 6.51
C THR A 36 5.35 4.97 6.29
N SER A 37 5.80 5.63 7.36
CA SER A 37 6.24 7.01 7.39
C SER A 37 7.11 7.38 6.18
N GLY A 38 6.63 8.30 5.34
CA GLY A 38 7.32 8.80 4.17
C GLY A 38 7.00 8.04 2.89
N GLU A 39 6.33 6.89 2.96
CA GLU A 39 6.01 6.13 1.76
C GLU A 39 4.88 6.81 0.98
N ASP A 40 4.87 6.59 -0.33
CA ASP A 40 3.85 7.14 -1.22
C ASP A 40 2.49 6.53 -0.87
N CYS A 41 1.42 7.31 -1.00
CA CYS A 41 0.08 6.89 -0.62
C CYS A 41 -0.95 7.40 -1.62
N HIS A 42 -2.17 6.90 -1.49
CA HIS A 42 -3.31 7.28 -2.29
C HIS A 42 -4.46 7.46 -1.30
N PRO A 43 -5.22 8.56 -1.33
CA PRO A 43 -6.31 8.76 -0.39
C PRO A 43 -7.35 7.64 -0.50
N ALA A 44 -7.54 7.05 -1.69
CA ALA A 44 -8.51 6.00 -1.92
C ALA A 44 -7.89 4.61 -1.91
N SER A 45 -6.99 4.28 -0.97
CA SER A 45 -6.35 2.97 -0.91
C SER A 45 -7.29 1.82 -0.47
N HIS A 46 -8.60 1.96 -0.64
CA HIS A 46 -9.65 0.97 -0.39
C HIS A 46 -9.73 0.35 1.02
N LYS A 47 -8.89 0.80 1.96
CA LYS A 47 -8.77 0.28 3.32
C LYS A 47 -8.39 -1.21 3.30
N ILE A 48 -8.26 -1.84 4.47
CA ILE A 48 -7.86 -3.24 4.61
C ILE A 48 -8.95 -3.97 5.40
N PRO A 49 -9.32 -5.23 5.08
CA PRO A 49 -8.83 -6.02 3.95
C PRO A 49 -9.63 -5.70 2.68
N PHE A 50 -8.93 -5.51 1.56
CA PHE A 50 -9.57 -5.25 0.27
C PHE A 50 -9.62 -6.55 -0.52
N SER A 51 -10.78 -7.19 -0.54
CA SER A 51 -11.02 -8.44 -1.25
C SER A 51 -11.09 -8.26 -2.76
N GLY A 52 -10.06 -7.64 -3.38
CA GLY A 52 -10.01 -7.40 -4.81
C GLY A 52 -8.58 -7.19 -5.26
N GLN A 53 -8.38 -7.08 -6.58
CA GLN A 53 -7.06 -6.89 -7.19
C GLN A 53 -6.67 -5.43 -7.03
N ARG A 54 -5.69 -5.14 -6.18
CA ARG A 54 -5.26 -3.77 -5.93
C ARG A 54 -4.53 -3.18 -7.12
N MET A 55 -5.29 -2.59 -8.05
CA MET A 55 -4.72 -1.85 -9.17
C MET A 55 -3.89 -0.69 -8.62
N HIS A 56 -4.40 -0.03 -7.57
CA HIS A 56 -3.66 1.05 -6.91
C HIS A 56 -2.42 0.45 -6.23
N HIS A 57 -1.26 1.02 -6.56
CA HIS A 57 0.06 0.57 -6.16
C HIS A 57 0.33 0.66 -4.66
N THR A 58 -0.32 1.60 -3.98
CA THR A 58 -0.02 1.92 -2.60
C THR A 58 -1.01 1.25 -1.64
N CYS A 59 -0.52 0.92 -0.44
CA CYS A 59 -1.33 0.29 0.59
C CYS A 59 -1.81 1.33 1.60
N PRO A 60 -2.94 1.07 2.28
CA PRO A 60 -3.39 1.93 3.36
C PRO A 60 -2.26 2.12 4.37
N CYS A 61 -2.16 3.33 4.90
CA CYS A 61 -1.10 3.70 5.80
C CYS A 61 -1.33 3.21 7.21
N ALA A 62 -0.23 3.04 7.96
CA ALA A 62 -0.31 2.64 9.35
C ALA A 62 -1.25 3.63 10.05
N PRO A 63 -2.20 3.18 10.88
CA PRO A 63 -3.19 4.02 11.55
C PRO A 63 -2.71 5.39 12.03
N ASN A 64 -1.48 5.47 12.54
CA ASN A 64 -0.86 6.70 13.04
C ASN A 64 -0.74 7.80 11.99
N LEU A 65 -0.59 7.43 10.72
CA LEU A 65 -0.28 8.35 9.63
C LEU A 65 -1.50 8.93 8.94
N ALA A 66 -1.27 9.97 8.13
CA ALA A 66 -2.24 10.66 7.30
C ALA A 66 -1.63 10.81 5.91
N CYS A 67 -2.41 10.47 4.88
CA CYS A 67 -1.98 10.57 3.48
C CYS A 67 -2.12 12.02 3.03
N VAL A 68 -0.99 12.73 2.88
CA VAL A 68 -0.98 14.16 2.58
C VAL A 68 -0.12 14.49 1.37
N GLN A 69 -0.45 15.62 0.74
CA GLN A 69 0.29 16.15 -0.39
C GLN A 69 1.64 16.66 0.10
N THR A 70 2.71 16.22 -0.57
CA THR A 70 4.08 16.65 -0.29
C THR A 70 4.47 17.73 -1.31
N SER A 71 3.91 17.63 -2.52
CA SER A 71 4.00 18.60 -3.59
C SER A 71 2.76 18.30 -4.46
N PRO A 72 2.44 19.11 -5.48
CA PRO A 72 1.30 18.85 -6.34
C PRO A 72 1.25 17.39 -6.78
N LYS A 73 0.10 16.74 -6.56
CA LYS A 73 -0.24 15.34 -6.82
C LYS A 73 0.54 14.35 -5.94
N LYS A 74 1.84 14.55 -5.71
CA LYS A 74 2.67 13.68 -4.89
C LYS A 74 2.10 13.49 -3.47
N PHE A 75 1.40 12.38 -3.25
CA PHE A 75 0.79 12.02 -1.98
C PHE A 75 1.68 11.06 -1.22
N LYS A 76 2.08 11.40 0.02
CA LYS A 76 2.87 10.53 0.88
C LYS A 76 2.29 10.54 2.28
N CYS A 77 2.57 9.49 3.06
CA CYS A 77 2.02 9.34 4.40
C CYS A 77 2.96 9.83 5.48
N LEU A 78 2.59 10.93 6.13
CA LEU A 78 3.32 11.54 7.22
C LEU A 78 2.48 11.39 8.48
N SER A 79 3.00 11.86 9.62
CA SER A 79 2.32 11.81 10.91
C SER A 79 1.42 13.03 11.10
N LYS A 80 0.98 13.66 10.01
CA LYS A 80 0.15 14.83 9.91
C LYS A 80 -0.19 14.92 8.42
N ALA A 1 2.52 -11.80 3.23
CA ALA A 1 3.53 -12.25 2.29
C ALA A 1 3.59 -13.78 2.20
N VAL A 2 2.54 -14.48 2.67
CA VAL A 2 2.51 -15.94 2.75
C VAL A 2 2.88 -16.63 1.44
N ILE A 3 2.32 -16.23 0.30
CA ILE A 3 2.65 -16.84 -0.99
C ILE A 3 3.95 -16.22 -1.52
N THR A 4 5.02 -16.34 -0.74
CA THR A 4 6.35 -15.86 -1.08
C THR A 4 6.31 -14.41 -1.59
N GLY A 5 5.76 -13.50 -0.78
CA GLY A 5 5.67 -12.09 -1.12
C GLY A 5 4.53 -11.80 -2.11
N ALA A 6 4.55 -12.46 -3.27
CA ALA A 6 3.55 -12.35 -4.32
C ALA A 6 2.15 -12.46 -3.74
N CYS A 7 1.23 -11.64 -4.22
CA CYS A 7 -0.14 -11.61 -3.73
C CYS A 7 -1.14 -11.40 -4.87
N GLU A 8 -2.42 -11.56 -4.54
CA GLU A 8 -3.57 -11.33 -5.38
C GLU A 8 -4.52 -10.38 -4.67
N ARG A 9 -4.72 -10.56 -3.34
CA ARG A 9 -5.58 -9.71 -2.54
C ARG A 9 -5.01 -9.55 -1.12
N ASP A 10 -5.42 -8.47 -0.42
CA ASP A 10 -4.94 -8.11 0.92
C ASP A 10 -5.04 -9.26 1.92
N LEU A 11 -5.95 -10.21 1.71
CA LEU A 11 -6.12 -11.37 2.58
C LEU A 11 -4.79 -12.08 2.85
N GLN A 12 -3.89 -12.09 1.86
CA GLN A 12 -2.58 -12.74 1.95
C GLN A 12 -1.54 -11.87 2.68
N CYS A 13 -1.91 -10.62 2.97
CA CYS A 13 -1.08 -9.57 3.54
C CYS A 13 -1.68 -9.18 4.89
N GLY A 14 -2.19 -7.95 5.05
CA GLY A 14 -2.85 -7.51 6.26
C GLY A 14 -1.82 -7.07 7.30
N LYS A 15 -1.03 -8.04 7.74
CA LYS A 15 0.02 -7.89 8.74
C LYS A 15 1.00 -6.80 8.32
N GLY A 16 0.68 -5.58 8.74
CA GLY A 16 1.37 -4.34 8.41
C GLY A 16 1.62 -4.21 6.91
N THR A 17 0.82 -4.87 6.06
CA THR A 17 1.00 -4.87 4.63
C THR A 17 -0.33 -4.84 3.88
N CYS A 18 -0.31 -4.41 2.61
CA CYS A 18 -1.44 -4.47 1.69
C CYS A 18 -0.93 -5.08 0.37
N CYS A 19 -1.82 -5.69 -0.42
CA CYS A 19 -1.45 -6.36 -1.66
C CYS A 19 -1.36 -5.34 -2.82
N ALA A 20 -0.18 -4.76 -3.07
CA ALA A 20 -0.01 -3.72 -4.08
C ALA A 20 1.09 -4.07 -5.08
N VAL A 21 1.09 -3.38 -6.23
CA VAL A 21 2.01 -3.60 -7.33
C VAL A 21 3.47 -3.60 -6.82
N SER A 22 4.30 -4.50 -7.31
CA SER A 22 5.70 -4.59 -6.95
C SER A 22 6.41 -3.33 -7.46
N LEU A 23 7.32 -2.75 -6.67
CA LEU A 23 7.95 -1.49 -7.03
C LEU A 23 8.89 -1.65 -8.22
N TRP A 24 9.58 -2.79 -8.33
CA TRP A 24 10.57 -3.01 -9.38
C TRP A 24 9.96 -3.83 -10.52
N ILE A 25 9.64 -5.12 -10.29
CA ILE A 25 9.05 -5.96 -11.31
C ILE A 25 7.54 -5.77 -11.27
N LYS A 26 7.08 -4.62 -11.80
CA LYS A 26 5.67 -4.23 -11.82
C LYS A 26 4.72 -5.26 -12.45
N SER A 27 5.22 -6.38 -12.97
CA SER A 27 4.40 -7.45 -13.51
C SER A 27 3.60 -8.13 -12.39
N VAL A 28 4.16 -8.19 -11.18
CA VAL A 28 3.53 -8.80 -10.02
C VAL A 28 3.11 -7.74 -9.01
N ARG A 29 2.17 -8.10 -8.14
CA ARG A 29 1.81 -7.33 -6.96
C ARG A 29 2.18 -8.22 -5.77
N VAL A 30 2.73 -7.61 -4.72
CA VAL A 30 3.23 -8.28 -3.54
C VAL A 30 2.68 -7.61 -2.28
N CYS A 31 2.77 -8.33 -1.18
CA CYS A 31 2.40 -7.79 0.12
C CYS A 31 3.41 -6.70 0.47
N THR A 32 3.01 -5.46 0.21
CA THR A 32 3.84 -4.28 0.34
C THR A 32 3.51 -3.63 1.69
N PRO A 33 4.52 -3.18 2.45
CA PRO A 33 4.31 -2.53 3.75
C PRO A 33 3.29 -1.39 3.68
N VAL A 34 2.51 -1.20 4.75
CA VAL A 34 1.62 -0.05 4.83
C VAL A 34 2.45 1.23 4.69
N GLY A 35 1.87 2.25 4.06
CA GLY A 35 2.52 3.52 3.79
C GLY A 35 3.14 4.07 5.08
N THR A 36 4.47 4.13 5.11
CA THR A 36 5.24 4.52 6.27
C THR A 36 5.64 5.98 6.13
N SER A 37 6.03 6.63 7.23
CA SER A 37 6.41 8.03 7.29
C SER A 37 7.29 8.47 6.11
N GLY A 38 6.77 9.35 5.24
CA GLY A 38 7.50 9.88 4.10
C GLY A 38 7.26 9.09 2.81
N GLU A 39 6.79 7.85 2.88
CA GLU A 39 6.52 7.05 1.69
C GLU A 39 5.37 7.65 0.90
N ASP A 40 5.38 7.46 -0.43
CA ASP A 40 4.34 7.92 -1.33
C ASP A 40 3.03 7.17 -1.04
N CYS A 41 1.90 7.84 -1.25
CA CYS A 41 0.58 7.28 -0.98
C CYS A 41 -0.43 7.79 -1.98
N HIS A 42 -1.49 7.01 -2.21
CA HIS A 42 -2.57 7.36 -3.09
C HIS A 42 -3.70 7.88 -2.22
N PRO A 43 -4.27 9.06 -2.47
CA PRO A 43 -5.36 9.57 -1.66
C PRO A 43 -6.55 8.59 -1.61
N ALA A 44 -6.70 7.74 -2.64
CA ALA A 44 -7.76 6.75 -2.70
C ALA A 44 -7.29 5.34 -2.31
N SER A 45 -6.18 5.19 -1.58
CA SER A 45 -5.68 3.88 -1.14
C SER A 45 -6.82 3.09 -0.49
N HIS A 46 -7.25 1.99 -1.12
CA HIS A 46 -8.39 1.21 -0.67
C HIS A 46 -8.24 0.77 0.78
N LYS A 47 -9.35 0.75 1.51
CA LYS A 47 -9.34 0.34 2.90
C LYS A 47 -8.90 -1.12 3.02
N ILE A 48 -8.28 -1.46 4.16
CA ILE A 48 -7.82 -2.81 4.46
C ILE A 48 -8.97 -3.54 5.17
N PRO A 49 -9.26 -4.82 4.88
CA PRO A 49 -8.67 -5.65 3.85
C PRO A 49 -9.37 -5.42 2.50
N PHE A 50 -8.60 -5.20 1.44
CA PHE A 50 -9.12 -5.02 0.10
C PHE A 50 -9.01 -6.35 -0.63
N SER A 51 -10.13 -7.08 -0.68
CA SER A 51 -10.23 -8.37 -1.32
C SER A 51 -10.27 -8.20 -2.85
N GLY A 52 -9.22 -7.61 -3.43
CA GLY A 52 -9.11 -7.39 -4.86
C GLY A 52 -7.68 -7.00 -5.21
N GLN A 53 -7.39 -6.93 -6.51
CA GLN A 53 -6.07 -6.59 -7.02
C GLN A 53 -5.93 -5.07 -6.96
N ARG A 54 -5.13 -4.55 -6.03
CA ARG A 54 -4.97 -3.10 -5.91
C ARG A 54 -4.25 -2.56 -7.14
N MET A 55 -4.97 -1.77 -7.94
CA MET A 55 -4.40 -1.08 -9.09
C MET A 55 -3.38 -0.04 -8.58
N HIS A 56 -3.71 0.61 -7.46
CA HIS A 56 -2.84 1.60 -6.83
C HIS A 56 -1.54 0.94 -6.39
N HIS A 57 -0.41 1.58 -6.71
CA HIS A 57 0.92 1.07 -6.42
C HIS A 57 1.23 1.13 -4.93
N THR A 58 0.70 2.15 -4.25
CA THR A 58 1.00 2.42 -2.87
C THR A 58 -0.08 1.86 -1.95
N CYS A 59 0.28 1.51 -0.71
CA CYS A 59 -0.64 0.97 0.25
C CYS A 59 -1.10 2.11 1.17
N PRO A 60 -2.24 1.90 1.86
CA PRO A 60 -2.76 2.85 2.83
C PRO A 60 -1.70 3.19 3.86
N CYS A 61 -1.71 4.43 4.34
CA CYS A 61 -0.78 4.86 5.37
C CYS A 61 -1.02 4.05 6.64
N ALA A 62 0.04 3.72 7.37
CA ALA A 62 -0.07 2.96 8.60
C ALA A 62 -1.07 3.63 9.54
N PRO A 63 -1.75 2.88 10.43
CA PRO A 63 -2.76 3.40 11.35
C PRO A 63 -2.43 4.74 12.03
N ASN A 64 -1.15 5.02 12.32
CA ASN A 64 -0.74 6.25 12.98
C ASN A 64 -0.23 7.30 11.98
N LEU A 65 -0.65 7.23 10.71
CA LEU A 65 -0.23 8.14 9.66
C LEU A 65 -1.42 8.45 8.73
N ALA A 66 -1.36 9.56 8.00
CA ALA A 66 -2.39 10.00 7.06
C ALA A 66 -1.76 10.37 5.72
N CYS A 67 -2.46 10.08 4.62
CA CYS A 67 -2.01 10.40 3.27
C CYS A 67 -2.29 11.88 2.99
N VAL A 68 -1.25 12.69 2.76
CA VAL A 68 -1.42 14.12 2.56
C VAL A 68 -0.49 14.64 1.47
N GLN A 69 -0.92 15.71 0.80
CA GLN A 69 -0.19 16.30 -0.31
C GLN A 69 0.96 17.20 0.10
N THR A 70 2.11 17.02 -0.54
CA THR A 70 3.31 17.83 -0.33
C THR A 70 3.37 18.85 -1.47
N SER A 71 2.92 18.46 -2.66
CA SER A 71 2.72 19.31 -3.83
C SER A 71 1.70 18.55 -4.69
N PRO A 72 1.17 19.13 -5.78
CA PRO A 72 0.22 18.45 -6.65
C PRO A 72 0.75 17.06 -7.04
N LYS A 73 -0.09 16.03 -6.93
CA LYS A 73 0.20 14.63 -7.22
C LYS A 73 1.08 13.99 -6.13
N LYS A 74 2.11 14.71 -5.65
CA LYS A 74 3.02 14.25 -4.62
C LYS A 74 2.31 14.07 -3.27
N PHE A 75 1.61 12.96 -3.11
CA PHE A 75 0.90 12.58 -1.90
C PHE A 75 1.80 11.61 -1.14
N LYS A 76 2.08 11.91 0.13
CA LYS A 76 2.95 11.12 0.99
C LYS A 76 2.30 10.91 2.35
N CYS A 77 2.73 9.85 3.05
CA CYS A 77 2.21 9.52 4.37
C CYS A 77 2.90 10.37 5.42
N LEU A 78 2.13 11.21 6.12
CA LEU A 78 2.64 12.05 7.19
C LEU A 78 1.85 11.76 8.48
N SER A 79 2.03 12.62 9.48
CA SER A 79 1.44 12.51 10.80
C SER A 79 -0.09 12.40 10.77
N LYS A 80 -0.63 11.85 11.85
CA LYS A 80 -2.04 11.65 12.13
C LYS A 80 -2.11 11.59 13.66
N ALA A 1 10.03 -10.74 6.45
CA ALA A 1 8.87 -11.56 6.74
C ALA A 1 8.18 -12.00 5.44
N VAL A 2 7.81 -11.02 4.61
CA VAL A 2 7.14 -11.25 3.33
C VAL A 2 8.13 -11.73 2.25
N ILE A 3 8.94 -12.74 2.58
CA ILE A 3 9.95 -13.31 1.71
C ILE A 3 9.25 -13.87 0.46
N THR A 4 9.29 -13.10 -0.63
CA THR A 4 8.61 -13.44 -1.87
C THR A 4 7.10 -13.56 -1.59
N GLY A 5 6.55 -12.63 -0.81
CA GLY A 5 5.15 -12.59 -0.42
C GLY A 5 4.26 -12.12 -1.58
N ALA A 6 4.31 -12.84 -2.70
CA ALA A 6 3.49 -12.60 -3.88
C ALA A 6 2.04 -12.84 -3.51
N CYS A 7 1.15 -11.95 -3.98
CA CYS A 7 -0.26 -11.94 -3.64
C CYS A 7 -1.15 -11.57 -4.84
N GLU A 8 -2.42 -12.00 -4.79
CA GLU A 8 -3.48 -11.70 -5.73
C GLU A 8 -4.45 -10.68 -5.13
N ARG A 9 -4.83 -10.84 -3.85
CA ARG A 9 -5.69 -9.88 -3.13
C ARG A 9 -5.39 -9.86 -1.62
N ASP A 10 -5.66 -8.72 -0.97
CA ASP A 10 -5.38 -8.42 0.44
C ASP A 10 -5.68 -9.58 1.39
N LEU A 11 -6.79 -10.29 1.17
CA LEU A 11 -7.20 -11.41 2.00
C LEU A 11 -6.05 -12.37 2.31
N GLN A 12 -5.15 -12.58 1.34
CA GLN A 12 -4.02 -13.49 1.45
C GLN A 12 -2.86 -12.93 2.29
N CYS A 13 -2.83 -11.61 2.53
CA CYS A 13 -1.76 -10.94 3.26
C CYS A 13 -2.20 -10.69 4.71
N GLY A 14 -1.22 -10.53 5.61
CA GLY A 14 -1.55 -10.14 6.97
C GLY A 14 -2.06 -8.71 6.90
N LYS A 15 -3.06 -8.39 7.71
CA LYS A 15 -3.73 -7.10 7.64
C LYS A 15 -2.89 -5.91 8.11
N GLY A 16 -1.63 -6.14 8.53
CA GLY A 16 -0.66 -5.11 8.80
C GLY A 16 0.09 -4.75 7.49
N THR A 17 -0.28 -5.37 6.38
CA THR A 17 0.30 -5.15 5.07
C THR A 17 -0.88 -5.17 4.08
N CYS A 18 -0.66 -4.84 2.80
CA CYS A 18 -1.69 -4.93 1.76
C CYS A 18 -1.06 -5.46 0.46
N CYS A 19 -1.90 -6.01 -0.41
CA CYS A 19 -1.50 -6.67 -1.65
C CYS A 19 -1.20 -5.65 -2.75
N ALA A 20 -0.18 -4.82 -2.56
CA ALA A 20 0.10 -3.72 -3.47
C ALA A 20 0.78 -4.18 -4.76
N VAL A 21 0.67 -3.37 -5.82
CA VAL A 21 1.27 -3.67 -7.12
C VAL A 21 2.80 -3.75 -7.01
N SER A 22 3.44 -4.53 -7.89
CA SER A 22 4.89 -4.62 -7.98
C SER A 22 5.39 -3.60 -9.01
N LEU A 23 6.22 -2.63 -8.59
CA LEU A 23 6.73 -1.52 -9.40
C LEU A 23 7.21 -1.93 -10.80
N TRP A 24 7.75 -3.15 -10.96
CA TRP A 24 8.38 -3.58 -12.20
C TRP A 24 7.45 -4.42 -13.08
N ILE A 25 6.28 -4.81 -12.58
CA ILE A 25 5.33 -5.62 -13.33
C ILE A 25 3.94 -5.49 -12.71
N LYS A 26 3.09 -4.67 -13.34
CA LYS A 26 1.72 -4.42 -12.91
C LYS A 26 0.89 -5.70 -12.76
N SER A 27 1.34 -6.80 -13.35
CA SER A 27 0.67 -8.08 -13.27
C SER A 27 0.80 -8.70 -11.88
N VAL A 28 1.96 -8.53 -11.23
CA VAL A 28 2.23 -9.14 -9.93
C VAL A 28 2.01 -8.12 -8.82
N ARG A 29 1.53 -8.61 -7.68
CA ARG A 29 1.23 -7.81 -6.50
C ARG A 29 1.93 -8.51 -5.34
N VAL A 30 2.35 -7.78 -4.31
CA VAL A 30 3.10 -8.31 -3.19
C VAL A 30 2.58 -7.69 -1.88
N CYS A 31 2.63 -8.48 -0.80
CA CYS A 31 2.23 -8.05 0.53
C CYS A 31 3.21 -6.96 0.99
N THR A 32 2.85 -5.71 0.77
CA THR A 32 3.67 -4.55 1.08
C THR A 32 3.17 -3.98 2.41
N PRO A 33 4.04 -3.53 3.31
CA PRO A 33 3.62 -3.07 4.63
C PRO A 33 2.77 -1.81 4.52
N VAL A 34 1.91 -1.55 5.53
CA VAL A 34 1.15 -0.31 5.59
C VAL A 34 2.09 0.88 5.39
N GLY A 35 1.60 1.92 4.71
CA GLY A 35 2.33 3.14 4.44
C GLY A 35 2.89 3.67 5.74
N THR A 36 4.21 3.66 5.87
CA THR A 36 4.92 3.99 7.09
C THR A 36 5.41 5.45 7.04
N SER A 37 5.88 5.98 8.17
CA SER A 37 6.31 7.35 8.33
C SER A 37 7.19 7.85 7.17
N GLY A 38 6.67 8.75 6.35
CA GLY A 38 7.39 9.36 5.23
C GLY A 38 7.29 8.57 3.93
N GLU A 39 6.76 7.34 3.95
CA GLU A 39 6.61 6.54 2.75
C GLU A 39 5.58 7.20 1.82
N ASP A 40 5.75 7.01 0.51
CA ASP A 40 4.84 7.54 -0.48
C ASP A 40 3.46 6.93 -0.32
N CYS A 41 2.41 7.70 -0.62
CA CYS A 41 1.04 7.21 -0.57
C CYS A 41 0.25 7.79 -1.71
N HIS A 42 -0.69 7.00 -2.22
CA HIS A 42 -1.60 7.43 -3.26
C HIS A 42 -2.89 7.79 -2.51
N PRO A 43 -3.50 8.97 -2.75
CA PRO A 43 -4.72 9.33 -2.05
C PRO A 43 -5.83 8.28 -2.22
N ALA A 44 -5.77 7.45 -3.27
CA ALA A 44 -6.73 6.38 -3.51
C ALA A 44 -6.19 5.02 -3.06
N SER A 45 -5.21 4.96 -2.14
CA SER A 45 -4.74 3.69 -1.59
C SER A 45 -5.94 3.01 -0.90
N HIS A 46 -6.48 1.98 -1.55
CA HIS A 46 -7.71 1.29 -1.14
C HIS A 46 -7.64 0.84 0.31
N LYS A 47 -8.78 0.89 1.00
CA LYS A 47 -8.88 0.44 2.38
C LYS A 47 -8.45 -1.03 2.51
N ILE A 48 -8.23 -1.51 3.74
CA ILE A 48 -7.87 -2.90 4.01
C ILE A 48 -9.12 -3.52 4.66
N PRO A 49 -9.53 -4.76 4.30
CA PRO A 49 -8.97 -5.60 3.24
C PRO A 49 -9.60 -5.25 1.89
N PHE A 50 -8.78 -5.11 0.85
CA PHE A 50 -9.24 -4.88 -0.51
C PHE A 50 -9.24 -6.22 -1.23
N SER A 51 -10.38 -6.90 -1.23
CA SER A 51 -10.58 -8.19 -1.86
C SER A 51 -10.60 -8.09 -3.40
N GLY A 52 -9.51 -7.58 -3.99
CA GLY A 52 -9.37 -7.42 -5.42
C GLY A 52 -7.92 -7.09 -5.74
N GLN A 53 -7.62 -6.95 -7.03
CA GLN A 53 -6.29 -6.65 -7.51
C GLN A 53 -6.06 -5.14 -7.40
N ARG A 54 -5.37 -4.71 -6.33
CA ARG A 54 -5.05 -3.30 -6.13
C ARG A 54 -4.34 -2.75 -7.37
N MET A 55 -4.60 -1.50 -7.74
CA MET A 55 -3.97 -0.87 -8.90
C MET A 55 -2.98 0.23 -8.47
N HIS A 56 -2.42 0.11 -7.26
CA HIS A 56 -1.46 1.05 -6.72
C HIS A 56 -0.38 0.28 -5.95
N HIS A 57 0.82 0.84 -5.87
CA HIS A 57 1.96 0.26 -5.18
C HIS A 57 1.98 0.63 -3.70
N THR A 58 1.19 1.63 -3.30
CA THR A 58 1.19 2.12 -1.94
C THR A 58 0.00 1.54 -1.18
N CYS A 59 0.22 1.15 0.08
CA CYS A 59 -0.81 0.63 0.96
C CYS A 59 -1.25 1.77 1.87
N PRO A 60 -2.46 1.73 2.43
CA PRO A 60 -2.91 2.77 3.34
C PRO A 60 -1.92 3.04 4.44
N CYS A 61 -1.96 4.28 4.91
CA CYS A 61 -1.07 4.77 5.95
C CYS A 61 -1.36 4.06 7.26
N ALA A 62 -0.32 3.70 8.01
CA ALA A 62 -0.47 3.04 9.30
C ALA A 62 -1.40 3.88 10.18
N PRO A 63 -2.25 3.29 11.03
CA PRO A 63 -3.26 3.99 11.83
C PRO A 63 -2.95 5.40 12.37
N ASN A 64 -1.75 5.69 12.90
CA ASN A 64 -1.44 7.04 13.38
C ASN A 64 -1.23 8.00 12.22
N LEU A 65 -0.70 7.51 11.11
CA LEU A 65 -0.36 8.26 9.93
C LEU A 65 -1.59 8.49 9.04
N ALA A 66 -1.49 9.49 8.16
CA ALA A 66 -2.48 9.89 7.18
C ALA A 66 -1.76 10.26 5.90
N CYS A 67 -2.42 10.09 4.75
CA CYS A 67 -1.85 10.40 3.44
C CYS A 67 -1.95 11.90 3.20
N VAL A 68 -0.88 12.65 3.47
CA VAL A 68 -0.84 14.11 3.34
C VAL A 68 0.04 14.48 2.14
N GLN A 69 -0.23 15.63 1.53
CA GLN A 69 0.55 16.14 0.41
C GLN A 69 1.69 17.03 0.90
N THR A 70 2.88 16.85 0.32
CA THR A 70 4.06 17.67 0.59
C THR A 70 4.21 18.70 -0.53
N SER A 71 3.68 18.38 -1.72
CA SER A 71 3.59 19.18 -2.92
C SER A 71 2.61 18.41 -3.82
N PRO A 72 2.20 18.94 -4.98
CA PRO A 72 1.24 18.26 -5.83
C PRO A 72 1.82 16.92 -6.28
N LYS A 73 1.01 15.86 -6.25
CA LYS A 73 1.38 14.48 -6.56
C LYS A 73 2.22 13.86 -5.43
N LYS A 74 3.17 14.61 -4.86
CA LYS A 74 4.04 14.18 -3.78
C LYS A 74 3.26 13.97 -2.47
N PHE A 75 2.52 12.87 -2.40
CA PHE A 75 1.72 12.46 -1.25
C PHE A 75 2.49 11.43 -0.44
N LYS A 76 2.60 11.66 0.88
CA LYS A 76 3.33 10.80 1.80
C LYS A 76 2.53 10.57 3.09
N CYS A 77 2.85 9.48 3.79
CA CYS A 77 2.19 9.12 5.04
C CYS A 77 2.83 9.89 6.19
N LEU A 78 2.13 10.89 6.74
CA LEU A 78 2.60 11.71 7.85
C LEU A 78 1.69 11.54 9.06
N SER A 79 2.25 11.73 10.26
CA SER A 79 1.59 11.53 11.54
C SER A 79 0.39 12.43 11.81
N LYS A 80 -0.35 12.07 12.86
CA LYS A 80 -1.47 12.78 13.46
C LYS A 80 -1.17 12.75 14.96
N ALA A 1 8.05 -12.67 -9.26
CA ALA A 1 8.08 -12.55 -7.82
C ALA A 1 6.90 -13.31 -7.18
N VAL A 2 6.55 -14.45 -7.77
CA VAL A 2 5.48 -15.29 -7.25
C VAL A 2 5.98 -16.10 -6.04
N ILE A 3 7.20 -16.62 -6.11
CA ILE A 3 7.80 -17.41 -5.04
C ILE A 3 8.28 -16.48 -3.92
N THR A 4 7.34 -15.85 -3.21
CA THR A 4 7.56 -14.96 -2.08
C THR A 4 6.16 -14.55 -1.60
N GLY A 5 6.04 -13.44 -0.87
CA GLY A 5 4.79 -12.93 -0.32
C GLY A 5 3.92 -12.27 -1.39
N ALA A 6 3.62 -13.01 -2.46
CA ALA A 6 2.75 -12.56 -3.54
C ALA A 6 1.30 -12.64 -3.03
N CYS A 7 0.58 -11.52 -3.01
CA CYS A 7 -0.78 -11.49 -2.49
C CYS A 7 -1.68 -10.57 -3.31
N GLU A 8 -2.98 -10.88 -3.32
CA GLU A 8 -4.01 -10.13 -4.04
C GLU A 8 -4.87 -9.30 -3.08
N ARG A 9 -5.19 -9.83 -1.90
CA ARG A 9 -5.98 -9.12 -0.89
C ARG A 9 -5.22 -9.14 0.42
N ASP A 10 -5.08 -7.97 1.05
CA ASP A 10 -4.30 -7.72 2.27
C ASP A 10 -4.45 -8.84 3.29
N LEU A 11 -5.70 -9.22 3.54
CA LEU A 11 -6.11 -10.25 4.48
C LEU A 11 -5.29 -11.53 4.34
N GLN A 12 -4.96 -11.92 3.11
CA GLN A 12 -4.18 -13.12 2.84
C GLN A 12 -2.82 -13.07 3.56
N CYS A 13 -2.23 -11.88 3.68
CA CYS A 13 -0.91 -11.70 4.25
C CYS A 13 -0.95 -11.18 5.68
N GLY A 14 -1.69 -10.10 5.93
CA GLY A 14 -1.82 -9.52 7.26
C GLY A 14 -1.99 -8.01 7.20
N LYS A 15 -2.86 -7.47 8.06
CA LYS A 15 -3.22 -6.06 8.15
C LYS A 15 -2.01 -5.12 8.31
N GLY A 16 -0.90 -5.63 8.85
CA GLY A 16 0.33 -4.85 8.98
C GLY A 16 0.96 -4.53 7.61
N THR A 17 0.42 -5.11 6.53
CA THR A 17 0.86 -4.89 5.18
C THR A 17 -0.39 -4.72 4.31
N CYS A 18 -0.21 -4.38 3.04
CA CYS A 18 -1.26 -4.43 2.04
C CYS A 18 -0.69 -5.09 0.82
N CYS A 19 -1.59 -5.42 -0.08
CA CYS A 19 -1.25 -6.08 -1.34
C CYS A 19 -1.08 -5.01 -2.40
N ALA A 20 0.17 -4.60 -2.68
CA ALA A 20 0.47 -3.55 -3.64
C ALA A 20 1.41 -4.06 -4.74
N VAL A 21 1.43 -3.37 -5.89
CA VAL A 21 2.21 -3.78 -7.05
C VAL A 21 3.70 -3.95 -6.72
N SER A 22 4.32 -5.01 -7.25
CA SER A 22 5.73 -5.27 -7.09
C SER A 22 6.49 -4.23 -7.92
N LEU A 23 7.31 -3.38 -7.29
CA LEU A 23 8.06 -2.27 -7.90
C LEU A 23 9.05 -2.66 -9.02
N TRP A 24 9.08 -3.92 -9.46
CA TRP A 24 9.96 -4.39 -10.53
C TRP A 24 9.12 -5.20 -11.50
N ILE A 25 8.71 -6.44 -11.16
CA ILE A 25 7.82 -7.23 -12.01
C ILE A 25 6.39 -6.79 -11.71
N LYS A 26 6.04 -5.60 -12.20
CA LYS A 26 4.76 -4.92 -11.97
C LYS A 26 3.50 -5.69 -12.38
N SER A 27 3.62 -6.93 -12.86
CA SER A 27 2.48 -7.79 -13.16
C SER A 27 2.08 -8.58 -11.91
N VAL A 28 2.89 -8.55 -10.84
CA VAL A 28 2.67 -9.26 -9.59
C VAL A 28 2.47 -8.23 -8.49
N ARG A 29 1.68 -8.54 -7.45
CA ARG A 29 1.49 -7.69 -6.29
C ARG A 29 1.93 -8.46 -5.05
N VAL A 30 2.58 -7.78 -4.09
CA VAL A 30 3.18 -8.40 -2.92
C VAL A 30 2.81 -7.70 -1.61
N CYS A 31 3.05 -8.42 -0.50
CA CYS A 31 2.86 -7.97 0.87
C CYS A 31 3.78 -6.78 1.12
N THR A 32 3.28 -5.58 0.86
CA THR A 32 4.03 -4.35 1.00
C THR A 32 3.64 -3.74 2.35
N PRO A 33 4.58 -3.34 3.22
CA PRO A 33 4.25 -2.76 4.52
C PRO A 33 3.28 -1.58 4.43
N VAL A 34 2.45 -1.39 5.47
CA VAL A 34 1.59 -0.20 5.52
C VAL A 34 2.49 1.05 5.50
N GLY A 35 1.98 2.15 4.93
CA GLY A 35 2.73 3.39 4.82
C GLY A 35 3.17 3.92 6.18
N THR A 36 4.28 4.65 6.22
CA THR A 36 4.81 5.26 7.42
C THR A 36 5.32 6.65 7.06
N SER A 37 5.60 7.48 8.06
CA SER A 37 6.07 8.85 7.97
C SER A 37 6.97 9.13 6.77
N GLY A 38 6.43 9.78 5.73
CA GLY A 38 7.18 10.21 4.55
C GLY A 38 7.02 9.29 3.34
N GLU A 39 6.58 8.05 3.50
CA GLU A 39 6.41 7.16 2.35
C GLU A 39 5.29 7.67 1.45
N ASP A 40 5.45 7.51 0.13
CA ASP A 40 4.44 7.94 -0.83
C ASP A 40 3.17 7.13 -0.64
N CYS A 41 2.02 7.71 -0.95
CA CYS A 41 0.72 7.08 -0.77
C CYS A 41 -0.25 7.52 -1.85
N HIS A 42 -1.27 6.69 -2.08
CA HIS A 42 -2.30 6.95 -3.06
C HIS A 42 -3.51 7.50 -2.30
N PRO A 43 -4.07 8.66 -2.69
CA PRO A 43 -5.21 9.20 -1.97
C PRO A 43 -6.41 8.23 -1.92
N ALA A 44 -6.48 7.28 -2.86
CA ALA A 44 -7.55 6.29 -2.89
C ALA A 44 -7.12 4.96 -2.27
N SER A 45 -6.05 4.93 -1.46
CA SER A 45 -5.61 3.72 -0.78
C SER A 45 -6.76 3.18 0.07
N HIS A 46 -7.42 2.12 -0.39
CA HIS A 46 -8.60 1.52 0.23
C HIS A 46 -8.35 1.12 1.68
N LYS A 47 -9.44 1.00 2.43
CA LYS A 47 -9.41 0.59 3.83
C LYS A 47 -8.64 -0.72 4.02
N ILE A 48 -8.22 -1.02 5.25
CA ILE A 48 -7.50 -2.25 5.58
C ILE A 48 -8.46 -3.15 6.37
N PRO A 49 -8.57 -4.46 6.06
CA PRO A 49 -8.02 -5.13 4.89
C PRO A 49 -8.93 -4.87 3.69
N PHE A 50 -8.37 -4.81 2.47
CA PHE A 50 -9.17 -4.62 1.27
C PHE A 50 -9.38 -5.98 0.60
N SER A 51 -10.60 -6.51 0.70
CA SER A 51 -10.98 -7.79 0.13
C SER A 51 -11.15 -7.66 -1.39
N GLY A 52 -10.06 -7.38 -2.10
CA GLY A 52 -10.06 -7.25 -3.55
C GLY A 52 -8.66 -6.86 -4.00
N GLN A 53 -8.44 -6.80 -5.32
CA GLN A 53 -7.15 -6.42 -5.88
C GLN A 53 -7.05 -4.90 -5.83
N ARG A 54 -6.15 -4.37 -4.99
CA ARG A 54 -5.94 -2.94 -4.86
C ARG A 54 -5.46 -2.30 -6.16
N MET A 55 -4.50 -2.94 -6.84
CA MET A 55 -3.85 -2.47 -8.07
C MET A 55 -2.95 -1.24 -7.86
N HIS A 56 -3.16 -0.47 -6.79
CA HIS A 56 -2.32 0.67 -6.47
C HIS A 56 -0.91 0.19 -6.11
N HIS A 57 0.08 1.06 -6.35
CA HIS A 57 1.48 0.73 -6.12
C HIS A 57 1.90 0.94 -4.67
N THR A 58 1.29 1.92 -4.02
CA THR A 58 1.60 2.30 -2.66
C THR A 58 0.52 1.73 -1.73
N CYS A 59 0.83 1.54 -0.45
CA CYS A 59 -0.09 0.98 0.53
C CYS A 59 -0.73 2.10 1.34
N PRO A 60 -1.90 1.84 1.94
CA PRO A 60 -2.48 2.82 2.85
C PRO A 60 -1.51 2.97 4.01
N CYS A 61 -1.56 4.13 4.65
CA CYS A 61 -0.67 4.47 5.74
C CYS A 61 -1.05 3.65 6.98
N ALA A 62 -0.09 3.51 7.90
CA ALA A 62 -0.30 2.88 9.18
C ALA A 62 -1.43 3.67 9.86
N PRO A 63 -2.39 3.02 10.53
CA PRO A 63 -3.54 3.66 11.16
C PRO A 63 -3.31 5.01 11.87
N ASN A 64 -2.13 5.23 12.46
CA ASN A 64 -1.83 6.48 13.17
C ASN A 64 -1.55 7.66 12.25
N LEU A 65 -1.40 7.44 10.94
CA LEU A 65 -1.05 8.47 9.96
C LEU A 65 -2.09 8.50 8.84
N ALA A 66 -2.07 9.55 8.02
CA ALA A 66 -3.00 9.77 6.92
C ALA A 66 -2.25 10.11 5.63
N CYS A 67 -2.85 9.76 4.50
CA CYS A 67 -2.29 10.04 3.19
C CYS A 67 -2.63 11.48 2.82
N VAL A 68 -1.64 12.38 2.76
CA VAL A 68 -1.89 13.79 2.48
C VAL A 68 -0.84 14.40 1.56
N GLN A 69 -1.27 15.45 0.87
CA GLN A 69 -0.45 16.20 -0.07
C GLN A 69 0.74 16.88 0.60
N THR A 70 1.90 16.76 -0.04
CA THR A 70 3.12 17.47 0.33
C THR A 70 3.30 18.60 -0.69
N SER A 71 3.08 18.29 -1.96
CA SER A 71 3.15 19.17 -3.11
C SER A 71 2.36 18.48 -4.23
N PRO A 72 1.93 19.20 -5.27
CA PRO A 72 1.12 18.67 -6.37
C PRO A 72 1.48 17.23 -6.76
N LYS A 73 0.49 16.34 -6.76
CA LYS A 73 0.59 14.91 -7.06
C LYS A 73 1.30 14.12 -5.95
N LYS A 74 2.34 14.69 -5.33
CA LYS A 74 3.11 14.05 -4.27
C LYS A 74 2.28 13.95 -2.99
N PHE A 75 1.58 12.83 -2.85
CA PHE A 75 0.79 12.46 -1.69
C PHE A 75 1.66 11.51 -0.88
N LYS A 76 1.88 11.82 0.41
CA LYS A 76 2.71 11.02 1.30
C LYS A 76 2.02 10.82 2.65
N CYS A 77 2.44 9.78 3.36
CA CYS A 77 1.88 9.42 4.66
C CYS A 77 2.46 10.34 5.73
N LEU A 78 1.62 11.18 6.35
CA LEU A 78 2.04 12.07 7.42
C LEU A 78 1.09 11.97 8.60
N SER A 79 1.59 12.33 9.78
CA SER A 79 0.84 12.32 11.02
C SER A 79 0.07 13.64 11.08
N LYS A 80 -1.02 13.73 10.31
CA LYS A 80 -1.91 14.87 10.17
C LYS A 80 -3.30 14.28 10.03
N ALA A 1 3.37 -13.28 5.57
CA ALA A 1 3.74 -12.28 4.57
C ALA A 1 4.99 -12.72 3.80
N VAL A 2 6.04 -13.13 4.54
CA VAL A 2 7.29 -13.58 3.95
C VAL A 2 7.02 -14.72 2.96
N ILE A 3 6.20 -15.69 3.38
CA ILE A 3 5.84 -16.83 2.55
C ILE A 3 5.15 -16.33 1.28
N THR A 4 4.02 -15.64 1.43
CA THR A 4 3.26 -15.07 0.33
C THR A 4 3.89 -13.73 -0.09
N GLY A 5 5.20 -13.74 -0.38
CA GLY A 5 5.94 -12.56 -0.79
C GLY A 5 5.23 -11.92 -1.98
N ALA A 6 4.96 -12.72 -3.00
CA ALA A 6 4.18 -12.33 -4.16
C ALA A 6 2.70 -12.47 -3.78
N CYS A 7 1.87 -11.51 -4.19
CA CYS A 7 0.45 -11.47 -3.86
C CYS A 7 -0.35 -11.01 -5.07
N GLU A 8 -1.67 -11.12 -4.94
CA GLU A 8 -2.70 -10.73 -5.88
C GLU A 8 -3.57 -9.69 -5.15
N ARG A 9 -4.01 -10.03 -3.92
CA ARG A 9 -4.76 -9.13 -3.05
C ARG A 9 -4.29 -9.31 -1.60
N ASP A 10 -4.57 -8.31 -0.77
CA ASP A 10 -4.08 -8.20 0.61
C ASP A 10 -4.41 -9.44 1.45
N LEU A 11 -5.56 -10.05 1.21
CA LEU A 11 -6.07 -11.21 1.93
C LEU A 11 -5.01 -12.30 2.15
N GLN A 12 -4.14 -12.55 1.16
CA GLN A 12 -3.12 -13.61 1.27
C GLN A 12 -1.84 -13.15 1.97
N CYS A 13 -1.75 -11.87 2.37
CA CYS A 13 -0.58 -11.30 3.01
C CYS A 13 -0.78 -11.24 4.54
N GLY A 14 0.31 -11.20 5.31
CA GLY A 14 0.25 -11.22 6.77
C GLY A 14 -0.23 -9.89 7.36
N LYS A 15 -0.89 -9.96 8.51
CA LYS A 15 -1.41 -8.83 9.25
C LYS A 15 -0.23 -7.94 9.67
N GLY A 16 -0.16 -6.77 9.04
CA GLY A 16 0.91 -5.78 9.18
C GLY A 16 1.38 -5.33 7.80
N THR A 17 1.12 -6.16 6.79
CA THR A 17 1.46 -5.89 5.41
C THR A 17 0.20 -6.03 4.55
N CYS A 18 0.09 -5.17 3.55
CA CYS A 18 -0.95 -5.14 2.54
C CYS A 18 -0.37 -5.79 1.29
N CYS A 19 -1.13 -5.81 0.19
CA CYS A 19 -0.62 -6.27 -1.11
C CYS A 19 -0.54 -5.03 -1.98
N ALA A 20 0.63 -4.68 -2.51
CA ALA A 20 0.79 -3.52 -3.39
C ALA A 20 1.43 -3.93 -4.71
N VAL A 21 1.23 -3.12 -5.74
CA VAL A 21 1.69 -3.38 -7.10
C VAL A 21 3.22 -3.43 -7.18
N SER A 22 3.75 -4.08 -8.23
CA SER A 22 5.19 -4.09 -8.52
C SER A 22 5.56 -2.93 -9.44
N LEU A 23 6.72 -2.32 -9.17
CA LEU A 23 7.29 -1.23 -9.97
C LEU A 23 7.75 -1.74 -11.34
N TRP A 24 7.93 -3.05 -11.49
CA TRP A 24 8.57 -3.65 -12.65
C TRP A 24 7.54 -4.18 -13.65
N ILE A 25 6.42 -4.69 -13.15
CA ILE A 25 5.32 -5.17 -13.97
C ILE A 25 4.04 -5.05 -13.16
N LYS A 26 3.15 -4.14 -13.59
CA LYS A 26 1.86 -3.86 -12.95
C LYS A 26 1.01 -5.11 -12.78
N SER A 27 1.29 -6.17 -13.55
CA SER A 27 0.60 -7.43 -13.44
C SER A 27 0.92 -8.14 -12.12
N VAL A 28 2.12 -7.94 -11.55
CA VAL A 28 2.53 -8.58 -10.30
C VAL A 28 2.38 -7.60 -9.12
N ARG A 29 2.16 -8.14 -7.93
CA ARG A 29 1.96 -7.41 -6.69
C ARG A 29 2.74 -8.15 -5.60
N VAL A 30 3.22 -7.45 -4.57
CA VAL A 30 4.02 -8.01 -3.49
C VAL A 30 3.57 -7.48 -2.13
N CYS A 31 3.78 -8.28 -1.08
CA CYS A 31 3.48 -7.89 0.30
C CYS A 31 4.24 -6.61 0.60
N THR A 32 3.52 -5.56 0.99
CA THR A 32 4.06 -4.23 1.24
C THR A 32 3.60 -3.78 2.62
N PRO A 33 4.49 -3.40 3.55
CA PRO A 33 4.10 -2.92 4.87
C PRO A 33 3.11 -1.76 4.78
N VAL A 34 2.18 -1.65 5.74
CA VAL A 34 1.38 -0.42 5.82
C VAL A 34 2.39 0.74 5.96
N GLY A 35 2.06 1.88 5.36
CA GLY A 35 2.95 3.04 5.37
C GLY A 35 3.22 3.55 6.78
N THR A 36 4.45 4.00 7.03
CA THR A 36 4.89 4.57 8.29
C THR A 36 5.18 6.06 8.08
N SER A 37 5.41 6.81 9.16
CA SER A 37 5.70 8.23 9.11
C SER A 37 6.77 8.57 8.06
N GLY A 38 6.41 9.38 7.07
CA GLY A 38 7.29 9.84 6.01
C GLY A 38 7.24 8.97 4.75
N GLU A 39 6.59 7.81 4.78
CA GLU A 39 6.49 6.97 3.60
C GLU A 39 5.50 7.59 2.60
N ASP A 40 5.68 7.25 1.32
CA ASP A 40 4.84 7.75 0.24
C ASP A 40 3.39 7.28 0.39
N CYS A 41 2.49 8.01 -0.26
CA CYS A 41 1.06 7.76 -0.23
C CYS A 41 0.44 8.31 -1.52
N HIS A 42 -0.81 7.94 -1.74
CA HIS A 42 -1.70 8.37 -2.79
C HIS A 42 -3.04 8.52 -2.08
N PRO A 43 -3.82 9.58 -2.28
CA PRO A 43 -5.09 9.75 -1.59
C PRO A 43 -6.05 8.58 -1.80
N ALA A 44 -5.88 7.81 -2.89
CA ALA A 44 -6.71 6.65 -3.18
C ALA A 44 -6.02 5.34 -2.76
N SER A 45 -5.14 5.37 -1.76
CA SER A 45 -4.52 4.18 -1.20
C SER A 45 -5.61 3.37 -0.49
N HIS A 46 -6.31 2.56 -1.29
CA HIS A 46 -7.46 1.71 -0.95
C HIS A 46 -7.33 1.00 0.38
N LYS A 47 -8.48 0.59 0.92
CA LYS A 47 -8.56 -0.13 2.17
C LYS A 47 -7.98 -1.55 2.04
N ILE A 48 -8.22 -2.40 3.04
CA ILE A 48 -7.77 -3.78 3.12
C ILE A 48 -8.99 -4.58 3.61
N PRO A 49 -9.26 -5.79 3.08
CA PRO A 49 -8.62 -6.37 1.91
C PRO A 49 -9.15 -5.68 0.65
N PHE A 50 -8.30 -5.47 -0.36
CA PHE A 50 -8.72 -4.82 -1.60
C PHE A 50 -8.99 -5.90 -2.65
N SER A 51 -10.25 -6.36 -2.71
CA SER A 51 -10.70 -7.36 -3.66
C SER A 51 -10.74 -6.80 -5.09
N GLY A 52 -9.56 -6.50 -5.64
CA GLY A 52 -9.34 -5.95 -6.96
C GLY A 52 -7.84 -5.78 -7.13
N GLN A 53 -7.40 -5.00 -8.12
CA GLN A 53 -6.00 -4.71 -8.36
C GLN A 53 -5.80 -3.22 -8.09
N ARG A 54 -5.00 -2.89 -7.06
CA ARG A 54 -4.78 -1.54 -6.58
C ARG A 54 -4.40 -0.52 -7.66
N MET A 55 -3.53 -0.93 -8.60
CA MET A 55 -2.93 -0.12 -9.67
C MET A 55 -1.82 0.77 -9.11
N HIS A 56 -2.10 1.41 -7.97
CA HIS A 56 -1.18 2.28 -7.26
C HIS A 56 -0.27 1.47 -6.36
N HIS A 57 1.05 1.68 -6.43
CA HIS A 57 2.04 1.01 -5.58
C HIS A 57 2.03 1.63 -4.17
N THR A 58 0.84 1.85 -3.61
CA THR A 58 0.69 2.54 -2.34
C THR A 58 -0.39 1.83 -1.53
N CYS A 59 -0.27 1.88 -0.21
CA CYS A 59 -1.19 1.22 0.70
C CYS A 59 -1.51 2.11 1.87
N PRO A 60 -2.51 1.75 2.68
CA PRO A 60 -2.86 2.49 3.88
C PRO A 60 -1.63 2.64 4.78
N CYS A 61 -1.75 3.59 5.70
CA CYS A 61 -0.70 3.96 6.61
C CYS A 61 -1.15 3.61 8.02
N ALA A 62 -0.21 3.33 8.92
CA ALA A 62 -0.48 2.95 10.30
C ALA A 62 -1.66 3.74 10.85
N PRO A 63 -2.79 3.08 11.16
CA PRO A 63 -4.06 3.65 11.61
C PRO A 63 -3.96 4.81 12.61
N ASN A 64 -3.68 5.99 12.05
CA ASN A 64 -3.53 7.30 12.67
C ASN A 64 -2.88 8.26 11.67
N LEU A 65 -1.85 7.79 10.95
CA LEU A 65 -1.14 8.59 9.97
C LEU A 65 -2.10 9.17 8.92
N ALA A 66 -1.87 10.44 8.51
CA ALA A 66 -2.67 11.16 7.55
C ALA A 66 -1.91 11.29 6.22
N CYS A 67 -2.58 11.01 5.11
CA CYS A 67 -2.04 11.09 3.75
C CYS A 67 -2.04 12.55 3.29
N VAL A 68 -0.93 13.27 3.44
CA VAL A 68 -0.83 14.69 3.06
C VAL A 68 -0.15 14.80 1.70
N GLN A 69 -0.52 15.81 0.91
CA GLN A 69 0.02 16.01 -0.42
C GLN A 69 1.39 16.68 -0.35
N THR A 70 2.33 16.24 -1.19
CA THR A 70 3.66 16.85 -1.33
C THR A 70 3.82 17.41 -2.75
N SER A 71 3.22 16.75 -3.75
CA SER A 71 3.14 17.21 -5.12
C SER A 71 1.88 16.56 -5.71
N PRO A 72 1.46 16.89 -6.95
CA PRO A 72 0.31 16.25 -7.56
C PRO A 72 0.47 14.73 -7.55
N LYS A 73 -0.50 14.01 -6.99
CA LYS A 73 -0.52 12.54 -6.83
C LYS A 73 0.43 12.10 -5.71
N LYS A 74 1.66 12.63 -5.71
CA LYS A 74 2.70 12.34 -4.74
C LYS A 74 2.29 12.88 -3.35
N PHE A 75 1.68 12.02 -2.54
CA PHE A 75 1.35 12.33 -1.16
C PHE A 75 2.32 11.52 -0.29
N LYS A 76 2.42 11.85 0.99
CA LYS A 76 3.20 11.11 1.97
C LYS A 76 2.37 11.04 3.25
N CYS A 77 2.64 10.04 4.09
CA CYS A 77 1.89 9.82 5.32
C CYS A 77 2.61 10.45 6.51
N LEU A 78 2.00 11.48 7.10
CA LEU A 78 2.55 12.19 8.25
C LEU A 78 1.73 11.85 9.50
N SER A 79 2.37 11.97 10.66
CA SER A 79 1.77 11.68 11.95
C SER A 79 0.99 12.86 12.51
N LYS A 80 0.20 12.59 13.55
CA LYS A 80 -0.55 13.51 14.36
C LYS A 80 -0.81 12.74 15.66
N ALA A 1 9.64 -14.43 2.47
CA ALA A 1 8.84 -15.62 2.24
C ALA A 1 7.50 -15.22 1.61
N VAL A 2 6.71 -14.43 2.33
CA VAL A 2 5.41 -13.97 1.86
C VAL A 2 5.62 -12.96 0.74
N ILE A 3 6.49 -11.97 0.99
CA ILE A 3 6.80 -10.92 0.03
C ILE A 3 7.25 -11.52 -1.31
N THR A 4 8.15 -12.50 -1.26
CA THR A 4 8.67 -13.21 -2.41
C THR A 4 7.59 -14.10 -3.02
N GLY A 5 6.85 -14.84 -2.18
CA GLY A 5 5.74 -15.69 -2.58
C GLY A 5 4.72 -14.90 -3.41
N ALA A 6 4.50 -13.64 -3.03
CA ALA A 6 3.61 -12.68 -3.68
C ALA A 6 2.14 -12.98 -3.39
N CYS A 7 1.28 -12.04 -3.78
CA CYS A 7 -0.16 -12.08 -3.55
C CYS A 7 -0.86 -11.55 -4.79
N GLU A 8 -2.18 -11.53 -4.72
CA GLU A 8 -3.06 -10.96 -5.72
C GLU A 8 -3.95 -9.93 -5.01
N ARG A 9 -4.50 -10.29 -3.85
CA ARG A 9 -5.34 -9.41 -3.04
C ARG A 9 -4.89 -9.46 -1.57
N ASP A 10 -5.30 -8.45 -0.77
CA ASP A 10 -4.95 -8.34 0.65
C ASP A 10 -5.28 -9.62 1.40
N LEU A 11 -6.33 -10.33 0.96
CA LEU A 11 -6.76 -11.60 1.52
C LEU A 11 -5.58 -12.57 1.69
N GLN A 12 -4.58 -12.52 0.81
CA GLN A 12 -3.41 -13.38 0.85
C GLN A 12 -2.25 -12.75 1.64
N CYS A 13 -2.52 -11.72 2.44
CA CYS A 13 -1.55 -11.01 3.27
C CYS A 13 -2.06 -11.03 4.70
N GLY A 14 -1.91 -9.95 5.49
CA GLY A 14 -2.40 -9.92 6.85
C GLY A 14 -2.47 -8.50 7.39
N LYS A 15 -3.26 -8.30 8.45
CA LYS A 15 -3.44 -7.02 9.12
C LYS A 15 -2.06 -6.52 9.57
N GLY A 16 -1.59 -5.48 8.88
CA GLY A 16 -0.27 -4.90 9.02
C GLY A 16 0.41 -4.76 7.66
N THR A 17 -0.16 -5.37 6.62
CA THR A 17 0.33 -5.27 5.26
C THR A 17 -0.87 -5.14 4.31
N CYS A 18 -0.63 -4.82 3.04
CA CYS A 18 -1.62 -4.81 1.97
C CYS A 18 -0.94 -5.36 0.71
N CYS A 19 -1.72 -5.89 -0.23
CA CYS A 19 -1.18 -6.48 -1.45
C CYS A 19 -0.93 -5.41 -2.52
N ALA A 20 0.20 -4.71 -2.44
CA ALA A 20 0.52 -3.59 -3.33
C ALA A 20 1.26 -4.04 -4.59
N VAL A 21 1.10 -3.31 -5.70
CA VAL A 21 1.69 -3.63 -7.00
C VAL A 21 3.23 -3.72 -6.92
N SER A 22 3.84 -4.52 -7.81
CA SER A 22 5.28 -4.66 -7.95
C SER A 22 5.77 -3.73 -9.07
N LEU A 23 6.57 -2.71 -8.73
CA LEU A 23 7.05 -1.67 -9.65
C LEU A 23 7.69 -2.21 -10.93
N TRP A 24 8.21 -3.43 -10.90
CA TRP A 24 8.97 -3.99 -12.02
C TRP A 24 8.13 -4.90 -12.89
N ILE A 25 6.91 -5.25 -12.45
CA ILE A 25 5.97 -6.04 -13.21
C ILE A 25 4.57 -5.82 -12.62
N LYS A 26 3.83 -4.88 -13.22
CA LYS A 26 2.50 -4.49 -12.80
C LYS A 26 1.52 -5.66 -12.66
N SER A 27 1.82 -6.79 -13.29
CA SER A 27 1.00 -8.00 -13.20
C SER A 27 1.03 -8.59 -11.79
N VAL A 28 2.17 -8.48 -11.09
CA VAL A 28 2.35 -9.05 -9.76
C VAL A 28 2.18 -7.98 -8.70
N ARG A 29 1.66 -8.35 -7.55
CA ARG A 29 1.52 -7.50 -6.39
C ARG A 29 2.03 -8.32 -5.19
N VAL A 30 2.64 -7.65 -4.20
CA VAL A 30 3.32 -8.26 -3.07
C VAL A 30 2.85 -7.64 -1.75
N CYS A 31 2.81 -8.46 -0.70
CA CYS A 31 2.36 -8.08 0.64
C CYS A 31 3.33 -7.06 1.22
N THR A 32 3.00 -5.79 1.04
CA THR A 32 3.82 -4.65 1.44
C THR A 32 3.28 -4.11 2.77
N PRO A 33 4.12 -3.72 3.73
CA PRO A 33 3.70 -3.17 5.01
C PRO A 33 2.77 -1.97 4.88
N VAL A 34 1.93 -1.73 5.90
CA VAL A 34 1.17 -0.47 5.99
C VAL A 34 2.17 0.69 5.88
N GLY A 35 1.75 1.80 5.27
CA GLY A 35 2.61 2.96 5.12
C GLY A 35 2.93 3.58 6.48
N THR A 36 4.20 3.65 6.86
CA THR A 36 4.63 4.24 8.12
C THR A 36 5.11 5.68 7.89
N SER A 37 5.38 6.40 8.98
CA SER A 37 5.85 7.77 8.98
C SER A 37 6.96 8.01 7.95
N GLY A 38 6.70 8.86 6.95
CA GLY A 38 7.67 9.21 5.93
C GLY A 38 7.49 8.43 4.63
N GLU A 39 6.74 7.32 4.62
CA GLU A 39 6.54 6.59 3.39
C GLU A 39 5.62 7.36 2.44
N ASP A 40 5.88 7.22 1.13
CA ASP A 40 5.06 7.83 0.09
C ASP A 40 3.68 7.17 0.11
N CYS A 41 2.64 7.91 -0.31
CA CYS A 41 1.28 7.38 -0.33
C CYS A 41 0.53 7.83 -1.55
N HIS A 42 -0.56 7.11 -1.75
CA HIS A 42 -1.57 7.35 -2.78
C HIS A 42 -2.87 7.63 -2.01
N PRO A 43 -3.54 8.77 -2.23
CA PRO A 43 -4.74 9.11 -1.49
C PRO A 43 -5.86 8.06 -1.64
N ALA A 44 -5.82 7.24 -2.71
CA ALA A 44 -6.82 6.21 -2.94
C ALA A 44 -6.35 4.83 -2.48
N SER A 45 -5.36 4.76 -1.57
CA SER A 45 -4.94 3.49 -0.99
C SER A 45 -6.13 2.88 -0.26
N HIS A 46 -6.78 1.89 -0.88
CA HIS A 46 -7.96 1.22 -0.37
C HIS A 46 -7.75 0.73 1.06
N LYS A 47 -8.80 0.74 1.86
CA LYS A 47 -8.75 0.23 3.23
C LYS A 47 -8.32 -1.24 3.26
N ILE A 48 -8.06 -1.77 4.46
CA ILE A 48 -7.67 -3.17 4.66
C ILE A 48 -8.88 -3.86 5.30
N PRO A 49 -9.26 -5.09 4.92
CA PRO A 49 -8.68 -5.90 3.85
C PRO A 49 -9.35 -5.58 2.51
N PHE A 50 -8.55 -5.32 1.48
CA PHE A 50 -9.06 -5.06 0.13
C PHE A 50 -8.96 -6.36 -0.67
N SER A 51 -10.06 -7.12 -0.69
CA SER A 51 -10.18 -8.36 -1.44
C SER A 51 -10.32 -8.07 -2.94
N GLY A 52 -9.35 -7.35 -3.52
CA GLY A 52 -9.30 -6.98 -4.91
C GLY A 52 -7.84 -6.70 -5.26
N GLN A 53 -7.51 -6.68 -6.55
CA GLN A 53 -6.15 -6.42 -6.99
C GLN A 53 -5.90 -4.91 -6.95
N ARG A 54 -5.10 -4.45 -5.97
CA ARG A 54 -4.75 -3.05 -5.87
C ARG A 54 -3.97 -2.64 -7.11
N MET A 55 -4.11 -1.38 -7.53
CA MET A 55 -3.44 -0.83 -8.70
C MET A 55 -2.45 0.26 -8.27
N HIS A 56 -1.93 0.17 -7.05
CA HIS A 56 -0.97 1.11 -6.47
C HIS A 56 0.15 0.31 -5.79
N HIS A 57 1.37 0.83 -5.84
CA HIS A 57 2.53 0.23 -5.18
C HIS A 57 2.61 0.61 -3.71
N THR A 58 1.81 1.60 -3.32
CA THR A 58 1.78 2.14 -1.98
C THR A 58 0.62 1.51 -1.23
N CYS A 59 0.83 1.20 0.04
CA CYS A 59 -0.20 0.61 0.90
C CYS A 59 -0.82 1.72 1.73
N PRO A 60 -2.03 1.50 2.26
CA PRO A 60 -2.65 2.52 3.09
C PRO A 60 -1.76 2.70 4.32
N CYS A 61 -1.69 3.93 4.80
CA CYS A 61 -0.82 4.24 5.91
C CYS A 61 -1.39 3.67 7.19
N ALA A 62 -0.51 3.35 8.14
CA ALA A 62 -0.94 2.73 9.38
C ALA A 62 -1.99 3.61 10.06
N PRO A 63 -2.97 2.98 10.73
CA PRO A 63 -4.11 3.63 11.37
C PRO A 63 -3.69 4.58 12.49
N ASN A 64 -3.21 5.74 12.08
CA ASN A 64 -2.71 6.87 12.86
C ASN A 64 -2.28 7.98 11.91
N LEU A 65 -1.49 7.64 10.90
CA LEU A 65 -0.92 8.56 9.93
C LEU A 65 -1.97 9.21 9.04
N ALA A 66 -1.58 10.29 8.37
CA ALA A 66 -2.37 11.06 7.41
C ALA A 66 -1.53 11.25 6.15
N CYS A 67 -2.11 10.93 4.99
CA CYS A 67 -1.49 11.06 3.67
C CYS A 67 -1.59 12.52 3.22
N VAL A 68 -0.50 13.28 3.29
CA VAL A 68 -0.47 14.70 2.93
C VAL A 68 0.32 14.91 1.63
N GLN A 69 -0.05 15.95 0.89
CA GLN A 69 0.58 16.27 -0.39
C GLN A 69 2.04 16.69 -0.22
N THR A 70 2.86 16.36 -1.23
CA THR A 70 4.27 16.76 -1.30
C THR A 70 4.51 17.61 -2.54
N SER A 71 3.99 17.18 -3.70
CA SER A 71 4.14 17.89 -4.97
C SER A 71 2.96 17.47 -5.87
N PRO A 72 2.74 18.08 -7.04
CA PRO A 72 1.64 17.71 -7.92
C PRO A 72 1.55 16.20 -8.12
N LYS A 73 0.43 15.61 -7.68
CA LYS A 73 0.14 14.17 -7.75
C LYS A 73 1.11 13.31 -6.95
N LYS A 74 1.73 13.85 -5.89
CA LYS A 74 2.62 13.12 -5.00
C LYS A 74 2.21 13.41 -3.56
N PHE A 75 2.20 12.39 -2.71
CA PHE A 75 1.83 12.51 -1.31
C PHE A 75 2.76 11.63 -0.47
N LYS A 76 2.91 11.98 0.81
CA LYS A 76 3.71 11.28 1.81
C LYS A 76 2.92 11.25 3.10
N CYS A 77 3.13 10.22 3.92
CA CYS A 77 2.39 10.05 5.16
C CYS A 77 3.12 10.62 6.36
N LEU A 78 2.44 11.51 7.09
CA LEU A 78 2.95 12.12 8.31
C LEU A 78 1.90 11.97 9.42
N SER A 79 2.16 12.57 10.58
CA SER A 79 1.31 12.54 11.76
C SER A 79 -0.09 13.10 11.50
N LYS A 80 -0.92 13.05 12.53
CA LYS A 80 -2.28 13.53 12.57
C LYS A 80 -2.47 14.01 14.02
N ALA A 1 12.80 -16.82 0.43
CA ALA A 1 12.97 -15.40 0.21
C ALA A 1 12.23 -14.98 -1.06
N VAL A 2 12.46 -15.70 -2.16
CA VAL A 2 11.87 -15.47 -3.47
C VAL A 2 10.35 -15.28 -3.40
N ILE A 3 9.70 -15.95 -2.44
CA ILE A 3 8.26 -15.86 -2.18
C ILE A 3 7.83 -14.38 -2.13
N THR A 4 8.68 -13.50 -1.58
CA THR A 4 8.48 -12.05 -1.49
C THR A 4 7.06 -11.64 -1.08
N GLY A 5 6.42 -12.44 -0.22
CA GLY A 5 5.05 -12.19 0.23
C GLY A 5 4.09 -12.02 -0.94
N ALA A 6 4.27 -12.80 -2.01
CA ALA A 6 3.42 -12.75 -3.20
C ALA A 6 1.97 -13.04 -2.82
N CYS A 7 1.07 -12.15 -3.20
CA CYS A 7 -0.35 -12.17 -2.87
C CYS A 7 -1.21 -11.73 -4.05
N GLU A 8 -2.52 -11.77 -3.83
CA GLU A 8 -3.55 -11.31 -4.73
C GLU A 8 -4.47 -10.30 -4.01
N ARG A 9 -4.73 -10.48 -2.69
CA ARG A 9 -5.57 -9.60 -1.89
C ARG A 9 -4.97 -9.36 -0.51
N ASP A 10 -5.26 -8.20 0.10
CA ASP A 10 -4.74 -7.79 1.41
C ASP A 10 -4.97 -8.87 2.47
N LEU A 11 -6.23 -9.32 2.53
CA LEU A 11 -6.76 -10.28 3.49
C LEU A 11 -5.85 -11.49 3.69
N GLN A 12 -5.16 -11.93 2.63
CA GLN A 12 -4.27 -13.08 2.70
C GLN A 12 -3.15 -12.88 3.72
N CYS A 13 -2.71 -11.64 3.93
CA CYS A 13 -1.65 -11.30 4.88
C CYS A 13 -2.24 -10.61 6.11
N GLY A 14 -3.15 -9.65 5.90
CA GLY A 14 -3.83 -8.97 6.99
C GLY A 14 -3.45 -7.50 7.13
N LYS A 15 -4.23 -6.82 7.98
CA LYS A 15 -4.25 -5.38 8.28
C LYS A 15 -2.88 -4.69 8.34
N GLY A 16 -1.87 -5.36 8.89
CA GLY A 16 -0.52 -4.79 9.00
C GLY A 16 0.13 -4.55 7.63
N THR A 17 -0.46 -5.08 6.55
CA THR A 17 0.05 -4.97 5.20
C THR A 17 -1.12 -4.74 4.24
N CYS A 18 -0.80 -4.49 2.97
CA CYS A 18 -1.75 -4.43 1.88
C CYS A 18 -1.08 -5.10 0.68
N CYS A 19 -1.87 -5.74 -0.17
CA CYS A 19 -1.38 -6.47 -1.33
C CYS A 19 -1.15 -5.52 -2.49
N ALA A 20 -0.02 -4.82 -2.47
CA ALA A 20 0.32 -3.80 -3.46
C ALA A 20 0.86 -4.42 -4.75
N VAL A 21 0.75 -3.70 -5.87
CA VAL A 21 1.23 -4.14 -7.18
C VAL A 21 2.75 -4.31 -7.15
N SER A 22 3.29 -5.23 -7.95
CA SER A 22 4.73 -5.38 -8.14
C SER A 22 5.11 -4.55 -9.38
N LEU A 23 5.82 -3.42 -9.18
CA LEU A 23 6.19 -2.45 -10.21
C LEU A 23 6.62 -3.04 -11.56
N TRP A 24 7.35 -4.15 -11.56
CA TRP A 24 7.92 -4.71 -12.78
C TRP A 24 7.09 -5.85 -13.36
N ILE A 25 5.94 -6.18 -12.76
CA ILE A 25 5.05 -7.22 -13.25
C ILE A 25 3.65 -7.02 -12.66
N LYS A 26 2.78 -6.34 -13.41
CA LYS A 26 1.39 -6.08 -13.03
C LYS A 26 0.61 -7.36 -12.71
N SER A 27 1.11 -8.53 -13.15
CA SER A 27 0.45 -9.81 -12.92
C SER A 27 0.76 -10.36 -11.53
N VAL A 28 1.64 -9.75 -10.75
CA VAL A 28 1.96 -10.20 -9.40
C VAL A 28 1.86 -9.00 -8.46
N ARG A 29 1.45 -9.27 -7.22
CA ARG A 29 1.26 -8.27 -6.19
C ARG A 29 1.94 -8.84 -4.95
N VAL A 30 2.44 -7.98 -4.06
CA VAL A 30 3.19 -8.41 -2.88
C VAL A 30 2.68 -7.68 -1.63
N CYS A 31 2.61 -8.41 -0.53
CA CYS A 31 2.16 -7.92 0.77
C CYS A 31 3.15 -6.90 1.29
N THR A 32 2.85 -5.63 1.04
CA THR A 32 3.68 -4.50 1.39
C THR A 32 3.12 -3.91 2.69
N PRO A 33 3.97 -3.51 3.67
CA PRO A 33 3.49 -2.91 4.91
C PRO A 33 2.57 -1.71 4.67
N VAL A 34 1.66 -1.45 5.61
CA VAL A 34 0.85 -0.23 5.57
C VAL A 34 1.78 0.99 5.51
N GLY A 35 1.32 2.10 4.94
CA GLY A 35 2.14 3.30 4.84
C GLY A 35 2.58 3.78 6.21
N THR A 36 3.75 4.41 6.30
CA THR A 36 4.33 4.92 7.53
C THR A 36 4.89 6.31 7.25
N SER A 37 5.30 7.03 8.29
CA SER A 37 5.82 8.39 8.25
C SER A 37 6.74 8.67 7.05
N GLY A 38 6.27 9.47 6.10
CA GLY A 38 7.05 9.89 4.95
C GLY A 38 6.98 8.94 3.75
N GLU A 39 6.37 7.76 3.89
CA GLU A 39 6.25 6.83 2.78
C GLU A 39 5.36 7.45 1.71
N ASP A 40 5.66 7.19 0.43
CA ASP A 40 4.87 7.70 -0.68
C ASP A 40 3.47 7.08 -0.64
N CYS A 41 2.44 7.86 -0.96
CA CYS A 41 1.06 7.39 -0.93
C CYS A 41 0.30 7.83 -2.16
N HIS A 42 -0.65 6.98 -2.59
CA HIS A 42 -1.54 7.28 -3.69
C HIS A 42 -2.85 7.74 -3.05
N PRO A 43 -3.43 8.88 -3.45
CA PRO A 43 -4.66 9.37 -2.84
C PRO A 43 -5.80 8.35 -2.95
N ALA A 44 -5.74 7.43 -3.92
CA ALA A 44 -6.75 6.38 -4.09
C ALA A 44 -6.31 5.05 -3.49
N SER A 45 -5.36 5.03 -2.54
CA SER A 45 -4.96 3.81 -1.86
C SER A 45 -6.20 3.24 -1.16
N HIS A 46 -6.77 2.18 -1.75
CA HIS A 46 -8.01 1.56 -1.27
C HIS A 46 -7.93 1.23 0.20
N LYS A 47 -9.08 1.32 0.88
CA LYS A 47 -9.18 1.04 2.30
C LYS A 47 -8.64 -0.35 2.66
N ILE A 48 -8.48 -0.59 3.96
CA ILE A 48 -8.01 -1.86 4.51
C ILE A 48 -9.23 -2.57 5.10
N PRO A 49 -9.42 -3.89 4.91
CA PRO A 49 -8.68 -4.76 4.02
C PRO A 49 -9.30 -4.71 2.62
N PHE A 50 -8.48 -4.66 1.57
CA PHE A 50 -8.97 -4.64 0.21
C PHE A 50 -8.91 -6.07 -0.32
N SER A 51 -10.05 -6.75 -0.25
CA SER A 51 -10.21 -8.12 -0.69
C SER A 51 -10.26 -8.20 -2.22
N GLY A 52 -9.21 -7.71 -2.89
CA GLY A 52 -9.11 -7.70 -4.35
C GLY A 52 -7.72 -7.28 -4.77
N GLN A 53 -7.47 -7.29 -6.08
CA GLN A 53 -6.18 -6.92 -6.66
C GLN A 53 -6.06 -5.40 -6.74
N ARG A 54 -5.19 -4.80 -5.92
CA ARG A 54 -4.95 -3.37 -5.94
C ARG A 54 -4.27 -2.98 -7.24
N MET A 55 -4.37 -1.70 -7.64
CA MET A 55 -3.77 -1.18 -8.85
C MET A 55 -2.70 -0.13 -8.53
N HIS A 56 -2.15 -0.14 -7.30
CA HIS A 56 -1.13 0.80 -6.85
C HIS A 56 -0.04 0.04 -6.09
N HIS A 57 1.17 0.58 -6.11
CA HIS A 57 2.36 0.03 -5.46
C HIS A 57 2.48 0.50 -4.02
N THR A 58 1.76 1.56 -3.69
CA THR A 58 1.78 2.19 -2.39
C THR A 58 0.57 1.71 -1.62
N CYS A 59 0.73 1.45 -0.32
CA CYS A 59 -0.35 0.96 0.52
C CYS A 59 -0.95 2.12 1.29
N PRO A 60 -2.21 1.99 1.76
CA PRO A 60 -2.83 3.01 2.55
C PRO A 60 -2.02 3.15 3.85
N CYS A 61 -1.96 4.37 4.35
CA CYS A 61 -1.17 4.69 5.53
C CYS A 61 -1.71 3.95 6.76
N ALA A 62 -0.81 3.64 7.69
CA ALA A 62 -1.14 3.02 8.96
C ALA A 62 -2.15 3.93 9.66
N PRO A 63 -3.17 3.40 10.35
CA PRO A 63 -4.26 4.14 10.99
C PRO A 63 -3.97 5.57 11.51
N ASN A 64 -2.90 5.78 12.28
CA ASN A 64 -2.58 7.11 12.80
C ASN A 64 -2.29 8.13 11.69
N LEU A 65 -1.70 7.68 10.59
CA LEU A 65 -1.27 8.53 9.49
C LEU A 65 -2.32 8.56 8.38
N ALA A 66 -2.23 9.57 7.50
CA ALA A 66 -3.10 9.77 6.36
C ALA A 66 -2.26 10.26 5.17
N CYS A 67 -2.77 10.02 3.96
CA CYS A 67 -2.10 10.39 2.72
C CYS A 67 -2.32 11.89 2.47
N VAL A 68 -1.26 12.70 2.53
CA VAL A 68 -1.35 14.14 2.38
C VAL A 68 -0.20 14.70 1.55
N GLN A 69 -0.44 15.88 0.98
CA GLN A 69 0.54 16.62 0.21
C GLN A 69 1.60 17.20 1.15
N THR A 70 2.86 16.90 0.90
CA THR A 70 3.98 17.48 1.65
C THR A 70 4.55 18.65 0.82
N SER A 71 4.40 18.58 -0.49
CA SER A 71 4.70 19.62 -1.47
C SER A 71 3.87 19.23 -2.70
N PRO A 72 3.71 20.10 -3.71
CA PRO A 72 2.94 19.79 -4.91
C PRO A 72 3.29 18.42 -5.49
N LYS A 73 2.34 17.48 -5.40
CA LYS A 73 2.44 16.09 -5.89
C LYS A 73 3.32 15.20 -5.01
N LYS A 74 4.12 15.76 -4.08
CA LYS A 74 4.88 14.96 -3.14
C LYS A 74 3.85 14.46 -2.12
N PHE A 75 3.21 13.35 -2.47
CA PHE A 75 2.07 12.80 -1.74
C PHE A 75 2.60 11.69 -0.87
N LYS A 76 2.57 11.96 0.43
CA LYS A 76 3.15 11.09 1.44
C LYS A 76 2.25 10.87 2.65
N CYS A 77 2.53 9.79 3.38
CA CYS A 77 1.82 9.42 4.59
C CYS A 77 2.34 10.25 5.75
N LEU A 78 1.48 11.05 6.39
CA LEU A 78 1.86 11.84 7.57
C LEU A 78 0.84 11.69 8.67
N SER A 79 1.32 11.89 9.89
CA SER A 79 0.61 11.71 11.14
C SER A 79 -0.62 12.60 11.32
N LYS A 80 -1.42 12.24 12.33
CA LYS A 80 -2.59 12.93 12.83
C LYS A 80 -2.49 12.78 14.35
N ALA A 1 6.61 -16.58 8.76
CA ALA A 1 7.85 -16.84 8.06
C ALA A 1 7.60 -16.94 6.56
N VAL A 2 6.69 -17.83 6.14
CA VAL A 2 6.34 -18.02 4.73
C VAL A 2 5.42 -16.89 4.27
N ILE A 3 5.92 -15.66 4.30
CA ILE A 3 5.17 -14.49 3.87
C ILE A 3 4.99 -14.56 2.36
N THR A 4 3.76 -14.36 1.88
CA THR A 4 3.37 -14.43 0.47
C THR A 4 3.93 -13.23 -0.33
N GLY A 5 5.25 -13.06 -0.36
CA GLY A 5 5.98 -11.96 -1.00
C GLY A 5 5.26 -11.38 -2.23
N ALA A 6 5.14 -12.20 -3.28
CA ALA A 6 4.37 -11.87 -4.47
C ALA A 6 2.92 -12.20 -4.14
N CYS A 7 2.06 -11.18 -4.08
CA CYS A 7 0.68 -11.31 -3.66
C CYS A 7 -0.18 -10.40 -4.54
N GLU A 8 -1.39 -10.83 -4.92
CA GLU A 8 -2.26 -10.10 -5.82
C GLU A 8 -3.36 -9.30 -5.10
N ARG A 9 -3.64 -9.62 -3.83
CA ARG A 9 -4.55 -8.85 -3.00
C ARG A 9 -4.23 -9.08 -1.52
N ASP A 10 -4.14 -7.97 -0.76
CA ASP A 10 -3.79 -7.83 0.65
C ASP A 10 -3.95 -9.10 1.49
N LEU A 11 -5.18 -9.60 1.53
CA LEU A 11 -5.61 -10.76 2.31
C LEU A 11 -4.65 -11.95 2.17
N GLN A 12 -4.15 -12.20 0.96
CA GLN A 12 -3.25 -13.32 0.71
C GLN A 12 -1.93 -13.19 1.47
N CYS A 13 -1.52 -11.96 1.81
CA CYS A 13 -0.26 -11.71 2.51
C CYS A 13 -0.48 -11.41 3.99
N GLY A 14 -1.34 -10.44 4.30
CA GLY A 14 -1.62 -10.08 5.68
C GLY A 14 -1.93 -8.59 5.81
N LYS A 15 -2.95 -8.27 6.62
CA LYS A 15 -3.46 -6.92 6.88
C LYS A 15 -2.39 -5.94 7.38
N GLY A 16 -1.28 -6.42 7.95
CA GLY A 16 -0.17 -5.57 8.36
C GLY A 16 0.55 -4.97 7.14
N THR A 17 0.21 -5.44 5.94
CA THR A 17 0.77 -4.98 4.69
C THR A 17 -0.40 -4.78 3.73
N CYS A 18 -0.12 -4.35 2.50
CA CYS A 18 -1.07 -4.28 1.41
C CYS A 18 -0.31 -4.71 0.17
N CYS A 19 -0.99 -5.37 -0.78
CA CYS A 19 -0.33 -5.93 -1.95
C CYS A 19 -0.36 -4.90 -3.08
N ALA A 20 0.65 -4.04 -3.10
CA ALA A 20 0.79 -2.94 -4.05
C ALA A 20 1.61 -3.41 -5.25
N VAL A 21 1.47 -2.73 -6.37
CA VAL A 21 2.12 -3.03 -7.64
C VAL A 21 3.58 -3.50 -7.51
N SER A 22 4.00 -4.51 -8.30
CA SER A 22 5.42 -4.83 -8.37
C SER A 22 6.07 -3.68 -9.10
N LEU A 23 7.18 -3.16 -8.57
CA LEU A 23 7.91 -2.07 -9.20
C LEU A 23 8.39 -2.46 -10.60
N TRP A 24 8.35 -3.75 -10.96
CA TRP A 24 8.88 -4.26 -12.22
C TRP A 24 7.79 -4.48 -13.27
N ILE A 25 6.68 -5.16 -12.92
CA ILE A 25 5.56 -5.39 -13.80
C ILE A 25 4.24 -5.19 -13.07
N LYS A 26 3.39 -4.29 -13.58
CA LYS A 26 2.05 -4.05 -13.04
C LYS A 26 1.22 -5.34 -13.03
N SER A 27 1.61 -6.32 -13.84
CA SER A 27 1.00 -7.64 -13.91
C SER A 27 1.06 -8.40 -12.57
N VAL A 28 2.02 -8.07 -11.71
CA VAL A 28 2.22 -8.73 -10.42
C VAL A 28 2.22 -7.65 -9.33
N ARG A 29 1.83 -8.01 -8.10
CA ARG A 29 1.85 -7.11 -6.96
C ARG A 29 2.62 -7.79 -5.81
N VAL A 30 3.14 -7.01 -4.86
CA VAL A 30 4.00 -7.47 -3.78
C VAL A 30 3.59 -6.88 -2.42
N CYS A 31 3.84 -7.64 -1.36
CA CYS A 31 3.52 -7.24 0.01
C CYS A 31 4.33 -6.00 0.38
N THR A 32 3.67 -4.84 0.39
CA THR A 32 4.25 -3.57 0.77
C THR A 32 3.70 -3.26 2.17
N PRO A 33 4.54 -2.91 3.15
CA PRO A 33 4.06 -2.68 4.51
C PRO A 33 3.09 -1.51 4.57
N VAL A 34 2.22 -1.47 5.59
CA VAL A 34 1.35 -0.31 5.77
C VAL A 34 2.19 0.97 5.79
N GLY A 35 1.67 2.03 5.17
CA GLY A 35 2.36 3.30 5.01
C GLY A 35 2.75 3.90 6.37
N THR A 36 4.02 3.72 6.73
CA THR A 36 4.58 4.20 7.98
C THR A 36 5.31 5.52 7.69
N SER A 37 5.54 6.32 8.74
CA SER A 37 6.19 7.62 8.74
C SER A 37 7.15 7.85 7.56
N GLY A 38 6.74 8.64 6.57
CA GLY A 38 7.57 9.01 5.42
C GLY A 38 7.24 8.24 4.14
N GLU A 39 6.71 7.01 4.24
CA GLU A 39 6.38 6.22 3.06
C GLU A 39 5.33 6.94 2.20
N ASP A 40 5.41 6.73 0.88
CA ASP A 40 4.49 7.35 -0.06
C ASP A 40 3.08 6.77 0.11
N CYS A 41 2.07 7.58 -0.20
CA CYS A 41 0.67 7.22 -0.13
C CYS A 41 -0.08 7.98 -1.20
N HIS A 42 -1.33 7.62 -1.42
CA HIS A 42 -2.23 8.32 -2.31
C HIS A 42 -3.59 8.32 -1.61
N PRO A 43 -4.33 9.43 -1.59
CA PRO A 43 -5.61 9.49 -0.90
C PRO A 43 -6.62 8.46 -1.41
N ALA A 44 -6.40 7.87 -2.59
CA ALA A 44 -7.27 6.86 -3.18
C ALA A 44 -6.73 5.44 -2.93
N SER A 45 -5.69 5.28 -2.11
CA SER A 45 -5.19 3.96 -1.75
C SER A 45 -6.31 3.22 -1.02
N HIS A 46 -6.89 2.22 -1.67
CA HIS A 46 -8.04 1.46 -1.16
C HIS A 46 -7.79 0.93 0.25
N LYS A 47 -8.85 0.85 1.07
CA LYS A 47 -8.78 0.36 2.44
C LYS A 47 -8.15 -1.05 2.51
N ILE A 48 -7.82 -1.52 3.70
CA ILE A 48 -7.22 -2.85 3.89
C ILE A 48 -8.26 -3.74 4.57
N PRO A 49 -8.44 -5.01 4.17
CA PRO A 49 -7.84 -5.65 3.01
C PRO A 49 -8.63 -5.30 1.73
N PHE A 50 -7.93 -4.98 0.65
CA PHE A 50 -8.56 -4.68 -0.63
C PHE A 50 -8.48 -5.94 -1.47
N SER A 51 -9.61 -6.65 -1.59
CA SER A 51 -9.69 -7.88 -2.37
C SER A 51 -9.74 -7.53 -3.87
N GLY A 52 -8.68 -6.91 -4.39
CA GLY A 52 -8.57 -6.51 -5.78
C GLY A 52 -7.16 -6.04 -6.09
N GLN A 53 -6.89 -5.75 -7.36
CA GLN A 53 -5.60 -5.31 -7.84
C GLN A 53 -5.44 -3.82 -7.53
N ARG A 54 -4.56 -3.48 -6.57
CA ARG A 54 -4.29 -2.10 -6.21
C ARG A 54 -3.65 -1.37 -7.39
N MET A 55 -4.39 -0.45 -8.02
CA MET A 55 -3.93 0.32 -9.16
C MET A 55 -2.73 1.19 -8.80
N HIS A 56 -2.88 2.08 -7.81
CA HIS A 56 -1.82 2.97 -7.38
C HIS A 56 -0.65 2.18 -6.77
N HIS A 57 0.57 2.69 -6.98
CA HIS A 57 1.78 2.12 -6.43
C HIS A 57 1.93 2.50 -4.96
N THR A 58 0.85 2.39 -4.17
CA THR A 58 0.84 2.78 -2.78
C THR A 58 0.00 1.85 -1.90
N CYS A 59 0.14 2.01 -0.58
CA CYS A 59 -0.67 1.36 0.44
C CYS A 59 -1.22 2.44 1.35
N PRO A 60 -2.35 2.22 2.04
CA PRO A 60 -2.85 3.17 3.00
C PRO A 60 -1.83 3.36 4.14
N CYS A 61 -2.05 4.41 4.91
CA CYS A 61 -1.17 4.75 6.03
C CYS A 61 -1.50 3.88 7.22
N ALA A 62 -0.48 3.54 8.03
CA ALA A 62 -0.67 2.73 9.22
C ALA A 62 -1.61 3.48 10.18
N PRO A 63 -2.66 2.84 10.73
CA PRO A 63 -3.64 3.43 11.64
C PRO A 63 -3.02 4.20 12.82
N ASN A 64 -2.66 5.45 12.52
CA ASN A 64 -1.99 6.43 13.37
C ASN A 64 -1.55 7.59 12.47
N LEU A 65 -0.89 7.26 11.35
CA LEU A 65 -0.45 8.22 10.36
C LEU A 65 -1.66 8.69 9.53
N ALA A 66 -1.45 9.72 8.71
CA ALA A 66 -2.42 10.32 7.80
C ALA A 66 -1.71 10.57 6.48
N CYS A 67 -2.43 10.42 5.36
CA CYS A 67 -1.89 10.61 4.02
C CYS A 67 -1.91 12.10 3.67
N VAL A 68 -0.79 12.81 3.85
CA VAL A 68 -0.69 14.25 3.59
C VAL A 68 -0.05 14.48 2.23
N GLN A 69 -0.41 15.55 1.53
CA GLN A 69 0.10 15.85 0.20
C GLN A 69 1.48 16.49 0.28
N THR A 70 2.39 16.13 -0.63
CA THR A 70 3.72 16.71 -0.76
C THR A 70 3.83 17.41 -2.12
N SER A 71 3.25 16.83 -3.17
CA SER A 71 3.13 17.45 -4.49
C SER A 71 1.88 16.84 -5.16
N PRO A 72 1.47 17.29 -6.35
CA PRO A 72 0.36 16.67 -7.05
C PRO A 72 0.60 15.17 -7.18
N LYS A 73 -0.37 14.33 -6.78
CA LYS A 73 -0.30 12.88 -6.77
C LYS A 73 0.62 12.36 -5.64
N LYS A 74 1.78 12.98 -5.43
CA LYS A 74 2.72 12.59 -4.41
C LYS A 74 2.21 12.97 -3.01
N PHE A 75 1.62 12.02 -2.31
CA PHE A 75 1.25 12.19 -0.91
C PHE A 75 2.15 11.24 -0.11
N LYS A 76 2.36 11.51 1.18
CA LYS A 76 3.18 10.69 2.06
C LYS A 76 2.50 10.57 3.42
N CYS A 77 2.82 9.48 4.13
CA CYS A 77 2.24 9.18 5.42
C CYS A 77 2.97 9.99 6.49
N LEU A 78 2.27 10.96 7.07
CA LEU A 78 2.80 11.82 8.12
C LEU A 78 1.88 11.77 9.33
N SER A 79 2.22 12.50 10.38
CA SER A 79 1.42 12.56 11.59
C SER A 79 0.17 13.43 11.38
N LYS A 80 -0.66 13.53 12.42
CA LYS A 80 -1.83 14.37 12.50
C LYS A 80 -2.02 14.62 14.00
N ALA A 1 -0.10 -20.24 0.65
CA ALA A 1 0.82 -20.42 1.77
C ALA A 1 2.21 -19.88 1.40
N VAL A 2 2.70 -20.25 0.22
CA VAL A 2 4.01 -19.84 -0.28
C VAL A 2 3.98 -18.38 -0.78
N ILE A 3 3.58 -17.45 0.10
CA ILE A 3 3.51 -16.04 -0.21
C ILE A 3 4.93 -15.46 -0.14
N THR A 4 5.79 -15.87 -1.07
CA THR A 4 7.18 -15.43 -1.15
C THR A 4 7.19 -14.00 -1.71
N GLY A 5 6.73 -13.03 -0.91
CA GLY A 5 6.62 -11.63 -1.31
C GLY A 5 5.39 -11.44 -2.20
N ALA A 6 5.38 -12.12 -3.35
CA ALA A 6 4.30 -12.12 -4.31
C ALA A 6 2.98 -12.45 -3.63
N CYS A 7 2.02 -11.53 -3.70
CA CYS A 7 0.69 -11.67 -3.10
C CYS A 7 -0.32 -11.08 -4.07
N GLU A 8 -1.53 -11.63 -4.13
CA GLU A 8 -2.54 -11.21 -5.08
C GLU A 8 -3.51 -10.23 -4.42
N ARG A 9 -3.85 -10.43 -3.14
CA ARG A 9 -4.72 -9.49 -2.43
C ARG A 9 -4.46 -9.51 -0.93
N ASP A 10 -4.55 -8.31 -0.33
CA ASP A 10 -4.29 -7.98 1.06
C ASP A 10 -4.51 -9.14 2.03
N LEU A 11 -5.74 -9.66 2.03
CA LEU A 11 -6.23 -10.73 2.89
C LEU A 11 -5.24 -11.89 3.03
N GLN A 12 -4.56 -12.24 1.94
CA GLN A 12 -3.60 -13.34 1.96
C GLN A 12 -2.42 -13.06 2.88
N CYS A 13 -1.97 -11.79 2.95
CA CYS A 13 -0.81 -11.38 3.71
C CYS A 13 -1.23 -10.78 5.05
N GLY A 14 -2.02 -9.70 5.01
CA GLY A 14 -2.62 -9.06 6.17
C GLY A 14 -1.67 -8.34 7.11
N LYS A 15 -0.82 -9.11 7.78
CA LYS A 15 0.12 -8.71 8.83
C LYS A 15 0.80 -7.37 8.52
N GLY A 16 0.22 -6.26 9.00
CA GLY A 16 0.68 -4.89 8.77
C GLY A 16 1.01 -4.61 7.31
N THR A 17 0.31 -5.29 6.39
CA THR A 17 0.57 -5.20 4.97
C THR A 17 -0.73 -5.19 4.17
N CYS A 18 -0.59 -4.85 2.90
CA CYS A 18 -1.57 -4.88 1.85
C CYS A 18 -0.86 -5.57 0.67
N CYS A 19 -1.53 -5.87 -0.44
CA CYS A 19 -0.87 -6.50 -1.58
C CYS A 19 -1.02 -5.58 -2.80
N ALA A 20 0.02 -4.79 -3.08
CA ALA A 20 0.03 -3.78 -4.14
C ALA A 20 1.15 -4.05 -5.13
N VAL A 21 1.09 -3.37 -6.29
CA VAL A 21 2.03 -3.54 -7.38
C VAL A 21 3.48 -3.42 -6.89
N SER A 22 4.40 -4.25 -7.39
CA SER A 22 5.79 -4.17 -7.03
C SER A 22 6.39 -2.86 -7.56
N LEU A 23 7.23 -2.23 -6.75
CA LEU A 23 7.94 -1.01 -7.12
C LEU A 23 8.98 -1.31 -8.22
N TRP A 24 9.33 -2.59 -8.42
CA TRP A 24 10.37 -2.98 -9.36
C TRP A 24 9.77 -3.72 -10.56
N ILE A 25 9.07 -4.82 -10.33
CA ILE A 25 8.45 -5.60 -11.40
C ILE A 25 6.96 -5.28 -11.41
N LYS A 26 6.59 -4.22 -12.15
CA LYS A 26 5.22 -3.76 -12.27
C LYS A 26 4.25 -4.85 -12.75
N SER A 27 4.78 -5.97 -13.26
CA SER A 27 3.97 -7.09 -13.74
C SER A 27 3.43 -7.94 -12.58
N VAL A 28 3.96 -7.77 -11.37
CA VAL A 28 3.60 -8.54 -10.18
C VAL A 28 3.25 -7.58 -9.05
N ARG A 29 2.45 -8.06 -8.09
CA ARG A 29 2.09 -7.32 -6.88
C ARG A 29 2.56 -8.15 -5.68
N VAL A 30 3.02 -7.46 -4.62
CA VAL A 30 3.66 -8.06 -3.46
C VAL A 30 3.11 -7.49 -2.15
N CYS A 31 3.37 -8.21 -1.04
CA CYS A 31 3.01 -7.77 0.31
C CYS A 31 3.73 -6.44 0.57
N THR A 32 3.02 -5.33 0.42
CA THR A 32 3.53 -3.99 0.60
C THR A 32 3.09 -3.55 2.00
N PRO A 33 3.99 -3.03 2.85
CA PRO A 33 3.64 -2.60 4.19
C PRO A 33 2.73 -1.38 4.12
N VAL A 34 1.88 -1.18 5.14
CA VAL A 34 1.11 0.06 5.22
C VAL A 34 2.12 1.22 5.27
N GLY A 35 1.77 2.33 4.64
CA GLY A 35 2.61 3.50 4.56
C GLY A 35 2.93 4.06 5.94
N THR A 36 4.21 4.33 6.22
CA THR A 36 4.62 4.95 7.47
C THR A 36 4.84 6.45 7.25
N SER A 37 5.17 7.14 8.34
CA SER A 37 5.38 8.58 8.38
C SER A 37 6.40 9.01 7.32
N GLY A 38 5.93 9.68 6.26
CA GLY A 38 6.76 10.19 5.18
C GLY A 38 6.57 9.45 3.87
N GLU A 39 5.99 8.24 3.87
CA GLU A 39 5.82 7.49 2.62
C GLU A 39 4.70 8.08 1.76
N ASP A 40 4.77 7.81 0.45
CA ASP A 40 3.77 8.28 -0.51
C ASP A 40 2.49 7.47 -0.35
N CYS A 41 1.35 8.07 -0.65
CA CYS A 41 0.04 7.43 -0.60
C CYS A 41 -0.84 8.00 -1.68
N HIS A 42 -1.87 7.24 -2.05
CA HIS A 42 -2.84 7.68 -3.03
C HIS A 42 -4.02 8.17 -2.23
N PRO A 43 -4.59 9.36 -2.49
CA PRO A 43 -5.75 9.80 -1.73
C PRO A 43 -6.89 8.78 -1.83
N ALA A 44 -6.92 7.98 -2.91
CA ALA A 44 -7.89 6.90 -3.09
C ALA A 44 -7.30 5.52 -2.74
N SER A 45 -6.24 5.45 -1.91
CA SER A 45 -5.64 4.21 -1.45
C SER A 45 -6.71 3.44 -0.65
N HIS A 46 -7.48 2.59 -1.34
CA HIS A 46 -8.57 1.83 -0.72
C HIS A 46 -8.09 1.07 0.53
N LYS A 47 -8.95 0.99 1.54
CA LYS A 47 -8.69 0.39 2.84
C LYS A 47 -8.29 -1.09 2.73
N ILE A 48 -7.83 -1.65 3.86
CA ILE A 48 -7.40 -3.04 3.99
C ILE A 48 -8.51 -3.77 4.76
N PRO A 49 -8.86 -5.03 4.42
CA PRO A 49 -8.34 -5.81 3.31
C PRO A 49 -9.11 -5.50 2.02
N PHE A 50 -8.40 -5.22 0.92
CA PHE A 50 -9.01 -4.93 -0.36
C PHE A 50 -8.99 -6.22 -1.18
N SER A 51 -10.08 -6.98 -1.07
CA SER A 51 -10.25 -8.24 -1.79
C SER A 51 -10.57 -7.96 -3.26
N GLY A 52 -9.59 -7.39 -3.97
CA GLY A 52 -9.65 -7.05 -5.38
C GLY A 52 -8.20 -7.00 -5.88
N GLN A 53 -7.91 -6.20 -6.92
CA GLN A 53 -6.57 -6.04 -7.44
C GLN A 53 -6.18 -4.57 -7.28
N ARG A 54 -5.22 -4.30 -6.41
CA ARG A 54 -4.78 -2.93 -6.12
C ARG A 54 -4.03 -2.34 -7.31
N MET A 55 -4.75 -1.66 -8.19
CA MET A 55 -4.16 -0.94 -9.31
C MET A 55 -3.19 0.11 -8.76
N HIS A 56 -3.58 0.81 -7.69
CA HIS A 56 -2.75 1.83 -7.07
C HIS A 56 -1.50 1.20 -6.46
N HIS A 57 -0.34 1.79 -6.78
CA HIS A 57 0.95 1.34 -6.28
C HIS A 57 1.06 1.50 -4.77
N THR A 58 0.58 2.64 -4.28
CA THR A 58 0.76 3.06 -2.91
C THR A 58 -0.47 2.74 -2.08
N CYS A 59 -0.26 2.17 -0.90
CA CYS A 59 -1.30 1.64 -0.03
C CYS A 59 -1.65 2.56 1.13
N PRO A 60 -2.70 2.21 1.91
CA PRO A 60 -3.08 2.95 3.09
C PRO A 60 -1.91 3.11 4.04
N CYS A 61 -2.07 4.07 4.95
CA CYS A 61 -1.04 4.46 5.89
C CYS A 61 -1.42 4.01 7.28
N ALA A 62 -0.42 3.90 8.17
CA ALA A 62 -0.64 3.49 9.55
C ALA A 62 -1.81 4.29 10.13
N PRO A 63 -2.89 3.62 10.59
CA PRO A 63 -4.09 4.20 11.16
C PRO A 63 -3.83 5.31 12.18
N ASN A 64 -3.65 6.52 11.64
CA ASN A 64 -3.34 7.79 12.29
C ASN A 64 -2.90 8.79 11.22
N LEU A 65 -1.99 8.36 10.34
CA LEU A 65 -1.38 9.21 9.32
C LEU A 65 -2.40 9.84 8.37
N ALA A 66 -2.11 11.08 7.94
CA ALA A 66 -2.93 11.86 7.03
C ALA A 66 -2.22 11.95 5.68
N CYS A 67 -2.89 11.49 4.61
CA CYS A 67 -2.39 11.50 3.24
C CYS A 67 -2.55 12.90 2.66
N VAL A 68 -1.57 13.78 2.87
CA VAL A 68 -1.63 15.17 2.43
C VAL A 68 -0.86 15.37 1.14
N GLN A 69 -1.38 16.26 0.28
CA GLN A 69 -0.75 16.57 -0.98
C GLN A 69 0.52 17.39 -0.73
N THR A 70 1.66 16.90 -1.22
CA THR A 70 2.91 17.65 -1.20
C THR A 70 3.12 18.28 -2.57
N SER A 71 2.54 17.67 -3.61
CA SER A 71 2.45 18.20 -4.97
C SER A 71 1.28 17.45 -5.62
N PRO A 72 0.77 17.88 -6.79
CA PRO A 72 -0.26 17.14 -7.50
C PRO A 72 0.19 15.69 -7.67
N LYS A 73 -0.67 14.73 -7.35
CA LYS A 73 -0.40 13.28 -7.37
C LYS A 73 0.51 12.87 -6.21
N LYS A 74 1.61 13.59 -5.98
CA LYS A 74 2.55 13.35 -4.91
C LYS A 74 1.92 13.68 -3.56
N PHE A 75 1.10 12.76 -3.06
CA PHE A 75 0.49 12.85 -1.74
C PHE A 75 1.32 11.96 -0.81
N LYS A 76 1.70 12.50 0.35
CA LYS A 76 2.51 11.79 1.33
C LYS A 76 1.79 11.74 2.66
N CYS A 77 2.04 10.67 3.42
CA CYS A 77 1.39 10.40 4.68
C CYS A 77 2.19 10.95 5.84
N LEU A 78 1.69 12.05 6.44
CA LEU A 78 2.35 12.69 7.57
C LEU A 78 1.59 12.41 8.87
N SER A 79 2.34 12.43 9.97
CA SER A 79 2.01 12.29 11.38
C SER A 79 2.69 11.06 12.01
N LYS A 80 2.09 10.50 13.06
CA LYS A 80 2.46 9.33 13.81
C LYS A 80 1.12 8.85 14.36
N ALA A 1 12.62 -7.57 0.39
CA ALA A 1 11.99 -8.81 0.85
C ALA A 1 10.56 -8.90 0.32
N VAL A 2 9.80 -7.81 0.46
CA VAL A 2 8.41 -7.65 0.05
C VAL A 2 8.13 -8.36 -1.28
N ILE A 3 8.98 -8.14 -2.28
CA ILE A 3 8.88 -8.70 -3.61
C ILE A 3 8.59 -10.21 -3.59
N THR A 4 9.18 -10.96 -2.67
CA THR A 4 8.98 -12.41 -2.59
C THR A 4 7.59 -12.77 -2.04
N GLY A 5 7.00 -11.89 -1.21
CA GLY A 5 5.73 -12.11 -0.57
C GLY A 5 4.57 -11.88 -1.53
N ALA A 6 4.51 -12.66 -2.61
CA ALA A 6 3.45 -12.59 -3.60
C ALA A 6 2.09 -12.76 -2.92
N CYS A 7 1.14 -11.90 -3.30
CA CYS A 7 -0.19 -11.84 -2.73
C CYS A 7 -1.24 -11.57 -3.81
N GLU A 8 -2.46 -12.11 -3.65
CA GLU A 8 -3.59 -11.86 -4.51
C GLU A 8 -4.59 -10.95 -3.77
N ARG A 9 -4.85 -11.19 -2.48
CA ARG A 9 -5.70 -10.34 -1.63
C ARG A 9 -5.11 -10.22 -0.22
N ASP A 10 -5.33 -9.06 0.40
CA ASP A 10 -4.82 -8.67 1.73
C ASP A 10 -4.86 -9.82 2.74
N LEU A 11 -6.07 -10.38 2.87
CA LEU A 11 -6.45 -11.44 3.79
C LEU A 11 -5.45 -12.58 3.82
N GLN A 12 -4.90 -12.95 2.66
CA GLN A 12 -3.95 -14.05 2.59
C GLN A 12 -2.69 -13.77 3.41
N CYS A 13 -2.28 -12.51 3.49
CA CYS A 13 -1.03 -12.13 4.14
C CYS A 13 -1.26 -11.61 5.55
N GLY A 14 -2.22 -10.71 5.73
CA GLY A 14 -2.56 -10.17 7.04
C GLY A 14 -2.69 -8.65 7.03
N LYS A 15 -3.60 -8.15 7.87
CA LYS A 15 -3.97 -6.75 8.03
C LYS A 15 -2.78 -5.79 8.12
N GLY A 16 -1.69 -6.22 8.74
CA GLY A 16 -0.47 -5.43 8.85
C GLY A 16 0.13 -5.05 7.49
N THR A 17 -0.36 -5.65 6.40
CA THR A 17 0.09 -5.37 5.05
C THR A 17 -1.14 -5.22 4.16
N CYS A 18 -0.99 -4.50 3.05
CA CYS A 18 -1.98 -4.41 1.99
C CYS A 18 -1.39 -5.09 0.77
N CYS A 19 -2.26 -5.58 -0.12
CA CYS A 19 -1.84 -6.31 -1.30
C CYS A 19 -1.66 -5.31 -2.44
N ALA A 20 -0.43 -4.78 -2.61
CA ALA A 20 -0.11 -3.73 -3.57
C ALA A 20 0.63 -4.28 -4.78
N VAL A 21 0.66 -3.52 -5.88
CA VAL A 21 1.29 -3.93 -7.13
C VAL A 21 2.81 -4.14 -6.96
N SER A 22 3.43 -4.97 -7.80
CA SER A 22 4.86 -5.20 -7.84
C SER A 22 5.51 -4.24 -8.85
N LEU A 23 6.45 -3.41 -8.39
CA LEU A 23 7.14 -2.38 -9.19
C LEU A 23 7.68 -2.90 -10.53
N TRP A 24 8.01 -4.18 -10.62
CA TRP A 24 8.68 -4.76 -11.78
C TRP A 24 7.70 -5.44 -12.74
N ILE A 25 6.46 -5.73 -12.31
CA ILE A 25 5.48 -6.39 -13.14
C ILE A 25 4.07 -6.14 -12.59
N LYS A 26 3.31 -5.28 -13.27
CA LYS A 26 1.96 -4.91 -12.93
C LYS A 26 1.03 -6.11 -12.68
N SER A 27 1.33 -7.25 -13.28
CA SER A 27 0.55 -8.46 -13.12
C SER A 27 0.62 -9.02 -11.69
N VAL A 28 1.77 -8.90 -11.02
CA VAL A 28 1.97 -9.48 -9.70
C VAL A 28 1.77 -8.42 -8.63
N ARG A 29 1.26 -8.83 -7.47
CA ARG A 29 0.98 -7.98 -6.33
C ARG A 29 1.64 -8.66 -5.12
N VAL A 30 2.07 -7.89 -4.14
CA VAL A 30 2.87 -8.39 -3.01
C VAL A 30 2.44 -7.75 -1.68
N CYS A 31 2.71 -8.48 -0.60
CA CYS A 31 2.43 -8.11 0.79
C CYS A 31 3.24 -6.87 1.14
N THR A 32 2.68 -5.69 0.91
CA THR A 32 3.37 -4.44 1.15
C THR A 32 2.90 -3.91 2.51
N PRO A 33 3.79 -3.50 3.42
CA PRO A 33 3.38 -3.05 4.75
C PRO A 33 2.52 -1.80 4.67
N VAL A 34 1.62 -1.61 5.64
CA VAL A 34 0.84 -0.37 5.71
C VAL A 34 1.81 0.82 5.78
N GLY A 35 1.43 1.93 5.16
CA GLY A 35 2.26 3.10 5.08
C GLY A 35 2.52 3.72 6.45
N THR A 36 3.77 3.70 6.92
CA THR A 36 4.16 4.30 8.18
C THR A 36 4.81 5.66 7.90
N SER A 37 5.28 6.33 8.95
CA SER A 37 5.88 7.65 8.91
C SER A 37 6.79 7.88 7.70
N GLY A 38 6.37 8.74 6.77
CA GLY A 38 7.18 9.11 5.60
C GLY A 38 7.05 8.17 4.41
N GLU A 39 6.34 7.04 4.53
CA GLU A 39 6.16 6.16 3.38
C GLU A 39 5.26 6.85 2.35
N ASP A 40 5.55 6.67 1.07
CA ASP A 40 4.75 7.26 -0.01
C ASP A 40 3.37 6.62 0.00
N CYS A 41 2.33 7.42 -0.29
CA CYS A 41 0.95 6.94 -0.31
C CYS A 41 0.21 7.52 -1.48
N HIS A 42 -0.76 6.76 -1.99
CA HIS A 42 -1.65 7.18 -3.05
C HIS A 42 -2.98 7.52 -2.36
N PRO A 43 -3.60 8.68 -2.60
CA PRO A 43 -4.85 9.02 -1.94
C PRO A 43 -5.94 7.97 -2.19
N ALA A 44 -5.85 7.20 -3.27
CA ALA A 44 -6.82 6.16 -3.61
C ALA A 44 -6.31 4.76 -3.22
N SER A 45 -5.33 4.65 -2.31
CA SER A 45 -4.84 3.36 -1.84
C SER A 45 -6.01 2.55 -1.29
N HIS A 46 -6.40 1.47 -1.97
CA HIS A 46 -7.52 0.65 -1.54
C HIS A 46 -7.29 0.12 -0.12
N LYS A 47 -8.26 0.41 0.75
CA LYS A 47 -8.27 0.07 2.17
C LYS A 47 -8.00 -1.41 2.44
N ILE A 48 -7.99 -1.80 3.72
CA ILE A 48 -7.80 -3.18 4.14
C ILE A 48 -9.07 -3.57 4.93
N PRO A 49 -9.64 -4.77 4.73
CA PRO A 49 -9.28 -5.80 3.77
C PRO A 49 -9.98 -5.56 2.43
N PHE A 50 -9.23 -5.26 1.36
CA PHE A 50 -9.78 -5.05 0.03
C PHE A 50 -9.59 -6.33 -0.78
N SER A 51 -10.66 -7.09 -0.95
CA SER A 51 -10.66 -8.29 -1.78
C SER A 51 -10.71 -7.87 -3.25
N GLY A 52 -9.69 -7.15 -3.71
CA GLY A 52 -9.60 -6.66 -5.07
C GLY A 52 -8.13 -6.42 -5.42
N GLN A 53 -7.85 -6.24 -6.72
CA GLN A 53 -6.51 -6.09 -7.24
C GLN A 53 -6.18 -4.60 -7.31
N ARG A 54 -5.33 -4.12 -6.38
CA ARG A 54 -4.93 -2.71 -6.37
C ARG A 54 -4.18 -2.36 -7.66
N MET A 55 -4.23 -1.09 -8.04
CA MET A 55 -3.51 -0.57 -9.21
C MET A 55 -2.43 0.41 -8.75
N HIS A 56 -1.96 0.27 -7.51
CA HIS A 56 -0.94 1.12 -6.91
C HIS A 56 0.04 0.22 -6.14
N HIS A 57 1.30 0.65 -6.05
CA HIS A 57 2.36 -0.05 -5.32
C HIS A 57 2.39 0.38 -3.85
N THR A 58 1.70 1.48 -3.54
CA THR A 58 1.70 2.08 -2.23
C THR A 58 0.45 1.63 -1.48
N CYS A 59 0.56 1.41 -0.17
CA CYS A 59 -0.53 0.96 0.65
C CYS A 59 -1.15 2.12 1.42
N PRO A 60 -2.36 1.91 1.96
CA PRO A 60 -3.01 2.84 2.86
C PRO A 60 -2.10 3.10 4.05
N CYS A 61 -2.22 4.26 4.67
CA CYS A 61 -1.41 4.58 5.83
C CYS A 61 -1.86 3.74 7.02
N ALA A 62 -0.93 3.42 7.92
CA ALA A 62 -1.27 2.70 9.13
C ALA A 62 -2.29 3.54 9.91
N PRO A 63 -3.26 2.92 10.62
CA PRO A 63 -4.32 3.61 11.34
C PRO A 63 -3.93 4.89 12.11
N ASN A 64 -2.70 4.97 12.64
CA ASN A 64 -2.26 6.13 13.41
C ASN A 64 -1.80 7.31 12.53
N LEU A 65 -1.82 7.18 11.20
CA LEU A 65 -1.35 8.19 10.27
C LEU A 65 -2.36 8.41 9.14
N ALA A 66 -2.15 9.45 8.34
CA ALA A 66 -3.01 9.84 7.23
C ALA A 66 -2.14 10.20 6.03
N CYS A 67 -2.71 10.04 4.83
CA CYS A 67 -2.02 10.31 3.57
C CYS A 67 -2.13 11.80 3.23
N VAL A 68 -1.02 12.56 3.30
CA VAL A 68 -1.02 14.00 3.05
C VAL A 68 -0.02 14.35 1.95
N GLN A 69 -0.33 15.39 1.17
CA GLN A 69 0.52 15.88 0.10
C GLN A 69 1.92 16.27 0.58
N THR A 70 2.90 16.07 -0.31
CA THR A 70 4.30 16.40 -0.09
C THR A 70 4.93 17.05 -1.33
N SER A 71 4.48 16.68 -2.54
CA SER A 71 4.96 17.27 -3.79
C SER A 71 3.83 17.13 -4.80
N PRO A 72 3.88 17.80 -5.97
CA PRO A 72 2.86 17.71 -7.00
C PRO A 72 2.39 16.28 -7.25
N LYS A 73 1.16 15.96 -6.82
CA LYS A 73 0.54 14.65 -6.94
C LYS A 73 1.38 13.55 -6.28
N LYS A 74 2.05 13.87 -5.17
CA LYS A 74 2.86 12.95 -4.40
C LYS A 74 2.55 13.17 -2.93
N PHE A 75 1.98 12.16 -2.28
CA PHE A 75 1.59 12.20 -0.88
C PHE A 75 2.44 11.21 -0.09
N LYS A 76 2.60 11.48 1.21
CA LYS A 76 3.27 10.60 2.16
C LYS A 76 2.39 10.43 3.40
N CYS A 77 2.64 9.35 4.13
CA CYS A 77 1.92 9.04 5.35
C CYS A 77 2.52 9.85 6.49
N LEU A 78 1.72 10.74 7.08
CA LEU A 78 2.15 11.59 8.18
C LEU A 78 1.14 11.49 9.32
N SER A 79 1.62 11.81 10.52
CA SER A 79 0.84 11.75 11.75
C SER A 79 -0.04 13.00 11.84
N LYS A 80 -1.22 12.95 11.23
CA LYS A 80 -2.23 13.99 11.19
C LYS A 80 -3.56 13.24 11.17
N ALA A 1 13.28 -9.85 -4.01
CA ALA A 1 13.07 -10.72 -2.86
C ALA A 1 11.58 -10.76 -2.49
N VAL A 2 10.99 -9.57 -2.33
CA VAL A 2 9.59 -9.37 -1.98
C VAL A 2 8.67 -10.23 -2.86
N ILE A 3 9.07 -10.46 -4.12
CA ILE A 3 8.42 -11.32 -5.10
C ILE A 3 7.88 -12.59 -4.44
N THR A 4 8.68 -13.20 -3.55
CA THR A 4 8.30 -14.43 -2.87
C THR A 4 6.95 -14.31 -2.16
N GLY A 5 6.68 -13.20 -1.47
CA GLY A 5 5.45 -12.99 -0.73
C GLY A 5 4.33 -12.55 -1.66
N ALA A 6 4.07 -13.33 -2.72
CA ALA A 6 3.07 -13.03 -3.73
C ALA A 6 1.65 -13.12 -3.15
N CYS A 7 0.81 -12.15 -3.50
CA CYS A 7 -0.58 -12.01 -3.10
C CYS A 7 -1.40 -11.47 -4.28
N GLU A 8 -2.71 -11.38 -4.08
CA GLU A 8 -3.67 -10.78 -5.00
C GLU A 8 -4.62 -9.84 -4.25
N ARG A 9 -4.94 -10.13 -2.97
CA ARG A 9 -5.76 -9.29 -2.12
C ARG A 9 -5.12 -9.23 -0.72
N ASP A 10 -5.38 -8.14 0.02
CA ASP A 10 -4.85 -7.90 1.38
C ASP A 10 -5.02 -9.11 2.28
N LEU A 11 -6.13 -9.83 2.09
CA LEU A 11 -6.48 -11.05 2.81
C LEU A 11 -5.29 -12.00 2.94
N GLN A 12 -4.46 -12.10 1.90
CA GLN A 12 -3.32 -13.00 1.86
C GLN A 12 -2.09 -12.44 2.57
N CYS A 13 -2.22 -11.29 3.23
CA CYS A 13 -1.13 -10.58 3.89
C CYS A 13 -1.55 -10.25 5.32
N GLY A 14 -2.62 -9.47 5.47
CA GLY A 14 -3.23 -9.17 6.77
C GLY A 14 -2.68 -7.93 7.48
N LYS A 15 -3.41 -7.50 8.50
CA LYS A 15 -3.15 -6.34 9.36
C LYS A 15 -1.65 -6.21 9.69
N GLY A 16 -1.05 -5.17 9.12
CA GLY A 16 0.37 -4.86 9.22
C GLY A 16 0.98 -4.78 7.82
N THR A 17 0.32 -5.43 6.86
CA THR A 17 0.71 -5.45 5.46
C THR A 17 -0.53 -5.17 4.60
N CYS A 18 -0.28 -4.92 3.32
CA CYS A 18 -1.23 -4.60 2.27
C CYS A 18 -0.77 -5.33 1.03
N CYS A 19 -1.68 -5.67 0.11
CA CYS A 19 -1.32 -6.39 -1.11
C CYS A 19 -1.19 -5.45 -2.30
N ALA A 20 0.03 -5.07 -2.70
CA ALA A 20 0.28 -4.13 -3.80
C ALA A 20 1.16 -4.75 -4.89
N VAL A 21 1.09 -4.20 -6.10
CA VAL A 21 1.71 -4.71 -7.32
C VAL A 21 3.15 -5.24 -7.17
N SER A 22 3.51 -6.31 -7.89
CA SER A 22 4.88 -6.77 -7.97
C SER A 22 5.61 -5.91 -9.01
N LEU A 23 6.51 -5.04 -8.54
CA LEU A 23 7.25 -4.02 -9.27
C LEU A 23 7.63 -4.40 -10.71
N TRP A 24 8.05 -5.66 -10.93
CA TRP A 24 8.60 -6.10 -12.20
C TRP A 24 7.58 -6.81 -13.08
N ILE A 25 6.48 -7.33 -12.52
CA ILE A 25 5.45 -8.01 -13.27
C ILE A 25 4.09 -7.70 -12.66
N LYS A 26 3.30 -6.89 -13.38
CA LYS A 26 1.94 -6.55 -12.96
C LYS A 26 1.10 -7.83 -12.75
N SER A 27 1.55 -8.93 -13.37
CA SER A 27 0.99 -10.27 -13.28
C SER A 27 0.60 -10.69 -11.86
N VAL A 28 1.38 -10.28 -10.86
CA VAL A 28 1.14 -10.62 -9.46
C VAL A 28 1.28 -9.39 -8.58
N ARG A 29 0.74 -9.46 -7.37
CA ARG A 29 0.95 -8.45 -6.35
C ARG A 29 1.76 -9.14 -5.24
N VAL A 30 2.26 -8.38 -4.26
CA VAL A 30 3.06 -8.88 -3.15
C VAL A 30 2.69 -8.16 -1.86
N CYS A 31 2.89 -8.87 -0.74
CA CYS A 31 2.64 -8.33 0.59
C CYS A 31 3.65 -7.22 0.86
N THR A 32 3.15 -6.00 0.75
CA THR A 32 3.85 -4.74 0.92
C THR A 32 3.52 -4.27 2.35
N PRO A 33 4.42 -3.58 3.05
CA PRO A 33 4.14 -3.10 4.40
C PRO A 33 3.11 -1.96 4.35
N VAL A 34 2.26 -1.83 5.36
CA VAL A 34 1.35 -0.68 5.39
C VAL A 34 2.18 0.60 5.49
N GLY A 35 1.72 1.69 4.88
CA GLY A 35 2.43 2.95 4.88
C GLY A 35 2.56 3.50 6.29
N THR A 36 3.79 3.67 6.79
CA THR A 36 4.02 4.29 8.08
C THR A 36 4.42 5.75 7.84
N SER A 37 4.51 6.53 8.92
CA SER A 37 4.82 7.95 8.89
C SER A 37 5.95 8.27 7.90
N GLY A 38 5.63 9.04 6.85
CA GLY A 38 6.59 9.46 5.84
C GLY A 38 6.56 8.63 4.55
N GLU A 39 6.08 7.39 4.59
CA GLU A 39 6.04 6.56 3.39
C GLU A 39 4.99 7.07 2.40
N ASP A 40 5.23 6.84 1.11
CA ASP A 40 4.33 7.25 0.04
C ASP A 40 3.05 6.42 0.04
N CYS A 41 1.96 7.01 -0.43
CA CYS A 41 0.62 6.43 -0.46
C CYS A 41 -0.17 7.11 -1.59
N HIS A 42 -1.36 6.59 -1.90
CA HIS A 42 -2.24 7.20 -2.89
C HIS A 42 -3.54 7.61 -2.18
N PRO A 43 -4.15 8.77 -2.49
CA PRO A 43 -5.39 9.19 -1.86
C PRO A 43 -6.53 8.20 -2.05
N ALA A 44 -6.43 7.26 -3.00
CA ALA A 44 -7.44 6.25 -3.25
C ALA A 44 -7.08 4.92 -2.58
N SER A 45 -6.03 4.87 -1.75
CA SER A 45 -5.61 3.68 -1.07
C SER A 45 -6.63 3.28 0.01
N HIS A 46 -7.56 2.39 -0.32
CA HIS A 46 -8.53 1.87 0.65
C HIS A 46 -7.79 1.27 1.85
N LYS A 47 -8.35 1.38 3.05
CA LYS A 47 -7.71 0.81 4.24
C LYS A 47 -7.68 -0.72 4.18
N ILE A 48 -7.19 -1.35 5.25
CA ILE A 48 -7.08 -2.80 5.39
C ILE A 48 -8.37 -3.30 6.06
N PRO A 49 -8.89 -4.49 5.72
CA PRO A 49 -8.48 -5.38 4.65
C PRO A 49 -9.24 -5.06 3.35
N PHE A 50 -8.52 -4.83 2.26
CA PHE A 50 -9.13 -4.57 0.97
C PHE A 50 -9.12 -5.87 0.17
N SER A 51 -10.27 -6.53 0.09
CA SER A 51 -10.45 -7.75 -0.65
C SER A 51 -10.51 -7.41 -2.14
N GLY A 52 -9.42 -6.91 -2.71
CA GLY A 52 -9.36 -6.53 -4.11
C GLY A 52 -7.93 -6.23 -4.54
N GLN A 53 -7.76 -6.02 -5.85
CA GLN A 53 -6.48 -5.73 -6.49
C GLN A 53 -6.13 -4.26 -6.27
N ARG A 54 -5.11 -3.96 -5.47
CA ARG A 54 -4.70 -2.58 -5.28
C ARG A 54 -4.01 -2.10 -6.56
N MET A 55 -4.76 -1.38 -7.40
CA MET A 55 -4.28 -0.84 -8.67
C MET A 55 -2.98 -0.07 -8.47
N HIS A 56 -2.99 0.91 -7.56
CA HIS A 56 -1.82 1.73 -7.29
C HIS A 56 -0.70 0.93 -6.65
N HIS A 57 0.53 1.27 -7.00
CA HIS A 57 1.72 0.63 -6.46
C HIS A 57 1.91 0.96 -4.98
N THR A 58 1.41 2.12 -4.54
CA THR A 58 1.63 2.63 -3.20
C THR A 58 0.43 2.24 -2.34
N CYS A 59 0.69 1.94 -1.06
CA CYS A 59 -0.28 1.37 -0.15
C CYS A 59 -0.93 2.38 0.78
N PRO A 60 -1.99 1.95 1.50
CA PRO A 60 -2.67 2.79 2.46
C PRO A 60 -1.78 2.95 3.69
N CYS A 61 -2.09 4.00 4.45
CA CYS A 61 -1.37 4.33 5.66
C CYS A 61 -1.90 3.46 6.80
N ALA A 62 -1.05 3.11 7.76
CA ALA A 62 -1.43 2.30 8.90
C ALA A 62 -2.72 2.86 9.52
N PRO A 63 -3.78 2.04 9.71
CA PRO A 63 -5.08 2.45 10.26
C PRO A 63 -5.02 3.30 11.52
N ASN A 64 -4.82 4.60 11.29
CA ASN A 64 -4.66 5.69 12.24
C ASN A 64 -4.16 6.90 11.45
N LEU A 65 -3.08 6.68 10.71
CA LEU A 65 -2.48 7.64 9.81
C LEU A 65 -3.41 7.91 8.64
N ALA A 66 -3.15 9.01 7.91
CA ALA A 66 -3.91 9.43 6.74
C ALA A 66 -2.93 9.77 5.61
N CYS A 67 -3.38 9.59 4.37
CA CYS A 67 -2.60 9.86 3.17
C CYS A 67 -2.79 11.31 2.75
N VAL A 68 -1.78 12.16 2.86
CA VAL A 68 -1.89 13.58 2.57
C VAL A 68 -0.75 14.06 1.66
N GLN A 69 -1.00 15.15 0.94
CA GLN A 69 -0.04 15.78 0.07
C GLN A 69 1.12 16.42 0.83
N THR A 70 2.33 16.17 0.34
CA THR A 70 3.56 16.81 0.81
C THR A 70 4.04 17.76 -0.29
N SER A 71 3.83 17.39 -1.56
CA SER A 71 4.10 18.19 -2.75
C SER A 71 3.26 17.56 -3.87
N PRO A 72 3.02 18.26 -4.99
CA PRO A 72 2.29 17.73 -6.13
C PRO A 72 2.71 16.28 -6.43
N LYS A 73 1.74 15.35 -6.49
CA LYS A 73 1.95 13.92 -6.69
C LYS A 73 2.54 13.22 -5.46
N LYS A 74 3.44 13.88 -4.72
CA LYS A 74 4.05 13.35 -3.51
C LYS A 74 3.00 13.27 -2.39
N PHE A 75 2.26 12.17 -2.37
CA PHE A 75 1.26 11.85 -1.36
C PHE A 75 1.95 10.92 -0.38
N LYS A 76 2.04 11.33 0.89
CA LYS A 76 2.71 10.57 1.95
C LYS A 76 1.81 10.43 3.17
N CYS A 77 2.16 9.43 3.99
CA CYS A 77 1.41 9.08 5.18
C CYS A 77 1.80 9.97 6.35
N LEU A 78 0.84 10.73 6.88
CA LEU A 78 1.03 11.60 8.03
C LEU A 78 0.00 11.24 9.11
N SER A 79 0.22 11.71 10.33
CA SER A 79 -0.68 11.47 11.45
C SER A 79 -1.77 12.54 11.53
N LYS A 80 -2.24 13.01 10.36
CA LYS A 80 -3.23 14.02 10.13
C LYS A 80 -3.46 13.97 8.62
N ALA A 1 9.51 -16.06 -3.95
CA ALA A 1 8.21 -15.56 -4.35
C ALA A 1 7.10 -16.41 -3.74
N VAL A 2 7.27 -16.82 -2.48
CA VAL A 2 6.30 -17.62 -1.75
C VAL A 2 4.99 -16.82 -1.62
N ILE A 3 3.85 -17.51 -1.77
CA ILE A 3 2.53 -16.90 -1.64
C ILE A 3 2.36 -16.50 -0.16
N THR A 4 2.62 -15.24 0.13
CA THR A 4 2.65 -14.52 1.41
C THR A 4 3.64 -13.36 1.23
N GLY A 5 4.78 -13.64 0.60
CA GLY A 5 5.73 -12.61 0.19
C GLY A 5 5.13 -12.04 -1.09
N ALA A 6 5.03 -12.90 -2.11
CA ALA A 6 4.31 -12.61 -3.33
C ALA A 6 2.83 -12.72 -2.97
N CYS A 7 1.98 -11.91 -3.60
CA CYS A 7 0.56 -11.88 -3.27
C CYS A 7 -0.31 -11.73 -4.50
N GLU A 8 -1.61 -11.95 -4.31
CA GLU A 8 -2.68 -11.72 -5.26
C GLU A 8 -3.64 -10.70 -4.64
N ARG A 9 -3.99 -10.84 -3.35
CA ARG A 9 -4.81 -9.85 -2.66
C ARG A 9 -4.48 -9.76 -1.16
N ASP A 10 -4.88 -8.65 -0.54
CA ASP A 10 -4.64 -8.29 0.87
C ASP A 10 -4.85 -9.45 1.83
N LEU A 11 -5.86 -10.29 1.58
CA LEU A 11 -6.20 -11.43 2.42
C LEU A 11 -4.98 -12.31 2.74
N GLN A 12 -4.00 -12.36 1.83
CA GLN A 12 -2.80 -13.17 1.97
C GLN A 12 -1.69 -12.45 2.74
N CYS A 13 -1.91 -11.20 3.15
CA CYS A 13 -0.97 -10.35 3.85
C CYS A 13 -1.39 -10.22 5.31
N GLY A 14 -0.54 -9.61 6.14
CA GLY A 14 -0.83 -9.37 7.55
C GLY A 14 -1.54 -8.02 7.70
N LYS A 15 -2.12 -7.78 8.88
CA LYS A 15 -2.84 -6.53 9.16
C LYS A 15 -1.99 -5.29 8.83
N GLY A 16 -0.69 -5.35 9.16
CA GLY A 16 0.24 -4.25 8.91
C GLY A 16 0.81 -4.25 7.49
N THR A 17 0.18 -4.94 6.53
CA THR A 17 0.63 -4.95 5.14
C THR A 17 -0.60 -4.93 4.21
N CYS A 18 -0.38 -4.68 2.91
CA CYS A 18 -1.39 -4.78 1.88
C CYS A 18 -0.75 -5.39 0.63
N CYS A 19 -1.55 -5.97 -0.28
CA CYS A 19 -1.03 -6.59 -1.49
C CYS A 19 -0.84 -5.55 -2.59
N ALA A 20 0.32 -4.90 -2.62
CA ALA A 20 0.62 -3.90 -3.64
C ALA A 20 1.31 -4.58 -4.83
N VAL A 21 1.43 -3.83 -5.92
CA VAL A 21 2.07 -4.26 -7.15
C VAL A 21 3.60 -4.31 -6.91
N SER A 22 4.39 -4.75 -7.89
CA SER A 22 5.86 -4.64 -7.86
C SER A 22 6.25 -3.44 -8.73
N LEU A 23 7.23 -2.65 -8.28
CA LEU A 23 7.75 -1.52 -9.05
C LEU A 23 8.72 -1.99 -10.12
N TRP A 24 9.04 -3.28 -10.14
CA TRP A 24 10.07 -3.85 -11.01
C TRP A 24 9.42 -4.48 -12.23
N ILE A 25 8.35 -5.27 -12.04
CA ILE A 25 7.55 -5.82 -13.10
C ILE A 25 6.11 -5.88 -12.63
N LYS A 26 5.19 -5.23 -13.34
CA LYS A 26 3.76 -5.26 -13.02
C LYS A 26 3.25 -6.70 -12.92
N SER A 27 3.95 -7.64 -13.57
CA SER A 27 3.65 -9.06 -13.51
C SER A 27 3.66 -9.62 -12.09
N VAL A 28 4.33 -8.97 -11.13
CA VAL A 28 4.44 -9.43 -9.76
C VAL A 28 3.78 -8.42 -8.83
N ARG A 29 3.25 -8.92 -7.70
CA ARG A 29 2.61 -8.16 -6.66
C ARG A 29 3.12 -8.74 -5.34
N VAL A 30 3.38 -7.89 -4.33
CA VAL A 30 3.97 -8.32 -3.06
C VAL A 30 3.29 -7.67 -1.85
N CYS A 31 3.25 -8.42 -0.74
CA CYS A 31 2.70 -7.94 0.52
C CYS A 31 3.63 -6.83 1.02
N THR A 32 3.22 -5.59 0.81
CA THR A 32 3.99 -4.39 1.12
C THR A 32 3.47 -3.83 2.45
N PRO A 33 4.34 -3.30 3.33
CA PRO A 33 3.92 -2.77 4.63
C PRO A 33 3.03 -1.55 4.48
N VAL A 34 2.18 -1.28 5.49
CA VAL A 34 1.42 -0.05 5.53
C VAL A 34 2.41 1.13 5.52
N GLY A 35 1.99 2.28 4.99
CA GLY A 35 2.84 3.46 4.93
C GLY A 35 3.29 3.92 6.30
N THR A 36 4.39 4.67 6.38
CA THR A 36 4.90 5.25 7.62
C THR A 36 5.40 6.66 7.31
N SER A 37 5.79 7.41 8.34
CA SER A 37 6.25 8.79 8.26
C SER A 37 7.18 9.05 7.07
N GLY A 38 6.68 9.72 6.04
CA GLY A 38 7.46 10.10 4.86
C GLY A 38 7.22 9.24 3.63
N GLU A 39 6.65 8.03 3.78
CA GLU A 39 6.42 7.16 2.62
C GLU A 39 5.39 7.79 1.69
N ASP A 40 5.60 7.66 0.38
CA ASP A 40 4.65 8.13 -0.63
C ASP A 40 3.37 7.30 -0.54
N CYS A 41 2.22 7.90 -0.87
CA CYS A 41 0.94 7.23 -0.78
C CYS A 41 -0.04 7.78 -1.80
N HIS A 42 -1.03 6.97 -2.16
CA HIS A 42 -2.10 7.37 -3.06
C HIS A 42 -3.29 7.73 -2.17
N PRO A 43 -3.96 8.86 -2.35
CA PRO A 43 -5.10 9.24 -1.52
C PRO A 43 -6.17 8.14 -1.49
N ALA A 44 -6.27 7.32 -2.54
CA ALA A 44 -7.22 6.23 -2.62
C ALA A 44 -6.56 4.87 -2.29
N SER A 45 -5.55 4.84 -1.41
CA SER A 45 -4.92 3.59 -0.98
C SER A 45 -5.92 2.76 -0.16
N HIS A 46 -6.81 2.06 -0.85
CA HIS A 46 -7.90 1.20 -0.36
C HIS A 46 -7.68 0.78 1.08
N LYS A 47 -8.56 1.25 1.97
CA LYS A 47 -8.45 1.18 3.43
C LYS A 47 -8.49 -0.21 4.10
N ILE A 48 -8.15 -1.28 3.38
CA ILE A 48 -8.07 -2.67 3.82
C ILE A 48 -9.45 -3.22 4.25
N PRO A 49 -9.75 -4.51 4.05
CA PRO A 49 -9.01 -5.49 3.27
C PRO A 49 -9.45 -5.39 1.80
N PHE A 50 -8.50 -5.28 0.88
CA PHE A 50 -8.81 -5.17 -0.54
C PHE A 50 -8.64 -6.55 -1.17
N SER A 51 -9.72 -7.34 -1.19
CA SER A 51 -9.77 -8.68 -1.75
C SER A 51 -9.74 -8.66 -3.29
N GLY A 52 -8.81 -7.93 -3.88
CA GLY A 52 -8.68 -7.78 -5.32
C GLY A 52 -7.29 -7.26 -5.68
N GLN A 53 -7.06 -7.01 -6.96
CA GLN A 53 -5.79 -6.52 -7.46
C GLN A 53 -5.71 -5.01 -7.23
N ARG A 54 -5.01 -4.56 -6.18
CA ARG A 54 -4.80 -3.13 -5.96
C ARG A 54 -4.08 -2.56 -7.17
N MET A 55 -4.73 -1.70 -7.93
CA MET A 55 -4.12 -1.07 -9.09
C MET A 55 -3.07 -0.06 -8.62
N HIS A 56 -3.38 0.67 -7.55
CA HIS A 56 -2.50 1.69 -6.99
C HIS A 56 -1.30 1.06 -6.31
N HIS A 57 -0.10 1.55 -6.63
CA HIS A 57 1.18 1.10 -6.12
C HIS A 57 1.45 1.38 -4.64
N THR A 58 0.44 1.66 -3.82
CA THR A 58 0.66 1.99 -2.42
C THR A 58 -0.39 1.38 -1.50
N CYS A 59 0.00 1.12 -0.27
CA CYS A 59 -0.82 0.63 0.80
C CYS A 59 -1.21 1.83 1.64
N PRO A 60 -2.30 1.73 2.43
CA PRO A 60 -2.69 2.82 3.29
C PRO A 60 -1.59 3.05 4.31
N CYS A 61 -1.50 4.27 4.82
CA CYS A 61 -0.52 4.60 5.83
C CYS A 61 -0.93 3.91 7.13
N ALA A 62 0.03 3.65 8.03
CA ALA A 62 -0.23 3.03 9.30
C ALA A 62 -1.27 3.87 10.07
N PRO A 63 -2.21 3.27 10.81
CA PRO A 63 -3.31 3.95 11.50
C PRO A 63 -3.12 5.39 12.02
N ASN A 64 -1.98 5.75 12.60
CA ASN A 64 -1.76 7.12 13.08
C ASN A 64 -1.58 8.11 11.92
N LEU A 65 -0.91 7.66 10.87
CA LEU A 65 -0.52 8.47 9.73
C LEU A 65 -1.74 8.84 8.87
N ALA A 66 -1.61 9.93 8.12
CA ALA A 66 -2.60 10.41 7.18
C ALA A 66 -1.90 10.67 5.84
N CYS A 67 -2.52 10.26 4.73
CA CYS A 67 -1.99 10.47 3.39
C CYS A 67 -2.32 11.91 2.97
N VAL A 68 -1.35 12.84 3.07
CA VAL A 68 -1.55 14.25 2.78
C VAL A 68 -0.57 14.73 1.71
N GLN A 69 -0.95 15.81 1.02
CA GLN A 69 -0.16 16.43 -0.02
C GLN A 69 1.11 17.07 0.53
N THR A 70 2.20 16.91 -0.21
CA THR A 70 3.50 17.55 0.04
C THR A 70 3.82 18.49 -1.12
N SER A 71 3.39 18.13 -2.33
CA SER A 71 3.48 18.92 -3.55
C SER A 71 2.41 18.36 -4.49
N PRO A 72 2.00 19.10 -5.54
CA PRO A 72 1.01 18.65 -6.50
C PRO A 72 1.22 17.18 -6.88
N LYS A 73 0.19 16.34 -6.67
CA LYS A 73 0.20 14.88 -6.91
C LYS A 73 1.03 14.13 -5.86
N LYS A 74 2.18 14.68 -5.46
CA LYS A 74 3.08 14.13 -4.47
C LYS A 74 2.41 14.07 -3.08
N PHE A 75 1.72 12.96 -2.83
CA PHE A 75 1.03 12.64 -1.58
C PHE A 75 1.94 11.72 -0.76
N LYS A 76 2.11 12.02 0.53
CA LYS A 76 2.92 11.23 1.45
C LYS A 76 2.20 11.03 2.78
N CYS A 77 2.66 10.04 3.54
CA CYS A 77 2.13 9.66 4.84
C CYS A 77 2.75 10.56 5.92
N LEU A 78 1.97 11.47 6.51
CA LEU A 78 2.44 12.34 7.59
C LEU A 78 1.75 11.90 8.88
N SER A 79 2.46 12.06 10.00
CA SER A 79 1.98 11.70 11.34
C SER A 79 1.06 12.79 11.89
N LYS A 80 0.28 12.45 12.92
CA LYS A 80 -0.64 13.32 13.60
C LYS A 80 -0.56 12.98 15.08
N ALA A 1 5.46 -19.92 4.18
CA ALA A 1 5.66 -18.76 3.31
C ALA A 1 5.09 -19.03 1.92
N VAL A 2 3.91 -19.67 1.87
CA VAL A 2 3.21 -20.01 0.63
C VAL A 2 3.02 -18.75 -0.22
N ILE A 3 2.58 -17.67 0.42
CA ILE A 3 2.43 -16.37 -0.24
C ILE A 3 3.82 -15.74 -0.35
N THR A 4 4.69 -16.35 -1.18
CA THR A 4 6.08 -15.98 -1.34
C THR A 4 6.30 -14.61 -1.99
N GLY A 5 5.99 -13.54 -1.26
CA GLY A 5 6.16 -12.16 -1.70
C GLY A 5 5.08 -11.78 -2.69
N ALA A 6 5.09 -12.43 -3.86
CA ALA A 6 4.11 -12.24 -4.92
C ALA A 6 2.72 -12.47 -4.34
N CYS A 7 1.83 -11.49 -4.47
CA CYS A 7 0.49 -11.57 -3.91
C CYS A 7 -0.54 -10.95 -4.84
N GLU A 8 -1.74 -11.53 -4.89
CA GLU A 8 -2.84 -11.13 -5.75
C GLU A 8 -3.88 -10.30 -4.99
N ARG A 9 -4.17 -10.62 -3.73
CA ARG A 9 -5.16 -9.89 -2.92
C ARG A 9 -4.68 -9.75 -1.47
N ASP A 10 -4.94 -8.59 -0.85
CA ASP A 10 -4.55 -8.25 0.53
C ASP A 10 -4.69 -9.46 1.46
N LEU A 11 -5.91 -10.02 1.46
CA LEU A 11 -6.38 -11.13 2.26
C LEU A 11 -5.39 -12.29 2.33
N GLN A 12 -4.61 -12.53 1.26
CA GLN A 12 -3.67 -13.64 1.24
C GLN A 12 -2.47 -13.43 2.18
N CYS A 13 -2.12 -12.17 2.47
CA CYS A 13 -0.93 -11.84 3.24
C CYS A 13 -1.27 -11.31 4.63
N GLY A 14 -0.24 -11.03 5.46
CA GLY A 14 -0.42 -10.59 6.83
C GLY A 14 -1.13 -9.24 6.93
N LYS A 15 -1.95 -9.06 7.97
CA LYS A 15 -2.73 -7.85 8.22
C LYS A 15 -1.88 -6.56 8.24
N GLY A 16 -0.60 -6.66 8.61
CA GLY A 16 0.31 -5.52 8.61
C GLY A 16 0.75 -5.12 7.20
N THR A 17 0.25 -5.79 6.17
CA THR A 17 0.58 -5.50 4.79
C THR A 17 -0.72 -5.48 3.97
N CYS A 18 -0.58 -5.19 2.69
CA CYS A 18 -1.61 -5.17 1.67
C CYS A 18 -0.97 -5.83 0.44
N CYS A 19 -1.69 -6.03 -0.65
CA CYS A 19 -1.11 -6.60 -1.87
C CYS A 19 -1.32 -5.62 -3.02
N ALA A 20 -0.24 -4.95 -3.44
CA ALA A 20 -0.26 -3.93 -4.48
C ALA A 20 0.94 -4.10 -5.40
N VAL A 21 0.96 -3.31 -6.47
CA VAL A 21 2.03 -3.33 -7.45
C VAL A 21 3.36 -3.14 -6.71
N SER A 22 4.38 -3.93 -7.04
CA SER A 22 5.68 -3.79 -6.39
C SER A 22 6.25 -2.41 -6.72
N LEU A 23 6.83 -1.76 -5.71
CA LEU A 23 7.53 -0.49 -5.90
C LEU A 23 8.80 -0.71 -6.72
N TRP A 24 9.26 -1.96 -6.85
CA TRP A 24 10.50 -2.30 -7.54
C TRP A 24 10.19 -3.06 -8.83
N ILE A 25 9.65 -4.28 -8.75
CA ILE A 25 9.31 -5.03 -9.95
C ILE A 25 7.89 -4.60 -10.35
N LYS A 26 7.76 -3.38 -10.86
CA LYS A 26 6.50 -2.74 -11.24
C LYS A 26 5.60 -3.54 -12.19
N SER A 27 6.04 -4.71 -12.68
CA SER A 27 5.25 -5.59 -13.53
C SER A 27 4.57 -6.70 -12.74
N VAL A 28 4.77 -6.76 -11.42
CA VAL A 28 4.27 -7.79 -10.52
C VAL A 28 3.72 -7.09 -9.27
N ARG A 29 2.77 -7.74 -8.57
CA ARG A 29 2.19 -7.23 -7.33
C ARG A 29 2.68 -8.11 -6.17
N VAL A 30 3.02 -7.49 -5.03
CA VAL A 30 3.59 -8.17 -3.88
C VAL A 30 2.97 -7.68 -2.58
N CYS A 31 3.20 -8.44 -1.51
CA CYS A 31 2.81 -8.06 -0.15
C CYS A 31 3.57 -6.77 0.16
N THR A 32 2.89 -5.64 0.02
CA THR A 32 3.45 -4.32 0.23
C THR A 32 3.03 -3.91 1.65
N PRO A 33 3.96 -3.47 2.51
CA PRO A 33 3.62 -3.12 3.87
C PRO A 33 2.67 -1.91 3.88
N VAL A 34 1.92 -1.75 4.97
CA VAL A 34 1.12 -0.54 5.13
C VAL A 34 2.05 0.68 4.98
N GLY A 35 1.52 1.80 4.47
CA GLY A 35 2.33 2.99 4.26
C GLY A 35 3.09 3.36 5.52
N THR A 36 4.32 3.83 5.37
CA THR A 36 5.21 4.15 6.46
C THR A 36 5.72 5.58 6.24
N SER A 37 6.22 6.23 7.29
CA SER A 37 6.71 7.60 7.29
C SER A 37 7.52 7.95 6.05
N GLY A 38 6.94 8.75 5.14
CA GLY A 38 7.59 9.24 3.93
C GLY A 38 7.22 8.47 2.67
N GLU A 39 6.62 7.27 2.79
CA GLU A 39 6.24 6.49 1.62
C GLU A 39 5.18 7.23 0.80
N ASP A 40 5.19 6.99 -0.52
CA ASP A 40 4.22 7.55 -1.44
C ASP A 40 2.82 7.04 -1.09
N CYS A 41 1.80 7.86 -1.35
CA CYS A 41 0.41 7.53 -1.03
C CYS A 41 -0.51 8.01 -2.16
N HIS A 42 -1.76 7.58 -2.09
CA HIS A 42 -2.87 7.92 -2.95
C HIS A 42 -4.06 8.04 -1.98
N PRO A 43 -4.83 9.13 -2.00
CA PRO A 43 -5.93 9.31 -1.06
C PRO A 43 -6.95 8.17 -1.13
N ALA A 44 -7.03 7.44 -2.26
CA ALA A 44 -7.93 6.32 -2.41
C ALA A 44 -7.21 4.99 -2.19
N SER A 45 -6.14 4.96 -1.38
CA SER A 45 -5.45 3.74 -1.02
C SER A 45 -6.38 2.86 -0.17
N HIS A 46 -7.24 2.10 -0.85
CA HIS A 46 -8.28 1.21 -0.33
C HIS A 46 -7.98 0.74 1.10
N LYS A 47 -8.91 1.06 2.00
CA LYS A 47 -8.81 0.99 3.45
C LYS A 47 -8.67 -0.41 4.10
N ILE A 48 -8.28 -1.43 3.34
CA ILE A 48 -8.08 -2.82 3.76
C ILE A 48 -9.40 -3.47 4.24
N PRO A 49 -9.63 -4.77 4.00
CA PRO A 49 -8.87 -5.65 3.13
C PRO A 49 -9.37 -5.49 1.69
N PHE A 50 -8.47 -5.36 0.73
CA PHE A 50 -8.82 -5.22 -0.67
C PHE A 50 -8.69 -6.60 -1.32
N SER A 51 -9.81 -7.33 -1.36
CA SER A 51 -9.92 -8.67 -1.91
C SER A 51 -9.82 -8.67 -3.45
N GLY A 52 -8.76 -8.09 -4.00
CA GLY A 52 -8.55 -8.02 -5.44
C GLY A 52 -7.17 -7.42 -5.71
N GLN A 53 -6.81 -7.26 -6.98
CA GLN A 53 -5.53 -6.69 -7.37
C GLN A 53 -5.65 -5.18 -7.23
N ARG A 54 -5.00 -4.59 -6.23
CA ARG A 54 -5.03 -3.14 -6.03
C ARG A 54 -4.54 -2.45 -7.29
N MET A 55 -5.43 -1.70 -7.95
CA MET A 55 -5.10 -0.94 -9.14
C MET A 55 -4.02 0.09 -8.78
N HIS A 56 -4.25 0.80 -7.67
CA HIS A 56 -3.32 1.80 -7.19
C HIS A 56 -2.06 1.14 -6.64
N HIS A 57 -0.93 1.82 -6.84
CA HIS A 57 0.39 1.36 -6.45
C HIS A 57 0.58 1.38 -4.93
N THR A 58 -0.07 2.31 -4.26
CA THR A 58 0.16 2.59 -2.85
C THR A 58 -0.90 1.93 -1.97
N CYS A 59 -0.62 1.88 -0.67
CA CYS A 59 -1.48 1.29 0.33
C CYS A 59 -1.63 2.23 1.51
N PRO A 60 -2.70 2.06 2.31
CA PRO A 60 -2.99 2.97 3.38
C PRO A 60 -1.88 2.98 4.42
N CYS A 61 -1.61 4.17 4.96
CA CYS A 61 -0.56 4.42 5.91
C CYS A 61 -0.84 3.69 7.23
N ALA A 62 0.22 3.37 7.97
CA ALA A 62 0.15 2.70 9.26
C ALA A 62 -0.78 3.50 10.19
N PRO A 63 -1.76 2.87 10.84
CA PRO A 63 -2.73 3.49 11.75
C PRO A 63 -2.12 4.41 12.81
N ASN A 64 -1.86 5.64 12.38
CA ASN A 64 -1.24 6.74 13.10
C ASN A 64 -0.93 7.84 12.08
N LEU A 65 -0.26 7.43 11.00
CA LEU A 65 0.12 8.28 9.89
C LEU A 65 -1.12 8.70 9.10
N ALA A 66 -0.97 9.71 8.23
CA ALA A 66 -2.01 10.25 7.37
C ALA A 66 -1.47 10.43 5.96
N CYS A 67 -2.36 10.20 4.97
CA CYS A 67 -2.07 10.31 3.54
C CYS A 67 -2.25 11.78 3.13
N VAL A 68 -1.21 12.60 3.23
CA VAL A 68 -1.31 14.05 3.02
C VAL A 68 -0.45 14.51 1.84
N GLN A 69 -0.88 15.62 1.23
CA GLN A 69 -0.21 16.25 0.11
C GLN A 69 1.19 16.76 0.48
N THR A 70 2.10 16.62 -0.48
CA THR A 70 3.46 17.16 -0.44
C THR A 70 3.63 18.13 -1.62
N SER A 71 3.05 17.78 -2.78
CA SER A 71 3.00 18.63 -3.96
C SER A 71 1.80 18.12 -4.78
N PRO A 72 1.29 18.87 -5.76
CA PRO A 72 0.15 18.46 -6.57
C PRO A 72 0.27 17.00 -7.00
N LYS A 73 -0.76 16.18 -6.71
CA LYS A 73 -0.83 14.74 -6.98
C LYS A 73 0.09 13.92 -6.06
N LYS A 74 1.22 14.47 -5.59
CA LYS A 74 2.15 13.79 -4.72
C LYS A 74 1.62 13.77 -3.28
N PHE A 75 0.94 12.69 -2.90
CA PHE A 75 0.49 12.46 -1.53
C PHE A 75 1.49 11.49 -0.91
N LYS A 76 1.81 11.67 0.37
CA LYS A 76 2.74 10.81 1.09
C LYS A 76 2.17 10.51 2.48
N CYS A 77 2.70 9.44 3.08
CA CYS A 77 2.29 8.97 4.40
C CYS A 77 3.11 9.72 5.44
N LEU A 78 2.57 10.80 5.98
CA LEU A 78 3.21 11.64 6.96
C LEU A 78 2.63 11.37 8.34
N SER A 79 3.26 11.92 9.38
CA SER A 79 2.87 11.80 10.77
C SER A 79 1.95 12.96 11.19
N LYS A 80 1.23 13.54 10.23
CA LYS A 80 0.32 14.65 10.37
C LYS A 80 -0.36 14.77 9.00
N ALA A 1 0.69 -10.51 8.58
CA ALA A 1 1.99 -10.11 8.04
C ALA A 1 2.85 -11.31 7.65
N VAL A 2 2.25 -12.36 7.07
CA VAL A 2 3.01 -13.51 6.60
C VAL A 2 3.85 -13.03 5.40
N ILE A 3 5.14 -13.37 5.33
CA ILE A 3 6.03 -12.87 4.29
C ILE A 3 5.83 -13.61 2.96
N THR A 4 4.60 -13.69 2.46
CA THR A 4 4.29 -14.31 1.18
C THR A 4 4.59 -13.27 0.08
N GLY A 5 5.88 -12.96 -0.06
CA GLY A 5 6.45 -11.94 -0.95
C GLY A 5 5.59 -11.59 -2.16
N ALA A 6 5.54 -12.50 -3.14
CA ALA A 6 4.74 -12.31 -4.35
C ALA A 6 3.30 -12.71 -4.03
N CYS A 7 2.35 -11.84 -4.36
CA CYS A 7 0.94 -12.01 -4.03
C CYS A 7 0.05 -11.55 -5.17
N GLU A 8 -1.25 -11.78 -4.98
CA GLU A 8 -2.32 -11.33 -5.84
C GLU A 8 -3.21 -10.39 -5.03
N ARG A 9 -3.54 -10.76 -3.77
CA ARG A 9 -4.32 -9.93 -2.85
C ARG A 9 -3.71 -9.97 -1.44
N ASP A 10 -4.03 -8.94 -0.65
CA ASP A 10 -3.52 -8.69 0.70
C ASP A 10 -3.55 -9.94 1.57
N LEU A 11 -4.70 -10.64 1.52
CA LEU A 11 -5.03 -11.84 2.27
C LEU A 11 -3.85 -12.81 2.39
N GLN A 12 -3.06 -12.97 1.32
CA GLN A 12 -1.94 -13.89 1.30
C GLN A 12 -0.86 -13.56 2.34
N CYS A 13 -0.82 -12.32 2.83
CA CYS A 13 0.13 -11.83 3.82
C CYS A 13 -0.62 -11.33 5.05
N GLY A 14 -1.54 -10.39 4.85
CA GLY A 14 -2.42 -9.88 5.89
C GLY A 14 -1.91 -8.61 6.59
N LYS A 15 -2.70 -8.20 7.59
CA LYS A 15 -2.54 -7.05 8.44
C LYS A 15 -1.07 -6.86 8.82
N GLY A 16 -0.54 -5.72 8.38
CA GLY A 16 0.86 -5.33 8.49
C GLY A 16 1.39 -5.04 7.09
N THR A 17 0.78 -5.66 6.08
CA THR A 17 1.14 -5.47 4.70
C THR A 17 -0.12 -5.38 3.84
N CYS A 18 0.04 -4.98 2.58
CA CYS A 18 -1.00 -4.99 1.57
C CYS A 18 -0.35 -5.42 0.25
N CYS A 19 -1.11 -6.07 -0.64
CA CYS A 19 -0.58 -6.56 -1.90
C CYS A 19 -0.63 -5.44 -2.94
N ALA A 20 0.51 -4.81 -3.24
CA ALA A 20 0.60 -3.69 -4.16
C ALA A 20 1.30 -4.09 -5.46
N VAL A 21 1.15 -3.29 -6.52
CA VAL A 21 1.74 -3.57 -7.82
C VAL A 21 3.28 -3.58 -7.74
N SER A 22 3.96 -4.30 -8.64
CA SER A 22 5.42 -4.31 -8.73
C SER A 22 5.87 -3.30 -9.79
N LEU A 23 6.65 -2.29 -9.38
CA LEU A 23 7.14 -1.19 -10.22
C LEU A 23 7.82 -1.62 -11.50
N TRP A 24 8.34 -2.85 -11.57
CA TRP A 24 9.12 -3.34 -12.69
C TRP A 24 8.29 -4.17 -13.67
N ILE A 25 7.15 -4.69 -13.24
CA ILE A 25 6.24 -5.40 -14.11
C ILE A 25 4.86 -5.45 -13.44
N LYS A 26 3.90 -4.69 -13.99
CA LYS A 26 2.56 -4.55 -13.49
C LYS A 26 1.86 -5.89 -13.27
N SER A 27 2.24 -6.91 -14.05
CA SER A 27 1.68 -8.25 -13.96
C SER A 27 1.86 -8.85 -12.58
N VAL A 28 2.98 -8.54 -11.90
CA VAL A 28 3.29 -9.09 -10.58
C VAL A 28 2.93 -8.05 -9.53
N ARG A 29 2.47 -8.54 -8.37
CA ARG A 29 2.09 -7.72 -7.23
C ARG A 29 2.82 -8.33 -6.02
N VAL A 30 3.29 -7.48 -5.11
CA VAL A 30 4.08 -7.90 -3.95
C VAL A 30 3.55 -7.29 -2.66
N CYS A 31 3.67 -8.07 -1.58
CA CYS A 31 3.21 -7.69 -0.25
C CYS A 31 4.11 -6.59 0.28
N THR A 32 3.63 -5.36 0.20
CA THR A 32 4.33 -4.18 0.62
C THR A 32 3.82 -3.80 2.01
N PRO A 33 4.68 -3.40 2.95
CA PRO A 33 4.28 -2.97 4.29
C PRO A 33 3.25 -1.84 4.24
N VAL A 34 2.38 -1.73 5.25
CA VAL A 34 1.51 -0.56 5.33
C VAL A 34 2.40 0.69 5.45
N GLY A 35 1.92 1.82 4.93
CA GLY A 35 2.69 3.05 4.95
C GLY A 35 3.11 3.43 6.36
N THR A 36 4.25 4.09 6.48
CA THR A 36 4.84 4.55 7.73
C THR A 36 5.31 5.98 7.46
N SER A 37 5.67 6.74 8.51
CA SER A 37 6.09 8.14 8.43
C SER A 37 7.11 8.36 7.30
N GLY A 38 6.69 9.02 6.21
CA GLY A 38 7.54 9.37 5.08
C GLY A 38 7.32 8.49 3.85
N GLU A 39 6.72 7.31 4.00
CA GLU A 39 6.51 6.41 2.87
C GLU A 39 5.54 7.04 1.86
N ASP A 40 5.75 6.73 0.57
CA ASP A 40 4.90 7.19 -0.52
C ASP A 40 3.47 6.65 -0.31
N CYS A 41 2.47 7.40 -0.73
CA CYS A 41 1.08 7.00 -0.61
C CYS A 41 0.29 7.43 -1.85
N HIS A 42 -0.90 6.87 -1.98
CA HIS A 42 -1.90 7.23 -2.97
C HIS A 42 -3.22 7.13 -2.22
N PRO A 43 -4.04 8.19 -2.14
CA PRO A 43 -5.29 8.14 -1.38
C PRO A 43 -6.25 7.07 -1.91
N ALA A 44 -6.07 6.60 -3.16
CA ALA A 44 -6.94 5.60 -3.75
C ALA A 44 -6.32 4.20 -3.66
N SER A 45 -5.33 3.97 -2.78
CA SER A 45 -4.78 2.64 -2.59
C SER A 45 -5.83 1.63 -2.11
N HIS A 46 -6.91 2.16 -1.56
CA HIS A 46 -8.13 1.52 -1.06
C HIS A 46 -7.98 0.89 0.32
N LYS A 47 -9.11 0.54 0.93
CA LYS A 47 -9.15 0.00 2.29
C LYS A 47 -8.46 -1.37 2.41
N ILE A 48 -8.43 -1.98 3.60
CA ILE A 48 -7.77 -3.25 3.86
C ILE A 48 -8.75 -4.18 4.58
N PRO A 49 -8.86 -5.47 4.19
CA PRO A 49 -8.29 -6.09 3.01
C PRO A 49 -9.08 -5.64 1.78
N PHE A 50 -8.40 -5.47 0.64
CA PHE A 50 -9.04 -5.06 -0.61
C PHE A 50 -9.24 -6.31 -1.47
N SER A 51 -10.50 -6.74 -1.63
CA SER A 51 -10.87 -7.90 -2.43
C SER A 51 -10.76 -7.59 -3.92
N GLY A 52 -9.57 -7.22 -4.40
CA GLY A 52 -9.32 -6.88 -5.79
C GLY A 52 -7.86 -6.47 -5.94
N GLN A 53 -7.50 -5.94 -7.11
CA GLN A 53 -6.14 -5.51 -7.40
C GLN A 53 -6.00 -4.03 -7.09
N ARG A 54 -5.19 -3.67 -6.10
CA ARG A 54 -4.91 -2.26 -5.81
C ARG A 54 -4.14 -1.75 -7.03
N MET A 55 -4.66 -0.76 -7.75
CA MET A 55 -4.05 -0.29 -8.98
C MET A 55 -2.89 0.67 -8.72
N HIS A 56 -2.12 0.42 -7.66
CA HIS A 56 -1.00 1.26 -7.26
C HIS A 56 0.06 0.40 -6.57
N HIS A 57 1.29 0.94 -6.49
CA HIS A 57 2.41 0.33 -5.81
C HIS A 57 2.41 0.67 -4.32
N THR A 58 1.49 1.55 -3.91
CA THR A 58 1.39 2.07 -2.57
C THR A 58 0.32 1.32 -1.78
N CYS A 59 0.52 1.24 -0.48
CA CYS A 59 -0.43 0.66 0.47
C CYS A 59 -0.92 1.80 1.34
N PRO A 60 -2.11 1.69 1.95
CA PRO A 60 -2.54 2.70 2.88
C PRO A 60 -1.55 2.78 4.03
N CYS A 61 -1.59 3.90 4.73
CA CYS A 61 -0.70 4.14 5.84
C CYS A 61 -1.12 3.26 7.02
N ALA A 62 -0.20 3.02 7.95
CA ALA A 62 -0.50 2.35 9.20
C ALA A 62 -1.61 3.20 9.82
N PRO A 63 -2.79 2.63 10.14
CA PRO A 63 -4.01 3.32 10.54
C PRO A 63 -3.94 4.67 11.26
N ASN A 64 -2.96 4.88 12.15
CA ASN A 64 -2.81 6.16 12.84
C ASN A 64 -2.38 7.29 11.88
N LEU A 65 -1.46 7.01 10.96
CA LEU A 65 -0.87 8.00 10.07
C LEU A 65 -1.83 8.41 8.95
N ALA A 66 -1.58 9.60 8.37
CA ALA A 66 -2.44 10.20 7.36
C ALA A 66 -1.79 10.22 5.96
N CYS A 67 -2.52 9.73 4.96
CA CYS A 67 -2.11 9.75 3.55
C CYS A 67 -2.39 11.16 3.02
N VAL A 68 -1.38 12.04 2.96
CA VAL A 68 -1.62 13.45 2.60
C VAL A 68 -0.54 14.02 1.68
N GLN A 69 -0.92 15.10 1.00
CA GLN A 69 -0.06 15.86 0.10
C GLN A 69 1.14 16.44 0.86
N THR A 70 2.33 16.22 0.31
CA THR A 70 3.58 16.80 0.78
C THR A 70 3.92 17.99 -0.12
N SER A 71 3.66 17.84 -1.42
CA SER A 71 3.81 18.86 -2.44
C SER A 71 2.82 18.48 -3.55
N PRO A 72 2.54 19.38 -4.51
CA PRO A 72 1.57 19.13 -5.57
C PRO A 72 1.71 17.75 -6.20
N LYS A 73 0.63 16.95 -6.10
CA LYS A 73 0.48 15.59 -6.60
C LYS A 73 1.51 14.61 -6.04
N LYS A 74 2.03 14.87 -4.84
CA LYS A 74 2.96 13.97 -4.14
C LYS A 74 2.37 13.64 -2.77
N PHE A 75 1.75 12.46 -2.66
CA PHE A 75 1.10 12.02 -1.43
C PHE A 75 2.03 11.10 -0.67
N LYS A 76 2.18 11.33 0.64
CA LYS A 76 2.98 10.49 1.50
C LYS A 76 2.24 10.28 2.82
N CYS A 77 2.68 9.30 3.59
CA CYS A 77 2.11 8.95 4.87
C CYS A 77 2.77 9.80 5.94
N LEU A 78 2.07 10.82 6.44
CA LEU A 78 2.61 11.69 7.47
C LEU A 78 2.09 11.29 8.85
N SER A 79 2.93 11.54 9.85
CA SER A 79 2.71 11.21 11.24
C SER A 79 1.45 11.87 11.81
N LYS A 80 1.00 11.33 12.95
CA LYS A 80 -0.15 11.75 13.71
C LYS A 80 0.13 11.19 15.10
N ALA A 1 11.80 -3.20 1.27
CA ALA A 1 11.58 -3.67 -0.08
C ALA A 1 10.65 -4.90 -0.06
N VAL A 2 9.50 -4.81 -0.73
CA VAL A 2 8.54 -5.91 -0.76
C VAL A 2 9.17 -7.16 -1.39
N ILE A 3 9.11 -8.28 -0.68
CA ILE A 3 9.59 -9.57 -1.14
C ILE A 3 8.54 -10.19 -2.06
N THR A 4 8.82 -11.38 -2.61
CA THR A 4 7.94 -12.10 -3.52
C THR A 4 6.77 -12.77 -2.78
N GLY A 5 6.13 -12.05 -1.85
CA GLY A 5 4.98 -12.54 -1.09
C GLY A 5 3.73 -12.42 -1.95
N ALA A 6 3.70 -13.17 -3.05
CA ALA A 6 2.65 -13.15 -4.05
C ALA A 6 1.26 -13.40 -3.46
N CYS A 7 0.45 -12.36 -3.39
CA CYS A 7 -0.92 -12.39 -2.92
C CYS A 7 -1.75 -11.44 -3.79
N GLU A 8 -3.02 -11.79 -4.02
CA GLU A 8 -3.90 -11.05 -4.89
C GLU A 8 -4.81 -10.13 -4.07
N ARG A 9 -5.43 -10.67 -3.02
CA ARG A 9 -6.36 -9.93 -2.16
C ARG A 9 -5.76 -9.79 -0.76
N ASP A 10 -5.87 -8.59 -0.18
CA ASP A 10 -5.31 -8.21 1.12
C ASP A 10 -5.42 -9.33 2.15
N LEU A 11 -6.65 -9.83 2.33
CA LEU A 11 -7.03 -10.88 3.26
C LEU A 11 -6.09 -12.08 3.25
N GLN A 12 -5.52 -12.43 2.10
CA GLN A 12 -4.61 -13.55 1.99
C GLN A 12 -3.36 -13.35 2.85
N CYS A 13 -2.92 -12.08 2.99
CA CYS A 13 -1.73 -11.74 3.77
C CYS A 13 -2.14 -11.13 5.11
N GLY A 14 -2.91 -10.05 5.08
CA GLY A 14 -3.49 -9.41 6.25
C GLY A 14 -2.51 -8.66 7.15
N LYS A 15 -1.74 -9.48 7.84
CA LYS A 15 -0.75 -9.15 8.87
C LYS A 15 0.04 -7.88 8.52
N GLY A 16 -0.45 -6.72 8.99
CA GLY A 16 0.12 -5.41 8.75
C GLY A 16 0.46 -5.16 7.28
N THR A 17 -0.29 -5.77 6.36
CA THR A 17 -0.04 -5.68 4.94
C THR A 17 -1.34 -5.57 4.15
N CYS A 18 -1.21 -5.25 2.87
CA CYS A 18 -2.27 -5.20 1.87
C CYS A 18 -1.64 -5.79 0.61
N CYS A 19 -2.42 -6.38 -0.30
CA CYS A 19 -1.88 -7.04 -1.48
C CYS A 19 -1.88 -6.05 -2.63
N ALA A 20 -0.74 -5.43 -2.92
CA ALA A 20 -0.62 -4.38 -3.94
C ALA A 20 0.39 -4.77 -5.01
N VAL A 21 0.48 -3.95 -6.05
CA VAL A 21 1.39 -4.17 -7.16
C VAL A 21 2.83 -4.19 -6.65
N SER A 22 3.68 -5.07 -7.17
CA SER A 22 5.07 -5.14 -6.75
C SER A 22 5.79 -3.88 -7.24
N LEU A 23 6.70 -3.35 -6.42
CA LEU A 23 7.45 -2.14 -6.73
C LEU A 23 8.50 -2.38 -7.83
N TRP A 24 8.74 -3.65 -8.17
CA TRP A 24 9.79 -4.06 -9.10
C TRP A 24 9.23 -4.34 -10.50
N ILE A 25 8.13 -5.08 -10.60
CA ILE A 25 7.47 -5.37 -11.86
C ILE A 25 5.95 -5.28 -11.66
N LYS A 26 5.28 -4.49 -12.51
CA LYS A 26 3.83 -4.37 -12.50
C LYS A 26 3.18 -5.75 -12.69
N SER A 27 3.89 -6.66 -13.36
CA SER A 27 3.45 -8.01 -13.66
C SER A 27 3.10 -8.86 -12.43
N VAL A 28 3.62 -8.51 -11.24
CA VAL A 28 3.41 -9.29 -10.01
C VAL A 28 2.80 -8.38 -8.94
N ARG A 29 1.99 -8.95 -8.04
CA ARG A 29 1.36 -8.24 -6.93
C ARG A 29 1.69 -9.02 -5.65
N VAL A 30 2.10 -8.33 -4.57
CA VAL A 30 2.59 -8.95 -3.34
C VAL A 30 2.13 -8.25 -2.07
N CYS A 31 2.38 -8.93 -0.93
CA CYS A 31 2.17 -8.42 0.43
C CYS A 31 2.99 -7.15 0.60
N THR A 32 2.34 -6.00 0.46
CA THR A 32 2.95 -4.69 0.62
C THR A 32 2.55 -4.23 2.03
N PRO A 33 3.47 -3.64 2.83
CA PRO A 33 3.16 -3.22 4.18
C PRO A 33 2.19 -2.03 4.18
N VAL A 34 1.43 -1.85 5.26
CA VAL A 34 0.61 -0.64 5.40
C VAL A 34 1.55 0.56 5.32
N GLY A 35 1.05 1.67 4.76
CA GLY A 35 1.90 2.82 4.52
C GLY A 35 2.49 3.35 5.82
N THR A 36 3.80 3.41 5.88
CA THR A 36 4.56 3.78 7.06
C THR A 36 5.24 5.13 6.82
N SER A 37 5.60 5.83 7.90
CA SER A 37 6.24 7.13 7.94
C SER A 37 7.13 7.45 6.74
N GLY A 38 6.70 8.37 5.87
CA GLY A 38 7.47 8.83 4.73
C GLY A 38 7.23 8.04 3.45
N GLU A 39 6.68 6.83 3.50
CA GLU A 39 6.42 6.06 2.30
C GLU A 39 5.37 6.77 1.44
N ASP A 40 5.53 6.70 0.12
CA ASP A 40 4.59 7.27 -0.83
C ASP A 40 3.25 6.53 -0.71
N CYS A 41 2.15 7.23 -1.00
CA CYS A 41 0.81 6.69 -0.88
C CYS A 41 -0.12 7.33 -1.90
N HIS A 42 -1.17 6.60 -2.27
CA HIS A 42 -2.19 7.07 -3.18
C HIS A 42 -3.35 7.53 -2.30
N PRO A 43 -3.85 8.77 -2.46
CA PRO A 43 -4.92 9.28 -1.63
C PRO A 43 -6.16 8.39 -1.64
N ALA A 44 -6.39 7.64 -2.72
CA ALA A 44 -7.53 6.74 -2.83
C ALA A 44 -7.16 5.27 -2.55
N SER A 45 -6.01 5.00 -1.90
CA SER A 45 -5.61 3.64 -1.54
C SER A 45 -6.79 2.93 -0.85
N HIS A 46 -7.35 1.88 -1.48
CA HIS A 46 -8.50 1.17 -0.94
C HIS A 46 -8.23 0.72 0.48
N LYS A 47 -9.27 0.69 1.32
CA LYS A 47 -9.17 0.28 2.72
C LYS A 47 -8.72 -1.18 2.81
N ILE A 48 -8.67 -1.74 4.02
CA ILE A 48 -8.26 -3.11 4.28
C ILE A 48 -9.40 -3.77 5.08
N PRO A 49 -9.77 -5.03 4.82
CA PRO A 49 -9.28 -5.87 3.75
C PRO A 49 -10.00 -5.54 2.44
N PHE A 50 -9.25 -5.38 1.35
CA PHE A 50 -9.81 -5.14 0.02
C PHE A 50 -9.83 -6.49 -0.70
N SER A 51 -11.00 -7.13 -0.72
CA SER A 51 -11.24 -8.42 -1.35
C SER A 51 -11.24 -8.32 -2.88
N GLY A 52 -10.17 -7.80 -3.46
CA GLY A 52 -10.01 -7.65 -4.89
C GLY A 52 -8.57 -7.21 -5.16
N GLN A 53 -8.17 -7.16 -6.44
CA GLN A 53 -6.83 -6.72 -6.79
C GLN A 53 -6.82 -5.20 -6.84
N ARG A 54 -6.18 -4.57 -5.85
CA ARG A 54 -6.05 -3.13 -5.77
C ARG A 54 -5.04 -2.71 -6.82
N MET A 55 -5.51 -2.05 -7.87
CA MET A 55 -4.66 -1.57 -8.95
C MET A 55 -3.69 -0.51 -8.42
N HIS A 56 -4.09 0.21 -7.37
CA HIS A 56 -3.23 1.21 -6.74
C HIS A 56 -1.99 0.50 -6.19
N HIS A 57 -0.82 1.06 -6.51
CA HIS A 57 0.47 0.54 -6.12
C HIS A 57 0.67 0.49 -4.62
N THR A 58 0.07 1.44 -3.91
CA THR A 58 0.30 1.64 -2.51
C THR A 58 -0.80 1.06 -1.64
N CYS A 59 -0.46 0.86 -0.36
CA CYS A 59 -1.40 0.44 0.66
C CYS A 59 -1.81 1.70 1.41
N PRO A 60 -2.97 1.72 2.06
CA PRO A 60 -3.35 2.86 2.86
C PRO A 60 -2.37 2.92 4.04
N CYS A 61 -2.18 4.11 4.58
CA CYS A 61 -1.22 4.29 5.67
C CYS A 61 -1.68 3.54 6.91
N ALA A 62 -0.73 3.15 7.76
CA ALA A 62 -0.97 2.53 9.04
C ALA A 62 -1.86 3.52 9.81
N PRO A 63 -2.96 3.07 10.44
CA PRO A 63 -3.96 3.90 11.12
C PRO A 63 -3.45 5.18 11.83
N ASN A 64 -2.31 5.12 12.50
CA ASN A 64 -1.75 6.28 13.20
C ASN A 64 -1.42 7.45 12.25
N LEU A 65 -0.98 7.14 11.03
CA LEU A 65 -0.59 8.07 10.01
C LEU A 65 -1.71 8.26 8.97
N ALA A 66 -1.61 9.31 8.15
CA ALA A 66 -2.55 9.65 7.10
C ALA A 66 -1.78 9.95 5.82
N CYS A 67 -2.43 9.72 4.66
CA CYS A 67 -1.84 9.95 3.35
C CYS A 67 -2.05 11.42 2.97
N VAL A 68 -1.00 12.24 3.04
CA VAL A 68 -1.10 13.67 2.77
C VAL A 68 -0.05 14.10 1.74
N GLN A 69 -0.36 15.16 0.99
CA GLN A 69 0.51 15.70 -0.02
C GLN A 69 1.65 16.49 0.64
N THR A 70 2.86 16.31 0.09
CA THR A 70 4.04 17.05 0.49
C THR A 70 4.17 18.15 -0.56
N SER A 71 4.39 17.71 -1.80
CA SER A 71 4.41 18.54 -3.00
C SER A 71 3.15 18.15 -3.79
N PRO A 72 2.79 18.89 -4.85
CA PRO A 72 1.69 18.51 -5.72
C PRO A 72 1.93 17.07 -6.21
N LYS A 73 0.91 16.22 -6.13
CA LYS A 73 0.94 14.80 -6.52
C LYS A 73 1.73 13.93 -5.54
N LYS A 74 2.87 14.40 -5.04
CA LYS A 74 3.71 13.67 -4.10
C LYS A 74 3.01 13.49 -2.76
N PHE A 75 2.21 12.41 -2.66
CA PHE A 75 1.46 12.04 -1.47
C PHE A 75 2.25 11.00 -0.70
N LYS A 76 2.45 11.24 0.60
CA LYS A 76 3.21 10.37 1.48
C LYS A 76 2.47 10.19 2.82
N CYS A 77 2.81 9.11 3.52
CA CYS A 77 2.22 8.79 4.81
C CYS A 77 2.89 9.62 5.89
N LEU A 78 2.17 10.59 6.45
CA LEU A 78 2.67 11.48 7.50
C LEU A 78 1.88 11.25 8.77
N SER A 79 2.48 11.61 9.91
CA SER A 79 1.84 11.50 11.21
C SER A 79 0.95 12.72 11.47
N LYS A 80 0.20 13.14 10.45
CA LYS A 80 -0.69 14.28 10.40
C LYS A 80 -1.30 14.25 9.00
N ALA A 1 7.99 -15.28 -11.03
CA ALA A 1 7.15 -14.13 -10.79
C ALA A 1 6.52 -14.18 -9.40
N VAL A 2 6.08 -15.37 -8.97
CA VAL A 2 5.46 -15.57 -7.66
C VAL A 2 6.53 -15.52 -6.57
N ILE A 3 7.08 -14.34 -6.33
CA ILE A 3 8.10 -14.10 -5.33
C ILE A 3 7.52 -14.33 -3.93
N THR A 4 8.37 -14.62 -2.95
CA THR A 4 8.01 -14.83 -1.55
C THR A 4 7.41 -13.55 -0.96
N GLY A 5 6.15 -13.29 -1.27
CA GLY A 5 5.41 -12.10 -0.87
C GLY A 5 4.23 -11.82 -1.80
N ALA A 6 4.24 -12.41 -3.02
CA ALA A 6 3.18 -12.29 -4.01
C ALA A 6 1.87 -12.74 -3.37
N CYS A 7 0.84 -11.90 -3.45
CA CYS A 7 -0.44 -12.17 -2.80
C CYS A 7 -1.63 -11.75 -3.67
N GLU A 8 -2.80 -12.22 -3.25
CA GLU A 8 -4.07 -11.99 -3.89
C GLU A 8 -4.80 -10.87 -3.14
N ARG A 9 -4.72 -10.84 -1.80
CA ARG A 9 -5.33 -9.78 -1.00
C ARG A 9 -4.73 -9.66 0.41
N ASP A 10 -4.74 -8.44 0.94
CA ASP A 10 -4.18 -8.02 2.23
C ASP A 10 -4.31 -9.07 3.32
N LEU A 11 -5.53 -9.58 3.49
CA LEU A 11 -5.92 -10.56 4.51
C LEU A 11 -4.90 -11.69 4.66
N GLN A 12 -4.31 -12.13 3.55
CA GLN A 12 -3.35 -13.23 3.55
C GLN A 12 -2.12 -12.94 4.39
N CYS A 13 -1.75 -11.66 4.56
CA CYS A 13 -0.59 -11.24 5.35
C CYS A 13 -1.04 -10.53 6.62
N GLY A 14 -2.00 -9.61 6.51
CA GLY A 14 -2.57 -8.89 7.63
C GLY A 14 -2.35 -7.38 7.55
N LYS A 15 -3.06 -6.66 8.43
CA LYS A 15 -3.12 -5.21 8.56
C LYS A 15 -1.77 -4.50 8.48
N GLY A 16 -0.69 -5.14 8.93
CA GLY A 16 0.65 -4.55 8.87
C GLY A 16 1.13 -4.36 7.43
N THR A 17 0.41 -4.90 6.44
CA THR A 17 0.75 -4.79 5.03
C THR A 17 -0.51 -4.58 4.20
N CYS A 18 -0.33 -4.30 2.91
CA CYS A 18 -1.39 -4.25 1.91
C CYS A 18 -0.84 -4.87 0.62
N CYS A 19 -1.68 -5.55 -0.15
CA CYS A 19 -1.26 -6.24 -1.37
C CYS A 19 -1.21 -5.29 -2.56
N ALA A 20 -0.09 -4.56 -2.72
CA ALA A 20 0.09 -3.56 -3.77
C ALA A 20 1.04 -4.05 -4.87
N VAL A 21 0.97 -3.45 -6.06
CA VAL A 21 1.78 -3.85 -7.21
C VAL A 21 3.27 -3.95 -6.85
N SER A 22 3.97 -4.93 -7.41
CA SER A 22 5.38 -5.16 -7.17
C SER A 22 6.22 -4.10 -7.88
N LEU A 23 7.32 -3.67 -7.26
CA LEU A 23 8.14 -2.58 -7.79
C LEU A 23 9.01 -3.02 -8.95
N TRP A 24 9.35 -4.32 -9.04
CA TRP A 24 10.28 -4.84 -10.05
C TRP A 24 9.50 -5.47 -11.20
N ILE A 25 8.74 -6.54 -10.94
CA ILE A 25 7.91 -7.21 -11.93
C ILE A 25 6.46 -6.83 -11.63
N LYS A 26 6.01 -5.74 -12.22
CA LYS A 26 4.69 -5.18 -12.07
C LYS A 26 3.56 -6.18 -12.32
N SER A 27 3.87 -7.33 -12.94
CA SER A 27 2.91 -8.39 -13.22
C SER A 27 2.27 -8.94 -11.93
N VAL A 28 2.99 -8.89 -10.81
CA VAL A 28 2.51 -9.38 -9.52
C VAL A 28 2.30 -8.21 -8.55
N ARG A 29 1.51 -8.45 -7.50
CA ARG A 29 1.34 -7.54 -6.39
C ARG A 29 1.71 -8.32 -5.12
N VAL A 30 2.46 -7.67 -4.23
CA VAL A 30 3.05 -8.27 -3.05
C VAL A 30 2.59 -7.58 -1.77
N CYS A 31 2.66 -8.33 -0.65
CA CYS A 31 2.35 -7.84 0.68
C CYS A 31 3.37 -6.76 1.02
N THR A 32 3.01 -5.51 0.76
CA THR A 32 3.88 -4.36 0.94
C THR A 32 3.52 -3.72 2.28
N PRO A 33 4.49 -3.36 3.13
CA PRO A 33 4.23 -2.72 4.41
C PRO A 33 3.30 -1.50 4.29
N VAL A 34 2.48 -1.27 5.31
CA VAL A 34 1.66 -0.07 5.36
C VAL A 34 2.57 1.17 5.26
N GLY A 35 2.08 2.26 4.68
CA GLY A 35 2.85 3.47 4.51
C GLY A 35 3.15 4.12 5.86
N THR A 36 4.43 4.21 6.23
CA THR A 36 4.88 4.84 7.46
C THR A 36 5.37 6.26 7.13
N SER A 37 5.72 7.03 8.17
CA SER A 37 6.18 8.41 8.11
C SER A 37 6.99 8.76 6.87
N GLY A 38 6.39 9.49 5.92
CA GLY A 38 7.06 9.98 4.72
C GLY A 38 6.98 9.05 3.52
N GLU A 39 6.53 7.80 3.66
CA GLU A 39 6.41 6.90 2.53
C GLU A 39 5.26 7.36 1.62
N ASP A 40 5.41 7.16 0.31
CA ASP A 40 4.41 7.53 -0.68
C ASP A 40 3.13 6.73 -0.48
N CYS A 41 1.99 7.31 -0.85
CA CYS A 41 0.67 6.72 -0.71
C CYS A 41 -0.24 7.25 -1.80
N HIS A 42 -1.40 6.61 -1.98
CA HIS A 42 -2.39 6.99 -2.96
C HIS A 42 -3.74 7.15 -2.24
N PRO A 43 -4.39 8.32 -2.34
CA PRO A 43 -5.61 8.59 -1.60
C PRO A 43 -6.80 7.71 -2.01
N ALA A 44 -6.73 7.00 -3.15
CA ALA A 44 -7.83 6.15 -3.60
C ALA A 44 -7.61 4.68 -3.25
N SER A 45 -6.48 4.31 -2.66
CA SER A 45 -6.24 2.93 -2.29
C SER A 45 -7.24 2.50 -1.21
N HIS A 46 -7.90 1.36 -1.45
CA HIS A 46 -8.94 0.80 -0.59
C HIS A 46 -8.49 0.68 0.86
N LYS A 47 -9.44 0.77 1.79
CA LYS A 47 -9.17 0.60 3.22
C LYS A 47 -8.51 -0.77 3.48
N ILE A 48 -7.93 -0.95 4.66
CA ILE A 48 -7.25 -2.18 5.05
C ILE A 48 -8.13 -2.89 6.09
N PRO A 49 -8.28 -4.22 6.04
CA PRO A 49 -7.84 -5.14 4.99
C PRO A 49 -8.80 -5.07 3.80
N PHE A 50 -8.25 -5.07 2.57
CA PHE A 50 -9.05 -5.13 1.34
C PHE A 50 -9.05 -6.57 0.84
N SER A 51 -10.17 -7.01 0.28
CA SER A 51 -10.40 -8.36 -0.20
C SER A 51 -9.98 -8.59 -1.66
N GLY A 52 -9.81 -7.53 -2.46
CA GLY A 52 -9.50 -7.63 -3.88
C GLY A 52 -8.07 -7.24 -4.23
N GLN A 53 -7.80 -7.18 -5.54
CA GLN A 53 -6.52 -6.81 -6.11
C GLN A 53 -6.38 -5.29 -6.07
N ARG A 54 -5.38 -4.75 -5.39
CA ARG A 54 -5.16 -3.31 -5.34
C ARG A 54 -4.45 -2.85 -6.60
N MET A 55 -5.15 -2.08 -7.43
CA MET A 55 -4.59 -1.54 -8.66
C MET A 55 -3.34 -0.69 -8.40
N HIS A 56 -3.29 0.00 -7.26
CA HIS A 56 -2.21 0.91 -6.92
C HIS A 56 -0.90 0.22 -6.52
N HIS A 57 0.17 0.99 -6.62
CA HIS A 57 1.53 0.59 -6.32
C HIS A 57 1.89 0.80 -4.87
N THR A 58 1.38 1.89 -4.32
CA THR A 58 1.67 2.38 -2.99
C THR A 58 0.52 1.96 -2.07
N CYS A 59 0.80 1.69 -0.79
CA CYS A 59 -0.22 1.21 0.13
C CYS A 59 -0.78 2.35 0.96
N PRO A 60 -1.97 2.18 1.56
CA PRO A 60 -2.51 3.16 2.49
C PRO A 60 -1.55 3.33 3.67
N CYS A 61 -1.79 4.38 4.44
CA CYS A 61 -0.93 4.73 5.55
C CYS A 61 -1.21 3.86 6.77
N ALA A 62 -0.19 3.66 7.60
CA ALA A 62 -0.34 2.87 8.81
C ALA A 62 -1.39 3.55 9.69
N PRO A 63 -2.38 2.78 10.20
CA PRO A 63 -3.49 3.24 11.04
C PRO A 63 -3.09 4.13 12.22
N ASN A 64 -2.82 5.39 11.89
CA ASN A 64 -2.39 6.48 12.75
C ASN A 64 -2.06 7.68 11.86
N LEU A 65 -1.23 7.47 10.84
CA LEU A 65 -0.85 8.49 9.88
C LEU A 65 -1.93 8.58 8.81
N ALA A 66 -1.92 9.67 8.03
CA ALA A 66 -2.87 9.93 6.97
C ALA A 66 -2.14 10.20 5.66
N CYS A 67 -2.77 9.85 4.53
CA CYS A 67 -2.22 10.06 3.21
C CYS A 67 -2.47 11.53 2.84
N VAL A 68 -1.40 12.33 2.87
CA VAL A 68 -1.46 13.78 2.75
C VAL A 68 -0.55 14.24 1.61
N GLN A 69 -0.82 15.43 1.09
CA GLN A 69 -0.07 16.04 0.01
C GLN A 69 1.24 16.67 0.49
N THR A 70 2.33 16.39 -0.23
CA THR A 70 3.61 17.04 -0.05
C THR A 70 3.77 18.07 -1.17
N SER A 71 3.36 17.72 -2.39
CA SER A 71 3.30 18.58 -3.56
C SER A 71 2.28 17.95 -4.51
N PRO A 72 1.79 18.65 -5.56
CA PRO A 72 0.83 18.10 -6.50
C PRO A 72 1.19 16.68 -6.92
N LYS A 73 0.24 15.74 -6.78
CA LYS A 73 0.39 14.31 -7.07
C LYS A 73 1.20 13.59 -5.99
N LYS A 74 2.27 14.21 -5.49
CA LYS A 74 3.12 13.64 -4.46
C LYS A 74 2.36 13.53 -3.13
N PHE A 75 1.67 12.41 -2.95
CA PHE A 75 0.94 12.06 -1.75
C PHE A 75 1.81 11.13 -0.91
N LYS A 76 2.05 11.49 0.35
CA LYS A 76 2.87 10.73 1.28
C LYS A 76 2.18 10.65 2.64
N CYS A 77 2.59 9.69 3.46
CA CYS A 77 1.98 9.44 4.77
C CYS A 77 2.53 10.39 5.82
N LEU A 78 1.76 11.41 6.21
CA LEU A 78 2.15 12.34 7.26
C LEU A 78 1.27 12.13 8.49
N SER A 79 1.77 12.60 9.64
CA SER A 79 1.08 12.51 10.92
C SER A 79 -0.20 13.34 10.92
N LYS A 80 -0.93 13.27 12.04
CA LYS A 80 -2.13 14.01 12.35
C LYS A 80 -2.01 14.29 13.85
N ALA A 1 -0.82 -13.27 7.53
CA ALA A 1 -0.82 -14.70 7.24
C ALA A 1 0.61 -15.25 7.25
N VAL A 2 1.44 -14.83 6.29
CA VAL A 2 2.83 -15.27 6.14
C VAL A 2 3.48 -14.37 5.10
N ILE A 3 4.81 -14.31 5.05
CA ILE A 3 5.54 -13.47 4.10
C ILE A 3 5.42 -14.00 2.66
N THR A 4 4.23 -13.93 2.08
CA THR A 4 3.93 -14.37 0.72
C THR A 4 4.47 -13.31 -0.26
N GLY A 5 5.80 -13.13 -0.28
CA GLY A 5 6.56 -12.15 -1.04
C GLY A 5 5.81 -11.58 -2.23
N ALA A 6 5.61 -12.41 -3.26
CA ALA A 6 4.83 -12.08 -4.44
C ALA A 6 3.39 -12.47 -4.14
N CYS A 7 2.46 -11.53 -4.31
CA CYS A 7 1.05 -11.68 -3.96
C CYS A 7 0.18 -11.03 -5.03
N GLU A 8 -1.13 -11.22 -4.88
CA GLU A 8 -2.18 -10.66 -5.70
C GLU A 8 -3.03 -9.73 -4.84
N ARG A 9 -3.39 -10.15 -3.61
CA ARG A 9 -4.23 -9.40 -2.66
C ARG A 9 -3.63 -9.41 -1.24
N ASP A 10 -3.85 -8.32 -0.50
CA ASP A 10 -3.33 -8.05 0.85
C ASP A 10 -3.36 -9.28 1.77
N LEU A 11 -4.56 -9.83 1.95
CA LEU A 11 -4.82 -10.93 2.86
C LEU A 11 -3.98 -12.18 2.58
N GLN A 12 -3.48 -12.35 1.35
CA GLN A 12 -2.62 -13.49 1.04
C GLN A 12 -1.29 -13.36 1.80
N CYS A 13 -0.88 -12.13 2.11
CA CYS A 13 0.36 -11.87 2.84
C CYS A 13 0.07 -11.60 4.31
N GLY A 14 -0.76 -10.59 4.61
CA GLY A 14 -1.11 -10.27 5.99
C GLY A 14 -1.44 -8.79 6.14
N LYS A 15 -2.37 -8.48 7.05
CA LYS A 15 -2.88 -7.13 7.30
C LYS A 15 -1.79 -6.10 7.62
N GLY A 16 -0.66 -6.53 8.19
CA GLY A 16 0.47 -5.65 8.46
C GLY A 16 1.14 -5.16 7.17
N THR A 17 0.74 -5.71 6.03
CA THR A 17 1.24 -5.33 4.73
C THR A 17 0.03 -5.17 3.80
N CYS A 18 0.28 -4.73 2.58
CA CYS A 18 -0.70 -4.56 1.53
C CYS A 18 -0.01 -4.98 0.24
N CYS A 19 -0.77 -5.57 -0.66
CA CYS A 19 -0.24 -6.15 -1.88
C CYS A 19 -0.20 -5.12 -3.02
N ALA A 20 0.88 -4.34 -3.08
CA ALA A 20 1.04 -3.27 -4.05
C ALA A 20 1.89 -3.73 -5.22
N VAL A 21 1.73 -3.08 -6.38
CA VAL A 21 2.39 -3.40 -7.63
C VAL A 21 3.88 -3.75 -7.50
N SER A 22 4.39 -4.69 -8.31
CA SER A 22 5.83 -4.89 -8.42
C SER A 22 6.35 -3.70 -9.22
N LEU A 23 7.32 -2.97 -8.67
CA LEU A 23 7.94 -1.83 -9.32
C LEU A 23 8.44 -2.20 -10.72
N TRP A 24 8.64 -3.50 -11.01
CA TRP A 24 9.21 -3.97 -12.27
C TRP A 24 8.15 -4.50 -13.24
N ILE A 25 6.94 -4.85 -12.77
CA ILE A 25 5.91 -5.41 -13.62
C ILE A 25 4.52 -5.27 -12.97
N LYS A 26 3.66 -4.42 -13.54
CA LYS A 26 2.30 -4.19 -13.09
C LYS A 26 1.47 -5.48 -12.99
N SER A 27 1.86 -6.52 -13.74
CA SER A 27 1.20 -7.80 -13.75
C SER A 27 1.37 -8.58 -12.44
N VAL A 28 2.41 -8.26 -11.65
CA VAL A 28 2.68 -8.92 -10.37
C VAL A 28 2.67 -7.85 -9.27
N ARG A 29 2.39 -8.26 -8.04
CA ARG A 29 2.33 -7.37 -6.88
C ARG A 29 3.10 -8.04 -5.74
N VAL A 30 3.57 -7.25 -4.78
CA VAL A 30 4.41 -7.72 -3.68
C VAL A 30 3.96 -7.15 -2.33
N CYS A 31 4.30 -7.88 -1.26
CA CYS A 31 3.99 -7.50 0.11
C CYS A 31 4.71 -6.19 0.45
N THR A 32 3.99 -5.07 0.37
CA THR A 32 4.50 -3.75 0.68
C THR A 32 4.01 -3.45 2.11
N PRO A 33 4.82 -2.85 2.98
CA PRO A 33 4.44 -2.63 4.36
C PRO A 33 3.38 -1.53 4.45
N VAL A 34 2.51 -1.58 5.47
CA VAL A 34 1.56 -0.50 5.70
C VAL A 34 2.30 0.85 5.70
N GLY A 35 1.65 1.88 5.16
CA GLY A 35 2.27 3.18 4.94
C GLY A 35 2.68 3.82 6.26
N THR A 36 3.97 3.74 6.55
CA THR A 36 4.58 4.25 7.77
C THR A 36 5.19 5.61 7.45
N SER A 37 5.46 6.41 8.47
CA SER A 37 6.00 7.76 8.43
C SER A 37 6.94 8.02 7.24
N GLY A 38 6.50 8.79 6.25
CA GLY A 38 7.31 9.18 5.10
C GLY A 38 7.04 8.36 3.84
N GLU A 39 6.46 7.16 3.95
CA GLU A 39 6.18 6.35 2.78
C GLU A 39 5.12 7.03 1.90
N ASP A 40 5.19 6.78 0.59
CA ASP A 40 4.27 7.35 -0.38
C ASP A 40 2.85 6.83 -0.15
N CYS A 41 1.86 7.64 -0.53
CA CYS A 41 0.44 7.35 -0.39
C CYS A 41 -0.29 7.85 -1.62
N HIS A 42 -1.55 7.46 -1.74
CA HIS A 42 -2.53 7.91 -2.70
C HIS A 42 -3.80 8.00 -1.86
N PRO A 43 -4.54 9.12 -1.86
CA PRO A 43 -5.73 9.26 -1.02
C PRO A 43 -6.76 8.16 -1.27
N ALA A 44 -6.76 7.55 -2.46
CA ALA A 44 -7.69 6.47 -2.79
C ALA A 44 -7.04 5.08 -2.64
N SER A 45 -5.94 4.96 -1.90
CA SER A 45 -5.34 3.66 -1.62
C SER A 45 -6.40 2.80 -0.94
N HIS A 46 -6.93 1.80 -1.65
CA HIS A 46 -8.02 0.94 -1.21
C HIS A 46 -7.82 0.45 0.22
N LYS A 47 -8.86 0.46 1.04
CA LYS A 47 -8.74 0.04 2.44
C LYS A 47 -8.23 -1.41 2.56
N ILE A 48 -7.60 -1.71 3.69
CA ILE A 48 -7.04 -3.03 3.98
C ILE A 48 -8.12 -3.85 4.70
N PRO A 49 -8.30 -5.14 4.39
CA PRO A 49 -7.68 -5.88 3.30
C PRO A 49 -8.41 -5.62 1.99
N PHE A 50 -7.68 -5.35 0.91
CA PHE A 50 -8.28 -5.12 -0.39
C PHE A 50 -8.21 -6.41 -1.18
N SER A 51 -9.34 -7.10 -1.29
CA SER A 51 -9.44 -8.33 -2.06
C SER A 51 -9.50 -8.00 -3.55
N GLY A 52 -8.44 -7.37 -4.07
CA GLY A 52 -8.33 -7.00 -5.46
C GLY A 52 -6.90 -6.55 -5.76
N GLN A 53 -6.60 -6.34 -7.04
CA GLN A 53 -5.29 -5.92 -7.51
C GLN A 53 -5.15 -4.42 -7.28
N ARG A 54 -4.31 -4.01 -6.31
CA ARG A 54 -4.06 -2.60 -6.04
C ARG A 54 -3.44 -1.94 -7.26
N MET A 55 -4.24 -1.19 -8.02
CA MET A 55 -3.76 -0.48 -9.20
C MET A 55 -2.76 0.60 -8.81
N HIS A 56 -3.03 1.31 -7.71
CA HIS A 56 -2.14 2.36 -7.22
C HIS A 56 -0.85 1.73 -6.69
N HIS A 57 0.30 2.31 -7.04
CA HIS A 57 1.58 1.85 -6.55
C HIS A 57 1.83 2.34 -5.12
N THR A 58 0.83 2.17 -4.24
CA THR A 58 0.91 2.61 -2.85
C THR A 58 0.23 1.61 -1.93
N CYS A 59 0.50 1.78 -0.63
CA CYS A 59 -0.08 1.02 0.46
C CYS A 59 -0.82 2.02 1.34
N PRO A 60 -2.02 1.73 1.84
CA PRO A 60 -2.72 2.62 2.75
C PRO A 60 -1.86 2.87 4.00
N CYS A 61 -2.05 4.03 4.63
CA CYS A 61 -1.29 4.41 5.80
C CYS A 61 -1.59 3.49 6.98
N ALA A 62 -0.57 3.19 7.79
CA ALA A 62 -0.74 2.39 8.98
C ALA A 62 -1.74 3.12 9.88
N PRO A 63 -2.81 2.45 10.37
CA PRO A 63 -3.88 3.03 11.18
C PRO A 63 -3.45 3.96 12.32
N ASN A 64 -3.13 5.19 11.93
CA ASN A 64 -2.67 6.31 12.73
C ASN A 64 -2.14 7.39 11.79
N LEU A 65 -1.22 7.02 10.90
CA LEU A 65 -0.60 7.96 9.97
C LEU A 65 -1.65 8.55 9.03
N ALA A 66 -1.49 9.81 8.66
CA ALA A 66 -2.41 10.54 7.79
C ALA A 66 -1.87 10.59 6.36
N CYS A 67 -2.71 10.24 5.38
CA CYS A 67 -2.39 10.30 3.96
C CYS A 67 -2.55 11.76 3.53
N VAL A 68 -1.46 12.53 3.42
CA VAL A 68 -1.49 13.95 3.10
C VAL A 68 -0.69 14.25 1.83
N GLN A 69 -1.11 15.30 1.12
CA GLN A 69 -0.50 15.72 -0.12
C GLN A 69 0.83 16.40 0.14
N THR A 70 1.82 16.13 -0.73
CA THR A 70 3.16 16.71 -0.67
C THR A 70 3.43 17.52 -1.95
N SER A 71 2.78 17.14 -3.06
CA SER A 71 2.80 17.85 -4.33
C SER A 71 1.51 17.41 -5.03
N PRO A 72 1.17 17.98 -6.19
CA PRO A 72 0.05 17.53 -6.99
C PRO A 72 0.15 16.01 -7.17
N LYS A 73 -0.82 15.26 -6.62
CA LYS A 73 -0.91 13.80 -6.64
C LYS A 73 0.11 13.15 -5.70
N LYS A 74 1.37 13.57 -5.72
CA LYS A 74 2.40 13.03 -4.83
C LYS A 74 1.92 13.21 -3.38
N PHE A 75 1.65 12.10 -2.69
CA PHE A 75 1.05 12.14 -1.36
C PHE A 75 1.90 11.21 -0.52
N LYS A 76 1.92 11.42 0.80
CA LYS A 76 2.70 10.63 1.74
C LYS A 76 1.92 10.37 3.03
N CYS A 77 2.34 9.34 3.76
CA CYS A 77 1.80 8.96 5.06
C CYS A 77 2.60 9.70 6.11
N LEU A 78 2.05 10.79 6.66
CA LEU A 78 2.73 11.63 7.64
C LEU A 78 2.15 11.44 9.04
N SER A 79 2.94 11.86 10.03
CA SER A 79 2.64 11.82 11.44
C SER A 79 1.28 12.47 11.76
N LYS A 80 0.53 11.88 12.68
CA LYS A 80 -0.76 12.31 13.15
C LYS A 80 -0.98 11.53 14.46
N ALA A 1 6.58 -17.78 5.04
CA ALA A 1 5.97 -18.50 3.92
C ALA A 1 4.53 -18.04 3.75
N VAL A 2 3.76 -18.07 4.84
CA VAL A 2 2.34 -17.70 4.88
C VAL A 2 2.09 -16.29 4.30
N ILE A 3 3.11 -15.42 4.37
CA ILE A 3 3.04 -14.07 3.83
C ILE A 3 2.82 -14.08 2.31
N THR A 4 3.18 -15.17 1.61
CA THR A 4 3.04 -15.34 0.16
C THR A 4 4.09 -14.52 -0.61
N GLY A 5 4.31 -13.26 -0.23
CA GLY A 5 5.29 -12.38 -0.86
C GLY A 5 4.70 -11.84 -2.15
N ALA A 6 4.53 -12.71 -3.14
CA ALA A 6 3.86 -12.39 -4.40
C ALA A 6 2.37 -12.49 -4.10
N CYS A 7 1.58 -11.51 -4.53
CA CYS A 7 0.16 -11.46 -4.17
C CYS A 7 -0.71 -10.97 -5.31
N GLU A 8 -2.01 -11.13 -5.13
CA GLU A 8 -3.08 -10.67 -5.99
C GLU A 8 -3.95 -9.72 -5.16
N ARG A 9 -4.41 -10.16 -3.98
CA ARG A 9 -5.24 -9.37 -3.07
C ARG A 9 -4.59 -9.29 -1.69
N ASP A 10 -4.94 -8.25 -0.94
CA ASP A 10 -4.43 -7.96 0.41
C ASP A 10 -4.50 -9.19 1.32
N LEU A 11 -5.59 -9.95 1.19
CA LEU A 11 -5.86 -11.15 1.97
C LEU A 11 -4.67 -12.11 2.00
N GLN A 12 -3.91 -12.21 0.90
CA GLN A 12 -2.76 -13.11 0.82
C GLN A 12 -1.56 -12.59 1.62
N CYS A 13 -1.61 -11.32 2.03
CA CYS A 13 -0.56 -10.62 2.75
C CYS A 13 -1.00 -10.41 4.20
N GLY A 14 -2.00 -9.56 4.41
CA GLY A 14 -2.58 -9.25 5.70
C GLY A 14 -1.62 -8.55 6.67
N LYS A 15 -0.75 -9.36 7.26
CA LYS A 15 0.22 -9.04 8.30
C LYS A 15 0.89 -7.69 8.06
N GLY A 16 0.31 -6.61 8.59
CA GLY A 16 0.77 -5.23 8.46
C GLY A 16 1.17 -4.88 7.03
N THR A 17 0.46 -5.45 6.03
CA THR A 17 0.77 -5.26 4.64
C THR A 17 -0.50 -5.13 3.80
N CYS A 18 -0.35 -4.70 2.55
CA CYS A 18 -1.39 -4.68 1.54
C CYS A 18 -0.75 -5.20 0.25
N CYS A 19 -1.54 -5.68 -0.69
CA CYS A 19 -1.03 -6.22 -1.95
C CYS A 19 -0.90 -5.13 -3.00
N ALA A 20 0.31 -4.59 -3.20
CA ALA A 20 0.54 -3.47 -4.12
C ALA A 20 1.30 -3.91 -5.37
N VAL A 21 1.33 -3.03 -6.37
CA VAL A 21 2.04 -3.26 -7.62
C VAL A 21 3.55 -3.25 -7.36
N SER A 22 4.37 -3.85 -8.24
CA SER A 22 5.81 -3.79 -8.15
C SER A 22 6.34 -2.63 -9.02
N LEU A 23 7.44 -2.00 -8.58
CA LEU A 23 8.03 -0.83 -9.23
C LEU A 23 8.56 -1.12 -10.64
N TRP A 24 8.65 -2.38 -11.04
CA TRP A 24 9.32 -2.79 -12.27
C TRP A 24 8.31 -3.05 -13.40
N ILE A 25 7.33 -3.93 -13.20
CA ILE A 25 6.32 -4.24 -14.19
C ILE A 25 4.99 -4.51 -13.47
N LYS A 26 3.90 -3.92 -13.97
CA LYS A 26 2.56 -4.02 -13.40
C LYS A 26 2.15 -5.48 -13.14
N SER A 27 2.56 -6.38 -14.04
CA SER A 27 2.27 -7.80 -13.98
C SER A 27 2.65 -8.43 -12.64
N VAL A 28 3.71 -7.93 -11.98
CA VAL A 28 4.16 -8.46 -10.71
C VAL A 28 3.62 -7.56 -9.60
N ARG A 29 2.96 -8.15 -8.60
CA ARG A 29 2.36 -7.44 -7.49
C ARG A 29 2.78 -8.15 -6.20
N VAL A 30 3.20 -7.39 -5.18
CA VAL A 30 3.81 -7.93 -3.98
C VAL A 30 3.27 -7.31 -2.69
N CYS A 31 3.37 -8.10 -1.61
CA CYS A 31 2.97 -7.72 -0.27
C CYS A 31 3.85 -6.58 0.21
N THR A 32 3.31 -5.37 0.21
CA THR A 32 4.01 -4.16 0.58
C THR A 32 3.52 -3.72 1.96
N PRO A 33 4.40 -3.36 2.91
CA PRO A 33 3.99 -2.92 4.24
C PRO A 33 3.06 -1.73 4.24
N VAL A 34 2.27 -1.56 5.31
CA VAL A 34 1.51 -0.32 5.49
C VAL A 34 2.49 0.85 5.52
N GLY A 35 2.08 1.99 4.96
CA GLY A 35 2.89 3.20 4.92
C GLY A 35 3.14 3.70 6.35
N THR A 36 4.35 4.16 6.63
CA THR A 36 4.79 4.69 7.92
C THR A 36 5.00 6.20 7.78
N SER A 37 5.02 6.93 8.90
CA SER A 37 5.22 8.37 8.95
C SER A 37 6.38 8.80 8.04
N GLY A 38 6.10 9.71 7.11
CA GLY A 38 7.09 10.25 6.18
C GLY A 38 7.13 9.50 4.85
N GLU A 39 6.56 8.29 4.75
CA GLU A 39 6.60 7.54 3.51
C GLU A 39 5.54 8.04 2.54
N ASP A 40 5.76 7.75 1.25
CA ASP A 40 4.86 8.11 0.18
C ASP A 40 3.54 7.37 0.32
N CYS A 41 2.47 7.96 -0.22
CA CYS A 41 1.12 7.43 -0.19
C CYS A 41 0.37 7.90 -1.42
N HIS A 42 -0.87 7.44 -1.57
CA HIS A 42 -1.76 7.82 -2.66
C HIS A 42 -3.14 8.00 -2.02
N PRO A 43 -3.88 9.08 -2.30
CA PRO A 43 -5.17 9.32 -1.68
C PRO A 43 -6.17 8.18 -1.93
N ALA A 44 -5.97 7.37 -2.98
CA ALA A 44 -6.85 6.25 -3.29
C ALA A 44 -6.30 4.92 -2.78
N SER A 45 -5.43 4.95 -1.75
CA SER A 45 -4.94 3.74 -1.12
C SER A 45 -6.11 3.06 -0.39
N HIS A 46 -6.86 2.26 -1.12
CA HIS A 46 -8.07 1.53 -0.71
C HIS A 46 -7.96 0.93 0.69
N LYS A 47 -9.08 0.86 1.40
CA LYS A 47 -9.13 0.26 2.74
C LYS A 47 -8.59 -1.18 2.74
N ILE A 48 -8.29 -1.71 3.92
CA ILE A 48 -7.78 -3.07 4.11
C ILE A 48 -8.92 -3.90 4.72
N PRO A 49 -9.15 -5.15 4.30
CA PRO A 49 -8.50 -5.84 3.18
C PRO A 49 -9.19 -5.47 1.87
N PHE A 50 -8.40 -5.21 0.82
CA PHE A 50 -8.90 -4.89 -0.50
C PHE A 50 -8.88 -6.16 -1.35
N SER A 51 -10.04 -6.77 -1.54
CA SER A 51 -10.21 -7.96 -2.33
C SER A 51 -10.14 -7.60 -3.81
N GLY A 52 -8.98 -7.14 -4.29
CA GLY A 52 -8.81 -6.77 -5.69
C GLY A 52 -7.36 -6.41 -5.96
N GLN A 53 -7.04 -6.16 -7.23
CA GLN A 53 -5.71 -5.80 -7.69
C GLN A 53 -5.54 -4.29 -7.55
N ARG A 54 -4.94 -3.84 -6.44
CA ARG A 54 -4.66 -2.42 -6.24
C ARG A 54 -3.81 -1.94 -7.42
N MET A 55 -4.20 -0.83 -8.04
CA MET A 55 -3.54 -0.29 -9.22
C MET A 55 -2.44 0.70 -8.84
N HIS A 56 -1.78 0.49 -7.69
CA HIS A 56 -0.75 1.40 -7.19
C HIS A 56 0.32 0.63 -6.43
N HIS A 57 1.51 1.23 -6.31
CA HIS A 57 2.64 0.71 -5.53
C HIS A 57 2.47 1.05 -4.05
N THR A 58 1.52 1.93 -3.75
CA THR A 58 1.34 2.50 -2.45
C THR A 58 0.24 1.78 -1.68
N CYS A 59 0.54 1.44 -0.44
CA CYS A 59 -0.38 0.78 0.48
C CYS A 59 -0.94 1.82 1.42
N PRO A 60 -2.08 1.53 2.06
CA PRO A 60 -2.62 2.41 3.08
C PRO A 60 -1.57 2.60 4.16
N CYS A 61 -1.75 3.66 4.92
CA CYS A 61 -0.82 4.07 5.96
C CYS A 61 -1.30 3.53 7.29
N ALA A 62 -0.37 3.35 8.23
CA ALA A 62 -0.70 2.89 9.57
C ALA A 62 -1.88 3.72 10.09
N PRO A 63 -2.90 3.10 10.70
CA PRO A 63 -4.12 3.76 11.18
C PRO A 63 -4.05 5.22 11.66
N ASN A 64 -3.05 5.61 12.46
CA ASN A 64 -2.97 6.98 12.97
C ASN A 64 -2.46 8.02 11.94
N LEU A 65 -2.05 7.58 10.75
CA LEU A 65 -1.49 8.45 9.73
C LEU A 65 -2.55 8.98 8.76
N ALA A 66 -2.27 10.11 8.12
CA ALA A 66 -3.11 10.77 7.13
C ALA A 66 -2.28 11.07 5.89
N CYS A 67 -2.79 10.71 4.71
CA CYS A 67 -2.15 10.89 3.42
C CYS A 67 -2.32 12.33 2.92
N VAL A 68 -1.29 13.16 3.12
CA VAL A 68 -1.28 14.57 2.73
C VAL A 68 -0.50 14.76 1.43
N GLN A 69 -0.82 15.81 0.69
CA GLN A 69 -0.22 16.11 -0.61
C GLN A 69 1.11 16.84 -0.44
N THR A 70 2.07 16.59 -1.32
CA THR A 70 3.36 17.26 -1.32
C THR A 70 3.64 17.91 -2.68
N SER A 71 3.28 17.25 -3.78
CA SER A 71 3.37 17.81 -5.13
C SER A 71 2.33 17.04 -5.98
N PRO A 72 2.11 17.38 -7.26
CA PRO A 72 1.18 16.64 -8.10
C PRO A 72 1.45 15.14 -8.02
N LYS A 73 0.47 14.37 -7.54
CA LYS A 73 0.55 12.92 -7.30
C LYS A 73 1.42 12.60 -6.09
N LYS A 74 2.60 13.21 -5.97
CA LYS A 74 3.51 13.03 -4.84
C LYS A 74 2.76 13.35 -3.55
N PHE A 75 2.48 12.33 -2.74
CA PHE A 75 1.68 12.50 -1.55
C PHE A 75 2.43 11.66 -0.51
N LYS A 76 2.43 12.11 0.75
CA LYS A 76 3.13 11.47 1.86
C LYS A 76 2.22 11.36 3.07
N CYS A 77 2.50 10.40 3.96
CA CYS A 77 1.69 10.16 5.14
C CYS A 77 2.30 10.76 6.39
N LEU A 78 1.55 11.59 7.12
CA LEU A 78 1.98 12.18 8.39
C LEU A 78 1.04 11.75 9.51
N SER A 79 1.58 11.69 10.72
CA SER A 79 0.87 11.24 11.91
C SER A 79 -0.13 12.28 12.42
N LYS A 80 -1.33 11.84 12.79
CA LYS A 80 -2.31 12.68 13.44
C LYS A 80 -2.01 12.70 14.95
N ALA A 1 2.88 -16.39 5.95
CA ALA A 1 2.44 -16.31 4.57
C ALA A 1 3.08 -15.10 3.86
N VAL A 2 3.27 -14.01 4.60
CA VAL A 2 3.88 -12.78 4.09
C VAL A 2 5.19 -13.04 3.34
N ILE A 3 5.98 -14.01 3.80
CA ILE A 3 7.26 -14.37 3.23
C ILE A 3 7.18 -14.71 1.74
N THR A 4 5.99 -15.00 1.20
CA THR A 4 5.82 -15.20 -0.24
C THR A 4 6.36 -13.99 -1.02
N GLY A 5 6.15 -12.78 -0.49
CA GLY A 5 6.59 -11.54 -1.10
C GLY A 5 5.70 -11.19 -2.29
N ALA A 6 5.79 -12.00 -3.34
CA ALA A 6 4.95 -11.90 -4.52
C ALA A 6 3.55 -12.35 -4.11
N CYS A 7 2.54 -11.55 -4.45
CA CYS A 7 1.17 -11.74 -4.00
C CYS A 7 0.16 -11.43 -5.09
N GLU A 8 -1.05 -11.99 -4.96
CA GLU A 8 -2.20 -11.74 -5.80
C GLU A 8 -3.14 -10.75 -5.10
N ARG A 9 -3.45 -10.97 -3.80
CA ARG A 9 -4.28 -10.05 -3.02
C ARG A 9 -3.92 -10.05 -1.52
N ASP A 10 -4.16 -8.90 -0.87
CA ASP A 10 -3.85 -8.56 0.53
C ASP A 10 -3.93 -9.75 1.50
N LEU A 11 -5.05 -10.47 1.43
CA LEU A 11 -5.36 -11.62 2.27
C LEU A 11 -4.17 -12.58 2.44
N GLN A 12 -3.36 -12.74 1.40
CA GLN A 12 -2.22 -13.66 1.42
C GLN A 12 -1.09 -13.21 2.34
N CYS A 13 -1.12 -11.98 2.86
CA CYS A 13 -0.07 -11.43 3.70
C CYS A 13 -0.65 -10.82 4.97
N GLY A 14 -1.71 -10.03 4.84
CA GLY A 14 -2.40 -9.42 5.97
C GLY A 14 -2.03 -7.95 6.18
N LYS A 15 -2.89 -7.28 6.96
CA LYS A 15 -2.92 -5.85 7.28
C LYS A 15 -1.58 -5.17 7.57
N GLY A 16 -0.56 -5.91 8.04
CA GLY A 16 0.77 -5.32 8.24
C GLY A 16 1.37 -4.86 6.91
N THR A 17 0.82 -5.35 5.80
CA THR A 17 1.25 -5.06 4.45
C THR A 17 0.00 -4.87 3.58
N CYS A 18 0.22 -4.51 2.31
CA CYS A 18 -0.80 -4.48 1.29
C CYS A 18 -0.15 -5.01 0.00
N CYS A 19 -0.93 -5.71 -0.81
CA CYS A 19 -0.47 -6.38 -2.02
C CYS A 19 -0.35 -5.37 -3.16
N ALA A 20 0.58 -4.43 -3.01
CA ALA A 20 0.76 -3.32 -3.93
C ALA A 20 1.20 -3.79 -5.31
N VAL A 21 1.00 -2.96 -6.34
CA VAL A 21 1.39 -3.31 -7.71
C VAL A 21 2.91 -3.50 -7.80
N SER A 22 3.36 -4.17 -8.87
CA SER A 22 4.79 -4.34 -9.17
C SER A 22 5.30 -3.15 -10.00
N LEU A 23 6.51 -2.71 -9.72
CA LEU A 23 7.18 -1.67 -10.49
C LEU A 23 7.63 -2.23 -11.85
N TRP A 24 7.64 -3.56 -12.01
CA TRP A 24 8.19 -4.22 -13.19
C TRP A 24 7.09 -4.69 -14.15
N ILE A 25 6.01 -5.28 -13.65
CA ILE A 25 4.91 -5.73 -14.50
C ILE A 25 3.63 -5.82 -13.67
N LYS A 26 2.61 -5.02 -14.02
CA LYS A 26 1.35 -4.92 -13.30
C LYS A 26 0.56 -6.25 -13.19
N SER A 27 1.00 -7.31 -13.87
CA SER A 27 0.40 -8.62 -13.72
C SER A 27 0.75 -9.18 -12.34
N VAL A 28 1.93 -8.81 -11.81
CA VAL A 28 2.42 -9.23 -10.51
C VAL A 28 2.16 -8.10 -9.52
N ARG A 29 1.94 -8.46 -8.25
CA ARG A 29 1.76 -7.54 -7.14
C ARG A 29 2.66 -8.07 -6.02
N VAL A 30 3.10 -7.21 -5.11
CA VAL A 30 4.02 -7.55 -4.04
C VAL A 30 3.54 -6.96 -2.70
N CYS A 31 3.66 -7.77 -1.65
CA CYS A 31 3.25 -7.40 -0.30
C CYS A 31 4.22 -6.37 0.26
N THR A 32 3.81 -5.12 0.15
CA THR A 32 4.59 -3.96 0.58
C THR A 32 4.04 -3.53 1.94
N PRO A 33 4.90 -3.14 2.90
CA PRO A 33 4.47 -2.66 4.21
C PRO A 33 3.44 -1.54 4.11
N VAL A 34 2.54 -1.43 5.09
CA VAL A 34 1.61 -0.29 5.13
C VAL A 34 2.43 1.00 5.22
N GLY A 35 1.87 2.12 4.72
CA GLY A 35 2.56 3.39 4.73
C GLY A 35 2.85 3.85 6.16
N THR A 36 4.13 3.96 6.52
CA THR A 36 4.58 4.38 7.83
C THR A 36 4.95 5.87 7.79
N SER A 37 5.20 6.46 8.96
CA SER A 37 5.51 7.86 9.16
C SER A 37 6.53 8.41 8.15
N GLY A 38 6.06 9.22 7.20
CA GLY A 38 6.88 9.88 6.19
C GLY A 38 6.86 9.17 4.83
N GLU A 39 6.39 7.94 4.75
CA GLU A 39 6.31 7.23 3.48
C GLU A 39 5.27 7.91 2.59
N ASP A 40 5.54 7.94 1.28
CA ASP A 40 4.62 8.51 0.30
C ASP A 40 3.40 7.62 0.17
N CYS A 41 2.25 8.20 -0.16
CA CYS A 41 1.00 7.48 -0.36
C CYS A 41 0.20 8.11 -1.49
N HIS A 42 -0.66 7.29 -2.09
CA HIS A 42 -1.60 7.70 -3.12
C HIS A 42 -2.92 7.92 -2.39
N PRO A 43 -3.59 9.07 -2.54
CA PRO A 43 -4.83 9.37 -1.82
C PRO A 43 -5.89 8.30 -2.06
N ALA A 44 -5.80 7.61 -3.20
CA ALA A 44 -6.73 6.54 -3.56
C ALA A 44 -6.19 5.15 -3.24
N SER A 45 -5.19 5.02 -2.37
CA SER A 45 -4.70 3.72 -1.92
C SER A 45 -5.85 2.99 -1.25
N HIS A 46 -6.39 1.96 -1.92
CA HIS A 46 -7.56 1.22 -1.43
C HIS A 46 -7.36 0.75 0.01
N LYS A 47 -8.43 0.72 0.80
CA LYS A 47 -8.37 0.31 2.20
C LYS A 47 -7.88 -1.13 2.35
N ILE A 48 -7.86 -1.65 3.57
CA ILE A 48 -7.41 -3.00 3.90
C ILE A 48 -8.58 -3.72 4.56
N PRO A 49 -8.77 -5.04 4.33
CA PRO A 49 -8.06 -5.86 3.34
C PRO A 49 -8.68 -5.64 1.95
N PHE A 50 -7.85 -5.46 0.92
CA PHE A 50 -8.33 -5.30 -0.44
C PHE A 50 -8.19 -6.64 -1.17
N SER A 51 -9.23 -7.46 -1.10
CA SER A 51 -9.29 -8.77 -1.73
C SER A 51 -9.47 -8.62 -3.26
N GLY A 52 -8.53 -7.94 -3.93
CA GLY A 52 -8.60 -7.70 -5.35
C GLY A 52 -7.26 -7.14 -5.85
N GLN A 53 -7.19 -6.82 -7.14
CA GLN A 53 -6.00 -6.29 -7.78
C GLN A 53 -5.84 -4.81 -7.47
N ARG A 54 -4.99 -4.46 -6.50
CA ARG A 54 -4.68 -3.07 -6.21
C ARG A 54 -4.09 -2.42 -7.48
N MET A 55 -4.28 -1.11 -7.64
CA MET A 55 -3.83 -0.38 -8.83
C MET A 55 -2.76 0.67 -8.49
N HIS A 56 -2.09 0.55 -7.33
CA HIS A 56 -1.05 1.48 -6.92
C HIS A 56 0.11 0.70 -6.28
N HIS A 57 1.32 1.23 -6.39
CA HIS A 57 2.53 0.68 -5.79
C HIS A 57 2.63 1.06 -4.31
N THR A 58 1.84 2.05 -3.90
CA THR A 58 1.88 2.62 -2.57
C THR A 58 0.74 2.00 -1.76
N CYS A 59 0.99 1.72 -0.48
CA CYS A 59 0.00 1.12 0.41
C CYS A 59 -0.62 2.22 1.27
N PRO A 60 -1.84 1.99 1.80
CA PRO A 60 -2.48 2.98 2.63
C PRO A 60 -1.70 3.14 3.93
N CYS A 61 -1.90 4.30 4.56
CA CYS A 61 -1.25 4.68 5.80
C CYS A 61 -1.64 3.76 6.94
N ALA A 62 -0.67 3.38 7.76
CA ALA A 62 -0.88 2.50 8.91
C ALA A 62 -2.02 3.05 9.77
N PRO A 63 -2.98 2.21 10.21
CA PRO A 63 -4.11 2.61 11.04
C PRO A 63 -3.71 3.47 12.25
N ASN A 64 -3.72 4.79 12.01
CA ASN A 64 -3.41 5.93 12.88
C ASN A 64 -2.96 7.09 12.00
N LEU A 65 -2.06 6.81 11.07
CA LEU A 65 -1.52 7.77 10.13
C LEU A 65 -2.55 8.11 9.05
N ALA A 66 -2.47 9.32 8.50
CA ALA A 66 -3.33 9.83 7.46
C ALA A 66 -2.47 10.24 6.25
N CYS A 67 -3.03 10.06 5.05
CA CYS A 67 -2.37 10.39 3.79
C CYS A 67 -2.60 11.87 3.51
N VAL A 68 -1.70 12.74 3.98
CA VAL A 68 -1.85 14.18 3.83
C VAL A 68 -1.01 14.69 2.68
N GLN A 69 -1.48 15.74 2.02
CA GLN A 69 -0.82 16.31 0.86
C GLN A 69 0.54 16.92 1.26
N THR A 70 1.51 16.87 0.34
CA THR A 70 2.84 17.41 0.53
C THR A 70 3.31 18.21 -0.70
N SER A 71 2.99 17.75 -1.91
CA SER A 71 3.34 18.45 -3.16
C SER A 71 2.33 18.02 -4.23
N PRO A 72 2.35 18.60 -5.43
CA PRO A 72 1.44 18.23 -6.51
C PRO A 72 1.40 16.72 -6.69
N LYS A 73 0.21 16.12 -6.53
CA LYS A 73 -0.05 14.69 -6.57
C LYS A 73 0.94 13.86 -5.74
N LYS A 74 1.44 14.43 -4.63
CA LYS A 74 2.37 13.78 -3.72
C LYS A 74 1.84 13.97 -2.30
N PHE A 75 1.47 12.86 -1.66
CA PHE A 75 0.94 12.84 -0.31
C PHE A 75 1.84 11.94 0.52
N LYS A 76 1.97 12.20 1.82
CA LYS A 76 2.73 11.39 2.75
C LYS A 76 1.86 10.93 3.91
N CYS A 77 2.23 9.80 4.48
CA CYS A 77 1.56 9.20 5.63
C CYS A 77 2.12 9.84 6.89
N LEU A 78 1.36 10.72 7.53
CA LEU A 78 1.79 11.41 8.75
C LEU A 78 0.69 11.35 9.79
N SER A 79 1.00 11.72 11.03
CA SER A 79 0.01 11.76 12.11
C SER A 79 -0.79 13.07 12.05
N LYS A 80 -1.18 13.49 10.84
CA LYS A 80 -1.88 14.70 10.50
C LYS A 80 -2.04 14.67 8.98
N ALA A 1 5.30 -20.83 1.55
CA ALA A 1 6.14 -19.75 2.04
C ALA A 1 6.01 -18.53 1.14
N VAL A 2 6.31 -18.71 -0.15
CA VAL A 2 6.25 -17.67 -1.19
C VAL A 2 4.91 -16.92 -1.16
N ILE A 3 3.82 -17.64 -0.86
CA ILE A 3 2.46 -17.12 -0.74
C ILE A 3 2.42 -15.92 0.21
N THR A 4 3.28 -15.91 1.23
CA THR A 4 3.35 -14.86 2.24
C THR A 4 4.24 -13.70 1.80
N GLY A 5 4.71 -13.70 0.54
CA GLY A 5 5.58 -12.67 -0.01
C GLY A 5 4.99 -12.18 -1.33
N ALA A 6 4.96 -13.08 -2.34
CA ALA A 6 4.39 -12.80 -3.65
C ALA A 6 2.91 -13.14 -3.54
N CYS A 7 2.04 -12.16 -3.86
CA CYS A 7 0.61 -12.32 -3.67
C CYS A 7 -0.21 -11.69 -4.79
N GLU A 8 -1.51 -12.00 -4.76
CA GLU A 8 -2.50 -11.47 -5.67
C GLU A 8 -3.26 -10.35 -4.96
N ARG A 9 -3.60 -10.54 -3.69
CA ARG A 9 -4.39 -9.59 -2.91
C ARG A 9 -4.02 -9.61 -1.42
N ASP A 10 -4.22 -8.45 -0.78
CA ASP A 10 -3.88 -8.12 0.60
C ASP A 10 -4.01 -9.31 1.54
N LEU A 11 -5.17 -9.97 1.47
CA LEU A 11 -5.59 -11.11 2.27
C LEU A 11 -4.49 -12.15 2.52
N GLN A 12 -3.56 -12.33 1.57
CA GLN A 12 -2.48 -13.30 1.75
C GLN A 12 -1.56 -12.98 2.94
N CYS A 13 -1.50 -11.71 3.39
CA CYS A 13 -0.68 -11.30 4.53
C CYS A 13 -1.55 -10.56 5.55
N GLY A 14 -1.02 -10.37 6.76
CA GLY A 14 -1.74 -9.72 7.85
C GLY A 14 -2.03 -8.25 7.57
N LYS A 15 -3.00 -7.67 8.29
CA LYS A 15 -3.44 -6.29 8.15
C LYS A 15 -2.31 -5.26 8.28
N GLY A 16 -1.19 -5.63 8.92
CA GLY A 16 -0.02 -4.77 8.99
C GLY A 16 0.64 -4.59 7.61
N THR A 17 0.14 -5.28 6.59
CA THR A 17 0.63 -5.19 5.23
C THR A 17 -0.59 -5.17 4.29
N CYS A 18 -0.32 -4.96 3.02
CA CYS A 18 -1.24 -4.95 1.89
C CYS A 18 -0.49 -5.64 0.75
N CYS A 19 -1.14 -5.98 -0.37
CA CYS A 19 -0.45 -6.56 -1.52
C CYS A 19 -0.43 -5.50 -2.59
N ALA A 20 0.72 -4.87 -2.83
CA ALA A 20 0.86 -3.81 -3.82
C ALA A 20 1.60 -4.36 -5.03
N VAL A 21 1.52 -3.63 -6.14
CA VAL A 21 2.22 -3.95 -7.38
C VAL A 21 3.73 -3.96 -7.10
N SER A 22 4.56 -4.54 -7.98
CA SER A 22 6.01 -4.52 -7.86
C SER A 22 6.60 -3.48 -8.84
N LEU A 23 7.29 -2.44 -8.33
CA LEU A 23 7.83 -1.32 -9.10
C LEU A 23 8.58 -1.73 -10.37
N TRP A 24 9.22 -2.91 -10.36
CA TRP A 24 10.09 -3.34 -11.45
C TRP A 24 9.38 -4.29 -12.42
N ILE A 25 8.18 -4.78 -12.07
CA ILE A 25 7.42 -5.68 -12.90
C ILE A 25 5.96 -5.65 -12.46
N LYS A 26 5.14 -4.85 -13.15
CA LYS A 26 3.73 -4.71 -12.85
C LYS A 26 2.97 -6.05 -12.86
N SER A 27 3.55 -7.08 -13.50
CA SER A 27 2.93 -8.40 -13.56
C SER A 27 3.03 -9.16 -12.23
N VAL A 28 3.75 -8.64 -11.23
CA VAL A 28 3.89 -9.26 -9.92
C VAL A 28 3.44 -8.26 -8.85
N ARG A 29 2.83 -8.78 -7.78
CA ARG A 29 2.37 -7.99 -6.65
C ARG A 29 2.94 -8.66 -5.38
N VAL A 30 3.35 -7.86 -4.38
CA VAL A 30 4.02 -8.36 -3.19
C VAL A 30 3.47 -7.72 -1.91
N CYS A 31 3.57 -8.45 -0.79
CA CYS A 31 3.12 -7.98 0.51
C CYS A 31 3.97 -6.78 0.92
N THR A 32 3.43 -5.60 0.73
CA THR A 32 4.03 -4.30 1.01
C THR A 32 3.46 -3.83 2.35
N PRO A 33 4.24 -3.14 3.19
CA PRO A 33 3.76 -2.72 4.50
C PRO A 33 2.72 -1.61 4.37
N VAL A 34 1.91 -1.41 5.42
CA VAL A 34 1.03 -0.24 5.47
C VAL A 34 1.88 1.01 5.27
N GLY A 35 1.28 2.07 4.71
CA GLY A 35 1.96 3.33 4.47
C GLY A 35 2.51 3.87 5.79
N THR A 36 3.82 3.78 5.99
CA THR A 36 4.49 4.16 7.22
C THR A 36 5.08 5.56 7.06
N SER A 37 5.27 6.26 8.17
CA SER A 37 5.79 7.61 8.28
C SER A 37 6.82 7.97 7.20
N GLY A 38 6.44 8.85 6.27
CA GLY A 38 7.31 9.33 5.20
C GLY A 38 7.03 8.67 3.86
N GLU A 39 6.52 7.44 3.83
CA GLU A 39 6.24 6.75 2.57
C GLU A 39 5.15 7.48 1.78
N ASP A 40 5.25 7.41 0.45
CA ASP A 40 4.28 8.01 -0.45
C ASP A 40 2.95 7.26 -0.34
N CYS A 41 1.83 7.94 -0.58
CA CYS A 41 0.49 7.37 -0.50
C CYS A 41 -0.39 7.96 -1.58
N HIS A 42 -1.44 7.23 -1.93
CA HIS A 42 -2.41 7.67 -2.91
C HIS A 42 -3.61 8.20 -2.12
N PRO A 43 -4.15 9.38 -2.41
CA PRO A 43 -5.31 9.87 -1.67
C PRO A 43 -6.48 8.88 -1.76
N ALA A 44 -6.53 8.05 -2.81
CA ALA A 44 -7.57 7.04 -3.00
C ALA A 44 -7.10 5.64 -2.61
N SER A 45 -6.04 5.49 -1.79
CA SER A 45 -5.54 4.19 -1.37
C SER A 45 -6.66 3.37 -0.71
N HIS A 46 -7.20 2.36 -1.39
CA HIS A 46 -8.26 1.54 -0.82
C HIS A 46 -7.77 0.86 0.46
N LYS A 47 -8.71 0.67 1.37
CA LYS A 47 -8.52 0.11 2.70
C LYS A 47 -7.97 -1.31 2.66
N ILE A 48 -7.58 -1.84 3.81
CA ILE A 48 -7.03 -3.18 3.98
C ILE A 48 -8.01 -3.96 4.87
N PRO A 49 -8.30 -5.24 4.60
CA PRO A 49 -7.80 -6.04 3.50
C PRO A 49 -8.64 -5.83 2.23
N PHE A 50 -7.98 -5.51 1.12
CA PHE A 50 -8.63 -5.36 -0.18
C PHE A 50 -8.40 -6.66 -0.93
N SER A 51 -9.43 -7.51 -1.01
CA SER A 51 -9.38 -8.81 -1.66
C SER A 51 -9.33 -8.70 -3.19
N GLY A 52 -8.46 -7.86 -3.73
CA GLY A 52 -8.31 -7.63 -5.15
C GLY A 52 -6.93 -7.07 -5.44
N GLN A 53 -6.65 -6.85 -6.72
CA GLN A 53 -5.38 -6.35 -7.20
C GLN A 53 -5.42 -4.82 -7.11
N ARG A 54 -4.98 -4.25 -5.98
CA ARG A 54 -4.97 -2.80 -5.81
C ARG A 54 -4.02 -2.20 -6.85
N MET A 55 -4.59 -1.50 -7.85
CA MET A 55 -3.82 -0.88 -8.92
C MET A 55 -2.81 0.12 -8.34
N HIS A 56 -3.21 0.85 -7.30
CA HIS A 56 -2.35 1.85 -6.68
C HIS A 56 -1.09 1.21 -6.11
N HIS A 57 0.07 1.66 -6.61
CA HIS A 57 1.37 1.20 -6.18
C HIS A 57 1.59 1.37 -4.68
N THR A 58 1.05 2.46 -4.14
CA THR A 58 1.24 2.84 -2.76
C THR A 58 0.01 2.45 -1.95
N CYS A 59 0.21 2.00 -0.71
CA CYS A 59 -0.84 1.49 0.16
C CYS A 59 -1.31 2.53 1.17
N PRO A 60 -2.46 2.31 1.81
CA PRO A 60 -3.02 3.30 2.73
C PRO A 60 -2.13 3.44 3.95
N CYS A 61 -2.11 4.65 4.48
CA CYS A 61 -1.36 5.04 5.66
C CYS A 61 -1.78 4.19 6.85
N ALA A 62 -0.79 3.71 7.61
CA ALA A 62 -1.04 2.90 8.78
C ALA A 62 -1.89 3.73 9.74
N PRO A 63 -2.78 3.09 10.52
CA PRO A 63 -3.71 3.74 11.46
C PRO A 63 -3.23 5.00 12.19
N ASN A 64 -1.95 5.11 12.56
CA ASN A 64 -1.44 6.30 13.25
C ASN A 64 -1.37 7.51 12.32
N LEU A 65 -1.01 7.28 11.05
CA LEU A 65 -0.79 8.31 10.05
C LEU A 65 -2.05 8.59 9.22
N ALA A 66 -1.95 9.61 8.35
CA ALA A 66 -2.95 10.02 7.40
C ALA A 66 -2.22 10.39 6.10
N CYS A 67 -2.91 10.25 4.96
CA CYS A 67 -2.34 10.54 3.65
C CYS A 67 -2.46 12.03 3.36
N VAL A 68 -1.42 12.82 3.69
CA VAL A 68 -1.44 14.26 3.49
C VAL A 68 -0.68 14.64 2.23
N GLN A 69 -1.15 15.70 1.56
CA GLN A 69 -0.57 16.18 0.33
C GLN A 69 0.75 16.91 0.63
N THR A 70 1.76 16.68 -0.20
CA THR A 70 3.06 17.32 -0.13
C THR A 70 3.28 18.19 -1.37
N SER A 71 2.87 17.73 -2.55
CA SER A 71 2.89 18.53 -3.77
C SER A 71 1.76 18.01 -4.68
N PRO A 72 1.49 18.67 -5.83
CA PRO A 72 0.45 18.23 -6.74
C PRO A 72 0.61 16.75 -7.09
N LYS A 73 -0.39 15.94 -6.74
CA LYS A 73 -0.43 14.49 -6.97
C LYS A 73 0.69 13.74 -6.22
N LYS A 74 1.30 14.35 -5.20
CA LYS A 74 2.31 13.72 -4.36
C LYS A 74 1.85 13.83 -2.92
N PHE A 75 1.35 12.74 -2.34
CA PHE A 75 0.90 12.69 -0.96
C PHE A 75 1.79 11.70 -0.22
N LYS A 76 2.01 11.93 1.08
CA LYS A 76 2.82 11.08 1.92
C LYS A 76 2.11 10.82 3.24
N CYS A 77 2.49 9.72 3.90
CA CYS A 77 1.91 9.32 5.17
C CYS A 77 2.62 10.03 6.31
N LEU A 78 1.92 10.89 7.04
CA LEU A 78 2.47 11.58 8.19
C LEU A 78 1.42 11.56 9.30
N SER A 79 1.78 11.96 10.52
CA SER A 79 0.88 12.00 11.66
C SER A 79 -0.05 13.21 11.61
N LYS A 80 -0.57 13.52 10.42
CA LYS A 80 -1.47 14.61 10.11
C LYS A 80 -1.86 14.40 8.64
N ALA A 1 6.45 -20.91 2.02
CA ALA A 1 5.10 -20.71 1.52
C ALA A 1 4.39 -19.64 2.34
N VAL A 2 4.37 -19.81 3.67
CA VAL A 2 3.75 -18.87 4.60
C VAL A 2 4.29 -17.45 4.41
N ILE A 3 5.59 -17.34 4.06
CA ILE A 3 6.22 -16.06 3.76
C ILE A 3 5.82 -15.65 2.33
N THR A 4 4.52 -15.43 2.13
CA THR A 4 3.92 -15.09 0.84
C THR A 4 4.23 -13.65 0.42
N GLY A 5 5.53 -13.30 0.33
CA GLY A 5 6.00 -11.97 -0.04
C GLY A 5 5.35 -11.48 -1.33
N ALA A 6 5.42 -12.31 -2.38
CA ALA A 6 4.74 -12.08 -3.64
C ALA A 6 3.31 -12.59 -3.42
N CYS A 7 2.32 -11.75 -3.68
CA CYS A 7 0.92 -12.01 -3.40
C CYS A 7 0.06 -11.48 -4.55
N GLU A 8 -1.21 -11.85 -4.54
CA GLU A 8 -2.22 -11.42 -5.47
C GLU A 8 -3.10 -10.39 -4.77
N ARG A 9 -3.54 -10.67 -3.53
CA ARG A 9 -4.42 -9.78 -2.76
C ARG A 9 -3.97 -9.67 -1.30
N ASP A 10 -4.21 -8.51 -0.68
CA ASP A 10 -3.86 -8.15 0.69
C ASP A 10 -4.06 -9.31 1.67
N LEU A 11 -5.27 -9.88 1.64
CA LEU A 11 -5.71 -10.96 2.52
C LEU A 11 -4.71 -12.12 2.63
N GLN A 12 -3.92 -12.37 1.58
CA GLN A 12 -2.95 -13.44 1.54
C GLN A 12 -1.69 -13.12 2.36
N CYS A 13 -1.57 -11.91 2.92
CA CYS A 13 -0.41 -11.48 3.67
C CYS A 13 -0.84 -10.84 5.00
N GLY A 14 0.11 -10.52 5.88
CA GLY A 14 -0.19 -9.93 7.16
C GLY A 14 -0.84 -8.56 7.00
N LYS A 15 -1.83 -8.28 7.84
CA LYS A 15 -2.62 -7.05 7.80
C LYS A 15 -1.80 -5.80 8.13
N GLY A 16 -0.57 -5.97 8.62
CA GLY A 16 0.36 -4.87 8.82
C GLY A 16 0.98 -4.46 7.48
N THR A 17 0.56 -5.08 6.36
CA THR A 17 1.02 -4.77 5.03
C THR A 17 -0.20 -4.85 4.10
N CYS A 18 -0.05 -4.41 2.85
CA CYS A 18 -1.05 -4.60 1.80
C CYS A 18 -0.33 -5.17 0.58
N CYS A 19 -1.06 -5.85 -0.31
CA CYS A 19 -0.48 -6.46 -1.48
C CYS A 19 -0.39 -5.44 -2.60
N ALA A 20 0.55 -4.51 -2.48
CA ALA A 20 0.70 -3.40 -3.43
C ALA A 20 1.25 -3.87 -4.77
N VAL A 21 0.87 -3.18 -5.84
CA VAL A 21 1.32 -3.47 -7.20
C VAL A 21 2.85 -3.38 -7.29
N SER A 22 3.49 -4.17 -8.17
CA SER A 22 4.92 -4.10 -8.41
C SER A 22 5.20 -3.15 -9.58
N LEU A 23 5.90 -2.03 -9.33
CA LEU A 23 6.17 -0.95 -10.28
C LEU A 23 6.57 -1.41 -11.68
N TRP A 24 7.30 -2.52 -11.79
CA TRP A 24 7.91 -2.97 -13.04
C TRP A 24 7.08 -4.03 -13.74
N ILE A 25 6.05 -4.57 -13.07
CA ILE A 25 5.17 -5.58 -13.63
C ILE A 25 3.89 -5.59 -12.81
N LYS A 26 2.88 -4.84 -13.26
CA LYS A 26 1.59 -4.76 -12.56
C LYS A 26 0.85 -6.11 -12.49
N SER A 27 1.38 -7.15 -13.14
CA SER A 27 0.84 -8.49 -13.06
C SER A 27 1.15 -9.09 -11.68
N VAL A 28 2.25 -8.65 -11.04
CA VAL A 28 2.68 -9.14 -9.73
C VAL A 28 2.44 -8.04 -8.70
N ARG A 29 2.10 -8.44 -7.48
CA ARG A 29 1.85 -7.56 -6.36
C ARG A 29 2.65 -8.13 -5.17
N VAL A 30 3.11 -7.28 -4.25
CA VAL A 30 3.99 -7.66 -3.16
C VAL A 30 3.57 -7.03 -1.82
N CYS A 31 3.80 -7.77 -0.73
CA CYS A 31 3.47 -7.36 0.63
C CYS A 31 4.26 -6.11 1.03
N THR A 32 3.65 -4.94 0.83
CA THR A 32 4.26 -3.66 1.14
C THR A 32 3.71 -3.17 2.49
N PRO A 33 4.56 -2.68 3.40
CA PRO A 33 4.13 -2.18 4.71
C PRO A 33 3.04 -1.11 4.60
N VAL A 34 2.19 -1.02 5.62
CA VAL A 34 1.24 0.10 5.68
C VAL A 34 2.04 1.40 5.69
N GLY A 35 1.51 2.43 5.02
CA GLY A 35 2.16 3.71 4.85
C GLY A 35 2.55 4.33 6.19
N THR A 36 3.82 4.24 6.54
CA THR A 36 4.39 4.74 7.77
C THR A 36 5.02 6.10 7.47
N SER A 37 5.32 6.88 8.51
CA SER A 37 5.86 8.23 8.47
C SER A 37 6.78 8.52 7.27
N GLY A 38 6.27 9.28 6.30
CA GLY A 38 7.05 9.72 5.14
C GLY A 38 6.92 8.83 3.91
N GLU A 39 6.43 7.59 4.05
CA GLU A 39 6.27 6.71 2.90
C GLU A 39 5.22 7.29 1.95
N ASP A 40 5.42 7.08 0.65
CA ASP A 40 4.52 7.57 -0.39
C ASP A 40 3.16 6.90 -0.29
N CYS A 41 2.13 7.60 -0.77
CA CYS A 41 0.74 7.14 -0.75
C CYS A 41 -0.01 7.87 -1.85
N HIS A 42 -1.28 7.50 -2.03
CA HIS A 42 -2.20 8.10 -2.96
C HIS A 42 -3.50 8.30 -2.18
N PRO A 43 -4.24 9.41 -2.31
CA PRO A 43 -5.48 9.59 -1.56
C PRO A 43 -6.47 8.43 -1.77
N ALA A 44 -6.35 7.69 -2.88
CA ALA A 44 -7.18 6.54 -3.18
C ALA A 44 -6.48 5.21 -2.85
N SER A 45 -5.51 5.20 -1.92
CA SER A 45 -4.84 3.98 -1.48
C SER A 45 -5.85 3.09 -0.76
N HIS A 46 -6.58 2.29 -1.53
CA HIS A 46 -7.66 1.40 -1.11
C HIS A 46 -7.37 0.72 0.23
N LYS A 47 -8.39 0.68 1.11
CA LYS A 47 -8.37 0.06 2.41
C LYS A 47 -7.88 -1.39 2.39
N ILE A 48 -7.56 -1.92 3.57
CA ILE A 48 -7.15 -3.30 3.78
C ILE A 48 -8.32 -4.05 4.43
N PRO A 49 -8.64 -5.29 4.05
CA PRO A 49 -8.08 -6.04 2.93
C PRO A 49 -8.83 -5.71 1.65
N PHE A 50 -8.09 -5.51 0.55
CA PHE A 50 -8.67 -5.21 -0.75
C PHE A 50 -8.73 -6.50 -1.56
N SER A 51 -9.88 -7.18 -1.50
CA SER A 51 -10.16 -8.42 -2.21
C SER A 51 -10.37 -8.15 -3.71
N GLY A 52 -9.32 -7.65 -4.36
CA GLY A 52 -9.32 -7.31 -5.77
C GLY A 52 -7.87 -7.09 -6.19
N GLN A 53 -7.63 -6.26 -7.21
CA GLN A 53 -6.29 -5.92 -7.68
C GLN A 53 -6.11 -4.41 -7.52
N ARG A 54 -5.30 -4.01 -6.53
CA ARG A 54 -5.00 -2.60 -6.29
C ARG A 54 -4.50 -1.96 -7.58
N MET A 55 -4.95 -0.73 -7.87
CA MET A 55 -4.50 0.01 -9.04
C MET A 55 -3.15 0.64 -8.73
N HIS A 56 -3.10 1.37 -7.62
CA HIS A 56 -1.92 2.08 -7.16
C HIS A 56 -1.00 1.15 -6.36
N HIS A 57 0.32 1.34 -6.50
CA HIS A 57 1.35 0.60 -5.79
C HIS A 57 1.44 1.12 -4.35
N THR A 58 0.30 1.25 -3.66
CA THR A 58 0.26 1.89 -2.36
C THR A 58 -0.69 1.17 -1.40
N CYS A 59 -0.33 1.26 -0.11
CA CYS A 59 -1.08 0.74 1.01
C CYS A 59 -1.62 1.94 1.78
N PRO A 60 -2.73 1.77 2.52
CA PRO A 60 -3.23 2.85 3.37
C PRO A 60 -2.16 3.24 4.38
N CYS A 61 -2.34 4.40 4.97
CA CYS A 61 -1.41 4.86 5.99
C CYS A 61 -1.65 4.05 7.26
N ALA A 62 -0.60 3.83 8.07
CA ALA A 62 -0.75 3.11 9.33
C ALA A 62 -1.80 3.85 10.17
N PRO A 63 -2.87 3.17 10.66
CA PRO A 63 -3.99 3.73 11.41
C PRO A 63 -3.66 4.75 12.51
N ASN A 64 -3.38 5.96 12.05
CA ASN A 64 -3.07 7.17 12.80
C ASN A 64 -2.62 8.24 11.82
N LEU A 65 -1.65 7.92 10.98
CA LEU A 65 -1.10 8.82 9.99
C LEU A 65 -2.13 9.05 8.88
N ALA A 66 -1.95 10.11 8.08
CA ALA A 66 -2.86 10.49 7.01
C ALA A 66 -2.09 10.73 5.71
N CYS A 67 -2.69 10.33 4.59
CA CYS A 67 -2.12 10.51 3.25
C CYS A 67 -2.36 11.94 2.79
N VAL A 68 -1.31 12.76 2.68
CA VAL A 68 -1.44 14.15 2.27
C VAL A 68 -0.31 14.55 1.33
N GLN A 69 -0.59 15.57 0.52
CA GLN A 69 0.34 16.08 -0.46
C GLN A 69 1.46 16.87 0.22
N THR A 70 2.70 16.56 -0.17
CA THR A 70 3.89 17.30 0.24
C THR A 70 4.23 18.23 -0.93
N SER A 71 3.94 17.80 -2.16
CA SER A 71 3.97 18.59 -3.38
C SER A 71 2.93 17.94 -4.30
N PRO A 72 2.50 18.61 -5.38
CA PRO A 72 1.54 18.06 -6.34
C PRO A 72 1.95 16.64 -6.73
N LYS A 73 1.02 15.67 -6.65
CA LYS A 73 1.23 14.25 -6.93
C LYS A 73 2.03 13.56 -5.81
N LYS A 74 3.07 14.22 -5.31
CA LYS A 74 3.93 13.76 -4.23
C LYS A 74 3.14 13.68 -2.91
N PHE A 75 2.35 12.61 -2.77
CA PHE A 75 1.52 12.34 -1.61
C PHE A 75 2.25 11.35 -0.70
N LYS A 76 2.33 11.67 0.59
CA LYS A 76 3.02 10.87 1.60
C LYS A 76 2.16 10.76 2.86
N CYS A 77 2.46 9.73 3.65
CA CYS A 77 1.77 9.45 4.91
C CYS A 77 2.42 10.30 6.01
N LEU A 78 1.76 11.38 6.41
CA LEU A 78 2.28 12.26 7.45
C LEU A 78 1.60 11.96 8.79
N SER A 79 2.36 12.20 9.86
CA SER A 79 1.99 11.95 11.23
C SER A 79 0.82 12.81 11.71
N LYS A 80 0.20 12.36 12.79
CA LYS A 80 -0.87 12.99 13.54
C LYS A 80 -0.67 12.46 14.95
N ALA A 1 -4.19 -16.91 2.82
CA ALA A 1 -3.12 -16.76 3.80
C ALA A 1 -1.78 -17.30 3.26
N VAL A 2 -1.63 -17.33 1.93
CA VAL A 2 -0.42 -17.79 1.28
C VAL A 2 0.64 -16.69 1.39
N ILE A 3 1.15 -16.50 2.61
CA ILE A 3 2.16 -15.50 2.92
C ILE A 3 3.44 -15.77 2.15
N THR A 4 3.86 -14.83 1.31
CA THR A 4 5.08 -14.88 0.52
C THR A 4 5.25 -13.50 -0.11
N GLY A 5 6.19 -13.37 -1.05
CA GLY A 5 6.46 -12.12 -1.73
C GLY A 5 5.34 -11.80 -2.73
N ALA A 6 5.27 -12.59 -3.81
CA ALA A 6 4.29 -12.42 -4.88
C ALA A 6 2.87 -12.67 -4.37
N CYS A 7 1.97 -11.74 -4.68
CA CYS A 7 0.59 -11.80 -4.19
C CYS A 7 -0.45 -11.38 -5.21
N GLU A 8 -1.69 -11.77 -4.93
CA GLU A 8 -2.89 -11.41 -5.66
C GLU A 8 -3.70 -10.43 -4.82
N ARG A 9 -3.87 -10.71 -3.51
CA ARG A 9 -4.63 -9.84 -2.62
C ARG A 9 -4.07 -9.86 -1.20
N ASP A 10 -4.33 -8.76 -0.47
CA ASP A 10 -3.86 -8.48 0.89
C ASP A 10 -3.87 -9.72 1.78
N LEU A 11 -5.00 -10.42 1.79
CA LEU A 11 -5.29 -11.61 2.59
C LEU A 11 -4.10 -12.57 2.72
N GLN A 12 -3.28 -12.70 1.67
CA GLN A 12 -2.11 -13.57 1.73
C GLN A 12 -1.20 -13.25 2.91
N CYS A 13 -0.95 -11.96 3.15
CA CYS A 13 -0.01 -11.49 4.16
C CYS A 13 -0.72 -10.75 5.29
N GLY A 14 -1.65 -9.86 4.93
CA GLY A 14 -2.48 -9.15 5.90
C GLY A 14 -1.72 -8.13 6.74
N LYS A 15 -2.25 -7.88 7.94
CA LYS A 15 -1.87 -6.88 8.93
C LYS A 15 -0.35 -6.70 9.00
N GLY A 16 0.08 -5.54 8.52
CA GLY A 16 1.48 -5.13 8.44
C GLY A 16 1.85 -4.85 6.97
N THR A 17 1.11 -5.44 6.04
CA THR A 17 1.33 -5.28 4.62
C THR A 17 -0.02 -5.20 3.89
N CYS A 18 0.03 -4.90 2.60
CA CYS A 18 -1.09 -5.01 1.67
C CYS A 18 -0.51 -5.53 0.35
N CYS A 19 -1.32 -6.12 -0.51
CA CYS A 19 -0.84 -6.67 -1.77
C CYS A 19 -0.89 -5.59 -2.85
N ALA A 20 0.27 -5.03 -3.23
CA ALA A 20 0.35 -3.92 -4.18
C ALA A 20 1.22 -4.25 -5.39
N VAL A 21 1.16 -3.41 -6.43
CA VAL A 21 1.97 -3.59 -7.64
C VAL A 21 3.46 -3.42 -7.28
N SER A 22 4.38 -3.96 -8.09
CA SER A 22 5.81 -3.81 -7.92
C SER A 22 6.29 -2.54 -8.66
N LEU A 23 7.21 -1.77 -8.08
CA LEU A 23 7.65 -0.50 -8.68
C LEU A 23 8.37 -0.69 -10.02
N TRP A 24 9.15 -1.76 -10.19
CA TRP A 24 9.99 -1.92 -11.38
C TRP A 24 9.27 -2.83 -12.37
N ILE A 25 9.08 -4.12 -12.05
CA ILE A 25 8.36 -5.02 -12.91
C ILE A 25 6.88 -4.82 -12.62
N LYS A 26 6.31 -3.75 -13.18
CA LYS A 26 4.91 -3.38 -12.98
C LYS A 26 3.90 -4.46 -13.40
N SER A 27 4.35 -5.60 -13.92
CA SER A 27 3.49 -6.73 -14.27
C SER A 27 3.39 -7.72 -13.11
N VAL A 28 4.13 -7.52 -12.02
CA VAL A 28 4.15 -8.38 -10.84
C VAL A 28 3.65 -7.55 -9.66
N ARG A 29 3.00 -8.22 -8.70
CA ARG A 29 2.41 -7.61 -7.52
C ARG A 29 2.92 -8.35 -6.29
N VAL A 30 3.32 -7.61 -5.24
CA VAL A 30 3.95 -8.17 -4.04
C VAL A 30 3.37 -7.60 -2.75
N CYS A 31 3.47 -8.38 -1.67
CA CYS A 31 3.04 -7.97 -0.34
C CYS A 31 3.95 -6.84 0.11
N THR A 32 3.46 -5.61 0.01
CA THR A 32 4.19 -4.40 0.31
C THR A 32 3.82 -3.92 1.71
N PRO A 33 4.78 -3.45 2.53
CA PRO A 33 4.52 -2.92 3.86
C PRO A 33 3.48 -1.78 3.85
N VAL A 34 2.75 -1.61 4.95
CA VAL A 34 1.84 -0.47 5.08
C VAL A 34 2.63 0.84 4.93
N GLY A 35 1.98 1.85 4.35
CA GLY A 35 2.55 3.17 4.12
C GLY A 35 3.13 3.71 5.43
N THR A 36 4.45 3.83 5.48
CA THR A 36 5.17 4.20 6.68
C THR A 36 5.50 5.69 6.67
N SER A 37 5.99 6.23 7.78
CA SER A 37 6.30 7.64 7.98
C SER A 37 7.08 8.25 6.81
N GLY A 38 6.44 9.14 6.03
CA GLY A 38 7.06 9.84 4.92
C GLY A 38 7.00 9.07 3.60
N GLU A 39 6.55 7.82 3.60
CA GLU A 39 6.42 7.06 2.37
C GLU A 39 5.31 7.65 1.51
N ASP A 40 5.49 7.62 0.19
CA ASP A 40 4.52 8.11 -0.76
C ASP A 40 3.26 7.26 -0.70
N CYS A 41 2.10 7.85 -0.97
CA CYS A 41 0.82 7.18 -0.90
C CYS A 41 -0.13 7.72 -1.97
N HIS A 42 -1.02 6.85 -2.44
CA HIS A 42 -2.06 7.18 -3.39
C HIS A 42 -3.33 7.40 -2.57
N PRO A 43 -4.06 8.50 -2.73
CA PRO A 43 -5.25 8.76 -1.93
C PRO A 43 -6.30 7.65 -2.03
N ALA A 44 -6.24 6.79 -3.06
CA ALA A 44 -7.17 5.67 -3.22
C ALA A 44 -6.55 4.35 -2.73
N SER A 45 -5.55 4.40 -1.84
CA SER A 45 -5.01 3.21 -1.21
C SER A 45 -6.13 2.57 -0.37
N HIS A 46 -6.87 1.64 -0.98
CA HIS A 46 -8.06 0.97 -0.46
C HIS A 46 -7.91 0.43 0.95
N LYS A 47 -9.06 0.29 1.63
CA LYS A 47 -9.18 -0.28 2.97
C LYS A 47 -8.46 -1.63 3.08
N ILE A 48 -8.28 -2.12 4.30
CA ILE A 48 -7.65 -3.40 4.61
C ILE A 48 -8.72 -4.26 5.27
N PRO A 49 -8.85 -5.56 4.94
CA PRO A 49 -8.15 -6.27 3.88
C PRO A 49 -8.85 -6.03 2.53
N PHE A 50 -8.08 -5.76 1.47
CA PHE A 50 -8.62 -5.58 0.13
C PHE A 50 -8.44 -6.91 -0.60
N SER A 51 -9.50 -7.71 -0.64
CA SER A 51 -9.51 -9.03 -1.25
C SER A 51 -9.49 -8.96 -2.79
N GLY A 52 -8.58 -8.18 -3.38
CA GLY A 52 -8.48 -8.03 -4.82
C GLY A 52 -7.13 -7.43 -5.22
N GLN A 53 -6.90 -7.33 -6.52
CA GLN A 53 -5.68 -6.83 -7.10
C GLN A 53 -5.67 -5.30 -7.06
N ARG A 54 -5.06 -4.72 -6.02
CA ARG A 54 -4.87 -3.29 -5.92
C ARG A 54 -4.06 -2.83 -7.13
N MET A 55 -4.62 -1.98 -7.99
CA MET A 55 -3.95 -1.48 -9.18
C MET A 55 -3.11 -0.25 -8.83
N HIS A 56 -2.45 -0.29 -7.66
CA HIS A 56 -1.60 0.76 -7.14
C HIS A 56 -0.41 0.12 -6.44
N HIS A 57 0.66 0.89 -6.25
CA HIS A 57 1.89 0.47 -5.59
C HIS A 57 1.85 0.70 -4.09
N THR A 58 1.02 1.64 -3.65
CA THR A 58 1.05 2.09 -2.27
C THR A 58 -0.04 1.42 -1.44
N CYS A 59 0.32 1.07 -0.21
CA CYS A 59 -0.57 0.46 0.75
C CYS A 59 -1.04 1.55 1.71
N PRO A 60 -2.20 1.36 2.38
CA PRO A 60 -2.69 2.34 3.32
C PRO A 60 -1.65 2.69 4.37
N CYS A 61 -1.82 3.88 4.92
CA CYS A 61 -0.92 4.43 5.90
C CYS A 61 -1.03 3.65 7.21
N ALA A 62 0.10 3.37 7.86
CA ALA A 62 0.14 2.62 9.11
C ALA A 62 -0.82 3.26 10.12
N PRO A 63 -1.66 2.48 10.83
CA PRO A 63 -2.62 2.94 11.83
C PRO A 63 -2.12 4.00 12.82
N ASN A 64 -2.15 5.24 12.35
CA ASN A 64 -1.75 6.50 12.99
C ASN A 64 -1.57 7.53 11.89
N LEU A 65 -0.79 7.16 10.87
CA LEU A 65 -0.48 8.00 9.73
C LEU A 65 -1.72 8.10 8.83
N ALA A 66 -1.80 9.18 8.06
CA ALA A 66 -2.85 9.48 7.09
C ALA A 66 -2.18 9.90 5.78
N CYS A 67 -2.83 9.61 4.65
CA CYS A 67 -2.32 9.93 3.33
C CYS A 67 -2.64 11.38 3.00
N VAL A 68 -1.72 12.31 3.30
CA VAL A 68 -1.91 13.74 3.10
C VAL A 68 -1.02 14.27 1.99
N GLN A 69 -1.50 15.32 1.33
CA GLN A 69 -0.79 15.98 0.26
C GLN A 69 0.17 17.00 0.84
N THR A 70 1.41 17.02 0.32
CA THR A 70 2.44 17.98 0.67
C THR A 70 2.43 19.05 -0.44
N SER A 71 2.10 18.63 -1.66
CA SER A 71 1.87 19.45 -2.84
C SER A 71 1.00 18.59 -3.76
N PRO A 72 0.42 19.12 -4.84
CA PRO A 72 -0.38 18.32 -5.77
C PRO A 72 0.40 17.08 -6.19
N LYS A 73 -0.26 15.92 -6.22
CA LYS A 73 0.32 14.61 -6.54
C LYS A 73 1.23 14.08 -5.42
N LYS A 74 2.05 14.94 -4.82
CA LYS A 74 2.97 14.57 -3.74
C LYS A 74 2.21 14.24 -2.45
N PHE A 75 1.60 13.06 -2.42
CA PHE A 75 0.85 12.55 -1.28
C PHE A 75 1.75 11.59 -0.50
N LYS A 76 1.86 11.80 0.82
CA LYS A 76 2.69 11.01 1.72
C LYS A 76 1.93 10.64 2.99
N CYS A 77 2.39 9.55 3.62
CA CYS A 77 1.83 9.06 4.88
C CYS A 77 2.48 9.80 6.03
N LEU A 78 1.76 10.72 6.67
CA LEU A 78 2.26 11.53 7.79
C LEU A 78 1.26 11.46 8.95
N SER A 79 1.65 11.85 10.16
CA SER A 79 0.74 11.86 11.31
C SER A 79 -0.14 13.11 11.27
N LYS A 80 -0.74 13.41 10.12
CA LYS A 80 -1.58 14.55 9.83
C LYS A 80 -2.13 14.29 8.43
N ALA A 1 12.94 -4.60 -2.03
CA ALA A 1 13.11 -5.76 -1.18
C ALA A 1 11.79 -6.16 -0.51
N VAL A 2 10.67 -5.93 -1.20
CA VAL A 2 9.36 -6.30 -0.71
C VAL A 2 9.26 -7.82 -0.58
N ILE A 3 8.52 -8.31 0.41
CA ILE A 3 8.33 -9.73 0.64
C ILE A 3 7.65 -10.32 -0.60
N THR A 4 8.18 -11.41 -1.15
CA THR A 4 7.68 -12.07 -2.35
C THR A 4 6.39 -12.89 -2.07
N GLY A 5 5.51 -12.36 -1.22
CA GLY A 5 4.27 -13.00 -0.85
C GLY A 5 3.24 -12.74 -1.94
N ALA A 6 3.43 -13.38 -3.10
CA ALA A 6 2.57 -13.26 -4.28
C ALA A 6 1.09 -13.39 -3.93
N CYS A 7 0.34 -12.28 -3.94
CA CYS A 7 -1.08 -12.25 -3.62
C CYS A 7 -1.84 -11.27 -4.50
N GLU A 8 -3.13 -11.55 -4.69
CA GLU A 8 -4.04 -10.81 -5.52
C GLU A 8 -4.91 -9.86 -4.68
N ARG A 9 -5.46 -10.35 -3.56
CA ARG A 9 -6.32 -9.56 -2.67
C ARG A 9 -5.86 -9.70 -1.23
N ASP A 10 -5.92 -8.59 -0.47
CA ASP A 10 -5.51 -8.45 0.92
C ASP A 10 -5.86 -9.68 1.76
N LEU A 11 -7.09 -10.17 1.56
CA LEU A 11 -7.68 -11.33 2.21
C LEU A 11 -6.68 -12.48 2.34
N GLN A 12 -5.88 -12.71 1.29
CA GLN A 12 -4.95 -13.81 1.20
C GLN A 12 -3.67 -13.63 2.04
N CYS A 13 -3.46 -12.48 2.71
CA CYS A 13 -2.22 -12.25 3.45
C CYS A 13 -2.48 -11.53 4.78
N GLY A 14 -1.46 -11.46 5.64
CA GLY A 14 -1.53 -10.79 6.92
C GLY A 14 -1.93 -9.33 6.74
N LYS A 15 -2.96 -8.89 7.47
CA LYS A 15 -3.53 -7.55 7.37
C LYS A 15 -2.57 -6.43 7.81
N GLY A 16 -1.37 -6.77 8.29
CA GLY A 16 -0.31 -5.79 8.51
C GLY A 16 0.28 -5.36 7.16
N THR A 17 -0.14 -6.01 6.07
CA THR A 17 0.27 -5.71 4.72
C THR A 17 -1.00 -5.64 3.87
N CYS A 18 -0.89 -5.25 2.60
CA CYS A 18 -1.99 -5.22 1.64
C CYS A 18 -1.46 -5.81 0.33
N CYS A 19 -2.32 -6.39 -0.49
CA CYS A 19 -1.88 -7.05 -1.73
C CYS A 19 -1.82 -6.03 -2.86
N ALA A 20 -0.63 -5.47 -3.10
CA ALA A 20 -0.41 -4.44 -4.11
C ALA A 20 0.65 -4.88 -5.12
N VAL A 21 0.80 -4.08 -6.18
CA VAL A 21 1.76 -4.35 -7.25
C VAL A 21 3.18 -4.36 -6.67
N SER A 22 4.05 -5.26 -7.15
CA SER A 22 5.43 -5.31 -6.70
C SER A 22 6.13 -4.03 -7.16
N LEU A 23 7.02 -3.48 -6.33
CA LEU A 23 7.64 -2.19 -6.62
C LEU A 23 8.55 -2.24 -7.86
N TRP A 24 9.15 -3.40 -8.16
CA TRP A 24 10.11 -3.52 -9.24
C TRP A 24 9.44 -4.10 -10.49
N ILE A 25 9.03 -5.38 -10.49
CA ILE A 25 8.34 -5.96 -11.61
C ILE A 25 6.84 -5.81 -11.42
N LYS A 26 6.27 -4.84 -12.13
CA LYS A 26 4.85 -4.58 -12.17
C LYS A 26 4.09 -5.86 -12.56
N SER A 27 4.79 -6.80 -13.21
CA SER A 27 4.27 -8.10 -13.60
C SER A 27 3.71 -8.91 -12.42
N VAL A 28 4.25 -8.71 -11.20
CA VAL A 28 3.88 -9.47 -10.02
C VAL A 28 3.24 -8.56 -8.97
N ARG A 29 2.36 -9.10 -8.12
CA ARG A 29 1.71 -8.38 -7.04
C ARG A 29 1.94 -9.16 -5.74
N VAL A 30 2.29 -8.49 -4.64
CA VAL A 30 2.67 -9.15 -3.38
C VAL A 30 2.13 -8.47 -2.13
N CYS A 31 2.27 -9.18 -1.01
CA CYS A 31 2.00 -8.73 0.34
C CYS A 31 2.93 -7.54 0.61
N THR A 32 2.45 -6.33 0.36
CA THR A 32 3.22 -5.11 0.49
C THR A 32 2.87 -4.49 1.85
N PRO A 33 3.84 -4.23 2.74
CA PRO A 33 3.56 -3.66 4.05
C PRO A 33 2.72 -2.38 3.99
N VAL A 34 1.93 -2.12 5.04
CA VAL A 34 1.20 -0.86 5.15
C VAL A 34 2.20 0.31 5.06
N GLY A 35 1.76 1.47 4.60
CA GLY A 35 2.62 2.64 4.48
C GLY A 35 3.23 3.03 5.82
N THR A 36 4.40 3.65 5.81
CA THR A 36 5.09 4.08 7.01
C THR A 36 5.73 5.44 6.76
N SER A 37 6.30 6.05 7.80
CA SER A 37 6.90 7.37 7.84
C SER A 37 7.64 7.76 6.55
N GLY A 38 7.04 8.64 5.75
CA GLY A 38 7.65 9.18 4.54
C GLY A 38 7.45 8.35 3.28
N GLU A 39 6.89 7.14 3.38
CA GLU A 39 6.65 6.30 2.22
C GLU A 39 5.57 6.95 1.35
N ASP A 40 5.71 6.83 0.02
CA ASP A 40 4.76 7.38 -0.92
C ASP A 40 3.43 6.63 -0.81
N CYS A 41 2.33 7.32 -1.03
CA CYS A 41 0.99 6.76 -0.92
C CYS A 41 0.07 7.42 -1.94
N HIS A 42 -0.96 6.69 -2.36
CA HIS A 42 -2.00 7.17 -3.25
C HIS A 42 -3.17 7.54 -2.34
N PRO A 43 -3.75 8.75 -2.46
CA PRO A 43 -4.85 9.16 -1.60
C PRO A 43 -6.04 8.19 -1.65
N ALA A 44 -6.18 7.40 -2.72
CA ALA A 44 -7.26 6.43 -2.85
C ALA A 44 -6.81 5.02 -2.48
N SER A 45 -5.75 4.87 -1.67
CA SER A 45 -5.32 3.58 -1.16
C SER A 45 -6.41 3.03 -0.24
N HIS A 46 -7.42 2.38 -0.80
CA HIS A 46 -8.57 1.82 -0.09
C HIS A 46 -8.13 1.03 1.14
N LYS A 47 -8.93 1.05 2.21
CA LYS A 47 -8.60 0.44 3.48
C LYS A 47 -8.34 -1.06 3.37
N ILE A 48 -8.07 -1.71 4.50
CA ILE A 48 -7.79 -3.13 4.62
C ILE A 48 -8.93 -3.70 5.46
N PRO A 49 -9.48 -4.89 5.14
CA PRO A 49 -9.16 -5.73 4.00
C PRO A 49 -9.90 -5.24 2.74
N PHE A 50 -9.19 -5.14 1.61
CA PHE A 50 -9.80 -4.74 0.34
C PHE A 50 -10.09 -5.99 -0.50
N SER A 51 -11.37 -6.34 -0.61
CA SER A 51 -11.86 -7.48 -1.38
C SER A 51 -11.74 -7.26 -2.88
N GLY A 52 -10.54 -7.00 -3.40
CA GLY A 52 -10.36 -6.78 -4.83
C GLY A 52 -8.88 -6.58 -5.17
N GLN A 53 -8.60 -6.43 -6.46
CA GLN A 53 -7.26 -6.21 -6.97
C GLN A 53 -6.93 -4.73 -6.80
N ARG A 54 -5.89 -4.42 -6.02
CA ARG A 54 -5.47 -3.04 -5.83
C ARG A 54 -4.74 -2.59 -7.09
N MET A 55 -5.45 -1.88 -7.97
CA MET A 55 -4.86 -1.30 -9.16
C MET A 55 -3.75 -0.32 -8.76
N HIS A 56 -3.95 0.41 -7.66
CA HIS A 56 -2.98 1.35 -7.15
C HIS A 56 -1.82 0.60 -6.51
N HIS A 57 -0.62 1.15 -6.71
CA HIS A 57 0.63 0.54 -6.27
C HIS A 57 0.81 0.55 -4.76
N THR A 58 0.22 1.53 -4.08
CA THR A 58 0.49 1.75 -2.67
C THR A 58 -0.57 1.15 -1.76
N CYS A 59 -0.16 0.82 -0.54
CA CYS A 59 -1.04 0.34 0.52
C CYS A 59 -1.34 1.53 1.42
N PRO A 60 -2.45 1.52 2.15
CA PRO A 60 -2.76 2.60 3.05
C PRO A 60 -1.71 2.65 4.15
N CYS A 61 -1.49 3.83 4.71
CA CYS A 61 -0.50 4.06 5.76
C CYS A 61 -0.88 3.25 7.00
N ALA A 62 0.12 2.95 7.84
CA ALA A 62 -0.08 2.25 9.09
C ALA A 62 -1.09 3.04 9.93
N PRO A 63 -2.00 2.35 10.64
CA PRO A 63 -3.08 2.96 11.41
C PRO A 63 -2.55 3.80 12.57
N ASN A 64 -2.09 5.00 12.20
CA ASN A 64 -1.49 6.03 13.02
C ASN A 64 -1.10 7.20 12.11
N LEU A 65 -0.40 6.91 11.00
CA LEU A 65 -0.02 7.88 10.02
C LEU A 65 -1.17 8.09 9.03
N ALA A 66 -1.11 9.15 8.23
CA ALA A 66 -2.12 9.50 7.23
C ALA A 66 -1.43 9.86 5.91
N CYS A 67 -2.13 9.63 4.80
CA CYS A 67 -1.63 9.92 3.45
C CYS A 67 -1.86 11.39 3.13
N VAL A 68 -0.84 12.24 3.29
CA VAL A 68 -0.93 13.68 3.08
C VAL A 68 -0.22 14.06 1.78
N GLN A 69 -0.68 15.11 1.11
CA GLN A 69 -0.14 15.58 -0.15
C GLN A 69 1.20 16.30 0.09
N THR A 70 2.24 15.96 -0.69
CA THR A 70 3.53 16.62 -0.66
C THR A 70 3.77 17.38 -1.95
N SER A 71 3.22 16.88 -3.07
CA SER A 71 3.19 17.54 -4.37
C SER A 71 1.97 16.96 -5.10
N PRO A 72 1.52 17.54 -6.21
CA PRO A 72 0.42 17.01 -7.00
C PRO A 72 0.61 15.50 -7.24
N LYS A 73 -0.37 14.68 -6.87
CA LYS A 73 -0.36 13.22 -6.95
C LYS A 73 0.58 12.59 -5.91
N LYS A 74 1.77 13.14 -5.74
CA LYS A 74 2.77 12.70 -4.79
C LYS A 74 2.32 12.97 -3.35
N PHE A 75 1.60 12.02 -2.77
CA PHE A 75 1.23 12.04 -1.36
C PHE A 75 2.19 11.09 -0.64
N LYS A 76 2.45 11.35 0.65
CA LYS A 76 3.30 10.52 1.49
C LYS A 76 2.62 10.28 2.85
N CYS A 77 3.02 9.19 3.49
CA CYS A 77 2.50 8.78 4.79
C CYS A 77 3.19 9.60 5.88
N LEU A 78 2.50 10.61 6.41
CA LEU A 78 3.03 11.48 7.45
C LEU A 78 2.33 11.17 8.77
N SER A 79 3.01 11.46 9.88
CA SER A 79 2.50 11.25 11.22
C SER A 79 1.65 12.45 11.64
N LYS A 80 0.73 12.86 10.78
CA LYS A 80 -0.18 13.98 10.93
C LYS A 80 -1.12 13.87 9.72
N ALA A 1 2.50 -19.24 -4.84
CA ALA A 1 2.72 -20.10 -3.67
C ALA A 1 3.17 -19.27 -2.48
N VAL A 2 4.21 -18.46 -2.66
CA VAL A 2 4.76 -17.60 -1.61
C VAL A 2 3.88 -16.38 -1.38
N ILE A 3 2.62 -16.61 -0.96
CA ILE A 3 1.64 -15.60 -0.65
C ILE A 3 2.19 -14.61 0.37
N THR A 4 2.99 -15.11 1.33
CA THR A 4 3.70 -14.30 2.31
C THR A 4 4.91 -13.69 1.57
N GLY A 5 4.63 -12.78 0.63
CA GLY A 5 5.64 -12.14 -0.19
C GLY A 5 4.99 -11.65 -1.48
N ALA A 6 4.73 -12.56 -2.42
CA ALA A 6 4.09 -12.25 -3.69
C ALA A 6 2.59 -12.25 -3.43
N CYS A 7 1.95 -11.09 -3.49
CA CYS A 7 0.55 -10.92 -3.13
C CYS A 7 -0.14 -9.95 -4.06
N GLU A 8 -1.40 -10.24 -4.38
CA GLU A 8 -2.21 -9.47 -5.29
C GLU A 8 -3.13 -8.52 -4.52
N ARG A 9 -3.60 -8.90 -3.33
CA ARG A 9 -4.46 -8.07 -2.50
C ARG A 9 -4.19 -8.31 -1.01
N ASP A 10 -4.09 -7.20 -0.27
CA ASP A 10 -3.79 -7.06 1.15
C ASP A 10 -4.03 -8.33 1.97
N LEU A 11 -5.27 -8.81 1.92
CA LEU A 11 -5.82 -9.95 2.63
C LEU A 11 -4.86 -11.14 2.73
N GLN A 12 -4.14 -11.47 1.64
CA GLN A 12 -3.24 -12.61 1.63
C GLN A 12 -2.15 -12.49 2.70
N CYS A 13 -1.73 -11.26 3.03
CA CYS A 13 -0.73 -10.98 4.06
C CYS A 13 -1.42 -10.38 5.29
N GLY A 14 -1.96 -9.17 5.16
CA GLY A 14 -2.68 -8.48 6.23
C GLY A 14 -1.78 -7.90 7.32
N LYS A 15 -1.03 -8.77 8.00
CA LYS A 15 -0.16 -8.50 9.14
C LYS A 15 0.67 -7.23 8.95
N GLY A 16 0.16 -6.08 9.41
CA GLY A 16 0.79 -4.78 9.27
C GLY A 16 1.20 -4.48 7.82
N THR A 17 0.47 -5.07 6.87
CA THR A 17 0.79 -4.98 5.45
C THR A 17 -0.50 -4.84 4.65
N CYS A 18 -0.28 -4.52 3.38
CA CYS A 18 -1.22 -4.36 2.29
C CYS A 18 -0.49 -4.99 1.11
N CYS A 19 -1.05 -4.86 -0.09
CA CYS A 19 -0.41 -5.42 -1.28
C CYS A 19 -0.46 -4.45 -2.44
N ALA A 20 0.70 -3.93 -2.83
CA ALA A 20 0.86 -3.01 -3.94
C ALA A 20 1.57 -3.76 -5.05
N VAL A 21 1.80 -3.07 -6.16
CA VAL A 21 2.48 -3.61 -7.32
C VAL A 21 3.95 -3.92 -6.98
N SER A 22 4.72 -4.53 -7.88
CA SER A 22 6.17 -4.68 -7.72
C SER A 22 6.87 -3.49 -8.38
N LEU A 23 7.95 -3.01 -7.76
CA LEU A 23 8.75 -1.90 -8.28
C LEU A 23 9.66 -2.38 -9.41
N TRP A 24 9.72 -3.70 -9.64
CA TRP A 24 10.64 -4.30 -10.59
C TRP A 24 9.92 -4.60 -11.89
N ILE A 25 8.74 -5.23 -11.83
CA ILE A 25 7.90 -5.46 -12.97
C ILE A 25 6.45 -5.32 -12.55
N LYS A 26 5.69 -4.50 -13.28
CA LYS A 26 4.26 -4.32 -13.06
C LYS A 26 3.53 -5.67 -13.11
N SER A 27 4.12 -6.65 -13.80
CA SER A 27 3.58 -7.99 -13.91
C SER A 27 3.47 -8.72 -12.56
N VAL A 28 4.08 -8.22 -11.48
CA VAL A 28 3.97 -8.85 -10.17
C VAL A 28 3.55 -7.83 -9.12
N ARG A 29 3.00 -8.31 -8.00
CA ARG A 29 2.52 -7.52 -6.89
C ARG A 29 3.05 -8.14 -5.60
N VAL A 30 3.35 -7.34 -4.57
CA VAL A 30 3.99 -7.82 -3.35
C VAL A 30 3.40 -7.22 -2.07
N CYS A 31 3.51 -7.98 -0.97
CA CYS A 31 3.07 -7.55 0.35
C CYS A 31 3.90 -6.34 0.74
N THR A 32 3.26 -5.18 0.73
CA THR A 32 3.86 -3.88 1.01
C THR A 32 3.51 -3.54 2.45
N PRO A 33 4.43 -2.95 3.24
CA PRO A 33 4.11 -2.54 4.60
C PRO A 33 3.12 -1.38 4.53
N VAL A 34 2.28 -1.20 5.55
CA VAL A 34 1.44 0.01 5.57
C VAL A 34 2.39 1.21 5.55
N GLY A 35 1.99 2.30 4.87
CA GLY A 35 2.81 3.47 4.68
C GLY A 35 3.17 4.16 5.99
N THR A 36 4.47 4.27 6.27
CA THR A 36 4.99 4.96 7.45
C THR A 36 5.45 6.36 7.05
N SER A 37 5.88 7.17 8.03
CA SER A 37 6.32 8.55 7.89
C SER A 37 7.10 8.83 6.59
N GLY A 38 6.50 9.60 5.69
CA GLY A 38 7.13 10.03 4.45
C GLY A 38 7.00 9.05 3.29
N GLU A 39 6.53 7.80 3.51
CA GLU A 39 6.37 6.87 2.40
C GLU A 39 5.20 7.31 1.52
N ASP A 40 5.28 7.01 0.21
CA ASP A 40 4.24 7.35 -0.74
C ASP A 40 2.94 6.62 -0.37
N CYS A 41 1.81 7.32 -0.46
CA CYS A 41 0.52 6.80 0.00
C CYS A 41 -0.54 6.68 -1.09
N HIS A 42 -1.57 5.89 -0.78
CA HIS A 42 -2.69 5.58 -1.65
C HIS A 42 -3.89 6.46 -1.31
N PRO A 43 -4.19 7.55 -2.03
CA PRO A 43 -5.34 8.38 -1.72
C PRO A 43 -6.67 7.61 -1.72
N ALA A 44 -6.77 6.47 -2.43
CA ALA A 44 -8.01 5.71 -2.50
C ALA A 44 -7.97 4.57 -1.49
N SER A 45 -7.52 4.87 -0.26
CA SER A 45 -7.48 3.92 0.84
C SER A 45 -8.90 3.54 1.27
N HIS A 46 -9.53 2.60 0.55
CA HIS A 46 -10.85 2.09 0.90
C HIS A 46 -10.86 1.74 2.39
N LYS A 47 -9.89 0.90 2.80
CA LYS A 47 -9.60 0.42 4.12
C LYS A 47 -8.45 -0.59 4.00
N ILE A 48 -8.01 -1.15 5.14
CA ILE A 48 -7.02 -2.20 5.27
C ILE A 48 -7.76 -3.36 5.98
N PRO A 49 -7.64 -4.61 5.55
CA PRO A 49 -7.03 -5.07 4.30
C PRO A 49 -8.06 -4.89 3.17
N PHE A 50 -7.63 -4.44 1.99
CA PHE A 50 -8.49 -4.26 0.83
C PHE A 50 -8.32 -5.47 -0.09
N SER A 51 -9.36 -6.29 -0.19
CA SER A 51 -9.38 -7.48 -1.05
C SER A 51 -9.52 -7.11 -2.53
N GLY A 52 -8.73 -6.14 -3.01
CA GLY A 52 -8.77 -5.66 -4.39
C GLY A 52 -7.39 -5.21 -4.84
N GLN A 53 -7.25 -4.97 -6.14
CA GLN A 53 -5.99 -4.59 -6.75
C GLN A 53 -5.71 -3.11 -6.52
N ARG A 54 -4.77 -2.77 -5.65
CA ARG A 54 -4.36 -1.39 -5.48
C ARG A 54 -3.55 -1.03 -6.73
N MET A 55 -4.22 -0.50 -7.76
CA MET A 55 -3.60 -0.17 -9.04
C MET A 55 -2.44 0.81 -8.84
N HIS A 56 -2.63 1.78 -7.95
CA HIS A 56 -1.62 2.79 -7.65
C HIS A 56 -0.41 2.10 -7.04
N HIS A 57 0.80 2.59 -7.35
CA HIS A 57 2.02 2.00 -6.80
C HIS A 57 2.28 2.44 -5.36
N THR A 58 1.22 2.52 -4.53
CA THR A 58 1.31 2.96 -3.14
C THR A 58 0.34 2.14 -2.28
N CYS A 59 0.31 2.41 -0.97
CA CYS A 59 -0.57 1.75 -0.02
C CYS A 59 -1.16 2.76 0.97
N PRO A 60 -2.18 2.36 1.76
CA PRO A 60 -2.68 3.21 2.81
C PRO A 60 -1.60 3.48 3.85
N CYS A 61 -1.86 4.46 4.70
CA CYS A 61 -0.94 4.84 5.76
C CYS A 61 -1.19 4.00 7.00
N ALA A 62 -0.16 3.78 7.80
CA ALA A 62 -0.30 2.99 9.01
C ALA A 62 -1.32 3.66 9.93
N PRO A 63 -2.28 2.90 10.48
CA PRO A 63 -3.37 3.36 11.34
C PRO A 63 -2.99 4.37 12.43
N ASN A 64 -2.86 5.62 11.98
CA ASN A 64 -2.51 6.83 12.71
C ASN A 64 -2.17 7.90 11.67
N LEU A 65 -1.20 7.61 10.80
CA LEU A 65 -0.73 8.55 9.80
C LEU A 65 -1.82 8.78 8.76
N ALA A 66 -1.79 9.95 8.10
CA ALA A 66 -2.76 10.37 7.10
C ALA A 66 -2.08 10.50 5.74
N CYS A 67 -2.77 10.08 4.68
CA CYS A 67 -2.30 10.20 3.31
C CYS A 67 -2.53 11.63 2.85
N VAL A 68 -1.48 12.39 2.53
CA VAL A 68 -1.60 13.79 2.17
C VAL A 68 -0.69 14.19 1.01
N GLN A 69 -1.12 15.21 0.29
CA GLN A 69 -0.40 15.79 -0.82
C GLN A 69 0.82 16.59 -0.35
N THR A 70 1.98 16.26 -0.90
CA THR A 70 3.22 17.01 -0.70
C THR A 70 3.42 17.92 -1.91
N SER A 71 3.01 17.46 -3.10
CA SER A 71 3.00 18.20 -4.36
C SER A 71 2.04 17.44 -5.28
N PRO A 72 1.57 18.04 -6.39
CA PRO A 72 0.70 17.38 -7.35
C PRO A 72 1.15 15.94 -7.62
N LYS A 73 0.25 14.97 -7.44
CA LYS A 73 0.50 13.54 -7.59
C LYS A 73 1.33 12.96 -6.43
N LYS A 74 2.32 13.70 -5.93
CA LYS A 74 3.16 13.28 -4.82
C LYS A 74 2.35 13.20 -3.52
N PHE A 75 1.71 12.07 -3.31
CA PHE A 75 0.90 11.75 -2.14
C PHE A 75 1.77 10.94 -1.19
N LYS A 76 2.01 11.42 0.04
CA LYS A 76 2.83 10.72 1.03
C LYS A 76 2.14 10.68 2.40
N CYS A 77 2.58 9.76 3.26
CA CYS A 77 2.01 9.55 4.58
C CYS A 77 2.64 10.53 5.57
N LEU A 78 1.82 11.35 6.23
CA LEU A 78 2.31 12.28 7.24
C LEU A 78 1.63 12.05 8.58
N SER A 79 2.30 12.58 9.60
CA SER A 79 1.95 12.47 11.01
C SER A 79 0.57 13.06 11.32
N LYS A 80 -0.03 12.58 12.41
CA LYS A 80 -1.31 12.99 12.95
C LYS A 80 -1.33 12.39 14.36
#